data_2MZC
#
_entry.id   2MZC
#
_cell.length_a   1.000
_cell.length_b   1.000
_cell.length_c   1.000
_cell.angle_alpha   90.00
_cell.angle_beta   90.00
_cell.angle_gamma   90.00
#
_symmetry.space_group_name_H-M   'P 1'
#
loop_
_entity.id
_entity.type
_entity.pdbx_description
1 polymer Glutaredoxin
2 non-polymer 'SILVER ION'
#
_entity_poly.entity_id   1
_entity_poly.type   'polypeptide(L)'
_entity_poly.pdbx_seq_one_letter_code
;GPGSMVDVIIYTRPGCPYCARAKALLARKGAEFNEIDASATPELRAEMQERSGRNTFPQIFIGSVHVGGSDDLYALEDEG
KLDSLLKTGKLI
;
_entity_poly.pdbx_strand_id   A,B
#
# COMPACT_ATOMS: atom_id res chain seq x y z
N GLY A 1 -5.29 -14.82 -34.92
CA GLY A 1 -4.70 -13.50 -34.79
C GLY A 1 -5.62 -12.52 -34.09
N PRO A 2 -5.87 -12.76 -32.79
CA PRO A 2 -6.73 -11.91 -31.98
C PRO A 2 -6.11 -10.54 -31.70
N GLY A 3 -4.79 -10.49 -31.70
CA GLY A 3 -4.10 -9.25 -31.45
C GLY A 3 -2.68 -9.25 -31.98
N SER A 4 -2.43 -8.48 -33.02
CA SER A 4 -1.10 -8.40 -33.63
C SER A 4 -0.08 -7.87 -32.62
N MET A 5 -0.57 -7.21 -31.57
CA MET A 5 0.29 -6.66 -30.54
C MET A 5 0.66 -7.71 -29.50
N VAL A 6 1.38 -7.29 -28.47
CA VAL A 6 1.79 -8.20 -27.40
C VAL A 6 0.83 -8.14 -26.22
N ASP A 7 1.13 -8.89 -25.17
CA ASP A 7 0.30 -8.92 -23.97
C ASP A 7 1.04 -8.33 -22.79
N VAL A 8 0.42 -7.36 -22.12
CA VAL A 8 1.02 -6.72 -20.96
C VAL A 8 0.55 -7.36 -19.66
N ILE A 9 1.40 -7.33 -18.65
CA ILE A 9 1.07 -7.91 -17.35
C ILE A 9 1.48 -6.99 -16.21
N ILE A 10 0.76 -7.08 -15.09
CA ILE A 10 1.05 -6.25 -13.93
C ILE A 10 1.00 -7.07 -12.65
N TYR A 11 1.99 -6.87 -11.79
CA TYR A 11 2.05 -7.59 -10.52
C TYR A 11 1.36 -6.81 -9.41
N THR A 12 0.18 -7.27 -9.01
CA THR A 12 -0.59 -6.62 -7.95
C THR A 12 -1.77 -7.47 -7.53
N ARG A 13 -2.11 -7.41 -6.24
CA ARG A 13 -3.23 -8.17 -5.71
C ARG A 13 -4.56 -7.60 -6.19
N PRO A 14 -5.62 -8.41 -6.11
CA PRO A 14 -6.96 -8.00 -6.52
C PRO A 14 -7.58 -6.96 -5.59
N GLY A 15 -7.15 -5.71 -5.74
CA GLY A 15 -7.66 -4.64 -4.90
C GLY A 15 -7.08 -4.68 -3.51
N CYS A 16 -6.17 -3.71 -3.31
CA CYS A 16 -5.57 -3.16 -2.05
C CYS A 16 -4.11 -2.66 -2.02
N PRO A 17 -3.19 -3.18 -2.85
CA PRO A 17 -2.00 -2.37 -2.99
C PRO A 17 -2.29 -1.02 -3.66
N TYR A 18 -3.48 -0.85 -4.21
CA TYR A 18 -3.97 0.38 -4.82
C TYR A 18 -3.23 0.67 -6.12
N CYS A 19 -3.41 -0.20 -7.10
CA CYS A 19 -2.72 -0.10 -8.39
C CYS A 19 -3.49 0.80 -9.34
N ALA A 20 -4.01 1.91 -8.81
CA ALA A 20 -4.77 2.85 -9.62
C ALA A 20 -3.85 3.65 -10.54
N ARG A 21 -2.58 3.74 -10.17
CA ARG A 21 -1.59 4.47 -10.97
C ARG A 21 -1.31 3.75 -12.28
N ALA A 22 -1.02 2.46 -12.20
CA ALA A 22 -0.72 1.66 -13.39
C ALA A 22 -1.94 1.61 -14.32
N LYS A 23 -3.12 1.49 -13.73
CA LYS A 23 -4.35 1.43 -14.50
C LYS A 23 -4.75 2.81 -15.02
N ALA A 24 -4.34 3.85 -14.29
CA ALA A 24 -4.64 5.22 -14.67
C ALA A 24 -4.23 5.49 -16.12
N LEU A 25 -3.02 5.06 -16.48
CA LEU A 25 -2.51 5.25 -17.82
C LEU A 25 -3.15 4.28 -18.80
N LEU A 26 -3.11 2.99 -18.46
CA LEU A 26 -3.69 1.95 -19.30
C LEU A 26 -5.14 2.29 -19.67
N ALA A 27 -5.81 3.00 -18.77
CA ALA A 27 -7.21 3.40 -19.00
C ALA A 27 -7.29 4.53 -20.01
N ARG A 28 -6.33 5.45 -19.95
CA ARG A 28 -6.30 6.58 -20.85
C ARG A 28 -5.98 6.15 -22.28
N LYS A 29 -5.31 5.00 -22.40
CA LYS A 29 -4.94 4.46 -23.70
C LYS A 29 -5.73 3.18 -24.01
N GLY A 30 -6.65 2.84 -23.11
CA GLY A 30 -7.45 1.64 -23.31
C GLY A 30 -6.61 0.42 -23.58
N ALA A 31 -5.42 0.39 -23.01
CA ALA A 31 -4.50 -0.74 -23.18
C ALA A 31 -4.97 -1.95 -22.37
N GLU A 32 -4.36 -3.10 -22.65
CA GLU A 32 -4.71 -4.33 -21.95
C GLU A 32 -3.70 -4.64 -20.85
N PHE A 33 -4.17 -5.22 -19.76
CA PHE A 33 -3.30 -5.57 -18.63
C PHE A 33 -3.84 -6.80 -17.89
N ASN A 34 -2.93 -7.60 -17.36
CA ASN A 34 -3.30 -8.80 -16.62
C ASN A 34 -2.82 -8.73 -15.18
N GLU A 35 -3.75 -8.83 -14.24
CA GLU A 35 -3.41 -8.79 -12.82
C GLU A 35 -2.81 -10.10 -12.36
N ILE A 36 -2.06 -10.05 -11.26
CA ILE A 36 -1.43 -11.24 -10.71
C ILE A 36 -1.59 -11.31 -9.20
N ASP A 37 -2.28 -12.34 -8.73
CA ASP A 37 -2.51 -12.51 -7.30
C ASP A 37 -1.23 -12.93 -6.59
N ALA A 38 -0.64 -12.00 -5.84
CA ALA A 38 0.59 -12.28 -5.12
C ALA A 38 0.30 -12.80 -3.72
N SER A 39 1.36 -13.09 -2.95
CA SER A 39 1.21 -13.59 -1.60
C SER A 39 0.51 -14.96 -1.60
N ALA A 40 0.63 -15.68 -2.71
CA ALA A 40 0.02 -16.98 -2.84
C ALA A 40 1.06 -18.05 -3.18
N THR A 41 2.04 -17.67 -3.99
CA THR A 41 3.10 -18.59 -4.40
C THR A 41 4.48 -17.98 -4.17
N PRO A 42 5.46 -18.83 -3.86
CA PRO A 42 6.84 -18.40 -3.61
C PRO A 42 7.53 -17.92 -4.88
N GLU A 43 6.95 -18.24 -6.03
CA GLU A 43 7.51 -17.86 -7.31
C GLU A 43 7.25 -16.37 -7.58
N LEU A 44 6.06 -15.90 -7.25
CA LEU A 44 5.70 -14.50 -7.45
C LEU A 44 6.06 -13.66 -6.23
N ARG A 45 5.73 -14.16 -5.05
CA ARG A 45 6.02 -13.46 -3.80
C ARG A 45 7.50 -13.07 -3.74
N ALA A 46 8.37 -14.03 -4.06
CA ALA A 46 9.80 -13.79 -4.05
C ALA A 46 10.20 -12.69 -5.03
N GLU A 47 9.56 -12.71 -6.20
CA GLU A 47 9.86 -11.71 -7.23
C GLU A 47 9.44 -10.32 -6.78
N MET A 48 8.15 -10.17 -6.45
CA MET A 48 7.63 -8.89 -6.00
C MET A 48 8.31 -8.45 -4.70
N GLN A 49 8.80 -9.42 -3.95
CA GLN A 49 9.47 -9.13 -2.67
C GLN A 49 10.71 -8.26 -2.90
N GLU A 50 11.26 -8.34 -4.10
CA GLU A 50 12.45 -7.56 -4.44
C GLU A 50 12.07 -6.13 -4.85
N ARG A 51 11.00 -6.02 -5.62
CA ARG A 51 10.53 -4.72 -6.08
C ARG A 51 9.53 -4.13 -5.10
N SER A 52 9.40 -4.75 -3.94
CA SER A 52 8.47 -4.29 -2.92
C SER A 52 9.14 -3.29 -1.98
N GLY A 53 8.33 -2.40 -1.41
CA GLY A 53 8.86 -1.39 -0.50
C GLY A 53 7.91 -0.22 -0.33
N ARG A 54 7.47 0.00 0.91
CA ARG A 54 6.56 1.10 1.20
C ARG A 54 5.28 0.98 0.39
N ASN A 55 5.02 -0.27 -0.01
CA ASN A 55 3.92 -0.68 -0.87
C ASN A 55 3.73 0.35 -1.99
N THR A 56 4.88 0.71 -2.54
CA THR A 56 4.99 1.55 -3.72
C THR A 56 4.17 0.99 -4.89
N PHE A 57 4.12 1.74 -5.98
CA PHE A 57 3.37 1.31 -7.16
C PHE A 57 3.76 -0.11 -7.57
N PRO A 58 2.86 -0.79 -8.29
CA PRO A 58 3.08 -2.16 -8.75
C PRO A 58 4.15 -2.24 -9.84
N GLN A 59 4.38 -3.44 -10.35
CA GLN A 59 5.39 -3.65 -11.40
C GLN A 59 4.72 -3.98 -12.73
N ILE A 60 5.37 -3.58 -13.82
CA ILE A 60 4.84 -3.83 -15.15
C ILE A 60 5.72 -4.83 -15.90
N PHE A 61 5.08 -5.63 -16.76
CA PHE A 61 5.80 -6.63 -17.54
C PHE A 61 5.38 -6.58 -19.01
N ILE A 62 6.36 -6.33 -19.88
CA ILE A 62 6.09 -6.26 -21.32
C ILE A 62 6.91 -7.28 -22.09
N GLY A 63 6.24 -8.31 -22.58
CA GLY A 63 6.92 -9.35 -23.34
C GLY A 63 8.09 -9.95 -22.58
N SER A 64 9.30 -9.76 -23.10
CA SER A 64 10.50 -10.29 -22.47
C SER A 64 11.32 -9.17 -21.84
N VAL A 65 10.65 -8.08 -21.48
CA VAL A 65 11.32 -6.94 -20.87
C VAL A 65 10.74 -6.63 -19.50
N HIS A 66 11.61 -6.19 -18.58
CA HIS A 66 11.18 -5.87 -17.23
C HIS A 66 10.95 -4.37 -17.08
N VAL A 67 10.07 -4.00 -16.15
CA VAL A 67 9.77 -2.59 -15.91
C VAL A 67 9.62 -2.30 -14.42
N GLY A 68 10.28 -1.26 -13.96
CA GLY A 68 10.21 -0.90 -12.55
C GLY A 68 8.78 -0.79 -12.05
N GLY A 69 7.87 -0.40 -12.94
CA GLY A 69 6.47 -0.27 -12.56
C GLY A 69 5.85 1.00 -13.12
N SER A 70 5.10 1.71 -12.27
CA SER A 70 4.43 2.94 -12.68
C SER A 70 5.46 4.01 -13.02
N ASP A 71 6.52 4.09 -12.22
CA ASP A 71 7.57 5.07 -12.42
C ASP A 71 8.07 5.04 -13.87
N ASP A 72 8.44 3.85 -14.33
CA ASP A 72 8.93 3.69 -15.70
C ASP A 72 7.78 3.70 -16.70
N LEU A 73 6.71 3.01 -16.37
CA LEU A 73 5.53 2.94 -17.23
C LEU A 73 5.07 4.34 -17.62
N TYR A 74 5.09 5.26 -16.67
CA TYR A 74 4.68 6.64 -16.91
C TYR A 74 5.77 7.42 -17.62
N ALA A 75 7.02 7.20 -17.20
CA ALA A 75 8.15 7.88 -17.80
C ALA A 75 8.18 7.70 -19.30
N LEU A 76 7.97 6.45 -19.74
CA LEU A 76 7.96 6.15 -21.17
C LEU A 76 6.82 6.85 -21.89
N GLU A 77 5.67 6.92 -21.23
CA GLU A 77 4.49 7.56 -21.80
C GLU A 77 4.78 9.04 -22.10
N ASP A 78 5.67 9.63 -21.31
CA ASP A 78 6.03 11.03 -21.49
C ASP A 78 7.05 11.18 -22.61
N GLU A 79 8.13 10.41 -22.55
CA GLU A 79 9.18 10.47 -23.57
C GLU A 79 8.62 10.08 -24.94
N GLY A 80 7.62 9.20 -24.93
CA GLY A 80 7.02 8.76 -26.18
C GLY A 80 7.46 7.36 -26.56
N LYS A 81 7.44 6.44 -25.59
CA LYS A 81 7.83 5.07 -25.83
C LYS A 81 6.78 4.09 -25.32
N LEU A 82 5.53 4.55 -25.26
CA LEU A 82 4.43 3.73 -24.78
C LEU A 82 3.79 2.96 -25.94
N ASP A 83 3.71 3.60 -27.10
CA ASP A 83 3.13 2.98 -28.28
C ASP A 83 3.85 1.68 -28.63
N SER A 84 5.14 1.80 -28.96
CA SER A 84 5.95 0.64 -29.31
C SER A 84 6.10 -0.31 -28.13
N LEU A 85 5.77 0.19 -26.94
CA LEU A 85 5.86 -0.61 -25.72
C LEU A 85 4.68 -1.55 -25.60
N LEU A 86 3.48 -1.01 -25.76
CA LEU A 86 2.25 -1.80 -25.68
C LEU A 86 2.04 -2.64 -26.94
N LYS A 87 2.86 -2.37 -27.96
CA LYS A 87 2.77 -3.09 -29.22
C LYS A 87 3.82 -4.20 -29.28
N THR A 88 4.99 -3.94 -28.72
CA THR A 88 6.07 -4.91 -28.72
C THR A 88 6.68 -5.05 -27.32
N GLY A 89 6.95 -3.91 -26.69
CA GLY A 89 7.53 -3.92 -25.35
C GLY A 89 9.05 -4.00 -25.38
N LYS A 90 9.68 -2.96 -25.89
CA LYS A 90 11.14 -2.92 -25.97
C LYS A 90 11.72 -2.04 -24.87
N LEU A 91 13.02 -2.16 -24.65
CA LEU A 91 13.71 -1.38 -23.62
C LEU A 91 14.37 -0.15 -24.23
N ILE A 92 14.60 -0.14 -25.54
CA ILE A 92 15.19 1.02 -26.22
C ILE A 92 14.31 2.27 -26.13
N GLY B 1 -16.25 -3.18 34.22
CA GLY B 1 -14.89 -2.67 34.17
C GLY B 1 -13.92 -3.68 33.59
N PRO B 2 -14.08 -3.97 32.29
CA PRO B 2 -13.22 -4.92 31.58
C PRO B 2 -11.79 -4.40 31.40
N GLY B 3 -11.65 -3.07 31.35
CA GLY B 3 -10.34 -2.47 31.18
C GLY B 3 -10.31 -1.03 31.65
N SER B 4 -9.60 -0.79 32.75
CA SER B 4 -9.49 0.55 33.31
C SER B 4 -8.80 1.49 32.32
N MET B 5 -8.11 0.91 31.35
CA MET B 5 -7.41 1.70 30.34
C MET B 5 -8.36 2.09 29.20
N VAL B 6 -7.80 2.73 28.17
CA VAL B 6 -8.60 3.16 27.03
C VAL B 6 -8.50 2.15 25.88
N ASP B 7 -9.15 2.46 24.77
CA ASP B 7 -9.14 1.59 23.61
C ASP B 7 -8.41 2.24 22.44
N VAL B 8 -7.43 1.53 21.88
CA VAL B 8 -6.66 2.05 20.76
C VAL B 8 -7.23 1.55 19.43
N ILE B 9 -7.06 2.37 18.39
CA ILE B 9 -7.56 2.01 17.06
C ILE B 9 -6.52 2.32 15.99
N ILE B 10 -6.56 1.56 14.89
CA ILE B 10 -5.63 1.76 13.80
C ILE B 10 -6.34 1.70 12.46
N TYR B 11 -6.02 2.65 11.57
CA TYR B 11 -6.62 2.71 10.25
C TYR B 11 -5.80 1.92 9.23
N THR B 12 -6.31 0.76 8.83
CA THR B 12 -5.63 -0.09 7.87
C THR B 12 -6.52 -1.24 7.42
N ARG B 13 -6.37 -1.64 6.16
CA ARG B 13 -7.16 -2.73 5.60
C ARG B 13 -6.71 -4.07 6.17
N PRO B 14 -7.58 -5.08 6.06
CA PRO B 14 -7.30 -6.44 6.56
C PRO B 14 -6.23 -7.14 5.73
N GLY B 15 -4.97 -6.78 5.98
CA GLY B 15 -3.88 -7.40 5.25
C GLY B 15 -3.76 -6.88 3.83
N CYS B 16 -2.77 -6.01 3.62
CA CYS B 16 -2.23 -5.46 2.34
C CYS B 16 -1.58 -4.07 2.30
N PRO B 17 -1.98 -3.12 3.16
CA PRO B 17 -1.09 -1.96 3.33
C PRO B 17 0.18 -2.32 4.10
N TYR B 18 0.21 -3.52 4.67
CA TYR B 18 1.33 -4.09 5.45
C TYR B 18 1.60 -3.29 6.72
N CYS B 19 0.64 -3.34 7.65
CA CYS B 19 0.68 -2.61 8.91
C CYS B 19 1.46 -3.39 9.97
N ALA B 20 2.57 -4.01 9.56
CA ALA B 20 3.39 -4.79 10.46
C ALA B 20 4.17 -3.89 11.41
N ARG B 21 4.36 -2.64 11.01
CA ARG B 21 5.10 -1.66 11.82
C ARG B 21 4.30 -1.29 13.06
N ALA B 22 3.04 -0.91 12.86
CA ALA B 22 2.18 -0.53 13.97
C ALA B 22 1.96 -1.70 14.94
N LYS B 23 1.83 -2.89 14.38
CA LYS B 23 1.61 -4.09 15.19
C LYS B 23 2.92 -4.54 15.83
N ALA B 24 4.04 -4.23 15.18
CA ALA B 24 5.35 -4.61 15.69
C ALA B 24 5.53 -4.15 17.13
N LEU B 25 5.15 -2.91 17.41
CA LEU B 25 5.27 -2.36 18.75
C LEU B 25 4.17 -2.89 19.66
N LEU B 26 2.92 -2.78 19.21
CA LEU B 26 1.79 -3.26 19.99
C LEU B 26 2.00 -4.70 20.43
N ALA B 27 2.74 -5.47 19.63
CA ALA B 27 3.02 -6.87 19.93
C ALA B 27 4.07 -6.98 21.03
N ARG B 28 5.05 -6.09 21.02
CA ARG B 28 6.11 -6.09 22.01
C ARG B 28 5.57 -5.68 23.38
N LYS B 29 4.47 -4.94 23.38
CA LYS B 29 3.85 -4.48 24.62
C LYS B 29 2.51 -5.17 24.84
N GLY B 30 2.17 -6.12 23.97
CA GLY B 30 0.91 -6.83 24.09
C GLY B 30 -0.27 -5.90 24.22
N ALA B 31 -0.17 -4.73 23.61
CA ALA B 31 -1.26 -3.75 23.67
C ALA B 31 -2.42 -4.16 22.78
N GLU B 32 -3.55 -3.48 22.93
CA GLU B 32 -4.73 -3.78 22.14
C GLU B 32 -4.89 -2.79 20.99
N PHE B 33 -5.42 -3.28 19.87
CA PHE B 33 -5.61 -2.44 18.70
C PHE B 33 -6.80 -2.92 17.87
N ASN B 34 -7.51 -1.98 17.24
CA ASN B 34 -8.67 -2.32 16.42
C ASN B 34 -8.45 -1.90 14.97
N GLU B 35 -8.54 -2.86 14.07
CA GLU B 35 -8.35 -2.59 12.64
C GLU B 35 -9.59 -1.92 12.05
N ILE B 36 -9.40 -1.22 10.94
CA ILE B 36 -10.50 -0.53 10.27
C ILE B 36 -10.45 -0.76 8.76
N ASP B 37 -11.48 -1.40 8.23
CA ASP B 37 -11.56 -1.67 6.79
C ASP B 37 -11.83 -0.40 6.01
N ALA B 38 -10.82 0.10 5.32
CA ALA B 38 -10.95 1.31 4.53
C ALA B 38 -11.37 1.00 3.10
N SER B 39 -11.53 2.04 2.29
CA SER B 39 -11.93 1.86 0.90
C SER B 39 -13.33 1.26 0.82
N ALA B 40 -14.13 1.46 1.86
CA ALA B 40 -15.49 0.94 1.90
C ALA B 40 -16.51 2.07 2.11
N THR B 41 -16.12 3.05 2.92
CA THR B 41 -17.00 4.17 3.21
C THR B 41 -16.29 5.50 2.99
N PRO B 42 -17.05 6.53 2.56
CA PRO B 42 -16.51 7.86 2.31
C PRO B 42 -16.09 8.58 3.59
N GLU B 43 -16.54 8.06 4.72
CA GLU B 43 -16.22 8.64 6.02
C GLU B 43 -14.78 8.32 6.41
N LEU B 44 -14.37 7.08 6.16
CA LEU B 44 -13.02 6.64 6.49
C LEU B 44 -12.06 6.91 5.34
N ARG B 45 -12.48 6.55 4.13
CA ARG B 45 -11.66 6.75 2.95
C ARG B 45 -11.18 8.20 2.85
N ALA B 46 -12.10 9.14 3.07
CA ALA B 46 -11.76 10.56 3.01
C ALA B 46 -10.73 10.92 4.08
N GLU B 47 -10.87 10.34 5.26
CA GLU B 47 -9.95 10.60 6.36
C GLU B 47 -8.56 10.07 6.04
N MET B 48 -8.47 8.78 5.77
CA MET B 48 -7.19 8.16 5.44
C MET B 48 -6.61 8.75 4.16
N GLN B 49 -7.47 9.28 3.31
CA GLN B 49 -7.04 9.88 2.05
C GLN B 49 -6.12 11.06 2.30
N GLU B 50 -6.25 11.68 3.47
CA GLU B 50 -5.43 12.83 3.83
C GLU B 50 -4.07 12.37 4.36
N ARG B 51 -4.08 11.33 5.19
CA ARG B 51 -2.85 10.80 5.77
C ARG B 51 -2.25 9.71 4.88
N SER B 52 -2.79 9.58 3.67
CA SER B 52 -2.32 8.59 2.72
C SER B 52 -1.20 9.15 1.85
N GLY B 53 -0.32 8.27 1.38
CA GLY B 53 0.78 8.70 0.54
C GLY B 53 1.91 7.67 0.50
N ARG B 54 2.19 7.17 -0.69
CA ARG B 54 3.25 6.17 -0.87
C ARG B 54 2.97 4.94 -0.02
N ASN B 55 1.70 4.71 0.27
CA ASN B 55 1.24 3.61 1.10
C ASN B 55 2.13 3.52 2.34
N THR B 56 2.46 4.68 2.89
CA THR B 56 3.21 4.78 4.14
C THR B 56 2.50 4.05 5.27
N PHE B 57 3.14 4.00 6.43
CA PHE B 57 2.58 3.32 7.59
C PHE B 57 1.17 3.82 7.86
N PRO B 58 0.37 2.98 8.56
CA PRO B 58 -1.01 3.32 8.91
C PRO B 58 -1.11 4.44 9.94
N GLN B 59 -2.33 4.76 10.35
CA GLN B 59 -2.55 5.81 11.33
C GLN B 59 -3.03 5.23 12.65
N ILE B 60 -2.68 5.90 13.75
CA ILE B 60 -3.07 5.44 15.08
C ILE B 60 -4.08 6.40 15.71
N PHE B 61 -4.98 5.86 16.51
CA PHE B 61 -5.98 6.66 17.20
C PHE B 61 -6.08 6.30 18.67
N ILE B 62 -5.84 7.28 19.53
CA ILE B 62 -5.90 7.08 20.97
C ILE B 62 -6.93 7.99 21.63
N GLY B 63 -8.04 7.41 22.06
CA GLY B 63 -9.08 8.19 22.71
C GLY B 63 -9.53 9.35 21.85
N SER B 64 -9.32 10.58 22.34
CA SER B 64 -9.72 11.78 21.63
C SER B 64 -8.50 12.50 21.07
N VAL B 65 -7.43 11.75 20.83
CA VAL B 65 -6.20 12.32 20.29
C VAL B 65 -5.82 11.67 18.96
N HIS B 66 -5.26 12.47 18.06
CA HIS B 66 -4.85 11.97 16.75
C HIS B 66 -3.36 11.64 16.74
N VAL B 67 -2.97 10.71 15.87
CA VAL B 67 -1.58 10.30 15.76
C VAL B 67 -1.19 10.07 14.31
N GLY B 68 -0.06 10.65 13.91
CA GLY B 68 0.41 10.50 12.54
C GLY B 68 0.46 9.05 12.10
N GLY B 69 0.71 8.15 13.05
CA GLY B 69 0.79 6.73 12.74
C GLY B 69 1.96 6.05 13.41
N SER B 70 2.68 5.23 12.65
CA SER B 70 3.83 4.51 13.19
C SER B 70 4.94 5.48 13.57
N ASP B 71 5.14 6.50 12.75
CA ASP B 71 6.18 7.50 13.00
C ASP B 71 6.06 8.05 14.42
N ASP B 72 4.87 8.52 14.77
CA ASP B 72 4.63 9.08 16.10
C ASP B 72 4.49 7.96 17.13
N LEU B 73 3.75 6.92 16.78
CA LEU B 73 3.54 5.79 17.68
C LEU B 73 4.88 5.25 18.21
N TYR B 74 5.86 5.19 17.33
CA TYR B 74 7.18 4.69 17.70
C TYR B 74 7.98 5.77 18.43
N ALA B 75 7.88 7.00 17.95
CA ALA B 75 8.58 8.12 18.56
C ALA B 75 8.28 8.22 20.05
N LEU B 76 7.00 8.10 20.39
CA LEU B 76 6.58 8.18 21.78
C LEU B 76 7.14 7.02 22.59
N GLU B 77 7.19 5.83 21.99
CA GLU B 77 7.71 4.66 22.66
C GLU B 77 9.16 4.86 23.06
N ASP B 78 9.88 5.68 22.29
CA ASP B 78 11.27 5.96 22.57
C ASP B 78 11.41 7.01 23.67
N GLU B 79 10.73 8.13 23.50
CA GLU B 79 10.76 9.21 24.49
C GLU B 79 10.22 8.74 25.84
N GLY B 80 9.29 7.79 25.79
CA GLY B 80 8.70 7.27 27.02
C GLY B 80 7.31 7.82 27.27
N LYS B 81 6.48 7.81 26.23
CA LYS B 81 5.11 8.31 26.34
C LYS B 81 4.12 7.28 25.78
N LEU B 82 4.51 6.02 25.82
CA LEU B 82 3.65 4.95 25.31
C LEU B 82 2.75 4.41 26.41
N ASP B 83 3.29 4.34 27.63
CA ASP B 83 2.53 3.84 28.78
C ASP B 83 1.27 4.66 28.99
N SER B 84 1.44 5.94 29.28
CA SER B 84 0.31 6.84 29.51
C SER B 84 -0.53 6.99 28.24
N LEU B 85 0.04 6.59 27.12
CA LEU B 85 -0.65 6.68 25.83
C LEU B 85 -1.66 5.55 25.67
N LEU B 86 -1.21 4.33 25.93
CA LEU B 86 -2.07 3.16 25.82
C LEU B 86 -3.02 3.06 27.01
N LYS B 87 -2.77 3.89 28.02
CA LYS B 87 -3.60 3.89 29.23
C LYS B 87 -4.64 5.02 29.15
N THR B 88 -4.25 6.15 28.58
CA THR B 88 -5.16 7.28 28.45
C THR B 88 -5.14 7.84 27.02
N GLY B 89 -3.94 8.01 26.48
CA GLY B 89 -3.80 8.54 25.13
C GLY B 89 -3.79 10.05 25.10
N LYS B 90 -2.75 10.65 25.67
CA LYS B 90 -2.61 12.10 25.71
C LYS B 90 -1.61 12.58 24.67
N LEU B 91 -1.65 13.88 24.38
CA LEU B 91 -0.73 14.46 23.40
C LEU B 91 0.48 15.08 24.09
N ILE B 92 0.42 15.38 25.37
CA ILE B 92 1.57 15.96 26.07
C ILE B 92 2.69 14.92 26.18
N GLY A 1 -3.45 -21.92 -36.34
CA GLY A 1 -3.80 -20.65 -35.71
C GLY A 1 -2.76 -19.59 -35.95
N PRO A 2 -3.01 -18.38 -35.41
CA PRO A 2 -2.10 -17.24 -35.56
C PRO A 2 -0.80 -17.43 -34.77
N GLY A 3 0.16 -16.56 -35.01
CA GLY A 3 1.43 -16.65 -34.32
C GLY A 3 1.32 -16.30 -32.85
N SER A 4 2.42 -15.83 -32.26
CA SER A 4 2.43 -15.46 -30.86
C SER A 4 2.93 -14.03 -30.67
N MET A 5 2.57 -13.42 -29.55
CA MET A 5 2.98 -12.05 -29.24
C MET A 5 3.16 -11.86 -27.74
N VAL A 6 3.59 -10.66 -27.36
CA VAL A 6 3.79 -10.34 -25.95
C VAL A 6 2.54 -9.73 -25.33
N ASP A 7 2.64 -9.34 -24.07
CA ASP A 7 1.51 -8.73 -23.36
C ASP A 7 1.97 -8.07 -22.07
N VAL A 8 1.27 -7.02 -21.67
CA VAL A 8 1.60 -6.29 -20.45
C VAL A 8 0.98 -6.96 -19.23
N ILE A 9 1.78 -7.13 -18.19
CA ILE A 9 1.31 -7.75 -16.96
C ILE A 9 1.69 -6.92 -15.74
N ILE A 10 0.83 -6.93 -14.73
CA ILE A 10 1.08 -6.18 -13.51
C ILE A 10 0.98 -7.08 -12.28
N TYR A 11 1.93 -6.94 -11.37
CA TYR A 11 1.96 -7.73 -10.15
C TYR A 11 1.26 -6.99 -9.01
N THR A 12 0.03 -7.40 -8.72
CA THR A 12 -0.74 -6.78 -7.65
C THR A 12 -2.09 -7.48 -7.45
N ARG A 13 -2.74 -7.20 -6.33
CA ARG A 13 -4.02 -7.81 -6.03
C ARG A 13 -5.11 -7.28 -6.96
N PRO A 14 -6.22 -8.02 -7.06
CA PRO A 14 -7.35 -7.64 -7.92
C PRO A 14 -8.10 -6.44 -7.38
N GLY A 15 -7.86 -6.10 -6.11
CA GLY A 15 -8.53 -4.96 -5.50
C GLY A 15 -8.17 -4.80 -4.03
N CYS A 16 -7.27 -3.90 -3.79
CA CYS A 16 -6.81 -3.68 -2.44
C CYS A 16 -5.82 -2.54 -2.46
N PRO A 17 -4.62 -2.80 -2.98
CA PRO A 17 -3.51 -1.85 -3.02
C PRO A 17 -3.84 -0.61 -3.85
N TYR A 18 -2.88 0.30 -3.99
CA TYR A 18 -3.07 1.53 -4.74
C TYR A 18 -2.52 1.37 -6.17
N CYS A 19 -3.05 0.41 -6.91
CA CYS A 19 -2.62 0.16 -8.29
C CYS A 19 -3.54 0.85 -9.28
N ALA A 20 -4.11 1.97 -8.87
CA ALA A 20 -5.02 2.73 -9.73
C ALA A 20 -4.25 3.62 -10.69
N ARG A 21 -3.03 4.00 -10.30
CA ARG A 21 -2.19 4.85 -11.13
C ARG A 21 -1.77 4.13 -12.41
N ALA A 22 -1.07 3.01 -12.25
CA ALA A 22 -0.62 2.23 -13.39
C ALA A 22 -1.77 1.91 -14.33
N LYS A 23 -2.93 1.60 -13.77
CA LYS A 23 -4.11 1.27 -14.56
C LYS A 23 -4.73 2.54 -15.15
N ALA A 24 -4.50 3.66 -14.49
CA ALA A 24 -5.03 4.94 -14.96
C ALA A 24 -4.68 5.18 -16.42
N LEU A 25 -3.39 5.18 -16.74
CA LEU A 25 -2.94 5.39 -18.11
C LEU A 25 -3.44 4.29 -19.02
N LEU A 26 -3.37 3.05 -18.55
CA LEU A 26 -3.81 1.90 -19.32
C LEU A 26 -5.26 2.05 -19.75
N ALA A 27 -6.00 2.85 -18.98
CA ALA A 27 -7.42 3.09 -19.28
C ALA A 27 -7.59 4.27 -20.22
N ARG A 28 -6.57 5.12 -20.29
CA ARG A 28 -6.61 6.29 -21.16
C ARG A 28 -6.37 5.91 -22.61
N LYS A 29 -5.66 4.81 -22.82
CA LYS A 29 -5.36 4.32 -24.17
C LYS A 29 -5.95 2.93 -24.38
N GLY A 30 -6.86 2.52 -23.49
CA GLY A 30 -7.47 1.22 -23.61
C GLY A 30 -6.45 0.11 -23.74
N ALA A 31 -5.27 0.33 -23.18
CA ALA A 31 -4.20 -0.67 -23.24
C ALA A 31 -4.60 -1.95 -22.52
N GLU A 32 -3.92 -3.04 -22.83
CA GLU A 32 -4.20 -4.33 -22.22
C GLU A 32 -3.26 -4.59 -21.04
N PHE A 33 -3.77 -5.29 -20.03
CA PHE A 33 -2.99 -5.61 -18.85
C PHE A 33 -3.53 -6.85 -18.15
N ASN A 34 -2.67 -7.55 -17.43
CA ASN A 34 -3.06 -8.76 -16.71
C ASN A 34 -2.68 -8.66 -15.24
N GLU A 35 -3.66 -8.91 -14.37
CA GLU A 35 -3.43 -8.86 -12.93
C GLU A 35 -2.85 -10.17 -12.42
N ILE A 36 -2.22 -10.10 -11.25
CA ILE A 36 -1.60 -11.28 -10.65
C ILE A 36 -1.84 -11.32 -9.14
N ASP A 37 -2.70 -12.23 -8.70
CA ASP A 37 -3.01 -12.36 -7.28
C ASP A 37 -1.78 -12.81 -6.50
N ALA A 38 -1.19 -11.89 -5.76
CA ALA A 38 -0.01 -12.19 -4.96
C ALA A 38 -0.38 -12.67 -3.56
N SER A 39 0.62 -13.01 -2.76
CA SER A 39 0.38 -13.48 -1.40
C SER A 39 -0.44 -14.77 -1.41
N ALA A 40 -0.35 -15.52 -2.50
CA ALA A 40 -1.09 -16.77 -2.63
C ALA A 40 -0.13 -17.94 -2.87
N THR A 41 0.94 -17.69 -3.60
CA THR A 41 1.92 -18.73 -3.90
C THR A 41 3.34 -18.23 -3.62
N PRO A 42 4.22 -19.15 -3.19
CA PRO A 42 5.61 -18.83 -2.88
C PRO A 42 6.42 -18.50 -4.14
N GLU A 43 5.89 -18.87 -5.29
CA GLU A 43 6.56 -18.62 -6.56
C GLU A 43 6.43 -17.14 -6.95
N LEU A 44 5.24 -16.59 -6.76
CA LEU A 44 4.98 -15.19 -7.10
C LEU A 44 5.76 -14.26 -6.18
N ARG A 45 5.51 -14.39 -4.87
CA ARG A 45 6.19 -13.56 -3.88
C ARG A 45 7.71 -13.67 -4.02
N ALA A 46 8.17 -14.80 -4.55
CA ALA A 46 9.59 -15.02 -4.74
C ALA A 46 10.14 -14.17 -5.87
N GLU A 47 9.48 -14.22 -7.02
CA GLU A 47 9.90 -13.45 -8.18
C GLU A 47 9.95 -11.96 -7.86
N MET A 48 9.10 -11.53 -6.93
CA MET A 48 9.05 -10.13 -6.53
C MET A 48 10.01 -9.87 -5.37
N GLN A 49 10.29 -10.90 -4.59
CA GLN A 49 11.20 -10.78 -3.46
C GLN A 49 12.59 -10.34 -3.92
N GLU A 50 12.95 -10.71 -5.14
CA GLU A 50 14.25 -10.36 -5.69
C GLU A 50 14.30 -8.89 -6.08
N ARG A 51 13.21 -8.40 -6.67
CA ARG A 51 13.13 -7.01 -7.10
C ARG A 51 12.50 -6.14 -6.01
N SER A 52 12.33 -6.72 -4.82
CA SER A 52 11.73 -6.00 -3.70
C SER A 52 12.46 -4.69 -3.45
N GLY A 53 11.68 -3.62 -3.30
CA GLY A 53 12.26 -2.31 -3.05
C GLY A 53 11.30 -1.38 -2.35
N ARG A 54 10.33 -0.86 -3.07
CA ARG A 54 9.35 0.06 -2.50
C ARG A 54 7.94 -0.50 -2.65
N ASN A 55 7.02 -0.04 -1.81
CA ASN A 55 5.65 -0.56 -1.85
C ASN A 55 4.70 0.56 -2.21
N THR A 56 5.23 1.55 -2.92
CA THR A 56 4.43 2.69 -3.34
C THR A 56 3.54 2.33 -4.53
N PHE A 57 4.11 1.61 -5.49
CA PHE A 57 3.37 1.19 -6.68
C PHE A 57 3.72 -0.24 -7.06
N PRO A 58 2.81 -0.89 -7.80
CA PRO A 58 2.98 -2.28 -8.25
C PRO A 58 4.08 -2.40 -9.31
N GLN A 59 4.32 -3.62 -9.77
CA GLN A 59 5.33 -3.88 -10.77
C GLN A 59 4.71 -4.05 -12.15
N ILE A 60 5.36 -3.49 -13.17
CA ILE A 60 4.87 -3.58 -14.53
C ILE A 60 5.80 -4.43 -15.40
N PHE A 61 5.20 -5.20 -16.31
CA PHE A 61 5.96 -6.06 -17.20
C PHE A 61 5.56 -5.85 -18.65
N ILE A 62 6.53 -5.90 -19.55
CA ILE A 62 6.27 -5.70 -20.97
C ILE A 62 7.10 -6.66 -21.82
N GLY A 63 6.48 -7.73 -22.29
CA GLY A 63 7.19 -8.71 -23.11
C GLY A 63 8.39 -9.29 -22.40
N SER A 64 9.58 -9.01 -22.93
CA SER A 64 10.82 -9.52 -22.34
C SER A 64 11.61 -8.40 -21.68
N VAL A 65 10.89 -7.37 -21.22
CA VAL A 65 11.53 -6.23 -20.57
C VAL A 65 10.94 -6.00 -19.18
N HIS A 66 11.78 -5.58 -18.25
CA HIS A 66 11.36 -5.31 -16.89
C HIS A 66 11.32 -3.81 -16.60
N VAL A 67 10.33 -3.38 -15.82
CA VAL A 67 10.19 -1.97 -15.48
C VAL A 67 9.65 -1.80 -14.06
N GLY A 68 10.12 -0.76 -13.38
CA GLY A 68 9.68 -0.51 -12.02
C GLY A 68 8.17 -0.57 -11.87
N GLY A 69 7.49 0.44 -12.39
CA GLY A 69 6.04 0.48 -12.31
C GLY A 69 5.46 1.74 -12.92
N SER A 70 4.35 2.21 -12.37
CA SER A 70 3.69 3.40 -12.86
C SER A 70 4.67 4.56 -12.98
N ASP A 71 5.65 4.58 -12.09
CA ASP A 71 6.66 5.63 -12.09
C ASP A 71 7.34 5.73 -13.44
N ASP A 72 7.77 4.59 -13.97
CA ASP A 72 8.43 4.55 -15.27
C ASP A 72 7.42 4.51 -16.41
N LEU A 73 6.38 3.70 -16.24
CA LEU A 73 5.34 3.57 -17.25
C LEU A 73 4.80 4.94 -17.65
N TYR A 74 4.71 5.85 -16.68
CA TYR A 74 4.21 7.19 -16.93
C TYR A 74 5.25 8.02 -17.68
N ALA A 75 6.51 7.88 -17.28
CA ALA A 75 7.59 8.61 -17.92
C ALA A 75 7.69 8.28 -19.41
N LEU A 76 7.66 6.98 -19.72
CA LEU A 76 7.75 6.53 -21.10
C LEU A 76 6.66 7.17 -21.96
N GLU A 77 5.46 7.26 -21.39
CA GLU A 77 4.33 7.86 -22.11
C GLU A 77 4.63 9.30 -22.49
N ASP A 78 5.26 10.04 -21.57
CA ASP A 78 5.59 11.43 -21.82
C ASP A 78 6.56 11.56 -22.98
N GLU A 79 7.67 10.81 -22.92
CA GLU A 79 8.68 10.85 -23.96
C GLU A 79 8.13 10.26 -25.26
N GLY A 80 7.14 9.39 -25.14
CA GLY A 80 6.54 8.78 -26.32
C GLY A 80 7.13 7.42 -26.61
N LYS A 81 7.09 6.53 -25.63
CA LYS A 81 7.63 5.18 -25.79
C LYS A 81 6.62 4.14 -25.34
N LEU A 82 5.35 4.52 -25.29
CA LEU A 82 4.29 3.61 -24.87
C LEU A 82 3.73 2.84 -26.07
N ASP A 83 3.66 3.51 -27.22
CA ASP A 83 3.14 2.88 -28.43
C ASP A 83 3.88 1.59 -28.73
N SER A 84 5.21 1.64 -28.68
CA SER A 84 6.03 0.47 -28.95
C SER A 84 6.07 -0.45 -27.74
N LEU A 85 5.89 0.13 -26.56
CA LEU A 85 5.91 -0.64 -25.33
C LEU A 85 4.71 -1.60 -25.25
N LEU A 86 3.57 -1.15 -25.77
CA LEU A 86 2.36 -1.95 -25.76
C LEU A 86 2.29 -2.83 -27.01
N LYS A 87 3.16 -2.57 -27.98
CA LYS A 87 3.20 -3.33 -29.21
C LYS A 87 4.20 -4.49 -29.10
N THR A 88 5.23 -4.30 -28.27
CA THR A 88 6.25 -5.32 -28.08
C THR A 88 6.84 -5.25 -26.68
N GLY A 89 7.08 -4.03 -26.20
CA GLY A 89 7.63 -3.85 -24.88
C GLY A 89 9.14 -3.65 -24.90
N LYS A 90 9.57 -2.42 -25.09
CA LYS A 90 11.00 -2.10 -25.14
C LYS A 90 11.36 -1.06 -24.09
N LEU A 91 12.51 -1.23 -23.46
CA LEU A 91 12.97 -0.30 -22.43
C LEU A 91 13.38 1.03 -23.05
N ILE A 92 13.87 1.03 -24.29
CA ILE A 92 14.52 2.22 -24.87
C ILE A 92 13.49 3.21 -25.40
N GLY B 1 -23.36 -1.09 34.79
CA GLY B 1 -22.08 -1.54 34.29
C GLY B 1 -20.97 -0.55 34.60
N PRO B 2 -19.74 -0.88 34.18
CA PRO B 2 -18.57 -0.03 34.38
C PRO B 2 -18.62 1.24 33.55
N GLY B 3 -17.70 2.17 33.85
CA GLY B 3 -17.66 3.42 33.11
C GLY B 3 -17.19 3.24 31.68
N SER B 4 -16.61 4.29 31.11
CA SER B 4 -16.12 4.24 29.74
C SER B 4 -14.66 4.65 29.67
N MET B 5 -13.98 4.22 28.62
CA MET B 5 -12.57 4.54 28.43
C MET B 5 -12.22 4.66 26.95
N VAL B 6 -10.98 5.01 26.65
CA VAL B 6 -10.52 5.16 25.28
C VAL B 6 -9.94 3.85 24.75
N ASP B 7 -9.42 3.88 23.53
CA ASP B 7 -8.84 2.70 22.92
C ASP B 7 -8.03 3.08 21.67
N VAL B 8 -6.99 2.31 21.39
CA VAL B 8 -6.14 2.56 20.23
C VAL B 8 -6.73 1.94 18.98
N ILE B 9 -6.77 2.71 17.90
CA ILE B 9 -7.31 2.23 16.63
C ILE B 9 -6.35 2.53 15.47
N ILE B 10 -6.32 1.64 14.50
CA ILE B 10 -5.45 1.81 13.34
C ILE B 10 -6.24 1.72 12.04
N TYR B 11 -5.96 2.64 11.12
CA TYR B 11 -6.65 2.66 9.83
C TYR B 11 -5.86 1.89 8.78
N THR B 12 -6.31 0.67 8.49
CA THR B 12 -5.64 -0.17 7.50
C THR B 12 -6.40 -1.47 7.28
N ARG B 13 -6.06 -2.18 6.21
CA ARG B 13 -6.72 -3.44 5.89
C ARG B 13 -6.34 -4.52 6.89
N PRO B 14 -7.15 -5.58 6.95
CA PRO B 14 -6.92 -6.71 7.87
C PRO B 14 -5.69 -7.54 7.47
N GLY B 15 -5.25 -7.36 6.23
CA GLY B 15 -4.10 -8.10 5.75
C GLY B 15 -3.79 -7.81 4.29
N CYS B 16 -2.72 -7.08 4.00
CA CYS B 16 -2.25 -6.68 2.65
C CYS B 16 -1.20 -5.55 2.65
N PRO B 17 -1.50 -4.42 3.31
CA PRO B 17 -0.49 -3.35 3.41
C PRO B 17 0.65 -3.72 4.35
N TYR B 18 1.57 -2.82 4.62
CA TYR B 18 2.73 -3.15 5.45
C TYR B 18 2.55 -2.54 6.84
N CYS B 19 1.43 -2.89 7.47
CA CYS B 19 1.09 -2.40 8.81
C CYS B 19 1.63 -3.33 9.88
N ALA B 20 2.76 -3.98 9.59
CA ALA B 20 3.38 -4.89 10.54
C ALA B 20 4.23 -4.14 11.55
N ARG B 21 4.71 -2.95 11.17
CA ARG B 21 5.53 -2.15 12.05
C ARG B 21 4.73 -1.64 13.24
N ALA B 22 3.67 -0.89 12.97
CA ALA B 22 2.82 -0.35 14.02
C ALA B 22 2.36 -1.45 14.96
N LYS B 23 2.02 -2.60 14.40
CA LYS B 23 1.56 -3.75 15.19
C LYS B 23 2.73 -4.41 15.91
N ALA B 24 3.93 -4.27 15.36
CA ALA B 24 5.12 -4.85 15.94
C ALA B 24 5.24 -4.47 17.42
N LEU B 25 5.30 -3.18 17.69
CA LEU B 25 5.42 -2.68 19.06
C LEU B 25 4.21 -3.09 19.89
N LEU B 26 3.02 -2.97 19.30
CA LEU B 26 1.79 -3.32 19.99
C LEU B 26 1.82 -4.77 20.45
N ALA B 27 2.64 -5.58 19.79
CA ALA B 27 2.77 -6.99 20.13
C ALA B 27 3.86 -7.20 21.19
N ARG B 28 4.75 -6.23 21.31
CA ARG B 28 5.84 -6.30 22.28
C ARG B 28 5.34 -6.00 23.69
N LYS B 29 4.27 -5.21 23.77
CA LYS B 29 3.69 -4.86 25.06
C LYS B 29 2.25 -5.35 25.16
N GLY B 30 1.87 -6.27 24.28
CA GLY B 30 0.53 -6.80 24.30
C GLY B 30 -0.53 -5.72 24.30
N ALA B 31 -0.20 -4.57 23.72
CA ALA B 31 -1.13 -3.44 23.67
C ALA B 31 -2.36 -3.80 22.84
N GLU B 32 -3.44 -3.04 23.04
CA GLU B 32 -4.68 -3.28 22.32
C GLU B 32 -4.79 -2.37 21.10
N PHE B 33 -5.42 -2.87 20.05
CA PHE B 33 -5.59 -2.11 18.82
C PHE B 33 -6.79 -2.61 18.03
N ASN B 34 -7.37 -1.72 17.22
CA ASN B 34 -8.54 -2.07 16.41
C ASN B 34 -8.29 -1.76 14.94
N GLU B 35 -8.52 -2.74 14.08
CA GLU B 35 -8.33 -2.57 12.65
C GLU B 35 -9.55 -1.92 12.00
N ILE B 36 -9.36 -1.33 10.83
CA ILE B 36 -10.44 -0.69 10.11
C ILE B 36 -10.35 -0.96 8.62
N ASP B 37 -11.26 -1.79 8.12
CA ASP B 37 -11.29 -2.13 6.70
C ASP B 37 -11.61 -0.91 5.85
N ALA B 38 -10.59 -0.39 5.17
CA ALA B 38 -10.75 0.79 4.33
C ALA B 38 -11.13 0.39 2.90
N SER B 39 -11.33 1.37 2.05
CA SER B 39 -11.70 1.12 0.65
C SER B 39 -13.03 0.37 0.57
N ALA B 40 -13.86 0.54 1.59
CA ALA B 40 -15.16 -0.12 1.63
C ALA B 40 -16.29 0.90 1.72
N THR B 41 -16.04 1.99 2.45
CA THR B 41 -17.04 3.03 2.62
C THR B 41 -16.44 4.41 2.36
N PRO B 42 -17.27 5.32 1.82
CA PRO B 42 -16.85 6.70 1.51
C PRO B 42 -16.57 7.52 2.76
N GLU B 43 -17.08 7.04 3.89
CA GLU B 43 -16.89 7.74 5.16
C GLU B 43 -15.48 7.54 5.69
N LEU B 44 -14.97 6.31 5.58
CA LEU B 44 -13.63 5.99 6.04
C LEU B 44 -12.58 6.68 5.19
N ARG B 45 -12.61 6.40 3.89
CA ARG B 45 -11.66 7.00 2.95
C ARG B 45 -11.69 8.52 3.04
N ALA B 46 -12.84 9.07 3.45
CA ALA B 46 -12.99 10.51 3.58
C ALA B 46 -12.20 11.04 4.77
N GLU B 47 -12.40 10.42 5.94
CA GLU B 47 -11.70 10.84 7.15
C GLU B 47 -10.19 10.80 6.95
N MET B 48 -9.74 9.89 6.09
CA MET B 48 -8.31 9.75 5.82
C MET B 48 -7.89 10.65 4.67
N GLN B 49 -8.83 10.97 3.78
CA GLN B 49 -8.55 11.84 2.65
C GLN B 49 -8.09 13.22 3.10
N GLU B 50 -8.55 13.63 4.27
CA GLU B 50 -8.17 14.94 4.83
C GLU B 50 -6.73 14.91 5.34
N ARG B 51 -6.36 13.81 6.00
CA ARG B 51 -5.02 13.67 6.54
C ARG B 51 -4.11 12.95 5.56
N SER B 52 -4.59 12.78 4.33
CA SER B 52 -3.81 12.12 3.30
C SER B 52 -2.43 12.76 3.15
N GLY B 53 -1.40 11.91 3.10
CA GLY B 53 -0.05 12.41 2.96
C GLY B 53 0.89 11.39 2.36
N ARG B 54 1.28 10.41 3.17
CA ARG B 54 2.19 9.35 2.71
C ARG B 54 1.54 7.99 2.84
N ASN B 55 1.98 7.03 2.02
CA ASN B 55 1.42 5.67 2.06
C ASN B 55 2.47 4.69 2.57
N THR B 56 3.40 5.17 3.37
CA THR B 56 4.45 4.33 3.92
C THR B 56 3.93 3.50 5.09
N PHE B 57 3.16 4.14 5.96
CA PHE B 57 2.61 3.46 7.13
C PHE B 57 1.17 3.90 7.38
N PRO B 58 0.40 3.05 8.08
CA PRO B 58 -1.00 3.32 8.40
C PRO B 58 -1.15 4.46 9.41
N GLN B 59 -2.40 4.78 9.74
CA GLN B 59 -2.68 5.84 10.71
C GLN B 59 -3.00 5.27 12.08
N ILE B 60 -2.50 5.93 13.12
CA ILE B 60 -2.74 5.48 14.49
C ILE B 60 -3.61 6.48 15.25
N PHE B 61 -4.49 5.95 16.10
CA PHE B 61 -5.38 6.80 16.89
C PHE B 61 -5.32 6.42 18.37
N ILE B 62 -5.39 7.43 19.23
CA ILE B 62 -5.33 7.21 20.67
C ILE B 62 -6.31 8.12 21.40
N GLY B 63 -7.46 7.57 21.79
CA GLY B 63 -8.45 8.36 22.49
C GLY B 63 -8.90 9.56 21.71
N SER B 64 -8.60 10.76 22.23
CA SER B 64 -8.98 12.00 21.57
C SER B 64 -7.77 12.71 20.99
N VAL B 65 -6.75 11.92 20.64
CA VAL B 65 -5.53 12.47 20.07
C VAL B 65 -5.20 11.83 18.73
N HIS B 66 -4.65 12.62 17.82
CA HIS B 66 -4.29 12.13 16.49
C HIS B 66 -2.77 11.99 16.35
N VAL B 67 -2.34 10.96 15.63
CA VAL B 67 -0.91 10.73 15.42
C VAL B 67 -0.65 10.14 14.04
N GLY B 68 0.47 10.53 13.44
CA GLY B 68 0.81 10.03 12.12
C GLY B 68 0.68 8.53 12.02
N GLY B 69 1.60 7.81 12.64
CA GLY B 69 1.56 6.35 12.61
C GLY B 69 2.73 5.73 13.34
N SER B 70 3.17 4.56 12.86
CA SER B 70 4.29 3.86 13.48
C SER B 70 5.49 4.79 13.67
N ASP B 71 5.64 5.73 12.75
CA ASP B 71 6.73 6.69 12.81
C ASP B 71 6.76 7.40 14.16
N ASP B 72 5.61 7.90 14.58
CA ASP B 72 5.49 8.61 15.84
C ASP B 72 5.29 7.63 17.00
N LEU B 73 4.43 6.65 16.78
CA LEU B 73 4.16 5.64 17.82
C LEU B 73 5.45 5.04 18.35
N TYR B 74 6.43 4.88 17.46
CA TYR B 74 7.72 4.31 17.85
C TYR B 74 8.54 5.33 18.64
N ALA B 75 8.50 6.58 18.21
CA ALA B 75 9.25 7.64 18.88
C ALA B 75 8.79 7.81 20.32
N LEU B 76 7.48 7.85 20.51
CA LEU B 76 6.91 8.01 21.84
C LEU B 76 7.41 6.92 22.78
N GLU B 77 7.48 5.70 22.27
CA GLU B 77 7.94 4.56 23.06
C GLU B 77 9.36 4.79 23.57
N ASP B 78 10.21 5.34 22.70
CA ASP B 78 11.60 5.61 23.06
C ASP B 78 11.67 6.62 24.20
N GLU B 79 11.00 7.75 24.03
CA GLU B 79 11.00 8.80 25.05
C GLU B 79 10.28 8.33 26.31
N GLY B 80 9.36 7.37 26.15
CA GLY B 80 8.62 6.85 27.27
C GLY B 80 7.27 7.52 27.43
N LYS B 81 6.47 7.51 26.38
CA LYS B 81 5.15 8.12 26.39
C LYS B 81 4.09 7.15 25.87
N LEU B 82 4.40 5.87 25.92
CA LEU B 82 3.48 4.85 25.44
C LEU B 82 2.58 4.37 26.58
N ASP B 83 3.14 4.29 27.78
CA ASP B 83 2.38 3.85 28.95
C ASP B 83 1.10 4.67 29.11
N SER B 84 1.24 5.99 29.03
CA SER B 84 0.10 6.89 29.18
C SER B 84 -0.71 6.94 27.89
N LEU B 85 -0.05 6.68 26.77
CA LEU B 85 -0.71 6.71 25.47
C LEU B 85 -1.71 5.56 25.33
N LEU B 86 -1.37 4.42 25.93
CA LEU B 86 -2.25 3.26 25.88
C LEU B 86 -3.24 3.27 27.04
N LYS B 87 -3.00 4.16 28.00
CA LYS B 87 -3.87 4.29 29.17
C LYS B 87 -4.95 5.34 28.93
N THR B 88 -4.64 6.32 28.09
CA THR B 88 -5.57 7.39 27.78
C THR B 88 -5.35 7.94 26.37
N GLY B 89 -4.08 8.09 26.00
CA GLY B 89 -3.75 8.59 24.68
C GLY B 89 -3.47 10.08 24.68
N LYS B 90 -2.23 10.45 24.98
CA LYS B 90 -1.84 11.86 25.00
C LYS B 90 -0.68 12.12 24.04
N LEU B 91 -0.74 13.27 23.36
CA LEU B 91 0.30 13.64 22.42
C LEU B 91 1.60 14.00 23.14
N ILE B 92 1.52 14.43 24.40
CA ILE B 92 2.69 14.85 25.18
C ILE B 92 3.08 13.68 26.08
N GLY A 1 -8.09 -15.75 -27.77
CA GLY A 1 -8.20 -15.70 -29.22
C GLY A 1 -6.88 -15.39 -29.89
N PRO A 2 -6.90 -15.35 -31.23
CA PRO A 2 -5.70 -15.06 -32.03
C PRO A 2 -5.23 -13.62 -31.89
N GLY A 3 -4.24 -13.24 -32.68
CA GLY A 3 -3.73 -11.88 -32.62
C GLY A 3 -2.22 -11.82 -32.83
N SER A 4 -1.75 -10.74 -33.45
CA SER A 4 -0.33 -10.57 -33.69
C SER A 4 0.21 -9.36 -32.96
N MET A 5 0.44 -9.52 -31.66
CA MET A 5 0.96 -8.44 -30.83
C MET A 5 1.31 -8.94 -29.43
N VAL A 6 1.89 -8.06 -28.61
CA VAL A 6 2.27 -8.41 -27.25
C VAL A 6 1.15 -8.07 -26.27
N ASP A 7 1.45 -8.23 -24.98
CA ASP A 7 0.48 -7.94 -23.93
C ASP A 7 1.18 -7.45 -22.67
N VAL A 8 0.52 -6.54 -21.96
CA VAL A 8 1.08 -5.98 -20.72
C VAL A 8 0.55 -6.74 -19.50
N ILE A 9 1.37 -6.77 -18.45
CA ILE A 9 0.99 -7.45 -17.21
C ILE A 9 1.43 -6.66 -15.99
N ILE A 10 0.71 -6.84 -14.89
CA ILE A 10 1.03 -6.14 -13.64
C ILE A 10 1.04 -7.10 -12.47
N TYR A 11 2.05 -6.96 -11.61
CA TYR A 11 2.18 -7.82 -10.44
C TYR A 11 1.64 -7.12 -9.19
N THR A 12 0.41 -7.46 -8.81
CA THR A 12 -0.22 -6.87 -7.64
C THR A 12 -1.58 -7.50 -7.36
N ARG A 13 -2.20 -7.09 -6.26
CA ARG A 13 -3.52 -7.62 -5.89
C ARG A 13 -4.55 -7.29 -6.96
N PRO A 14 -5.67 -8.03 -6.95
CA PRO A 14 -6.76 -7.84 -7.91
C PRO A 14 -7.51 -6.53 -7.67
N GLY A 15 -7.28 -5.91 -6.52
CA GLY A 15 -7.93 -4.66 -6.20
C GLY A 15 -7.97 -4.39 -4.70
N CYS A 16 -7.21 -3.43 -4.30
CA CYS A 16 -7.15 -3.03 -2.94
C CYS A 16 -6.03 -1.99 -2.89
N PRO A 17 -4.74 -2.40 -2.90
CA PRO A 17 -3.62 -1.48 -2.71
C PRO A 17 -3.66 -0.31 -3.68
N TYR A 18 -2.75 0.65 -3.58
CA TYR A 18 -2.80 1.82 -4.48
C TYR A 18 -2.04 1.45 -5.75
N CYS A 19 -2.83 0.97 -6.70
CA CYS A 19 -2.36 0.60 -8.03
C CYS A 19 -3.27 1.20 -9.11
N ALA A 20 -3.80 2.39 -8.83
CA ALA A 20 -4.67 3.06 -9.78
C ALA A 20 -3.86 3.85 -10.80
N ARG A 21 -2.63 4.20 -10.44
CA ARG A 21 -1.76 4.96 -11.33
C ARG A 21 -1.45 4.16 -12.60
N ALA A 22 -1.04 2.90 -12.42
CA ALA A 22 -0.72 2.04 -13.54
C ALA A 22 -1.94 1.81 -14.44
N LYS A 23 -3.07 1.47 -13.80
CA LYS A 23 -4.30 1.23 -14.53
C LYS A 23 -4.82 2.51 -15.17
N ALA A 24 -4.45 3.64 -14.59
CA ALA A 24 -4.88 4.94 -15.11
C ALA A 24 -4.52 5.09 -16.59
N LEU A 25 -3.23 5.15 -16.88
CA LEU A 25 -2.76 5.29 -18.26
C LEU A 25 -3.36 4.21 -19.15
N LEU A 26 -3.34 2.97 -18.66
CA LEU A 26 -3.89 1.85 -19.42
C LEU A 26 -5.36 2.08 -19.75
N ALA A 27 -6.01 2.92 -18.97
CA ALA A 27 -7.42 3.24 -19.18
C ALA A 27 -7.58 4.42 -20.13
N ARG A 28 -6.52 5.22 -20.25
CA ARG A 28 -6.55 6.38 -21.13
C ARG A 28 -6.39 5.98 -22.59
N LYS A 29 -5.73 4.86 -22.82
CA LYS A 29 -5.51 4.36 -24.17
C LYS A 29 -6.16 2.99 -24.35
N GLY A 30 -7.05 2.63 -23.43
CA GLY A 30 -7.73 1.34 -23.51
C GLY A 30 -6.75 0.18 -23.67
N ALA A 31 -5.54 0.36 -23.17
CA ALA A 31 -4.51 -0.67 -23.26
C ALA A 31 -4.93 -1.93 -22.50
N GLU A 32 -4.18 -3.01 -22.68
CA GLU A 32 -4.48 -4.26 -22.02
C GLU A 32 -3.59 -4.46 -20.80
N PHE A 33 -4.03 -5.31 -19.88
CA PHE A 33 -3.29 -5.58 -18.66
C PHE A 33 -3.88 -6.77 -17.91
N ASN A 34 -3.03 -7.47 -17.17
CA ASN A 34 -3.46 -8.64 -16.39
C ASN A 34 -2.89 -8.60 -14.99
N GLU A 35 -3.78 -8.68 -14.00
CA GLU A 35 -3.37 -8.66 -12.60
C GLU A 35 -2.84 -10.02 -12.17
N ILE A 36 -2.02 -10.03 -11.12
CA ILE A 36 -1.45 -11.27 -10.61
C ILE A 36 -1.48 -11.30 -9.08
N ASP A 37 -2.33 -12.16 -8.53
CA ASP A 37 -2.46 -12.29 -7.09
C ASP A 37 -1.21 -12.91 -6.48
N ALA A 38 -0.48 -12.14 -5.69
CA ALA A 38 0.74 -12.63 -5.06
C ALA A 38 0.45 -13.18 -3.66
N SER A 39 1.49 -13.65 -2.99
CA SER A 39 1.35 -14.22 -1.65
C SER A 39 0.49 -15.48 -1.69
N ALA A 40 0.43 -16.11 -2.86
CA ALA A 40 -0.35 -17.33 -3.02
C ALA A 40 0.48 -18.43 -3.68
N THR A 41 1.78 -18.19 -3.80
CA THR A 41 2.68 -19.17 -4.40
C THR A 41 4.14 -18.76 -4.20
N PRO A 42 5.03 -19.76 -4.10
CA PRO A 42 6.46 -19.53 -3.92
C PRO A 42 7.13 -18.94 -5.15
N GLU A 43 6.40 -18.95 -6.27
CA GLU A 43 6.92 -18.42 -7.52
C GLU A 43 6.81 -16.90 -7.56
N LEU A 44 5.59 -16.40 -7.36
CA LEU A 44 5.34 -14.96 -7.36
C LEU A 44 6.12 -14.27 -6.25
N ARG A 45 5.91 -14.73 -5.02
CA ARG A 45 6.59 -14.15 -3.86
C ARG A 45 8.10 -14.10 -4.10
N ALA A 46 8.65 -15.17 -4.66
CA ALA A 46 10.08 -15.25 -4.93
C ALA A 46 10.51 -14.12 -5.87
N GLU A 47 9.64 -13.77 -6.81
CA GLU A 47 9.94 -12.71 -7.76
C GLU A 47 9.94 -11.34 -7.07
N MET A 48 8.80 -10.98 -6.50
CA MET A 48 8.66 -9.69 -5.82
C MET A 48 9.67 -9.58 -4.68
N GLN A 49 10.09 -10.73 -4.14
CA GLN A 49 11.05 -10.75 -3.05
C GLN A 49 12.42 -10.25 -3.50
N GLU A 50 12.69 -10.40 -4.81
CA GLU A 50 13.96 -9.97 -5.37
C GLU A 50 14.26 -8.51 -4.99
N ARG A 51 13.22 -7.68 -5.03
CA ARG A 51 13.38 -6.27 -4.69
C ARG A 51 13.07 -6.03 -3.22
N SER A 52 11.92 -6.53 -2.77
CA SER A 52 11.50 -6.37 -1.38
C SER A 52 11.42 -4.88 -1.01
N GLY A 53 10.76 -4.10 -1.86
CA GLY A 53 10.62 -2.68 -1.61
C GLY A 53 9.36 -2.35 -0.83
N ARG A 54 9.22 -1.08 -0.46
CA ARG A 54 8.06 -0.64 0.30
C ARG A 54 6.77 -0.87 -0.48
N ASN A 55 5.66 -0.35 0.02
CA ASN A 55 4.33 -0.50 -0.59
C ASN A 55 4.13 0.48 -1.76
N THR A 56 5.11 0.61 -2.64
CA THR A 56 5.05 1.56 -3.72
C THR A 56 4.20 1.05 -4.88
N PHE A 57 4.21 1.77 -5.99
CA PHE A 57 3.44 1.38 -7.17
C PHE A 57 3.74 -0.06 -7.55
N PRO A 58 2.79 -0.68 -8.27
CA PRO A 58 2.92 -2.08 -8.71
C PRO A 58 3.99 -2.24 -9.79
N GLN A 59 4.34 -3.49 -10.10
CA GLN A 59 5.35 -3.78 -11.11
C GLN A 59 4.70 -3.97 -12.48
N ILE A 60 5.36 -3.46 -13.51
CA ILE A 60 4.86 -3.56 -14.87
C ILE A 60 5.69 -4.55 -15.68
N PHE A 61 5.02 -5.28 -16.57
CA PHE A 61 5.69 -6.27 -17.42
C PHE A 61 5.22 -6.16 -18.86
N ILE A 62 6.08 -5.61 -19.71
CA ILE A 62 5.75 -5.46 -21.12
C ILE A 62 6.68 -6.28 -22.01
N GLY A 63 6.10 -7.12 -22.86
CA GLY A 63 6.89 -7.95 -23.74
C GLY A 63 7.93 -8.77 -23.00
N SER A 64 7.54 -9.29 -21.84
CA SER A 64 8.44 -10.09 -21.02
C SER A 64 9.64 -9.26 -20.55
N VAL A 65 9.46 -7.94 -20.54
CA VAL A 65 10.53 -7.04 -20.12
C VAL A 65 10.27 -6.53 -18.70
N HIS A 66 11.35 -6.31 -17.96
CA HIS A 66 11.25 -5.82 -16.58
C HIS A 66 11.06 -4.31 -16.56
N VAL A 67 10.07 -3.85 -15.82
CA VAL A 67 9.79 -2.42 -15.71
C VAL A 67 9.61 -2.00 -14.26
N GLY A 68 10.30 -0.93 -13.88
CA GLY A 68 10.21 -0.44 -12.52
C GLY A 68 8.78 -0.28 -12.04
N GLY A 69 7.92 0.22 -12.92
CA GLY A 69 6.52 0.41 -12.58
C GLY A 69 5.93 1.63 -13.25
N SER A 70 4.97 2.26 -12.58
CA SER A 70 4.31 3.44 -13.12
C SER A 70 5.32 4.57 -13.35
N ASP A 71 6.28 4.69 -12.45
CA ASP A 71 7.30 5.72 -12.55
C ASP A 71 7.96 5.71 -13.93
N ASP A 72 8.26 4.50 -14.41
CA ASP A 72 8.89 4.35 -15.72
C ASP A 72 7.84 4.30 -16.84
N LEU A 73 6.77 3.54 -16.60
CA LEU A 73 5.71 3.41 -17.58
C LEU A 73 5.20 4.79 -18.03
N TYR A 74 5.06 5.70 -17.06
CA TYR A 74 4.59 7.04 -17.35
C TYR A 74 5.64 7.84 -18.11
N ALA A 75 6.89 7.71 -17.68
CA ALA A 75 7.99 8.41 -18.32
C ALA A 75 8.04 8.12 -19.82
N LEU A 76 7.78 6.86 -20.18
CA LEU A 76 7.81 6.45 -21.58
C LEU A 76 6.71 7.16 -22.37
N GLU A 77 5.51 7.23 -21.78
CA GLU A 77 4.38 7.89 -22.42
C GLU A 77 4.68 9.36 -22.68
N ASP A 78 5.34 10.00 -21.72
CA ASP A 78 5.68 11.40 -21.84
C ASP A 78 6.66 11.64 -22.99
N GLU A 79 7.72 10.84 -23.03
CA GLU A 79 8.73 10.95 -24.08
C GLU A 79 8.14 10.59 -25.43
N GLY A 80 7.11 9.74 -25.42
CA GLY A 80 6.47 9.33 -26.66
C GLY A 80 6.91 7.94 -27.10
N LYS A 81 6.97 7.01 -26.15
CA LYS A 81 7.38 5.64 -26.45
C LYS A 81 6.35 4.64 -25.92
N LEU A 82 5.10 5.10 -25.77
CA LEU A 82 4.03 4.25 -25.29
C LEU A 82 3.57 3.28 -26.37
N ASP A 83 3.50 3.77 -27.61
CA ASP A 83 3.08 2.95 -28.74
C ASP A 83 3.90 1.68 -28.82
N SER A 84 5.22 1.82 -28.79
CA SER A 84 6.13 0.68 -28.86
C SER A 84 6.06 -0.15 -27.58
N LEU A 85 5.72 0.50 -26.48
CA LEU A 85 5.62 -0.17 -25.19
C LEU A 85 4.46 -1.16 -25.19
N LEU A 86 3.33 -0.75 -25.77
CA LEU A 86 2.15 -1.60 -25.83
C LEU A 86 2.17 -2.47 -27.08
N LYS A 87 2.96 -2.07 -28.07
CA LYS A 87 3.08 -2.81 -29.31
C LYS A 87 4.13 -3.91 -29.19
N THR A 88 5.07 -3.72 -28.27
CA THR A 88 6.13 -4.69 -28.06
C THR A 88 6.57 -4.73 -26.60
N GLY A 89 6.91 -3.56 -26.07
CA GLY A 89 7.34 -3.47 -24.69
C GLY A 89 8.84 -3.29 -24.55
N LYS A 90 9.25 -2.10 -24.11
CA LYS A 90 10.67 -1.79 -23.94
C LYS A 90 10.92 -1.10 -22.61
N LEU A 91 11.86 -1.64 -21.84
CA LEU A 91 12.20 -1.08 -20.55
C LEU A 91 12.71 0.36 -20.69
N ILE A 92 13.46 0.73 -21.73
CA ILE A 92 14.08 2.08 -21.83
C ILE A 92 13.33 3.12 -22.68
N GLY B 1 -16.81 -6.19 27.07
CA GLY B 1 -16.90 -6.24 28.52
C GLY B 1 -16.56 -4.92 29.17
N PRO B 2 -16.63 -4.87 30.51
CA PRO B 2 -16.34 -3.67 31.28
C PRO B 2 -14.86 -3.30 31.25
N GLY B 3 -14.48 -2.30 32.03
CA GLY B 3 -13.09 -1.87 32.09
C GLY B 3 -12.95 -0.37 32.23
N SER B 4 -11.90 0.06 32.92
CA SER B 4 -11.66 1.48 33.15
C SER B 4 -10.35 1.92 32.49
N MET B 5 -10.39 2.10 31.17
CA MET B 5 -9.21 2.51 30.43
C MET B 5 -9.56 2.84 28.97
N VAL B 6 -8.59 3.32 28.22
CA VAL B 6 -8.80 3.67 26.82
C VAL B 6 -8.45 2.50 25.90
N ASP B 7 -8.47 2.75 24.60
CA ASP B 7 -8.16 1.72 23.62
C ASP B 7 -7.52 2.33 22.38
N VAL B 8 -6.59 1.59 21.77
CA VAL B 8 -5.91 2.06 20.57
C VAL B 8 -6.58 1.53 19.31
N ILE B 9 -6.48 2.31 18.24
CA ILE B 9 -7.08 1.92 16.96
C ILE B 9 -6.16 2.26 15.80
N ILE B 10 -6.29 1.51 14.71
CA ILE B 10 -5.48 1.73 13.51
C ILE B 10 -6.33 1.75 12.26
N TYR B 11 -6.05 2.71 11.38
CA TYR B 11 -6.80 2.84 10.13
C TYR B 11 -6.03 2.22 8.98
N THR B 12 -6.42 0.99 8.61
CA THR B 12 -5.77 0.29 7.51
C THR B 12 -6.46 -1.05 7.24
N ARG B 13 -6.01 -1.74 6.20
CA ARG B 13 -6.58 -3.04 5.83
C ARG B 13 -6.41 -4.05 6.97
N PRO B 14 -7.22 -5.11 6.92
CA PRO B 14 -7.18 -6.18 7.94
C PRO B 14 -5.91 -7.01 7.84
N GLY B 15 -5.18 -6.86 6.74
CA GLY B 15 -3.96 -7.61 6.55
C GLY B 15 -3.57 -7.73 5.09
N CYS B 16 -2.53 -7.05 4.63
CA CYS B 16 -2.04 -7.08 3.23
C CYS B 16 -0.93 -6.00 3.07
N PRO B 17 -1.22 -4.71 3.34
CA PRO B 17 -0.22 -3.65 3.20
C PRO B 17 0.86 -3.71 4.27
N TYR B 18 1.86 -2.85 4.17
CA TYR B 18 2.94 -2.80 5.16
C TYR B 18 2.51 -2.09 6.43
N CYS B 19 1.93 -2.85 7.36
CA CYS B 19 1.48 -2.31 8.64
C CYS B 19 1.93 -3.19 9.79
N ALA B 20 3.10 -3.81 9.64
CA ALA B 20 3.64 -4.69 10.67
C ALA B 20 4.39 -3.88 11.73
N ARG B 21 4.83 -2.69 11.36
CA ARG B 21 5.57 -1.84 12.27
C ARG B 21 4.70 -1.42 13.45
N ALA B 22 3.49 -0.95 13.16
CA ALA B 22 2.56 -0.52 14.20
C ALA B 22 2.18 -1.69 15.09
N LYS B 23 1.81 -2.81 14.48
CA LYS B 23 1.43 -4.00 15.22
C LYS B 23 2.61 -4.58 16.00
N ALA B 24 3.82 -4.30 15.51
CA ALA B 24 5.04 -4.79 16.15
C ALA B 24 5.09 -4.38 17.62
N LEU B 25 5.21 -3.09 17.87
CA LEU B 25 5.26 -2.56 19.24
C LEU B 25 4.07 -3.07 20.05
N LEU B 26 2.88 -2.99 19.46
CA LEU B 26 1.66 -3.43 20.13
C LEU B 26 1.77 -4.90 20.54
N ALA B 27 2.64 -5.64 19.85
CA ALA B 27 2.83 -7.04 20.15
C ALA B 27 3.92 -7.25 21.20
N ARG B 28 4.77 -6.24 21.36
CA ARG B 28 5.86 -6.30 22.33
C ARG B 28 5.35 -6.07 23.74
N LYS B 29 4.24 -5.32 23.85
CA LYS B 29 3.65 -5.02 25.14
C LYS B 29 2.23 -5.56 25.23
N GLY B 30 1.90 -6.46 24.31
CA GLY B 30 0.56 -7.06 24.31
C GLY B 30 -0.53 -6.01 24.33
N ALA B 31 -0.24 -4.83 23.79
CA ALA B 31 -1.21 -3.74 23.76
C ALA B 31 -2.41 -4.11 22.91
N GLU B 32 -3.46 -3.28 22.97
CA GLU B 32 -4.68 -3.53 22.22
C GLU B 32 -4.71 -2.69 20.95
N PHE B 33 -5.50 -3.12 19.98
CA PHE B 33 -5.62 -2.40 18.71
C PHE B 33 -6.78 -2.95 17.88
N ASN B 34 -7.36 -2.09 17.05
CA ASN B 34 -8.48 -2.48 16.20
C ASN B 34 -8.29 -1.98 14.78
N GLU B 35 -8.34 -2.89 13.82
CA GLU B 35 -8.17 -2.54 12.42
C GLU B 35 -9.46 -1.95 11.84
N ILE B 36 -9.32 -1.17 10.77
CA ILE B 36 -10.48 -0.55 10.14
C ILE B 36 -10.38 -0.64 8.62
N ASP B 37 -11.24 -1.46 8.02
CA ASP B 37 -11.25 -1.64 6.57
C ASP B 37 -11.75 -0.38 5.87
N ALA B 38 -10.86 0.26 5.12
CA ALA B 38 -11.21 1.48 4.41
C ALA B 38 -11.67 1.18 2.99
N SER B 39 -12.00 2.22 2.23
CA SER B 39 -12.47 2.05 0.86
C SER B 39 -13.78 1.28 0.82
N ALA B 40 -14.52 1.31 1.93
CA ALA B 40 -15.79 0.61 2.02
C ALA B 40 -16.89 1.53 2.54
N THR B 41 -16.57 2.83 2.64
CA THR B 41 -17.53 3.80 3.12
C THR B 41 -17.02 5.23 2.91
N PRO B 42 -17.94 6.17 2.69
CA PRO B 42 -17.61 7.57 2.47
C PRO B 42 -17.08 8.25 3.73
N GLU B 43 -17.24 7.57 4.86
CA GLU B 43 -16.78 8.11 6.15
C GLU B 43 -15.28 7.90 6.31
N LEU B 44 -14.84 6.65 6.20
CA LEU B 44 -13.43 6.32 6.35
C LEU B 44 -12.59 7.01 5.26
N ARG B 45 -12.96 6.78 4.01
CA ARG B 45 -12.25 7.37 2.88
C ARG B 45 -12.12 8.88 3.06
N ALA B 46 -13.20 9.51 3.51
CA ALA B 46 -13.20 10.95 3.72
C ALA B 46 -12.13 11.36 4.74
N GLU B 47 -11.92 10.52 5.74
CA GLU B 47 -10.92 10.79 6.77
C GLU B 47 -9.51 10.66 6.21
N MET B 48 -9.17 9.48 5.70
CA MET B 48 -7.84 9.24 5.14
C MET B 48 -7.58 10.20 3.98
N GLN B 49 -8.63 10.65 3.33
CA GLN B 49 -8.51 11.57 2.21
C GLN B 49 -7.96 12.93 2.66
N GLU B 50 -8.20 13.25 3.92
CA GLU B 50 -7.73 14.52 4.49
C GLU B 50 -6.24 14.71 4.22
N ARG B 51 -5.47 13.63 4.36
CA ARG B 51 -4.03 13.68 4.14
C ARG B 51 -3.69 13.29 2.71
N SER B 52 -4.22 12.16 2.26
CA SER B 52 -3.97 11.68 0.91
C SER B 52 -2.48 11.49 0.67
N GLY B 53 -1.82 10.82 1.61
CA GLY B 53 -0.38 10.58 1.49
C GLY B 53 -0.08 9.28 0.79
N ARG B 54 1.21 9.03 0.53
CA ARG B 54 1.64 7.82 -0.14
C ARG B 54 1.26 6.59 0.67
N ASN B 55 1.70 5.40 0.27
CA ASN B 55 1.36 4.17 1.00
C ASN B 55 2.33 3.92 2.15
N THR B 56 2.43 4.93 3.00
CA THR B 56 3.30 4.85 4.17
C THR B 56 2.62 4.08 5.30
N PHE B 57 3.25 4.09 6.47
CA PHE B 57 2.71 3.40 7.64
C PHE B 57 1.27 3.80 7.88
N PRO B 58 0.52 2.93 8.58
CA PRO B 58 -0.89 3.17 8.90
C PRO B 58 -1.07 4.28 9.91
N GLN B 59 -2.31 4.72 10.09
CA GLN B 59 -2.63 5.79 11.04
C GLN B 59 -2.96 5.21 12.41
N ILE B 60 -2.50 5.88 13.46
CA ILE B 60 -2.76 5.44 14.82
C ILE B 60 -3.76 6.36 15.52
N PHE B 61 -4.61 5.78 16.36
CA PHE B 61 -5.61 6.54 17.09
C PHE B 61 -5.66 6.12 18.56
N ILE B 62 -5.13 6.98 19.42
CA ILE B 62 -5.11 6.70 20.85
C ILE B 62 -5.94 7.71 21.62
N GLY B 63 -6.89 7.23 22.42
CA GLY B 63 -7.74 8.11 23.20
C GLY B 63 -8.43 9.16 22.35
N SER B 64 -8.86 8.76 21.17
CA SER B 64 -9.54 9.67 20.26
C SER B 64 -8.60 10.80 19.81
N VAL B 65 -7.30 10.54 19.92
CA VAL B 65 -6.29 11.52 19.54
C VAL B 65 -5.68 11.18 18.19
N HIS B 66 -5.33 12.21 17.41
CA HIS B 66 -4.73 12.02 16.10
C HIS B 66 -3.24 11.75 16.21
N VAL B 67 -2.78 10.69 15.56
CA VAL B 67 -1.37 10.31 15.58
C VAL B 67 -0.85 10.06 14.18
N GLY B 68 0.30 10.66 13.87
CA GLY B 68 0.89 10.49 12.56
C GLY B 68 1.00 9.03 12.15
N GLY B 69 1.35 8.18 13.11
CA GLY B 69 1.50 6.76 12.83
C GLY B 69 2.61 6.12 13.62
N SER B 70 3.24 5.09 13.04
CA SER B 70 4.32 4.39 13.71
C SER B 70 5.48 5.32 14.01
N ASP B 71 5.75 6.24 13.07
CA ASP B 71 6.83 7.21 13.23
C ASP B 71 6.74 7.91 14.58
N ASP B 72 5.52 8.31 14.95
CA ASP B 72 5.29 9.00 16.22
C ASP B 72 5.09 8.01 17.35
N LEU B 73 4.28 6.98 17.10
CA LEU B 73 4.00 5.96 18.10
C LEU B 73 5.30 5.39 18.68
N TYR B 74 6.26 5.15 17.80
CA TYR B 74 7.55 4.61 18.21
C TYR B 74 8.35 5.65 19.01
N ALA B 75 8.34 6.89 18.52
CA ALA B 75 9.07 7.97 19.19
C ALA B 75 8.64 8.10 20.65
N LEU B 76 7.35 7.93 20.91
CA LEU B 76 6.82 8.03 22.26
C LEU B 76 7.39 6.92 23.15
N GLU B 77 7.43 5.71 22.62
CA GLU B 77 7.96 4.57 23.35
C GLU B 77 9.42 4.78 23.73
N ASP B 78 10.18 5.36 22.80
CA ASP B 78 11.59 5.62 23.03
C ASP B 78 11.79 6.62 24.16
N GLU B 79 11.05 7.74 24.09
CA GLU B 79 11.15 8.77 25.11
C GLU B 79 10.63 8.27 26.45
N GLY B 80 9.72 7.29 26.40
CA GLY B 80 9.16 6.74 27.62
C GLY B 80 7.77 7.28 27.92
N LYS B 81 6.93 7.35 26.89
CA LYS B 81 5.57 7.86 27.05
C LYS B 81 4.56 6.87 26.49
N LEU B 82 4.95 5.60 26.42
CA LEU B 82 4.07 4.56 25.90
C LEU B 82 2.99 4.21 26.92
N ASP B 83 3.37 4.16 28.19
CA ASP B 83 2.44 3.84 29.26
C ASP B 83 1.21 4.74 29.20
N SER B 84 1.44 6.05 29.14
CA SER B 84 0.35 7.02 29.08
C SER B 84 -0.36 6.94 27.74
N LEU B 85 0.35 6.53 26.70
CA LEU B 85 -0.21 6.42 25.37
C LEU B 85 -1.27 5.32 25.32
N LEU B 86 -0.98 4.20 25.97
CA LEU B 86 -1.91 3.07 26.00
C LEU B 86 -2.88 3.20 27.17
N LYS B 87 -2.51 4.01 28.15
CA LYS B 87 -3.35 4.21 29.33
C LYS B 87 -4.37 5.33 29.08
N THR B 88 -4.04 6.21 28.14
CA THR B 88 -4.92 7.33 27.80
C THR B 88 -4.80 7.70 26.34
N GLY B 89 -3.57 7.94 25.89
CA GLY B 89 -3.33 8.31 24.51
C GLY B 89 -3.04 9.80 24.35
N LYS B 90 -1.80 10.12 23.99
CA LYS B 90 -1.39 11.50 23.80
C LYS B 90 -0.57 11.65 22.53
N LEU B 91 -0.98 12.59 21.68
CA LEU B 91 -0.29 12.84 20.42
C LEU B 91 1.16 13.27 20.67
N ILE B 92 1.51 13.94 21.77
CA ILE B 92 2.92 14.36 22.04
C ILE B 92 3.65 13.68 23.21
N GLY A 1 -6.50 -19.63 -29.54
CA GLY A 1 -5.91 -18.35 -29.17
C GLY A 1 -4.53 -18.17 -29.77
N PRO A 2 -4.48 -17.92 -31.09
CA PRO A 2 -3.22 -17.72 -31.81
C PRO A 2 -2.55 -16.41 -31.44
N GLY A 3 -1.50 -16.05 -32.18
CA GLY A 3 -0.78 -14.82 -31.92
C GLY A 3 0.33 -14.99 -30.92
N SER A 4 1.57 -14.87 -31.38
CA SER A 4 2.73 -15.02 -30.51
C SER A 4 3.27 -13.66 -30.07
N MET A 5 2.38 -12.67 -30.04
CA MET A 5 2.77 -11.32 -29.64
C MET A 5 3.01 -11.25 -28.13
N VAL A 6 3.57 -10.13 -27.68
CA VAL A 6 3.85 -9.94 -26.26
C VAL A 6 2.58 -9.66 -25.48
N ASP A 7 2.71 -9.48 -24.17
CA ASP A 7 1.58 -9.21 -23.31
C ASP A 7 2.00 -8.41 -22.08
N VAL A 8 1.20 -7.41 -21.72
CA VAL A 8 1.50 -6.57 -20.56
C VAL A 8 0.91 -7.17 -19.29
N ILE A 9 1.68 -7.12 -18.20
CA ILE A 9 1.24 -7.66 -16.93
C ILE A 9 1.64 -6.75 -15.78
N ILE A 10 0.85 -6.76 -14.71
CA ILE A 10 1.13 -5.94 -13.55
C ILE A 10 0.89 -6.71 -12.25
N TYR A 11 1.81 -6.57 -11.30
CA TYR A 11 1.70 -7.25 -10.02
C TYR A 11 0.95 -6.40 -9.00
N THR A 12 -0.21 -6.89 -8.56
CA THR A 12 -1.03 -6.18 -7.59
C THR A 12 -2.29 -6.96 -7.27
N ARG A 13 -2.89 -6.65 -6.13
CA ARG A 13 -4.12 -7.33 -5.70
C ARG A 13 -5.31 -6.84 -6.52
N PRO A 14 -6.39 -7.65 -6.52
CA PRO A 14 -7.61 -7.33 -7.26
C PRO A 14 -8.36 -6.15 -6.65
N GLY A 15 -7.89 -4.94 -6.93
CA GLY A 15 -8.52 -3.75 -6.40
C GLY A 15 -8.38 -3.62 -4.90
N CYS A 16 -7.46 -2.77 -4.49
CA CYS A 16 -7.17 -2.47 -3.09
C CYS A 16 -5.91 -1.69 -2.77
N PRO A 17 -4.77 -2.12 -3.33
CA PRO A 17 -3.55 -1.33 -3.20
C PRO A 17 -3.57 -0.07 -4.06
N TYR A 18 -2.44 0.60 -4.21
CA TYR A 18 -2.39 1.87 -4.91
C TYR A 18 -2.11 1.62 -6.39
N CYS A 19 -3.05 0.94 -7.05
CA CYS A 19 -2.92 0.59 -8.45
C CYS A 19 -3.89 1.39 -9.31
N ALA A 20 -4.15 2.62 -8.89
CA ALA A 20 -5.06 3.50 -9.62
C ALA A 20 -4.32 4.32 -10.67
N ARG A 21 -3.01 4.50 -10.46
CA ARG A 21 -2.19 5.26 -11.38
C ARG A 21 -1.85 4.44 -12.62
N ALA A 22 -1.23 3.29 -12.40
CA ALA A 22 -0.85 2.41 -13.50
C ALA A 22 -2.05 2.04 -14.35
N LYS A 23 -3.15 1.66 -13.69
CA LYS A 23 -4.38 1.29 -14.40
C LYS A 23 -4.98 2.48 -15.11
N ALA A 24 -4.87 3.67 -14.49
CA ALA A 24 -5.41 4.88 -15.09
C ALA A 24 -4.90 5.07 -16.51
N LEU A 25 -3.59 5.15 -16.67
CA LEU A 25 -2.99 5.33 -17.98
C LEU A 25 -3.42 4.21 -18.94
N LEU A 26 -3.32 2.98 -18.46
CA LEU A 26 -3.70 1.82 -19.27
C LEU A 26 -5.14 1.95 -19.77
N ALA A 27 -5.94 2.70 -19.03
CA ALA A 27 -7.34 2.91 -19.39
C ALA A 27 -7.49 4.07 -20.35
N ARG A 28 -6.51 4.98 -20.33
CA ARG A 28 -6.54 6.15 -21.21
C ARG A 28 -6.19 5.77 -22.65
N LYS A 29 -5.39 4.71 -22.79
CA LYS A 29 -4.98 4.24 -24.11
C LYS A 29 -5.60 2.89 -24.42
N GLY A 30 -6.61 2.51 -23.64
CA GLY A 30 -7.28 1.24 -23.85
C GLY A 30 -6.31 0.07 -23.93
N ALA A 31 -5.17 0.21 -23.26
CA ALA A 31 -4.16 -0.84 -23.25
C ALA A 31 -4.62 -2.04 -22.43
N GLU A 32 -4.05 -3.20 -22.73
CA GLU A 32 -4.40 -4.43 -22.02
C GLU A 32 -3.44 -4.68 -20.86
N PHE A 33 -3.96 -5.26 -19.79
CA PHE A 33 -3.16 -5.56 -18.61
C PHE A 33 -3.76 -6.71 -17.82
N ASN A 34 -2.91 -7.43 -17.09
CA ASN A 34 -3.35 -8.57 -16.29
C ASN A 34 -2.85 -8.44 -14.85
N GLU A 35 -3.77 -8.58 -13.90
CA GLU A 35 -3.42 -8.48 -12.49
C GLU A 35 -2.83 -9.80 -11.98
N ILE A 36 -2.12 -9.73 -10.87
CA ILE A 36 -1.50 -10.91 -10.27
C ILE A 36 -1.69 -10.93 -8.76
N ASP A 37 -2.27 -12.00 -8.26
CA ASP A 37 -2.50 -12.14 -6.82
C ASP A 37 -1.27 -12.74 -6.13
N ALA A 38 -0.54 -11.89 -5.42
CA ALA A 38 0.65 -12.32 -4.71
C ALA A 38 0.32 -12.72 -3.27
N SER A 39 1.34 -13.13 -2.53
CA SER A 39 1.17 -13.55 -1.14
C SER A 39 0.27 -14.77 -1.05
N ALA A 40 0.20 -15.53 -2.14
CA ALA A 40 -0.62 -16.74 -2.18
C ALA A 40 0.22 -17.96 -2.56
N THR A 41 1.20 -17.75 -3.44
CA THR A 41 2.07 -18.83 -3.88
C THR A 41 3.51 -18.36 -4.02
N PRO A 42 4.45 -19.30 -3.91
CA PRO A 42 5.88 -19.00 -4.02
C PRO A 42 6.28 -18.63 -5.45
N GLU A 43 5.36 -18.80 -6.38
CA GLU A 43 5.61 -18.49 -7.78
C GLU A 43 5.83 -16.99 -7.98
N LEU A 44 4.97 -16.19 -7.35
CA LEU A 44 5.08 -14.74 -7.45
C LEU A 44 6.02 -14.18 -6.39
N ARG A 45 5.81 -14.62 -5.14
CA ARG A 45 6.64 -14.16 -4.03
C ARG A 45 8.12 -14.33 -4.35
N ALA A 46 8.44 -15.33 -5.17
CA ALA A 46 9.83 -15.59 -5.54
C ALA A 46 10.40 -14.43 -6.34
N GLU A 47 9.67 -14.00 -7.37
CA GLU A 47 10.11 -12.90 -8.21
C GLU A 47 10.19 -11.60 -7.41
N MET A 48 9.16 -11.35 -6.60
CA MET A 48 9.11 -10.14 -5.79
C MET A 48 10.18 -10.18 -4.70
N GLN A 49 10.58 -11.38 -4.31
CA GLN A 49 11.60 -11.55 -3.27
C GLN A 49 12.94 -10.96 -3.72
N GLU A 50 13.13 -10.91 -5.04
CA GLU A 50 14.37 -10.38 -5.59
C GLU A 50 14.31 -8.85 -5.68
N ARG A 51 13.16 -8.34 -6.09
CA ARG A 51 12.98 -6.89 -6.22
C ARG A 51 12.45 -6.30 -4.92
N SER A 52 12.45 -7.10 -3.86
CA SER A 52 11.96 -6.65 -2.56
C SER A 52 12.66 -5.35 -2.14
N GLY A 53 11.89 -4.27 -2.08
CA GLY A 53 12.45 -2.99 -1.70
C GLY A 53 11.38 -1.98 -1.31
N ARG A 54 10.44 -1.74 -2.21
CA ARG A 54 9.36 -0.80 -1.95
C ARG A 54 8.01 -1.39 -2.36
N ASN A 55 6.92 -1.22 -1.62
CA ASN A 55 5.61 -1.74 -2.07
C ASN A 55 4.63 -0.58 -2.08
N THR A 56 5.15 0.57 -2.44
CA THR A 56 4.31 1.73 -2.67
C THR A 56 3.49 1.58 -3.94
N PHE A 57 4.16 1.25 -5.04
CA PHE A 57 3.49 1.07 -6.33
C PHE A 57 3.72 -0.34 -6.86
N PRO A 58 2.81 -0.79 -7.75
CA PRO A 58 2.90 -2.12 -8.37
C PRO A 58 4.06 -2.24 -9.34
N GLN A 59 4.26 -3.45 -9.87
CA GLN A 59 5.34 -3.69 -10.81
C GLN A 59 4.79 -3.94 -12.21
N ILE A 60 5.27 -3.15 -13.18
CA ILE A 60 4.83 -3.29 -14.56
C ILE A 60 5.71 -4.27 -15.32
N PHE A 61 5.12 -4.94 -16.31
CA PHE A 61 5.86 -5.90 -17.12
C PHE A 61 5.47 -5.79 -18.59
N ILE A 62 6.45 -5.93 -19.47
CA ILE A 62 6.20 -5.85 -20.90
C ILE A 62 7.14 -6.77 -21.68
N GLY A 63 6.58 -7.77 -22.34
CA GLY A 63 7.39 -8.70 -23.11
C GLY A 63 8.51 -9.31 -22.29
N SER A 64 9.75 -9.04 -22.68
CA SER A 64 10.91 -9.57 -21.99
C SER A 64 11.64 -8.47 -21.23
N VAL A 65 10.91 -7.42 -20.87
CA VAL A 65 11.49 -6.29 -20.15
C VAL A 65 10.93 -6.20 -18.73
N HIS A 66 11.78 -5.82 -17.79
CA HIS A 66 11.37 -5.69 -16.39
C HIS A 66 11.33 -4.22 -15.97
N VAL A 67 10.14 -3.75 -15.63
CA VAL A 67 9.97 -2.36 -15.20
C VAL A 67 8.97 -2.26 -14.05
N GLY A 68 9.48 -2.36 -12.83
CA GLY A 68 8.63 -2.27 -11.65
C GLY A 68 8.58 -0.88 -11.07
N GLY A 69 7.75 -0.02 -11.66
CA GLY A 69 7.63 1.35 -11.18
C GLY A 69 6.49 2.10 -11.85
N SER A 70 5.45 2.40 -11.09
CA SER A 70 4.30 3.12 -11.61
C SER A 70 4.73 4.41 -12.29
N ASP A 71 5.81 4.99 -11.80
CA ASP A 71 6.33 6.24 -12.37
C ASP A 71 7.02 5.99 -13.72
N ASP A 72 7.62 4.80 -13.85
CA ASP A 72 8.31 4.44 -15.07
C ASP A 72 7.32 4.25 -16.22
N LEU A 73 6.15 3.71 -15.90
CA LEU A 73 5.12 3.47 -16.91
C LEU A 73 4.64 4.79 -17.51
N TYR A 74 4.54 5.82 -16.67
CA TYR A 74 4.08 7.13 -17.12
C TYR A 74 5.21 7.87 -17.84
N ALA A 75 6.44 7.65 -17.39
CA ALA A 75 7.59 8.30 -17.98
C ALA A 75 7.68 7.99 -19.48
N LEU A 76 7.61 6.71 -19.82
CA LEU A 76 7.68 6.28 -21.21
C LEU A 76 6.57 6.92 -22.03
N GLU A 77 5.38 6.99 -21.46
CA GLU A 77 4.23 7.58 -22.14
C GLU A 77 4.49 9.06 -22.45
N ASP A 78 5.11 9.75 -21.50
CA ASP A 78 5.41 11.17 -21.66
C ASP A 78 6.40 11.39 -22.80
N GLU A 79 7.53 10.71 -22.73
CA GLU A 79 8.57 10.83 -23.75
C GLU A 79 8.04 10.40 -25.11
N GLY A 80 7.03 9.53 -25.10
CA GLY A 80 6.44 9.06 -26.34
C GLY A 80 7.00 7.71 -26.77
N LYS A 81 7.05 6.77 -25.84
CA LYS A 81 7.57 5.44 -26.13
C LYS A 81 6.61 4.36 -25.66
N LEU A 82 5.32 4.71 -25.59
CA LEU A 82 4.29 3.78 -25.17
C LEU A 82 3.77 2.96 -26.34
N ASP A 83 3.70 3.60 -27.51
CA ASP A 83 3.21 2.93 -28.72
C ASP A 83 3.97 1.63 -28.96
N SER A 84 5.29 1.70 -28.91
CA SER A 84 6.14 0.54 -29.12
C SER A 84 6.12 -0.38 -27.89
N LEU A 85 5.87 0.21 -26.72
CA LEU A 85 5.83 -0.54 -25.48
C LEU A 85 4.67 -1.53 -25.47
N LEU A 86 3.49 -1.05 -25.85
CA LEU A 86 2.29 -1.89 -25.89
C LEU A 86 2.33 -2.82 -27.10
N LYS A 87 3.20 -2.51 -28.05
CA LYS A 87 3.33 -3.33 -29.25
C LYS A 87 4.30 -4.49 -29.01
N THR A 88 5.35 -4.23 -28.25
CA THR A 88 6.35 -5.25 -27.94
C THR A 88 6.88 -5.08 -26.52
N GLY A 89 7.13 -3.85 -26.13
CA GLY A 89 7.66 -3.58 -24.81
C GLY A 89 9.10 -3.12 -24.83
N LYS A 90 9.32 -1.85 -24.48
CA LYS A 90 10.66 -1.28 -24.46
C LYS A 90 10.94 -0.60 -23.13
N LEU A 91 12.20 -0.65 -22.70
CA LEU A 91 12.60 -0.03 -21.45
C LEU A 91 13.00 1.43 -21.65
N ILE A 92 13.54 1.72 -22.82
CA ILE A 92 14.09 3.04 -23.10
C ILE A 92 12.88 3.92 -23.27
N GLY B 1 -20.74 -4.41 28.43
CA GLY B 1 -19.42 -3.91 28.16
C GLY B 1 -19.19 -2.52 28.73
N PRO B 2 -19.06 -2.44 30.06
CA PRO B 2 -18.85 -1.16 30.75
C PRO B 2 -17.46 -0.58 30.48
N GLY B 3 -17.11 0.48 31.21
CA GLY B 3 -15.82 1.10 31.03
C GLY B 3 -15.84 2.19 29.97
N SER B 4 -15.69 3.44 30.41
CA SER B 4 -15.69 4.57 29.50
C SER B 4 -14.27 5.01 29.16
N MET B 5 -13.34 4.08 29.24
CA MET B 5 -11.94 4.37 28.95
C MET B 5 -11.73 4.54 27.45
N VAL B 6 -10.55 5.03 27.07
CA VAL B 6 -10.21 5.24 25.67
C VAL B 6 -9.95 3.92 24.96
N ASP B 7 -9.64 4.00 23.67
CA ASP B 7 -9.36 2.81 22.86
C ASP B 7 -8.45 3.14 21.69
N VAL B 8 -7.46 2.28 21.45
CA VAL B 8 -6.51 2.48 20.36
C VAL B 8 -7.05 1.88 19.06
N ILE B 9 -6.85 2.60 17.97
CA ILE B 9 -7.30 2.13 16.66
C ILE B 9 -6.27 2.44 15.59
N ILE B 10 -6.24 1.62 14.55
CA ILE B 10 -5.31 1.80 13.45
C ILE B 10 -5.98 1.55 12.10
N TYR B 11 -5.69 2.43 11.14
CA TYR B 11 -6.28 2.32 9.81
C TYR B 11 -5.39 1.47 8.89
N THR B 12 -5.91 0.33 8.46
CA THR B 12 -5.17 -0.57 7.59
C THR B 12 -5.98 -1.80 7.23
N ARG B 13 -5.62 -2.47 6.14
CA ARG B 13 -6.33 -3.65 5.69
C ARG B 13 -5.99 -4.84 6.60
N PRO B 14 -6.86 -5.88 6.56
CA PRO B 14 -6.68 -7.09 7.36
C PRO B 14 -5.49 -7.93 6.90
N GLY B 15 -4.28 -7.51 7.26
CA GLY B 15 -3.09 -8.23 6.86
C GLY B 15 -2.83 -8.15 5.38
N CYS B 16 -1.83 -7.35 4.99
CA CYS B 16 -1.19 -7.20 3.65
C CYS B 16 -0.47 -5.87 3.35
N PRO B 17 -0.98 -4.71 3.81
CA PRO B 17 -0.11 -3.53 3.71
C PRO B 17 1.06 -3.59 4.67
N TYR B 18 1.85 -2.52 4.76
CA TYR B 18 2.99 -2.41 5.69
C TYR B 18 2.54 -2.07 7.10
N CYS B 19 1.83 -3.01 7.73
CA CYS B 19 1.37 -2.81 9.09
C CYS B 19 2.04 -3.78 10.05
N ALA B 20 3.29 -4.13 9.75
CA ALA B 20 4.04 -5.06 10.58
C ALA B 20 4.82 -4.33 11.66
N ARG B 21 5.09 -3.05 11.43
CA ARG B 21 5.82 -2.22 12.39
C ARG B 21 4.92 -1.79 13.53
N ALA B 22 3.83 -1.12 13.20
CA ALA B 22 2.88 -0.64 14.20
C ALA B 22 2.37 -1.80 15.06
N LYS B 23 1.99 -2.89 14.41
CA LYS B 23 1.49 -4.06 15.11
C LYS B 23 2.58 -4.71 15.96
N ALA B 24 3.80 -4.69 15.44
CA ALA B 24 4.93 -5.27 16.15
C ALA B 24 5.03 -4.73 17.57
N LEU B 25 5.17 -3.41 17.69
CA LEU B 25 5.27 -2.77 18.99
C LEU B 25 4.06 -3.09 19.86
N LEU B 26 2.87 -2.95 19.28
CA LEU B 26 1.63 -3.23 19.99
C LEU B 26 1.62 -4.65 20.54
N ALA B 27 2.40 -5.53 19.91
CA ALA B 27 2.48 -6.92 20.33
C ALA B 27 3.56 -7.10 21.40
N ARG B 28 4.51 -6.18 21.43
CA ARG B 28 5.60 -6.23 22.40
C ARG B 28 5.13 -5.80 23.78
N LYS B 29 4.10 -4.94 23.81
CA LYS B 29 3.55 -4.46 25.07
C LYS B 29 2.13 -4.99 25.28
N GLY B 30 1.77 -6.01 24.51
CA GLY B 30 0.44 -6.59 24.63
C GLY B 30 -0.66 -5.55 24.57
N ALA B 31 -0.39 -4.45 23.87
CA ALA B 31 -1.37 -3.38 23.74
C ALA B 31 -2.53 -3.80 22.83
N GLU B 32 -3.68 -3.16 23.01
CA GLU B 32 -4.86 -3.46 22.21
C GLU B 32 -4.95 -2.55 21.00
N PHE B 33 -5.47 -3.08 19.90
CA PHE B 33 -5.61 -2.30 18.68
C PHE B 33 -6.74 -2.87 17.80
N ASN B 34 -7.33 -1.99 16.99
CA ASN B 34 -8.43 -2.40 16.11
C ASN B 34 -8.15 -1.97 14.67
N GLU B 35 -8.26 -2.92 13.74
CA GLU B 35 -8.02 -2.64 12.33
C GLU B 35 -9.25 -1.99 11.69
N ILE B 36 -9.04 -1.33 10.56
CA ILE B 36 -10.13 -0.67 9.85
C ILE B 36 -10.03 -0.91 8.35
N ASP B 37 -11.09 -1.46 7.77
CA ASP B 37 -11.12 -1.74 6.34
C ASP B 37 -11.58 -0.51 5.56
N ALA B 38 -10.63 0.15 4.89
CA ALA B 38 -10.93 1.34 4.11
C ALA B 38 -11.22 0.98 2.65
N SER B 39 -11.51 1.99 1.84
CA SER B 39 -11.81 1.79 0.44
C SER B 39 -13.08 0.95 0.27
N ALA B 40 -13.93 0.97 1.28
CA ALA B 40 -15.17 0.22 1.25
C ALA B 40 -16.37 1.14 1.50
N THR B 41 -16.19 2.14 2.35
CA THR B 41 -17.25 3.09 2.67
C THR B 41 -16.70 4.50 2.80
N PRO B 42 -17.57 5.50 2.57
CA PRO B 42 -17.20 6.91 2.67
C PRO B 42 -16.94 7.35 4.10
N GLU B 43 -17.24 6.46 5.05
CA GLU B 43 -17.03 6.76 6.46
C GLU B 43 -15.55 6.90 6.78
N LEU B 44 -14.75 5.98 6.25
CA LEU B 44 -13.31 6.00 6.47
C LEU B 44 -12.60 6.86 5.43
N ARG B 45 -12.94 6.64 4.16
CA ARG B 45 -12.34 7.39 3.07
C ARG B 45 -12.45 8.89 3.33
N ALA B 46 -13.50 9.30 4.04
CA ALA B 46 -13.71 10.70 4.34
C ALA B 46 -12.59 11.25 5.22
N GLU B 47 -12.29 10.53 6.30
CA GLU B 47 -11.23 10.95 7.23
C GLU B 47 -9.87 10.92 6.54
N MET B 48 -9.61 9.85 5.80
CA MET B 48 -8.35 9.70 5.09
C MET B 48 -8.23 10.73 3.97
N GLN B 49 -9.37 11.18 3.46
CA GLN B 49 -9.39 12.16 2.38
C GLN B 49 -8.77 13.47 2.83
N GLU B 50 -8.82 13.73 4.14
CA GLU B 50 -8.25 14.96 4.70
C GLU B 50 -6.75 14.82 4.92
N ARG B 51 -6.33 13.65 5.41
CA ARG B 51 -4.93 13.39 5.67
C ARG B 51 -4.25 12.77 4.44
N SER B 52 -4.96 12.78 3.32
CA SER B 52 -4.43 12.22 2.09
C SER B 52 -3.06 12.82 1.75
N GLY B 53 -2.03 12.00 1.83
CA GLY B 53 -0.69 12.47 1.53
C GLY B 53 0.28 11.32 1.26
N ARG B 54 0.39 10.41 2.22
CA ARG B 54 1.29 9.27 2.09
C ARG B 54 0.58 7.96 2.47
N ASN B 55 0.88 6.95 1.71
CA ASN B 55 0.26 5.63 1.80
C ASN B 55 1.24 4.57 2.28
N THR B 56 2.35 5.02 2.84
CA THR B 56 3.45 4.12 3.18
C THR B 56 3.13 3.36 4.48
N PHE B 57 2.75 4.09 5.51
CA PHE B 57 2.42 3.49 6.80
C PHE B 57 0.99 3.81 7.20
N PRO B 58 0.41 2.97 8.08
CA PRO B 58 -0.95 3.15 8.56
C PRO B 58 -1.09 4.36 9.48
N GLN B 59 -2.32 4.64 9.90
CA GLN B 59 -2.58 5.77 10.79
C GLN B 59 -2.99 5.30 12.18
N ILE B 60 -2.26 5.76 13.18
CA ILE B 60 -2.54 5.38 14.56
C ILE B 60 -3.53 6.35 15.21
N PHE B 61 -4.32 5.83 16.15
CA PHE B 61 -5.30 6.66 16.85
C PHE B 61 -5.34 6.32 18.33
N ILE B 62 -5.50 7.34 19.17
CA ILE B 62 -5.55 7.15 20.61
C ILE B 62 -6.46 8.18 21.27
N GLY B 63 -7.56 7.69 21.86
CA GLY B 63 -8.50 8.57 22.52
C GLY B 63 -8.97 9.70 21.61
N SER B 64 -8.66 10.93 21.98
CA SER B 64 -9.06 12.09 21.20
C SER B 64 -7.85 12.73 20.52
N VAL B 65 -6.83 11.93 20.28
CA VAL B 65 -5.61 12.41 19.64
C VAL B 65 -5.43 11.79 18.26
N HIS B 66 -4.92 12.58 17.32
CA HIS B 66 -4.69 12.11 15.96
C HIS B 66 -3.20 11.97 15.67
N VAL B 67 -2.77 10.75 15.40
CA VAL B 67 -1.36 10.48 15.12
C VAL B 67 -1.22 9.43 14.01
N GLY B 68 -1.19 9.91 12.77
CA GLY B 68 -1.05 9.00 11.64
C GLY B 68 0.38 8.86 11.18
N GLY B 69 1.14 7.99 11.87
CA GLY B 69 2.53 7.78 11.52
C GLY B 69 3.15 6.63 12.28
N SER B 70 3.45 5.55 11.58
CA SER B 70 4.05 4.37 12.21
C SER B 70 5.30 4.75 12.99
N ASP B 71 6.00 5.79 12.52
CA ASP B 71 7.21 6.26 13.17
C ASP B 71 6.88 7.01 14.46
N ASP B 72 5.73 7.68 14.47
CA ASP B 72 5.30 8.44 15.65
C ASP B 72 4.97 7.51 16.80
N LEU B 73 4.38 6.36 16.48
CA LEU B 73 4.01 5.38 17.49
C LEU B 73 5.23 4.85 18.22
N TYR B 74 6.32 4.65 17.47
CA TYR B 74 7.55 4.15 18.06
C TYR B 74 8.30 5.26 18.80
N ALA B 75 8.20 6.48 18.28
CA ALA B 75 8.86 7.62 18.90
C ALA B 75 8.43 7.78 20.36
N LEU B 76 7.12 7.80 20.58
CA LEU B 76 6.58 7.94 21.93
C LEU B 76 7.08 6.84 22.84
N GLU B 77 7.12 5.61 22.32
CA GLU B 77 7.60 4.47 23.09
C GLU B 77 9.05 4.65 23.51
N ASP B 78 9.86 5.19 22.61
CA ASP B 78 11.28 5.42 22.89
C ASP B 78 11.45 6.44 24.01
N GLU B 79 10.85 7.61 23.83
CA GLU B 79 10.93 8.67 24.82
C GLU B 79 10.36 8.22 26.16
N GLY B 80 9.44 7.26 26.11
CA GLY B 80 8.82 6.75 27.32
C GLY B 80 7.49 7.41 27.62
N LYS B 81 6.63 7.48 26.61
CA LYS B 81 5.32 8.08 26.76
C LYS B 81 4.22 7.15 26.23
N LEU B 82 4.50 5.86 26.24
CA LEU B 82 3.54 4.86 25.77
C LEU B 82 2.60 4.43 26.88
N ASP B 83 3.14 4.36 28.10
CA ASP B 83 2.34 3.97 29.27
C ASP B 83 1.07 4.81 29.36
N SER B 84 1.23 6.12 29.26
CA SER B 84 0.09 7.04 29.34
C SER B 84 -0.70 7.03 28.05
N LEU B 85 -0.04 6.70 26.95
CA LEU B 85 -0.68 6.65 25.65
C LEU B 85 -1.73 5.54 25.59
N LEU B 86 -1.36 4.36 26.05
CA LEU B 86 -2.26 3.22 26.05
C LEU B 86 -3.29 3.36 27.17
N LYS B 87 -3.02 4.24 28.12
CA LYS B 87 -3.92 4.47 29.25
C LYS B 87 -5.00 5.48 28.87
N THR B 88 -4.62 6.49 28.09
CA THR B 88 -5.55 7.53 27.67
C THR B 88 -5.23 8.00 26.26
N GLY B 89 -3.94 8.17 25.97
CA GLY B 89 -3.53 8.61 24.64
C GLY B 89 -2.99 10.03 24.65
N LYS B 90 -1.69 10.16 24.42
CA LYS B 90 -1.05 11.48 24.40
C LYS B 90 -0.23 11.67 23.13
N LEU B 91 -0.17 12.91 22.65
CA LEU B 91 0.58 13.22 21.44
C LEU B 91 2.03 13.54 21.77
N ILE B 92 2.27 14.11 22.94
CA ILE B 92 3.59 14.63 23.29
C ILE B 92 4.46 13.41 23.47
N GLY A 1 -4.74 -21.74 -28.93
CA GLY A 1 -4.21 -20.40 -29.10
C GLY A 1 -2.72 -20.39 -29.38
N PRO A 2 -2.35 -20.79 -30.60
CA PRO A 2 -0.94 -20.83 -31.02
C PRO A 2 -0.33 -19.44 -31.17
N GLY A 3 -1.04 -18.57 -31.89
CA GLY A 3 -0.56 -17.22 -32.10
C GLY A 3 -0.78 -16.34 -30.90
N SER A 4 0.29 -15.72 -30.40
CA SER A 4 0.21 -14.84 -29.24
C SER A 4 1.44 -13.94 -29.16
N MET A 5 1.19 -12.64 -29.00
CA MET A 5 2.29 -11.67 -28.90
C MET A 5 2.52 -11.27 -27.46
N VAL A 6 3.37 -10.25 -27.26
CA VAL A 6 3.68 -9.78 -25.92
C VAL A 6 2.44 -9.21 -25.24
N ASP A 7 2.32 -9.45 -23.93
CA ASP A 7 1.18 -8.96 -23.16
C ASP A 7 1.65 -8.21 -21.92
N VAL A 8 0.88 -7.20 -21.52
CA VAL A 8 1.21 -6.41 -20.34
C VAL A 8 0.64 -7.04 -19.08
N ILE A 9 1.49 -7.17 -18.06
CA ILE A 9 1.06 -7.76 -16.79
C ILE A 9 1.41 -6.85 -15.61
N ILE A 10 0.62 -6.92 -14.56
CA ILE A 10 0.85 -6.10 -13.37
C ILE A 10 0.58 -6.89 -12.10
N TYR A 11 1.45 -6.74 -11.11
CA TYR A 11 1.32 -7.43 -9.84
C TYR A 11 0.53 -6.59 -8.84
N THR A 12 -0.71 -7.01 -8.58
CA THR A 12 -1.57 -6.30 -7.64
C THR A 12 -2.89 -7.03 -7.44
N ARG A 13 -3.59 -6.74 -6.36
CA ARG A 13 -4.84 -7.44 -6.05
C ARG A 13 -5.94 -6.83 -6.94
N PRO A 14 -7.10 -7.51 -7.14
CA PRO A 14 -8.24 -7.15 -8.00
C PRO A 14 -9.00 -5.94 -7.48
N GLY A 15 -8.66 -5.52 -6.26
CA GLY A 15 -9.33 -4.37 -5.66
C GLY A 15 -8.98 -4.20 -4.20
N CYS A 16 -8.14 -3.21 -3.88
CA CYS A 16 -7.74 -2.71 -2.53
C CYS A 16 -6.43 -1.91 -2.47
N PRO A 17 -5.35 -2.36 -3.14
CA PRO A 17 -4.18 -1.46 -3.20
C PRO A 17 -4.43 -0.23 -4.06
N TYR A 18 -3.47 0.67 -4.15
CA TYR A 18 -3.62 1.89 -4.97
C TYR A 18 -3.16 1.68 -6.41
N CYS A 19 -3.83 0.79 -7.13
CA CYS A 19 -3.50 0.49 -8.51
C CYS A 19 -4.29 1.37 -9.47
N ALA A 20 -4.50 2.62 -9.08
CA ALA A 20 -5.25 3.57 -9.91
C ALA A 20 -4.32 4.32 -10.85
N ARG A 21 -3.05 4.42 -10.47
CA ARG A 21 -2.06 5.12 -11.28
C ARG A 21 -1.62 4.26 -12.46
N ALA A 22 -1.19 3.03 -12.17
CA ALA A 22 -0.74 2.11 -13.20
C ALA A 22 -1.86 1.81 -14.19
N LYS A 23 -3.08 1.70 -13.68
CA LYS A 23 -4.23 1.42 -14.52
C LYS A 23 -4.72 2.69 -15.23
N ALA A 24 -4.42 3.84 -14.64
CA ALA A 24 -4.82 5.12 -15.21
C ALA A 24 -4.33 5.25 -16.65
N LEU A 25 -3.03 5.06 -16.85
CA LEU A 25 -2.44 5.16 -18.19
C LEU A 25 -2.87 3.99 -19.05
N LEU A 26 -2.77 2.78 -18.51
CA LEU A 26 -3.15 1.57 -19.25
C LEU A 26 -4.56 1.70 -19.82
N ALA A 27 -5.46 2.25 -19.02
CA ALA A 27 -6.85 2.44 -19.44
C ALA A 27 -6.97 3.61 -20.40
N ARG A 28 -6.15 4.63 -20.18
CA ARG A 28 -6.17 5.83 -21.03
C ARG A 28 -5.88 5.46 -22.49
N LYS A 29 -5.17 4.35 -22.69
CA LYS A 29 -4.83 3.89 -24.02
C LYS A 29 -5.65 2.67 -24.41
N GLY A 30 -6.27 2.04 -23.41
CA GLY A 30 -7.08 0.86 -23.67
C GLY A 30 -6.25 -0.41 -23.73
N ALA A 31 -4.99 -0.31 -23.33
CA ALA A 31 -4.09 -1.47 -23.34
C ALA A 31 -4.64 -2.60 -22.50
N GLU A 32 -4.21 -3.82 -22.79
CA GLU A 32 -4.66 -5.00 -22.05
C GLU A 32 -3.70 -5.33 -20.92
N PHE A 33 -4.23 -5.42 -19.70
CA PHE A 33 -3.42 -5.73 -18.54
C PHE A 33 -4.03 -6.88 -17.74
N ASN A 34 -3.19 -7.61 -17.03
CA ASN A 34 -3.65 -8.74 -16.21
C ASN A 34 -3.14 -8.62 -14.78
N GLU A 35 -4.05 -8.73 -13.82
CA GLU A 35 -3.70 -8.63 -12.41
C GLU A 35 -3.29 -10.00 -11.87
N ILE A 36 -2.51 -9.99 -10.79
CA ILE A 36 -2.05 -11.23 -10.16
C ILE A 36 -2.10 -11.12 -8.65
N ASP A 37 -2.51 -12.21 -8.00
CA ASP A 37 -2.61 -12.24 -6.55
C ASP A 37 -1.34 -12.83 -5.94
N ALA A 38 -0.42 -11.95 -5.55
CA ALA A 38 0.84 -12.38 -4.95
C ALA A 38 0.64 -12.85 -3.51
N SER A 39 1.71 -13.27 -2.87
CA SER A 39 1.64 -13.74 -1.49
C SER A 39 0.79 -15.01 -1.40
N ALA A 40 0.63 -15.69 -2.53
CA ALA A 40 -0.16 -16.91 -2.57
C ALA A 40 0.67 -18.08 -3.11
N THR A 41 1.89 -17.80 -3.52
CA THR A 41 2.77 -18.82 -4.06
C THR A 41 4.17 -18.26 -4.32
N PRO A 42 5.19 -19.13 -4.25
CA PRO A 42 6.59 -18.74 -4.48
C PRO A 42 6.86 -18.40 -5.93
N GLU A 43 5.87 -18.65 -6.80
CA GLU A 43 6.01 -18.36 -8.22
C GLU A 43 6.14 -16.86 -8.46
N LEU A 44 5.26 -16.09 -7.83
CA LEU A 44 5.27 -14.63 -7.97
C LEU A 44 6.24 -14.00 -6.99
N ARG A 45 6.15 -14.43 -5.72
CA ARG A 45 7.02 -13.90 -4.68
C ARG A 45 8.48 -13.99 -5.09
N ALA A 46 8.81 -14.98 -5.90
CA ALA A 46 10.17 -15.18 -6.38
C ALA A 46 10.68 -13.94 -7.10
N GLU A 47 9.96 -13.51 -8.13
CA GLU A 47 10.34 -12.34 -8.90
C GLU A 47 10.47 -11.11 -8.00
N MET A 48 9.46 -10.89 -7.16
CA MET A 48 9.46 -9.76 -6.25
C MET A 48 10.61 -9.85 -5.26
N GLN A 49 11.07 -11.07 -5.01
CA GLN A 49 12.17 -11.30 -4.08
C GLN A 49 13.46 -10.68 -4.60
N GLU A 50 13.55 -10.55 -5.92
CA GLU A 50 14.74 -9.98 -6.55
C GLU A 50 15.05 -8.60 -5.97
N ARG A 51 14.07 -7.72 -5.99
CA ARG A 51 14.24 -6.37 -5.47
C ARG A 51 13.58 -6.23 -4.10
N SER A 52 12.27 -6.45 -4.06
CA SER A 52 11.51 -6.34 -2.81
C SER A 52 11.64 -4.95 -2.22
N GLY A 53 11.89 -3.96 -3.08
CA GLY A 53 12.03 -2.60 -2.62
C GLY A 53 10.72 -2.02 -2.11
N ARG A 54 10.49 -0.74 -2.40
CA ARG A 54 9.28 -0.07 -1.95
C ARG A 54 8.04 -0.80 -2.45
N ASN A 55 6.92 -0.58 -1.77
CA ASN A 55 5.65 -1.24 -2.08
C ASN A 55 4.55 -0.20 -2.31
N THR A 56 4.94 1.03 -2.62
CA THR A 56 3.97 2.10 -2.81
C THR A 56 3.14 1.89 -4.07
N PHE A 57 3.77 1.32 -5.09
CA PHE A 57 3.09 1.06 -6.35
C PHE A 57 3.28 -0.39 -6.80
N PRO A 58 2.37 -0.88 -7.63
CA PRO A 58 2.43 -2.26 -8.15
C PRO A 58 3.58 -2.47 -9.12
N GLN A 59 3.89 -3.72 -9.41
CA GLN A 59 4.97 -4.06 -10.32
C GLN A 59 4.46 -4.16 -11.76
N ILE A 60 5.06 -3.39 -12.65
CA ILE A 60 4.67 -3.39 -14.05
C ILE A 60 5.55 -4.32 -14.87
N PHE A 61 4.97 -4.98 -15.86
CA PHE A 61 5.69 -5.90 -16.72
C PHE A 61 5.14 -5.88 -18.14
N ILE A 62 6.02 -6.08 -19.12
CA ILE A 62 5.62 -6.09 -20.52
C ILE A 62 6.44 -7.08 -21.33
N GLY A 63 5.77 -8.08 -21.90
CA GLY A 63 6.45 -9.08 -22.68
C GLY A 63 7.55 -9.79 -21.90
N SER A 64 8.79 -9.36 -22.11
CA SER A 64 9.92 -9.96 -21.44
C SER A 64 10.84 -8.89 -20.87
N VAL A 65 10.26 -7.77 -20.47
CA VAL A 65 11.03 -6.65 -19.92
C VAL A 65 10.64 -6.39 -18.46
N HIS A 66 11.59 -5.90 -17.68
CA HIS A 66 11.35 -5.61 -16.28
C HIS A 66 11.07 -4.12 -16.07
N VAL A 67 9.97 -3.81 -15.39
CA VAL A 67 9.59 -2.43 -15.13
C VAL A 67 9.24 -2.22 -13.66
N GLY A 68 9.91 -1.28 -13.02
CA GLY A 68 9.65 -1.00 -11.62
C GLY A 68 8.18 -0.78 -11.33
N GLY A 69 7.72 0.45 -11.56
CA GLY A 69 6.32 0.77 -11.32
C GLY A 69 5.83 1.90 -12.19
N SER A 70 4.68 2.47 -11.83
CA SER A 70 4.10 3.56 -12.60
C SER A 70 5.11 4.68 -12.83
N ASP A 71 6.03 4.83 -11.88
CA ASP A 71 7.06 5.86 -11.96
C ASP A 71 7.78 5.78 -13.30
N ASP A 72 8.08 4.56 -13.74
CA ASP A 72 8.77 4.35 -15.01
C ASP A 72 7.79 4.31 -16.17
N LEU A 73 6.71 3.55 -15.99
CA LEU A 73 5.69 3.43 -17.02
C LEU A 73 5.21 4.79 -17.51
N TYR A 74 5.06 5.72 -16.57
CA TYR A 74 4.61 7.07 -16.89
C TYR A 74 5.71 7.84 -17.62
N ALA A 75 6.95 7.68 -17.16
CA ALA A 75 8.08 8.35 -17.78
C ALA A 75 8.13 8.10 -19.28
N LEU A 76 7.97 6.83 -19.67
CA LEU A 76 7.99 6.46 -21.07
C LEU A 76 6.91 7.19 -21.85
N GLU A 77 5.72 7.29 -21.27
CA GLU A 77 4.60 7.97 -21.90
C GLU A 77 4.96 9.41 -22.25
N ASP A 78 5.84 10.00 -21.45
CA ASP A 78 6.28 11.38 -21.67
C ASP A 78 7.29 11.45 -22.80
N GLU A 79 8.31 10.60 -22.73
CA GLU A 79 9.35 10.58 -23.76
C GLU A 79 8.77 10.21 -25.11
N GLY A 80 7.66 9.46 -25.10
CA GLY A 80 7.02 9.05 -26.34
C GLY A 80 7.46 7.67 -26.78
N LYS A 81 7.48 6.72 -25.85
CA LYS A 81 7.88 5.36 -26.15
C LYS A 81 6.84 4.36 -25.62
N LEU A 82 5.59 4.80 -25.55
CA LEU A 82 4.52 3.94 -25.07
C LEU A 82 3.91 3.12 -26.20
N ASP A 83 3.80 3.74 -27.38
CA ASP A 83 3.25 3.07 -28.55
C ASP A 83 3.99 1.78 -28.84
N SER A 84 5.31 1.87 -29.03
CA SER A 84 6.14 0.71 -29.31
C SER A 84 6.22 -0.20 -28.09
N LEU A 85 5.94 0.35 -26.93
CA LEU A 85 5.98 -0.41 -25.68
C LEU A 85 4.80 -1.36 -25.58
N LEU A 86 3.60 -0.82 -25.82
CA LEU A 86 2.39 -1.63 -25.76
C LEU A 86 2.26 -2.52 -26.99
N LYS A 87 3.04 -2.22 -28.02
CA LYS A 87 3.02 -3.01 -29.25
C LYS A 87 4.08 -4.10 -29.21
N THR A 88 5.25 -3.77 -28.68
CA THR A 88 6.35 -4.73 -28.58
C THR A 88 6.90 -4.78 -27.16
N GLY A 89 7.15 -3.62 -26.58
CA GLY A 89 7.67 -3.56 -25.23
C GLY A 89 9.18 -3.40 -25.20
N LYS A 90 9.64 -2.21 -24.81
CA LYS A 90 11.07 -1.94 -24.74
C LYS A 90 11.39 -1.07 -23.54
N LEU A 91 12.60 -1.24 -23.00
CA LEU A 91 13.03 -0.46 -21.84
C LEU A 91 13.75 0.81 -22.28
N ILE A 92 14.28 0.82 -23.49
CA ILE A 92 15.15 1.90 -23.97
C ILE A 92 14.32 3.09 -24.42
N GLY B 1 -22.63 -2.50 27.57
CA GLY B 1 -21.29 -2.05 27.85
C GLY B 1 -21.21 -0.55 28.07
N PRO B 2 -21.69 -0.09 29.24
CA PRO B 2 -21.68 1.32 29.60
C PRO B 2 -20.27 1.85 29.86
N GLY B 3 -19.51 1.12 30.66
CA GLY B 3 -18.15 1.53 30.97
C GLY B 3 -17.18 1.21 29.86
N SER B 4 -16.47 2.22 29.39
CA SER B 4 -15.50 2.04 28.31
C SER B 4 -14.52 3.21 28.25
N MET B 5 -13.23 2.89 28.22
CA MET B 5 -12.19 3.91 28.17
C MET B 5 -11.64 4.07 26.75
N VAL B 6 -10.58 4.85 26.61
CA VAL B 6 -9.97 5.07 25.31
C VAL B 6 -9.42 3.77 24.73
N ASP B 7 -9.56 3.62 23.41
CA ASP B 7 -9.08 2.42 22.72
C ASP B 7 -8.20 2.80 21.53
N VAL B 8 -7.21 1.95 21.25
CA VAL B 8 -6.31 2.18 20.14
C VAL B 8 -6.86 1.61 18.84
N ILE B 9 -6.86 2.41 17.78
CA ILE B 9 -7.36 1.97 16.49
C ILE B 9 -6.33 2.22 15.38
N ILE B 10 -6.37 1.39 14.36
CA ILE B 10 -5.44 1.53 13.23
C ILE B 10 -6.14 1.26 11.90
N TYR B 11 -5.84 2.08 10.90
CA TYR B 11 -6.44 1.92 9.59
C TYR B 11 -5.57 1.05 8.69
N THR B 12 -6.03 -0.17 8.44
CA THR B 12 -5.30 -1.11 7.60
C THR B 12 -6.10 -2.39 7.38
N ARG B 13 -5.72 -3.18 6.40
CA ARG B 13 -6.47 -4.37 6.04
C ARG B 13 -6.01 -5.49 7.00
N PRO B 14 -6.80 -6.57 7.19
CA PRO B 14 -6.59 -7.69 8.12
C PRO B 14 -5.39 -8.55 7.72
N GLY B 15 -4.85 -8.28 6.54
CA GLY B 15 -3.70 -9.04 6.07
C GLY B 15 -3.38 -8.76 4.61
N CYS B 16 -2.30 -8.01 4.39
CA CYS B 16 -1.68 -7.67 3.07
C CYS B 16 -0.78 -6.44 3.06
N PRO B 17 -1.23 -5.28 3.60
CA PRO B 17 -0.28 -4.18 3.68
C PRO B 17 0.86 -4.47 4.65
N TYR B 18 1.78 -3.53 4.79
CA TYR B 18 2.90 -3.70 5.70
C TYR B 18 2.48 -3.07 7.03
N CYS B 19 1.65 -3.80 7.78
CA CYS B 19 1.25 -3.39 9.12
C CYS B 19 2.01 -4.19 10.17
N ALA B 20 3.26 -4.50 9.90
CA ALA B 20 4.09 -5.26 10.83
C ALA B 20 4.82 -4.34 11.80
N ARG B 21 5.02 -3.09 11.39
CA ARG B 21 5.71 -2.12 12.22
C ARG B 21 4.79 -1.58 13.30
N ALA B 22 3.63 -1.09 12.90
CA ALA B 22 2.65 -0.55 13.83
C ALA B 22 2.21 -1.60 14.83
N LYS B 23 2.06 -2.84 14.36
CA LYS B 23 1.63 -3.94 15.21
C LYS B 23 2.81 -4.46 16.04
N ALA B 24 4.02 -4.26 15.54
CA ALA B 24 5.22 -4.71 16.23
C ALA B 24 5.26 -4.17 17.66
N LEU B 25 5.14 -2.86 17.79
CA LEU B 25 5.16 -2.22 19.11
C LEU B 25 3.89 -2.55 19.90
N LEU B 26 2.74 -2.39 19.25
CA LEU B 26 1.46 -2.66 19.89
C LEU B 26 1.45 -4.06 20.51
N ALA B 27 2.01 -5.03 19.79
CA ALA B 27 2.07 -6.40 20.28
C ALA B 27 3.15 -6.56 21.34
N ARG B 28 4.24 -5.81 21.18
CA ARG B 28 5.35 -5.86 22.14
C ARG B 28 4.88 -5.49 23.54
N LYS B 29 3.81 -4.72 23.62
CA LYS B 29 3.27 -4.29 24.90
C LYS B 29 1.96 -5.03 25.21
N GLY B 30 1.38 -5.64 24.18
CA GLY B 30 0.13 -6.37 24.37
C GLY B 30 -1.08 -5.47 24.29
N ALA B 31 -0.88 -4.23 23.85
CA ALA B 31 -1.97 -3.26 23.74
C ALA B 31 -3.06 -3.79 22.81
N GLU B 32 -4.27 -3.27 22.99
CA GLU B 32 -5.41 -3.68 22.17
C GLU B 32 -5.58 -2.75 20.98
N PHE B 33 -5.61 -3.32 19.78
CA PHE B 33 -5.77 -2.54 18.56
C PHE B 33 -6.87 -3.13 17.69
N ASN B 34 -7.50 -2.26 16.88
CA ASN B 34 -8.58 -2.69 16.00
C ASN B 34 -8.30 -2.25 14.56
N GLU B 35 -8.39 -3.20 13.63
CA GLU B 35 -8.17 -2.90 12.22
C GLU B 35 -9.44 -2.43 11.54
N ILE B 36 -9.29 -1.70 10.45
CA ILE B 36 -10.44 -1.19 9.71
C ILE B 36 -10.22 -1.31 8.20
N ASP B 37 -11.27 -1.69 7.48
CA ASP B 37 -11.19 -1.84 6.03
C ASP B 37 -11.64 -0.56 5.33
N ALA B 38 -10.67 0.28 4.98
CA ALA B 38 -10.97 1.54 4.30
C ALA B 38 -11.34 1.30 2.84
N SER B 39 -11.62 2.38 2.12
CA SER B 39 -12.00 2.29 0.72
C SER B 39 -13.30 1.50 0.55
N ALA B 40 -14.08 1.43 1.62
CA ALA B 40 -15.35 0.71 1.59
C ALA B 40 -16.50 1.62 1.99
N THR B 41 -16.17 2.85 2.39
CA THR B 41 -17.18 3.82 2.80
C THR B 41 -16.56 5.18 3.06
N PRO B 42 -17.37 6.24 2.88
CA PRO B 42 -16.91 7.62 3.09
C PRO B 42 -16.67 7.94 4.56
N GLU B 43 -17.06 7.00 5.43
CA GLU B 43 -16.88 7.18 6.87
C GLU B 43 -15.40 7.23 7.23
N LEU B 44 -14.64 6.29 6.70
CA LEU B 44 -13.21 6.22 6.97
C LEU B 44 -12.42 7.11 6.00
N ARG B 45 -12.74 7.00 4.72
CA ARG B 45 -12.08 7.78 3.70
C ARG B 45 -12.11 9.26 4.04
N ALA B 46 -13.16 9.68 4.75
CA ALA B 46 -13.30 11.08 5.16
C ALA B 46 -12.10 11.54 5.97
N GLU B 47 -11.81 10.83 7.04
CA GLU B 47 -10.68 11.18 7.90
C GLU B 47 -9.37 11.20 7.12
N MET B 48 -9.15 10.14 6.34
CA MET B 48 -7.94 10.03 5.52
C MET B 48 -7.88 11.16 4.49
N GLN B 49 -9.04 11.67 4.12
CA GLN B 49 -9.13 12.74 3.13
C GLN B 49 -8.48 14.03 3.66
N GLU B 50 -8.45 14.15 4.99
CA GLU B 50 -7.86 15.32 5.61
C GLU B 50 -6.43 15.54 5.14
N ARG B 51 -5.61 14.50 5.28
CA ARG B 51 -4.21 14.57 4.86
C ARG B 51 -3.99 13.85 3.54
N SER B 52 -4.30 12.55 3.53
CA SER B 52 -4.14 11.74 2.33
C SER B 52 -2.68 11.77 1.85
N GLY B 53 -1.77 11.99 2.78
CA GLY B 53 -0.36 12.04 2.44
C GLY B 53 0.18 10.68 2.03
N ARG B 54 1.42 10.39 2.42
CA ARG B 54 2.05 9.12 2.08
C ARG B 54 1.20 7.94 2.56
N ASN B 55 1.42 6.79 1.95
CA ASN B 55 0.67 5.57 2.22
C ASN B 55 1.59 4.42 2.59
N THR B 56 2.81 4.75 3.00
CA THR B 56 3.80 3.72 3.31
C THR B 56 3.43 2.96 4.58
N PHE B 57 2.82 3.66 5.53
CA PHE B 57 2.42 3.05 6.78
C PHE B 57 0.95 3.36 7.09
N PRO B 58 0.33 2.51 7.92
CA PRO B 58 -1.08 2.66 8.31
C PRO B 58 -1.29 3.86 9.21
N GLN B 59 -2.56 4.25 9.38
CA GLN B 59 -2.90 5.40 10.23
C GLN B 59 -3.15 4.94 11.67
N ILE B 60 -2.41 5.54 12.59
CA ILE B 60 -2.56 5.21 14.01
C ILE B 60 -3.50 6.17 14.71
N PHE B 61 -4.27 5.66 15.67
CA PHE B 61 -5.22 6.48 16.41
C PHE B 61 -5.35 5.99 17.85
N ILE B 62 -5.58 6.91 18.77
CA ILE B 62 -5.72 6.57 20.19
C ILE B 62 -6.73 7.48 20.86
N GLY B 63 -7.81 6.90 21.38
CA GLY B 63 -8.83 7.66 22.05
C GLY B 63 -9.40 8.77 21.18
N SER B 64 -8.92 9.99 21.38
CA SER B 64 -9.39 11.14 20.61
C SER B 64 -8.22 11.96 20.10
N VAL B 65 -7.10 11.30 19.83
CA VAL B 65 -5.91 11.98 19.34
C VAL B 65 -5.55 11.51 17.94
N HIS B 66 -4.94 12.41 17.16
CA HIS B 66 -4.54 12.08 15.79
C HIS B 66 -3.06 11.71 15.73
N VAL B 67 -2.77 10.57 15.12
CA VAL B 67 -1.39 10.10 14.99
C VAL B 67 -1.09 9.67 13.55
N GLY B 68 -0.05 10.27 12.98
CA GLY B 68 0.32 9.94 11.62
C GLY B 68 0.48 8.44 11.40
N GLY B 69 1.66 7.92 11.74
CA GLY B 69 1.91 6.50 11.58
C GLY B 69 2.93 5.97 12.57
N SER B 70 3.45 4.78 12.30
CA SER B 70 4.44 4.17 13.19
C SER B 70 5.60 5.12 13.46
N ASP B 71 5.88 5.99 12.50
CA ASP B 71 6.96 6.96 12.64
C ASP B 71 6.82 7.75 13.94
N ASP B 72 5.59 8.13 14.26
CA ASP B 72 5.31 8.88 15.48
C ASP B 72 5.11 7.95 16.67
N LEU B 73 4.31 6.92 16.47
CA LEU B 73 4.03 5.94 17.53
C LEU B 73 5.33 5.41 18.13
N TYR B 74 6.32 5.17 17.27
CA TYR B 74 7.61 4.66 17.73
C TYR B 74 8.38 5.73 18.49
N ALA B 75 8.33 6.96 17.98
CA ALA B 75 9.02 8.08 18.61
C ALA B 75 8.64 8.20 20.08
N LEU B 76 7.35 8.12 20.36
CA LEU B 76 6.85 8.22 21.73
C LEU B 76 7.45 7.13 22.61
N GLU B 77 7.52 5.92 22.06
CA GLU B 77 8.08 4.79 22.80
C GLU B 77 9.50 5.08 23.25
N ASP B 78 10.21 5.89 22.48
CA ASP B 78 11.59 6.25 22.80
C ASP B 78 11.63 7.31 23.91
N GLU B 79 10.86 8.37 23.73
CA GLU B 79 10.81 9.45 24.71
C GLU B 79 10.29 8.94 26.05
N GLY B 80 9.49 7.88 26.00
CA GLY B 80 8.94 7.32 27.23
C GLY B 80 7.55 7.86 27.54
N LYS B 81 6.69 7.89 26.52
CA LYS B 81 5.33 8.38 26.69
C LYS B 81 4.32 7.39 26.11
N LEU B 82 4.67 6.11 26.13
CA LEU B 82 3.79 5.07 25.61
C LEU B 82 2.85 4.56 26.70
N ASP B 83 3.37 4.46 27.92
CA ASP B 83 2.57 4.00 29.05
C ASP B 83 1.29 4.83 29.19
N SER B 84 1.47 6.14 29.35
CA SER B 84 0.33 7.05 29.50
C SER B 84 -0.47 7.14 28.21
N LEU B 85 0.17 6.78 27.10
CA LEU B 85 -0.49 6.82 25.80
C LEU B 85 -1.50 5.69 25.66
N LEU B 86 -1.06 4.47 25.99
CA LEU B 86 -1.93 3.30 25.90
C LEU B 86 -2.94 3.28 27.05
N LYS B 87 -2.66 4.07 28.07
CA LYS B 87 -3.55 4.15 29.23
C LYS B 87 -4.57 5.27 29.06
N THR B 88 -4.13 6.40 28.51
CA THR B 88 -5.00 7.54 28.30
C THR B 88 -4.90 8.04 26.87
N GLY B 89 -3.68 8.19 26.37
CA GLY B 89 -3.48 8.66 25.01
C GLY B 89 -3.23 10.15 24.95
N LYS B 90 -1.98 10.53 24.65
CA LYS B 90 -1.62 11.94 24.55
C LYS B 90 -0.63 12.16 23.41
N LEU B 91 -0.68 13.36 22.81
CA LEU B 91 0.21 13.70 21.72
C LEU B 91 1.49 14.35 22.24
N ILE B 92 1.41 14.94 23.41
CA ILE B 92 2.51 15.74 23.97
C ILE B 92 3.51 14.74 24.55
N GLY A 1 -8.66 -16.73 -29.38
CA GLY A 1 -7.75 -17.44 -30.25
C GLY A 1 -6.30 -17.08 -29.97
N PRO A 2 -5.37 -17.82 -30.61
CA PRO A 2 -3.94 -17.60 -30.44
C PRO A 2 -3.47 -16.30 -31.08
N GLY A 3 -2.79 -15.46 -30.29
CA GLY A 3 -2.30 -14.20 -30.79
C GLY A 3 -0.79 -14.15 -30.87
N SER A 4 -0.27 -13.29 -31.75
CA SER A 4 1.17 -13.16 -31.93
C SER A 4 1.64 -11.78 -31.48
N MET A 5 1.68 -11.56 -30.17
CA MET A 5 2.12 -10.29 -29.61
C MET A 5 2.24 -10.37 -28.09
N VAL A 6 3.15 -9.60 -27.52
CA VAL A 6 3.37 -9.58 -26.09
C VAL A 6 2.13 -9.07 -25.36
N ASP A 7 2.24 -8.93 -24.04
CA ASP A 7 1.13 -8.44 -23.22
C ASP A 7 1.64 -7.78 -21.95
N VAL A 8 0.87 -6.84 -21.44
CA VAL A 8 1.24 -6.12 -20.22
C VAL A 8 0.71 -6.83 -18.97
N ILE A 9 1.56 -6.93 -17.96
CA ILE A 9 1.17 -7.58 -16.71
C ILE A 9 1.58 -6.75 -15.50
N ILE A 10 0.69 -6.64 -14.53
CA ILE A 10 0.95 -5.87 -13.33
C ILE A 10 0.77 -6.73 -12.08
N TYR A 11 1.70 -6.61 -11.14
CA TYR A 11 1.65 -7.38 -9.90
C TYR A 11 0.94 -6.59 -8.80
N THR A 12 -0.32 -6.91 -8.56
CA THR A 12 -1.11 -6.23 -7.55
C THR A 12 -2.47 -6.88 -7.38
N ARG A 13 -3.01 -6.83 -6.16
CA ARG A 13 -4.31 -7.41 -5.88
C ARG A 13 -5.36 -6.89 -6.84
N PRO A 14 -6.48 -7.63 -6.97
CA PRO A 14 -7.58 -7.27 -7.86
C PRO A 14 -8.33 -6.04 -7.37
N GLY A 15 -7.77 -4.86 -7.63
CA GLY A 15 -8.41 -3.63 -7.22
C GLY A 15 -8.51 -3.50 -5.71
N CYS A 16 -7.68 -2.79 -5.01
CA CYS A 16 -7.56 -3.07 -3.58
C CYS A 16 -6.49 -2.04 -3.02
N PRO A 17 -5.24 -1.97 -3.55
CA PRO A 17 -4.07 -1.17 -3.21
C PRO A 17 -3.96 0.09 -4.06
N TYR A 18 -2.85 0.81 -3.94
CA TYR A 18 -2.62 2.05 -4.68
C TYR A 18 -2.16 1.78 -6.12
N CYS A 19 -2.93 0.99 -6.87
CA CYS A 19 -2.58 0.62 -8.23
C CYS A 19 -3.60 1.18 -9.23
N ALA A 20 -4.20 2.31 -8.87
CA ALA A 20 -5.19 2.94 -9.73
C ALA A 20 -4.53 3.83 -10.78
N ARG A 21 -3.34 4.32 -10.46
CA ARG A 21 -2.60 5.18 -11.39
C ARG A 21 -2.26 4.44 -12.67
N ALA A 22 -1.53 3.34 -12.54
CA ALA A 22 -1.15 2.53 -13.70
C ALA A 22 -2.36 2.13 -14.52
N LYS A 23 -3.39 1.63 -13.84
CA LYS A 23 -4.62 1.21 -14.52
C LYS A 23 -5.26 2.38 -15.25
N ALA A 24 -5.33 3.53 -14.59
CA ALA A 24 -5.92 4.72 -15.19
C ALA A 24 -5.32 5.01 -16.55
N LEU A 25 -3.99 5.18 -16.59
CA LEU A 25 -3.28 5.46 -17.82
C LEU A 25 -3.55 4.38 -18.87
N LEU A 26 -3.49 3.12 -18.44
CA LEU A 26 -3.73 1.99 -19.32
C LEU A 26 -5.09 2.11 -20.00
N ALA A 27 -6.02 2.76 -19.32
CA ALA A 27 -7.37 2.95 -19.85
C ALA A 27 -7.41 4.11 -20.85
N ARG A 28 -6.45 5.02 -20.72
CA ARG A 28 -6.38 6.18 -21.61
C ARG A 28 -5.87 5.78 -22.99
N LYS A 29 -5.12 4.68 -23.04
CA LYS A 29 -4.57 4.19 -24.29
C LYS A 29 -5.20 2.85 -24.68
N GLY A 30 -6.27 2.48 -23.98
CA GLY A 30 -6.94 1.23 -24.26
C GLY A 30 -5.99 0.05 -24.28
N ALA A 31 -5.04 0.04 -23.35
CA ALA A 31 -4.07 -1.04 -23.26
C ALA A 31 -4.62 -2.22 -22.46
N GLU A 32 -4.09 -3.41 -22.73
CA GLU A 32 -4.54 -4.61 -22.03
C GLU A 32 -3.57 -4.98 -20.90
N PHE A 33 -4.10 -5.05 -19.68
CA PHE A 33 -3.28 -5.39 -18.53
C PHE A 33 -3.87 -6.58 -17.78
N ASN A 34 -3.02 -7.31 -17.08
CA ASN A 34 -3.45 -8.48 -16.31
C ASN A 34 -2.99 -8.39 -14.86
N GLU A 35 -3.95 -8.37 -13.94
CA GLU A 35 -3.64 -8.28 -12.52
C GLU A 35 -3.32 -9.66 -11.95
N ILE A 36 -2.55 -9.68 -10.86
CA ILE A 36 -2.17 -10.93 -10.22
C ILE A 36 -2.26 -10.82 -8.70
N ASP A 37 -2.68 -11.89 -8.06
CA ASP A 37 -2.80 -11.92 -6.60
C ASP A 37 -1.59 -12.59 -5.97
N ALA A 38 -0.58 -11.79 -5.65
CA ALA A 38 0.65 -12.32 -5.04
C ALA A 38 0.34 -12.95 -3.69
N SER A 39 1.37 -13.50 -3.06
CA SER A 39 1.22 -14.15 -1.76
C SER A 39 0.30 -15.37 -1.87
N ALA A 40 0.11 -15.84 -3.09
CA ALA A 40 -0.75 -17.00 -3.34
C ALA A 40 0.07 -18.21 -3.74
N THR A 41 1.37 -17.99 -4.00
CA THR A 41 2.26 -19.06 -4.39
C THR A 41 3.72 -18.63 -4.29
N PRO A 42 4.61 -19.61 -4.10
CA PRO A 42 6.05 -19.36 -3.97
C PRO A 42 6.67 -18.91 -5.28
N GLU A 43 5.90 -18.96 -6.36
CA GLU A 43 6.38 -18.55 -7.68
C GLU A 43 6.34 -17.04 -7.82
N LEU A 44 5.20 -16.44 -7.48
CA LEU A 44 5.02 -15.00 -7.58
C LEU A 44 6.02 -14.27 -6.69
N ARG A 45 6.00 -14.59 -5.40
CA ARG A 45 6.90 -13.96 -4.44
C ARG A 45 8.36 -14.19 -4.84
N ALA A 46 8.60 -15.26 -5.58
CA ALA A 46 9.95 -15.59 -6.03
C ALA A 46 10.44 -14.59 -7.08
N GLU A 47 9.54 -14.22 -8.00
CA GLU A 47 9.88 -13.27 -9.05
C GLU A 47 10.04 -11.86 -8.48
N MET A 48 9.22 -11.53 -7.49
CA MET A 48 9.26 -10.22 -6.87
C MET A 48 10.41 -10.13 -5.87
N GLN A 49 10.79 -11.28 -5.31
CA GLN A 49 11.87 -11.32 -4.34
C GLN A 49 13.19 -10.93 -4.97
N GLU A 50 13.30 -11.15 -6.28
CA GLU A 50 14.53 -10.82 -7.02
C GLU A 50 14.94 -9.37 -6.75
N ARG A 51 13.96 -8.48 -6.76
CA ARG A 51 14.23 -7.06 -6.53
C ARG A 51 13.74 -6.64 -5.15
N SER A 52 12.43 -6.79 -4.91
CA SER A 52 11.84 -6.42 -3.64
C SER A 52 12.08 -4.95 -3.32
N GLY A 53 11.77 -4.08 -4.29
CA GLY A 53 11.97 -2.66 -4.10
C GLY A 53 10.95 -2.04 -3.17
N ARG A 54 10.69 -0.75 -3.34
CA ARG A 54 9.72 -0.04 -2.51
C ARG A 54 8.35 -0.71 -2.61
N ASN A 55 7.36 -0.24 -1.86
CA ASN A 55 6.01 -0.79 -1.96
C ASN A 55 4.99 0.33 -2.15
N THR A 56 5.45 1.42 -2.74
CA THR A 56 4.57 2.54 -3.04
C THR A 56 3.68 2.24 -4.25
N PHE A 57 4.28 1.71 -5.30
CA PHE A 57 3.54 1.37 -6.51
C PHE A 57 3.78 -0.09 -6.91
N PRO A 58 2.84 -0.64 -7.69
CA PRO A 58 2.92 -2.03 -8.15
C PRO A 58 4.03 -2.23 -9.18
N GLN A 59 4.24 -3.48 -9.57
CA GLN A 59 5.28 -3.82 -10.54
C GLN A 59 4.68 -3.99 -11.93
N ILE A 60 5.25 -3.29 -12.91
CA ILE A 60 4.76 -3.36 -14.28
C ILE A 60 5.67 -4.26 -15.13
N PHE A 61 5.06 -4.99 -16.07
CA PHE A 61 5.80 -5.88 -16.94
C PHE A 61 5.32 -5.76 -18.38
N ILE A 62 6.23 -5.47 -19.29
CA ILE A 62 5.90 -5.33 -20.70
C ILE A 62 6.84 -6.15 -21.58
N GLY A 63 6.36 -7.33 -21.98
CA GLY A 63 7.17 -8.20 -22.82
C GLY A 63 8.34 -8.80 -22.08
N SER A 64 8.05 -9.42 -20.93
CA SER A 64 9.09 -10.04 -20.12
C SER A 64 10.13 -9.01 -19.69
N VAL A 65 9.74 -7.74 -19.72
CA VAL A 65 10.64 -6.66 -19.34
C VAL A 65 10.36 -6.19 -17.90
N HIS A 66 11.42 -5.84 -17.20
CA HIS A 66 11.30 -5.38 -15.81
C HIS A 66 11.07 -3.87 -15.76
N VAL A 67 9.95 -3.46 -15.19
CA VAL A 67 9.62 -2.05 -15.07
C VAL A 67 9.38 -1.66 -13.62
N GLY A 68 10.05 -0.60 -13.17
CA GLY A 68 9.89 -0.13 -11.81
C GLY A 68 8.44 0.02 -11.41
N GLY A 69 7.64 0.60 -12.30
CA GLY A 69 6.23 0.79 -12.03
C GLY A 69 5.66 2.00 -12.74
N SER A 70 4.55 2.52 -12.22
CA SER A 70 3.90 3.68 -12.82
C SER A 70 4.89 4.82 -13.02
N ASP A 71 5.84 4.93 -12.10
CA ASP A 71 6.86 5.98 -12.17
C ASP A 71 7.53 5.98 -13.54
N ASP A 72 7.93 4.80 -14.01
CA ASP A 72 8.58 4.66 -15.29
C ASP A 72 7.56 4.59 -16.43
N LEU A 73 6.51 3.79 -16.22
CA LEU A 73 5.46 3.64 -17.22
C LEU A 73 4.94 5.00 -17.68
N TYR A 74 4.74 5.90 -16.72
CA TYR A 74 4.25 7.23 -17.01
C TYR A 74 5.26 8.03 -17.82
N ALA A 75 6.53 7.92 -17.44
CA ALA A 75 7.60 8.63 -18.13
C ALA A 75 7.62 8.29 -19.62
N LEU A 76 7.58 6.99 -19.91
CA LEU A 76 7.59 6.53 -21.31
C LEU A 76 6.44 7.15 -22.09
N GLU A 77 5.25 7.14 -21.51
CA GLU A 77 4.08 7.70 -22.16
C GLU A 77 4.24 9.20 -22.38
N ASP A 78 4.88 9.87 -21.42
CA ASP A 78 5.10 11.31 -21.50
C ASP A 78 5.95 11.66 -22.73
N GLU A 79 7.10 11.00 -22.85
CA GLU A 79 8.00 11.25 -23.97
C GLU A 79 7.38 10.74 -25.27
N GLY A 80 6.56 9.70 -25.17
CA GLY A 80 5.92 9.15 -26.35
C GLY A 80 6.55 7.84 -26.80
N LYS A 81 6.69 6.91 -25.86
CA LYS A 81 7.28 5.61 -26.16
C LYS A 81 6.40 4.47 -25.65
N LEU A 82 5.10 4.76 -25.51
CA LEU A 82 4.15 3.76 -25.03
C LEU A 82 3.68 2.87 -26.17
N ASP A 83 3.60 3.45 -27.38
CA ASP A 83 3.16 2.71 -28.55
C ASP A 83 3.96 1.42 -28.71
N SER A 84 5.28 1.54 -28.64
CA SER A 84 6.16 0.39 -28.79
C SER A 84 6.15 -0.47 -27.52
N LEU A 85 5.84 0.16 -26.40
CA LEU A 85 5.79 -0.55 -25.12
C LEU A 85 4.66 -1.58 -25.11
N LEU A 86 3.49 -1.16 -25.59
CA LEU A 86 2.34 -2.06 -25.64
C LEU A 86 2.42 -2.99 -26.84
N LYS A 87 3.37 -2.72 -27.73
CA LYS A 87 3.56 -3.54 -28.92
C LYS A 87 4.58 -4.65 -28.66
N THR A 88 5.58 -4.35 -27.84
CA THR A 88 6.61 -5.32 -27.51
C THR A 88 7.11 -5.13 -26.07
N GLY A 89 7.29 -3.87 -25.68
CA GLY A 89 7.75 -3.58 -24.33
C GLY A 89 9.26 -3.34 -24.28
N LYS A 90 9.65 -2.09 -24.10
CA LYS A 90 11.06 -1.73 -24.04
C LYS A 90 11.34 -0.89 -22.80
N LEU A 91 12.38 -1.25 -22.06
CA LEU A 91 12.76 -0.52 -20.86
C LEU A 91 13.56 0.74 -21.22
N ILE A 92 14.37 0.75 -22.27
CA ILE A 92 15.26 1.87 -22.60
C ILE A 92 15.62 1.83 -24.07
N GLY B 1 -17.93 -6.81 28.48
CA GLY B 1 -18.65 -5.82 29.25
C GLY B 1 -18.19 -4.41 28.98
N PRO B 2 -18.93 -3.42 29.52
CA PRO B 2 -18.61 -2.00 29.33
C PRO B 2 -17.34 -1.59 30.06
N GLY B 3 -16.41 -0.98 29.34
CA GLY B 3 -15.16 -0.56 29.94
C GLY B 3 -15.03 0.96 29.99
N SER B 4 -14.24 1.45 30.92
CA SER B 4 -14.03 2.90 31.07
C SER B 4 -12.59 3.27 30.73
N MET B 5 -12.26 3.26 29.44
CA MET B 5 -10.93 3.61 28.98
C MET B 5 -10.87 3.67 27.46
N VAL B 6 -9.99 4.54 26.95
CA VAL B 6 -9.84 4.71 25.51
C VAL B 6 -9.35 3.41 24.86
N ASP B 7 -9.08 3.48 23.55
CA ASP B 7 -8.60 2.33 22.81
C ASP B 7 -7.79 2.75 21.59
N VAL B 8 -6.85 1.91 21.19
CA VAL B 8 -6.01 2.21 20.03
C VAL B 8 -6.64 1.68 18.75
N ILE B 9 -6.60 2.49 17.69
CA ILE B 9 -7.17 2.11 16.41
C ILE B 9 -6.20 2.43 15.27
N ILE B 10 -6.07 1.50 14.33
CA ILE B 10 -5.18 1.68 13.19
C ILE B 10 -5.94 1.51 11.88
N TYR B 11 -5.69 2.41 10.93
CA TYR B 11 -6.34 2.36 9.63
C TYR B 11 -5.50 1.58 8.63
N THR B 12 -5.87 0.33 8.40
CA THR B 12 -5.16 -0.52 7.46
C THR B 12 -5.87 -1.86 7.28
N ARG B 13 -5.74 -2.44 6.08
CA ARG B 13 -6.37 -3.71 5.78
C ARG B 13 -6.00 -4.76 6.82
N PRO B 14 -6.80 -5.83 6.90
CA PRO B 14 -6.58 -6.92 7.86
C PRO B 14 -5.37 -7.76 7.50
N GLY B 15 -4.19 -7.26 7.85
CA GLY B 15 -2.95 -7.97 7.56
C GLY B 15 -2.71 -8.13 6.07
N CYS B 16 -1.69 -7.44 5.56
CA CYS B 16 -1.11 -7.50 4.19
C CYS B 16 -0.30 -6.26 3.75
N PRO B 17 -0.81 -5.02 3.97
CA PRO B 17 0.09 -3.89 3.67
C PRO B 17 1.28 -3.84 4.63
N TYR B 18 2.04 -2.76 4.62
CA TYR B 18 3.24 -2.67 5.42
C TYR B 18 2.87 -2.07 6.77
N CYS B 19 1.98 -2.77 7.48
CA CYS B 19 1.52 -2.35 8.79
C CYS B 19 1.93 -3.36 9.86
N ALA B 20 3.04 -4.04 9.62
CA ALA B 20 3.54 -5.04 10.56
C ALA B 20 4.36 -4.39 11.67
N ARG B 21 4.95 -3.24 11.37
CA ARG B 21 5.77 -2.52 12.33
C ARG B 21 4.94 -2.10 13.54
N ALA B 22 3.89 -1.32 13.29
CA ALA B 22 3.02 -0.85 14.36
C ALA B 22 2.48 -2.02 15.18
N LYS B 23 1.99 -3.04 14.50
CA LYS B 23 1.44 -4.22 15.15
C LYS B 23 2.50 -4.91 16.00
N ALA B 24 3.70 -5.05 15.45
CA ALA B 24 4.80 -5.69 16.16
C ALA B 24 5.00 -5.06 17.53
N LEU B 25 5.24 -3.74 17.55
CA LEU B 25 5.46 -3.02 18.79
C LEU B 25 4.27 -3.19 19.73
N LEU B 26 3.06 -3.07 19.19
CA LEU B 26 1.85 -3.23 19.99
C LEU B 26 1.82 -4.57 20.70
N ALA B 27 2.48 -5.56 20.11
CA ALA B 27 2.55 -6.89 20.70
C ALA B 27 3.61 -6.97 21.79
N ARG B 28 4.58 -6.06 21.72
CA ARG B 28 5.66 -6.03 22.70
C ARG B 28 5.17 -5.46 24.02
N LYS B 29 4.13 -4.64 23.97
CA LYS B 29 3.56 -4.03 25.15
C LYS B 29 2.16 -4.57 25.43
N GLY B 30 1.79 -5.64 24.73
CA GLY B 30 0.48 -6.24 24.91
C GLY B 30 -0.64 -5.22 24.81
N ALA B 31 -0.52 -4.30 23.85
CA ALA B 31 -1.52 -3.27 23.65
C ALA B 31 -2.66 -3.79 22.76
N GLU B 32 -3.83 -3.19 22.90
CA GLU B 32 -4.99 -3.59 22.12
C GLU B 32 -5.21 -2.63 20.94
N PHE B 33 -5.20 -3.19 19.73
CA PHE B 33 -5.40 -2.40 18.53
C PHE B 33 -6.55 -2.95 17.69
N ASN B 34 -7.18 -2.07 16.91
CA ASN B 34 -8.29 -2.47 16.06
C ASN B 34 -8.04 -2.06 14.61
N GLU B 35 -8.00 -3.05 13.72
CA GLU B 35 -7.78 -2.79 12.30
C GLU B 35 -9.08 -2.41 11.60
N ILE B 36 -8.95 -1.67 10.50
CA ILE B 36 -10.12 -1.25 9.74
C ILE B 36 -9.88 -1.39 8.24
N ASP B 37 -10.92 -1.76 7.52
CA ASP B 37 -10.82 -1.94 6.07
C ASP B 37 -11.37 -0.72 5.34
N ALA B 38 -10.50 0.25 5.08
CA ALA B 38 -10.89 1.47 4.39
C ALA B 38 -11.43 1.17 2.99
N SER B 39 -11.86 2.20 2.28
CA SER B 39 -12.40 2.04 0.94
C SER B 39 -13.67 1.20 0.96
N ALA B 40 -14.26 1.06 2.15
CA ALA B 40 -15.48 0.28 2.30
C ALA B 40 -16.68 1.19 2.58
N THR B 41 -16.40 2.47 2.83
CA THR B 41 -17.45 3.44 3.11
C THR B 41 -16.93 4.86 3.00
N PRO B 42 -17.84 5.80 2.69
CA PRO B 42 -17.49 7.23 2.55
C PRO B 42 -17.12 7.87 3.89
N GLU B 43 -17.32 7.12 4.97
CA GLU B 43 -17.00 7.62 6.31
C GLU B 43 -15.51 7.50 6.59
N LEU B 44 -14.95 6.32 6.32
CA LEU B 44 -13.54 6.07 6.55
C LEU B 44 -12.67 7.01 5.70
N ARG B 45 -12.88 6.95 4.39
CA ARG B 45 -12.12 7.79 3.48
C ARG B 45 -12.29 9.26 3.81
N ALA B 46 -13.41 9.59 4.45
CA ALA B 46 -13.70 10.97 4.83
C ALA B 46 -12.76 11.43 5.95
N GLU B 47 -12.53 10.55 6.92
CA GLU B 47 -11.66 10.87 8.05
C GLU B 47 -10.20 10.93 7.60
N MET B 48 -9.83 10.07 6.66
CA MET B 48 -8.47 10.02 6.16
C MET B 48 -8.23 11.13 5.14
N GLN B 49 -9.29 11.55 4.47
CA GLN B 49 -9.20 12.60 3.46
C GLN B 49 -8.79 13.92 4.10
N GLU B 50 -9.12 14.08 5.38
CA GLU B 50 -8.78 15.30 6.12
C GLU B 50 -7.30 15.63 5.97
N ARG B 51 -6.46 14.61 6.08
CA ARG B 51 -5.01 14.79 5.97
C ARG B 51 -4.51 14.23 4.64
N SER B 52 -4.71 12.93 4.43
CA SER B 52 -4.26 12.27 3.21
C SER B 52 -2.76 12.44 3.02
N GLY B 53 -2.01 12.11 4.06
CA GLY B 53 -0.55 12.22 3.99
C GLY B 53 0.08 11.13 3.15
N ARG B 54 1.33 10.82 3.44
CA ARG B 54 2.05 9.78 2.71
C ARG B 54 1.32 8.45 2.78
N ASN B 55 1.78 7.43 2.08
CA ASN B 55 1.15 6.10 2.16
C ASN B 55 2.18 5.03 2.50
N THR B 56 3.25 5.44 3.18
CA THR B 56 4.28 4.52 3.60
C THR B 56 3.84 3.68 4.80
N PHE B 57 3.24 4.34 5.78
CA PHE B 57 2.76 3.66 6.98
C PHE B 57 1.29 3.99 7.24
N PRO B 58 0.61 3.10 7.98
CA PRO B 58 -0.80 3.28 8.33
C PRO B 58 -1.03 4.43 9.30
N GLN B 59 -2.30 4.73 9.57
CA GLN B 59 -2.65 5.81 10.48
C GLN B 59 -2.97 5.26 11.88
N ILE B 60 -2.33 5.82 12.89
CA ILE B 60 -2.56 5.39 14.27
C ILE B 60 -3.47 6.36 15.01
N PHE B 61 -4.30 5.82 15.90
CA PHE B 61 -5.23 6.64 16.67
C PHE B 61 -5.26 6.19 18.12
N ILE B 62 -4.99 7.13 19.03
CA ILE B 62 -4.99 6.83 20.45
C ILE B 62 -5.85 7.84 21.22
N GLY B 63 -7.08 7.44 21.55
CA GLY B 63 -7.98 8.31 22.28
C GLY B 63 -8.44 9.49 21.44
N SER B 64 -8.98 9.20 20.27
CA SER B 64 -9.46 10.25 19.37
C SER B 64 -8.33 11.22 19.01
N VAL B 65 -7.10 10.76 19.16
CA VAL B 65 -5.93 11.58 18.85
C VAL B 65 -5.36 11.24 17.48
N HIS B 66 -4.88 12.26 16.77
CA HIS B 66 -4.31 12.07 15.44
C HIS B 66 -2.82 11.76 15.53
N VAL B 67 -2.43 10.59 15.02
CA VAL B 67 -1.03 10.18 15.04
C VAL B 67 -0.53 9.87 13.63
N GLY B 68 0.60 10.47 13.26
CA GLY B 68 1.17 10.25 11.95
C GLY B 68 1.27 8.77 11.61
N GLY B 69 1.71 7.98 12.57
CA GLY B 69 1.86 6.55 12.35
C GLY B 69 2.97 5.93 13.18
N SER B 70 3.47 4.78 12.74
CA SER B 70 4.53 4.09 13.46
C SER B 70 5.70 5.03 13.73
N ASP B 71 5.95 5.94 12.80
CA ASP B 71 7.04 6.90 12.94
C ASP B 71 6.95 7.62 14.28
N ASP B 72 5.77 8.09 14.63
CA ASP B 72 5.56 8.80 15.88
C ASP B 72 5.34 7.81 17.03
N LEU B 73 4.50 6.81 16.79
CA LEU B 73 4.20 5.80 17.80
C LEU B 73 5.47 5.21 18.38
N TYR B 74 6.45 4.94 17.51
CA TYR B 74 7.72 4.38 17.93
C TYR B 74 8.51 5.38 18.78
N ALA B 75 8.50 6.63 18.36
CA ALA B 75 9.20 7.69 19.08
C ALA B 75 8.73 7.77 20.53
N LEU B 76 7.42 7.81 20.72
CA LEU B 76 6.85 7.89 22.06
C LEU B 76 7.33 6.74 22.93
N GLU B 77 7.30 5.53 22.37
CA GLU B 77 7.73 4.35 23.10
C GLU B 77 9.22 4.43 23.45
N ASP B 78 10.00 5.00 22.53
CA ASP B 78 11.43 5.15 22.74
C ASP B 78 11.72 6.01 23.97
N GLU B 79 11.13 7.20 24.00
CA GLU B 79 11.32 8.12 25.12
C GLU B 79 10.68 7.57 26.39
N GLY B 80 9.60 6.80 26.22
CA GLY B 80 8.91 6.23 27.36
C GLY B 80 7.62 6.95 27.66
N LYS B 81 6.77 7.11 26.65
CA LYS B 81 5.48 7.78 26.82
C LYS B 81 4.35 6.94 26.24
N LEU B 82 4.57 5.64 26.15
CA LEU B 82 3.56 4.73 25.62
C LEU B 82 2.56 4.34 26.69
N ASP B 83 3.02 4.26 27.93
CA ASP B 83 2.16 3.90 29.05
C ASP B 83 0.91 4.78 29.09
N SER B 84 1.11 6.10 28.98
CA SER B 84 0.00 7.04 29.00
C SER B 84 -0.75 7.03 27.68
N LEU B 85 -0.04 6.65 26.61
CA LEU B 85 -0.63 6.59 25.28
C LEU B 85 -1.72 5.53 25.21
N LEU B 86 -1.42 4.35 25.75
CA LEU B 86 -2.37 3.25 25.76
C LEU B 86 -3.41 3.42 26.87
N LYS B 87 -3.16 4.39 27.75
CA LYS B 87 -4.07 4.66 28.86
C LYS B 87 -5.09 5.72 28.48
N THR B 88 -4.66 6.67 27.65
CA THR B 88 -5.54 7.75 27.21
C THR B 88 -5.20 8.19 25.80
N GLY B 89 -3.90 8.29 25.50
CA GLY B 89 -3.47 8.70 24.18
C GLY B 89 -3.15 10.18 24.10
N LYS B 90 -1.85 10.50 24.04
CA LYS B 90 -1.42 11.88 23.95
C LYS B 90 -0.45 12.08 22.80
N LEU B 91 -0.69 13.12 22.00
CA LEU B 91 0.17 13.42 20.85
C LEU B 91 1.43 14.15 21.29
N ILE B 92 1.43 14.90 22.40
CA ILE B 92 2.68 15.37 23.04
C ILE B 92 2.49 15.70 24.52
N GLY A 1 -6.69 -11.68 -40.68
CA GLY A 1 -5.57 -12.54 -40.37
C GLY A 1 -4.99 -12.24 -39.00
N PRO A 2 -3.89 -12.94 -38.66
CA PRO A 2 -3.20 -12.77 -37.37
C PRO A 2 -2.50 -11.42 -37.27
N GLY A 3 -2.17 -11.03 -36.04
CA GLY A 3 -1.49 -9.76 -35.83
C GLY A 3 -0.28 -9.90 -34.94
N SER A 4 0.59 -8.89 -34.97
CA SER A 4 1.82 -8.91 -34.16
C SER A 4 1.70 -7.93 -32.99
N MET A 5 1.63 -8.48 -31.78
CA MET A 5 1.53 -7.65 -30.58
C MET A 5 1.89 -8.45 -29.35
N VAL A 6 2.03 -7.76 -28.22
CA VAL A 6 2.38 -8.40 -26.95
C VAL A 6 1.29 -8.22 -25.92
N ASP A 7 1.55 -8.67 -24.69
CA ASP A 7 0.59 -8.56 -23.61
C ASP A 7 1.23 -7.93 -22.38
N VAL A 8 0.50 -7.01 -21.74
CA VAL A 8 1.00 -6.33 -20.55
C VAL A 8 0.51 -7.02 -19.28
N ILE A 9 1.34 -6.98 -18.23
CA ILE A 9 0.98 -7.60 -16.96
C ILE A 9 1.42 -6.73 -15.79
N ILE A 10 0.67 -6.81 -14.69
CA ILE A 10 0.98 -6.04 -13.50
C ILE A 10 0.83 -6.88 -12.24
N TYR A 11 1.78 -6.77 -11.33
CA TYR A 11 1.76 -7.52 -10.08
C TYR A 11 1.11 -6.70 -8.97
N THR A 12 -0.11 -7.10 -8.59
CA THR A 12 -0.84 -6.40 -7.54
C THR A 12 -2.15 -7.11 -7.23
N ARG A 13 -2.77 -6.73 -6.11
CA ARG A 13 -4.03 -7.33 -5.69
C ARG A 13 -5.17 -6.91 -6.62
N PRO A 14 -6.25 -7.69 -6.62
CA PRO A 14 -7.43 -7.41 -7.45
C PRO A 14 -8.20 -6.18 -6.97
N GLY A 15 -7.69 -5.01 -7.33
CA GLY A 15 -8.35 -3.77 -6.93
C GLY A 15 -8.35 -3.58 -5.43
N CYS A 16 -7.55 -2.61 -4.97
CA CYS A 16 -7.45 -2.06 -3.58
C CYS A 16 -6.12 -1.38 -3.19
N PRO A 17 -4.94 -1.96 -3.56
CA PRO A 17 -3.74 -1.15 -3.35
C PRO A 17 -3.69 0.07 -4.26
N TYR A 18 -2.60 0.83 -4.24
CA TYR A 18 -2.44 2.04 -5.07
C TYR A 18 -1.94 1.66 -6.47
N CYS A 19 -2.66 0.80 -7.15
CA CYS A 19 -2.30 0.37 -8.50
C CYS A 19 -3.20 1.01 -9.54
N ALA A 20 -4.23 1.71 -9.08
CA ALA A 20 -5.17 2.37 -9.97
C ALA A 20 -4.44 3.24 -10.99
N ARG A 21 -3.29 3.77 -10.59
CA ARG A 21 -2.49 4.62 -11.46
C ARG A 21 -2.24 3.94 -12.80
N ALA A 22 -1.57 2.80 -12.76
CA ALA A 22 -1.25 2.05 -13.97
C ALA A 22 -2.53 1.70 -14.74
N LYS A 23 -3.61 1.47 -14.00
CA LYS A 23 -4.89 1.14 -14.62
C LYS A 23 -5.41 2.30 -15.47
N ALA A 24 -5.36 3.50 -14.90
CA ALA A 24 -5.83 4.69 -15.61
C ALA A 24 -5.19 4.79 -16.99
N LEU A 25 -3.87 4.85 -17.02
CA LEU A 25 -3.14 4.94 -18.28
C LEU A 25 -3.59 3.86 -19.26
N LEU A 26 -3.53 2.61 -18.81
CA LEU A 26 -3.93 1.48 -19.65
C LEU A 26 -5.35 1.66 -20.16
N ALA A 27 -6.23 2.21 -19.32
CA ALA A 27 -7.61 2.44 -19.70
C ALA A 27 -7.71 3.49 -20.80
N ARG A 28 -6.96 4.58 -20.64
CA ARG A 28 -6.98 5.66 -21.62
C ARG A 28 -6.54 5.15 -22.99
N LYS A 29 -5.45 4.38 -23.02
CA LYS A 29 -4.93 3.83 -24.26
C LYS A 29 -5.70 2.56 -24.66
N GLY A 30 -6.67 2.19 -23.85
CA GLY A 30 -7.46 1.01 -24.13
C GLY A 30 -6.62 -0.26 -24.15
N ALA A 31 -5.42 -0.17 -23.60
CA ALA A 31 -4.52 -1.32 -23.55
C ALA A 31 -5.08 -2.42 -22.66
N GLU A 32 -4.46 -3.60 -22.72
CA GLU A 32 -4.90 -4.73 -21.92
C GLU A 32 -3.91 -5.03 -20.80
N PHE A 33 -4.43 -5.37 -19.63
CA PHE A 33 -3.59 -5.67 -18.48
C PHE A 33 -4.19 -6.79 -17.64
N ASN A 34 -3.35 -7.46 -16.86
CA ASN A 34 -3.79 -8.56 -16.01
C ASN A 34 -3.19 -8.45 -14.61
N GLU A 35 -4.04 -8.54 -13.60
CA GLU A 35 -3.58 -8.45 -12.22
C GLU A 35 -3.16 -9.82 -11.70
N ILE A 36 -2.26 -9.84 -10.72
CA ILE A 36 -1.77 -11.07 -10.13
C ILE A 36 -1.86 -11.04 -8.62
N ASP A 37 -2.71 -11.88 -8.06
CA ASP A 37 -2.89 -11.95 -6.62
C ASP A 37 -1.62 -12.47 -5.93
N ALA A 38 -0.89 -11.56 -5.29
CA ALA A 38 0.34 -11.93 -4.60
C ALA A 38 0.05 -12.41 -3.18
N SER A 39 1.10 -12.81 -2.48
CA SER A 39 0.97 -13.29 -1.10
C SER A 39 0.11 -14.55 -1.05
N ALA A 40 0.14 -15.32 -2.14
CA ALA A 40 -0.63 -16.56 -2.23
C ALA A 40 0.27 -17.74 -2.56
N THR A 41 1.24 -17.52 -3.44
CA THR A 41 2.16 -18.56 -3.84
C THR A 41 3.61 -18.11 -3.70
N PRO A 42 4.50 -19.06 -3.37
CA PRO A 42 5.93 -18.78 -3.18
C PRO A 42 6.63 -18.44 -4.50
N GLU A 43 5.96 -18.75 -5.61
CA GLU A 43 6.51 -18.47 -6.94
C GLU A 43 6.34 -17.00 -7.30
N LEU A 44 5.32 -16.37 -6.74
CA LEU A 44 5.05 -14.96 -7.01
C LEU A 44 5.93 -14.06 -6.15
N ARG A 45 5.80 -14.21 -4.83
CA ARG A 45 6.57 -13.41 -3.89
C ARG A 45 8.06 -13.52 -4.20
N ALA A 46 8.47 -14.66 -4.73
CA ALA A 46 9.87 -14.89 -5.06
C ALA A 46 10.33 -13.95 -6.17
N GLU A 47 9.46 -13.73 -7.16
CA GLU A 47 9.78 -12.86 -8.27
C GLU A 47 10.03 -11.43 -7.79
N MET A 48 9.09 -10.90 -7.00
CA MET A 48 9.21 -9.56 -6.47
C MET A 48 10.34 -9.46 -5.44
N GLN A 49 10.64 -10.59 -4.81
CA GLN A 49 11.70 -10.64 -3.81
C GLN A 49 13.08 -10.45 -4.46
N GLU A 50 13.17 -10.81 -5.73
CA GLU A 50 14.43 -10.67 -6.46
C GLU A 50 14.99 -9.26 -6.33
N ARG A 51 14.20 -8.27 -6.74
CA ARG A 51 14.62 -6.88 -6.67
C ARG A 51 14.17 -6.24 -5.35
N SER A 52 13.07 -6.75 -4.80
CA SER A 52 12.53 -6.22 -3.56
C SER A 52 12.36 -4.71 -3.63
N GLY A 53 11.95 -4.22 -4.79
CA GLY A 53 11.76 -2.79 -4.97
C GLY A 53 10.84 -2.20 -3.92
N ARG A 54 10.71 -0.87 -3.94
CA ARG A 54 9.85 -0.18 -2.98
C ARG A 54 8.44 -0.77 -2.99
N ASN A 55 7.64 -0.27 -2.05
CA ASN A 55 6.28 -0.75 -1.82
C ASN A 55 5.26 0.32 -2.17
N THR A 56 5.68 1.32 -2.92
CA THR A 56 4.83 2.46 -3.22
C THR A 56 3.94 2.18 -4.43
N PHE A 57 4.49 1.49 -5.42
CA PHE A 57 3.73 1.15 -6.63
C PHE A 57 3.96 -0.30 -7.02
N PRO A 58 3.02 -0.87 -7.79
CA PRO A 58 3.11 -2.25 -8.25
C PRO A 58 4.20 -2.46 -9.28
N GLN A 59 4.37 -3.70 -9.73
CA GLN A 59 5.38 -4.02 -10.73
C GLN A 59 4.75 -4.19 -12.11
N ILE A 60 5.35 -3.57 -13.11
CA ILE A 60 4.85 -3.67 -14.48
C ILE A 60 5.70 -4.62 -15.31
N PHE A 61 5.05 -5.34 -16.22
CA PHE A 61 5.74 -6.29 -17.08
C PHE A 61 5.29 -6.15 -18.52
N ILE A 62 6.26 -5.99 -19.43
CA ILE A 62 5.96 -5.84 -20.84
C ILE A 62 6.81 -6.79 -21.69
N GLY A 63 6.16 -7.82 -22.24
CA GLY A 63 6.86 -8.78 -23.07
C GLY A 63 8.07 -9.36 -22.36
N SER A 64 9.25 -9.14 -22.94
CA SER A 64 10.49 -9.67 -22.36
C SER A 64 11.30 -8.54 -21.74
N VAL A 65 10.61 -7.53 -21.21
CA VAL A 65 11.28 -6.39 -20.59
C VAL A 65 10.71 -6.13 -19.19
N HIS A 66 11.60 -5.97 -18.22
CA HIS A 66 11.20 -5.72 -16.85
C HIS A 66 10.96 -4.23 -16.61
N VAL A 67 10.07 -3.91 -15.68
CA VAL A 67 9.76 -2.53 -15.35
C VAL A 67 9.56 -2.33 -13.86
N GLY A 68 10.21 -1.32 -13.30
CA GLY A 68 10.09 -1.05 -11.88
C GLY A 68 8.65 -0.98 -11.42
N GLY A 69 7.87 -0.10 -12.05
CA GLY A 69 6.47 0.06 -11.69
C GLY A 69 5.81 1.23 -12.40
N SER A 70 4.99 1.97 -11.66
CA SER A 70 4.30 3.12 -12.22
C SER A 70 5.26 4.26 -12.50
N ASP A 71 6.20 4.46 -11.58
CA ASP A 71 7.20 5.53 -11.72
C ASP A 71 7.88 5.45 -13.08
N ASP A 72 8.20 4.24 -13.50
CA ASP A 72 8.87 4.02 -14.79
C ASP A 72 7.84 3.87 -15.91
N LEU A 73 6.79 3.10 -15.66
CA LEU A 73 5.75 2.88 -16.64
C LEU A 73 5.22 4.20 -17.19
N TYR A 74 5.02 5.17 -16.30
CA TYR A 74 4.52 6.48 -16.69
C TYR A 74 5.62 7.29 -17.37
N ALA A 75 6.86 7.11 -16.91
CA ALA A 75 7.99 7.84 -17.47
C ALA A 75 8.05 7.67 -18.99
N LEU A 76 7.92 6.43 -19.45
CA LEU A 76 7.96 6.14 -20.88
C LEU A 76 6.77 6.79 -21.60
N GLU A 77 5.60 6.68 -21.00
CA GLU A 77 4.38 7.25 -21.58
C GLU A 77 4.52 8.76 -21.73
N ASP A 78 5.28 9.37 -20.83
CA ASP A 78 5.48 10.82 -20.86
C ASP A 78 6.54 11.20 -21.89
N GLU A 79 7.61 10.39 -21.95
CA GLU A 79 8.69 10.64 -22.89
C GLU A 79 8.22 10.44 -24.33
N GLY A 80 7.25 9.55 -24.51
CA GLY A 80 6.74 9.28 -25.84
C GLY A 80 7.22 7.95 -26.39
N LYS A 81 7.26 6.94 -25.55
CA LYS A 81 7.70 5.61 -25.95
C LYS A 81 6.70 4.54 -25.54
N LEU A 82 5.42 4.92 -25.48
CA LEU A 82 4.37 4.00 -25.10
C LEU A 82 3.89 3.18 -26.30
N ASP A 83 3.78 3.84 -27.45
CA ASP A 83 3.34 3.18 -28.67
C ASP A 83 4.16 1.92 -28.93
N SER A 84 5.45 1.97 -28.59
CA SER A 84 6.34 0.84 -28.78
C SER A 84 6.31 -0.09 -27.58
N LEU A 85 5.90 0.45 -26.43
CA LEU A 85 5.83 -0.34 -25.20
C LEU A 85 4.61 -1.25 -25.21
N LEU A 86 3.47 -0.73 -25.63
CA LEU A 86 2.23 -1.50 -25.69
C LEU A 86 2.19 -2.36 -26.95
N LYS A 87 3.02 -2.01 -27.93
CA LYS A 87 3.08 -2.75 -29.19
C LYS A 87 4.09 -3.89 -29.09
N THR A 88 5.10 -3.72 -28.23
CA THR A 88 6.12 -4.73 -28.05
C THR A 88 6.62 -4.77 -26.62
N GLY A 89 6.95 -3.60 -26.08
CA GLY A 89 7.42 -3.52 -24.71
C GLY A 89 8.92 -3.32 -24.63
N LYS A 90 9.33 -2.13 -24.20
CA LYS A 90 10.75 -1.80 -24.08
C LYS A 90 11.01 -0.95 -22.84
N LEU A 91 12.26 -0.92 -22.40
CA LEU A 91 12.64 -0.14 -21.23
C LEU A 91 13.31 1.17 -21.65
N ILE A 92 13.69 1.27 -22.92
CA ILE A 92 14.53 2.37 -23.44
C ILE A 92 13.93 3.76 -23.21
N GLY B 1 -13.73 -4.78 40.11
CA GLY B 1 -14.49 -3.63 39.69
C GLY B 1 -14.05 -3.10 38.35
N PRO B 2 -14.66 -1.97 37.91
CA PRO B 2 -14.34 -1.35 36.63
C PRO B 2 -12.94 -0.71 36.62
N GLY B 3 -12.43 -0.45 35.43
CA GLY B 3 -11.11 0.15 35.31
C GLY B 3 -11.11 1.35 34.38
N SER B 4 -10.05 2.16 34.47
CA SER B 4 -9.93 3.34 33.64
C SER B 4 -8.86 3.15 32.56
N MET B 5 -9.31 3.06 31.31
CA MET B 5 -8.39 2.88 30.19
C MET B 5 -9.05 3.25 28.88
N VAL B 6 -8.26 3.31 27.81
CA VAL B 6 -8.77 3.67 26.49
C VAL B 6 -8.56 2.52 25.50
N ASP B 7 -8.89 2.76 24.24
CA ASP B 7 -8.73 1.76 23.20
C ASP B 7 -7.96 2.33 22.00
N VAL B 8 -7.04 1.54 21.47
CA VAL B 8 -6.23 1.96 20.34
C VAL B 8 -6.84 1.46 19.03
N ILE B 9 -6.66 2.24 17.96
CA ILE B 9 -7.19 1.89 16.65
C ILE B 9 -6.19 2.23 15.55
N ILE B 10 -6.22 1.46 14.47
CA ILE B 10 -5.33 1.70 13.34
C ILE B 10 -6.07 1.54 12.01
N TYR B 11 -5.82 2.47 11.09
CA TYR B 11 -6.46 2.43 9.78
C TYR B 11 -5.58 1.70 8.77
N THR B 12 -6.02 0.50 8.39
CA THR B 12 -5.27 -0.30 7.43
C THR B 12 -6.03 -1.58 7.08
N ARG B 13 -5.59 -2.26 6.02
CA ARG B 13 -6.23 -3.50 5.58
C ARG B 13 -5.95 -4.62 6.58
N PRO B 14 -6.79 -5.66 6.54
CA PRO B 14 -6.66 -6.82 7.43
C PRO B 14 -5.43 -7.68 7.08
N GLY B 15 -4.26 -7.22 7.52
CA GLY B 15 -3.04 -7.95 7.25
C GLY B 15 -2.71 -8.02 5.78
N CYS B 16 -1.68 -7.29 5.34
CA CYS B 16 -1.06 -7.25 3.98
C CYS B 16 -0.22 -5.99 3.70
N PRO B 17 -0.74 -4.77 3.97
CA PRO B 17 0.15 -3.61 3.80
C PRO B 17 1.29 -3.60 4.81
N TYR B 18 2.07 -2.54 4.82
CA TYR B 18 3.20 -2.40 5.73
C TYR B 18 2.76 -1.84 7.09
N CYS B 19 1.81 -2.52 7.72
CA CYS B 19 1.29 -2.08 9.01
C CYS B 19 1.78 -2.99 10.14
N ALA B 20 2.46 -4.08 9.77
CA ALA B 20 2.99 -5.03 10.74
C ALA B 20 3.81 -4.30 11.80
N ARG B 21 4.44 -3.20 11.42
CA ARG B 21 5.25 -2.42 12.34
C ARG B 21 4.47 -2.09 13.62
N ALA B 22 3.38 -1.35 13.46
CA ALA B 22 2.54 -0.96 14.58
C ALA B 22 2.06 -2.19 15.35
N LYS B 23 1.84 -3.29 14.63
CA LYS B 23 1.38 -4.52 15.25
C LYS B 23 2.42 -5.08 16.21
N ALA B 24 3.67 -5.11 15.76
CA ALA B 24 4.77 -5.62 16.58
C ALA B 24 4.79 -4.95 17.95
N LEU B 25 4.91 -3.63 17.94
CA LEU B 25 4.94 -2.87 19.19
C LEU B 25 3.75 -3.22 20.07
N LEU B 26 2.55 -3.11 19.51
CA LEU B 26 1.33 -3.42 20.25
C LEU B 26 1.38 -4.83 20.83
N ALA B 27 1.95 -5.76 20.06
CA ALA B 27 2.08 -7.14 20.50
C ALA B 27 3.02 -7.26 21.69
N ARG B 28 4.16 -6.59 21.61
CA ARG B 28 5.14 -6.61 22.69
C ARG B 28 4.54 -6.11 23.99
N LYS B 29 3.84 -4.99 23.91
CA LYS B 29 3.21 -4.40 25.10
C LYS B 29 1.88 -5.08 25.39
N GLY B 30 1.52 -6.06 24.58
CA GLY B 30 0.27 -6.77 24.78
C GLY B 30 -0.94 -5.87 24.66
N ALA B 31 -0.74 -4.69 24.09
CA ALA B 31 -1.82 -3.73 23.92
C ALA B 31 -2.87 -4.25 22.94
N GLU B 32 -4.01 -3.57 22.89
CA GLU B 32 -5.10 -3.98 22.00
C GLU B 32 -5.24 -3.00 20.83
N PHE B 33 -5.50 -3.55 19.65
CA PHE B 33 -5.65 -2.72 18.45
C PHE B 33 -6.73 -3.29 17.53
N ASN B 34 -7.28 -2.44 16.68
CA ASN B 34 -8.33 -2.86 15.75
C ASN B 34 -8.07 -2.30 14.35
N GLU B 35 -8.12 -3.18 13.36
CA GLU B 35 -7.88 -2.77 11.97
C GLU B 35 -9.18 -2.29 11.32
N ILE B 36 -9.05 -1.42 10.33
CA ILE B 36 -10.21 -0.89 9.63
C ILE B 36 -10.05 -1.03 8.11
N ASP B 37 -10.88 -1.86 7.50
CA ASP B 37 -10.84 -2.08 6.07
C ASP B 37 -11.22 -0.80 5.31
N ALA B 38 -10.22 -0.15 4.72
CA ALA B 38 -10.46 1.09 3.97
C ALA B 38 -10.82 0.78 2.53
N SER B 39 -11.10 1.83 1.76
CA SER B 39 -11.47 1.66 0.36
C SER B 39 -12.77 0.89 0.22
N ALA B 40 -13.63 0.99 1.23
CA ALA B 40 -14.90 0.30 1.22
C ALA B 40 -16.06 1.26 1.42
N THR B 41 -15.86 2.25 2.30
CA THR B 41 -16.88 3.24 2.58
C THR B 41 -16.34 4.66 2.43
N PRO B 42 -17.20 5.59 2.00
CA PRO B 42 -16.83 6.99 1.81
C PRO B 42 -16.56 7.71 3.13
N GLU B 43 -17.01 7.09 4.23
CA GLU B 43 -16.81 7.68 5.55
C GLU B 43 -15.39 7.44 6.05
N LEU B 44 -14.77 6.36 5.58
CA LEU B 44 -13.41 6.03 5.99
C LEU B 44 -12.39 6.83 5.17
N ARG B 45 -12.43 6.66 3.85
CA ARG B 45 -11.51 7.36 2.97
C ARG B 45 -11.56 8.86 3.22
N ALA B 46 -12.71 9.35 3.63
CA ALA B 46 -12.90 10.78 3.92
C ALA B 46 -12.03 11.21 5.09
N GLU B 47 -11.94 10.37 6.11
CA GLU B 47 -11.15 10.67 7.30
C GLU B 47 -9.68 10.83 6.93
N MET B 48 -9.14 9.84 6.22
CA MET B 48 -7.74 9.87 5.81
C MET B 48 -7.51 10.95 4.76
N GLN B 49 -8.56 11.30 4.02
CA GLN B 49 -8.45 12.33 2.99
C GLN B 49 -8.24 13.70 3.61
N GLU B 50 -8.70 13.87 4.84
CA GLU B 50 -8.56 15.14 5.55
C GLU B 50 -7.11 15.61 5.52
N ARG B 51 -6.21 14.79 6.04
CA ARG B 51 -4.80 15.13 6.08
C ARG B 51 -4.08 14.60 4.85
N SER B 52 -4.59 13.51 4.29
CA SER B 52 -4.00 12.90 3.11
C SER B 52 -2.50 12.66 3.32
N GLY B 53 -2.15 12.26 4.53
CA GLY B 53 -0.75 12.00 4.84
C GLY B 53 -0.12 11.02 3.87
N ARG B 54 1.19 10.81 4.01
CA ARG B 54 1.91 9.88 3.14
C ARG B 54 1.25 8.51 3.13
N ASN B 55 1.69 7.63 2.24
CA ASN B 55 1.15 6.26 2.13
C ASN B 55 2.15 5.21 2.60
N THR B 56 3.17 5.64 3.33
CA THR B 56 4.23 4.74 3.75
C THR B 56 3.79 3.89 4.95
N PHE B 57 3.06 4.51 5.86
CA PHE B 57 2.58 3.82 7.05
C PHE B 57 1.11 4.15 7.31
N PRO B 58 0.43 3.27 8.05
CA PRO B 58 -0.99 3.44 8.38
C PRO B 58 -1.21 4.57 9.37
N GLN B 59 -2.48 4.82 9.71
CA GLN B 59 -2.83 5.88 10.64
C GLN B 59 -3.17 5.31 12.02
N ILE B 60 -2.59 5.91 13.05
CA ILE B 60 -2.83 5.45 14.42
C ILE B 60 -3.80 6.38 15.14
N PHE B 61 -4.64 5.81 15.99
CA PHE B 61 -5.62 6.57 16.75
C PHE B 61 -5.62 6.16 18.21
N ILE B 62 -5.50 7.15 19.11
CA ILE B 62 -5.49 6.88 20.53
C ILE B 62 -6.46 7.81 21.27
N GLY B 63 -7.56 7.24 21.74
CA GLY B 63 -8.55 8.01 22.45
C GLY B 63 -9.01 9.24 21.67
N SER B 64 -8.77 10.42 22.24
CA SER B 64 -9.16 11.67 21.58
C SER B 64 -7.95 12.40 21.04
N VAL B 65 -6.93 11.64 20.62
CA VAL B 65 -5.71 12.21 20.08
C VAL B 65 -5.36 11.59 18.73
N HIS B 66 -5.07 12.45 17.76
CA HIS B 66 -4.72 11.98 16.41
C HIS B 66 -3.23 11.66 16.32
N VAL B 67 -2.88 10.72 15.45
CA VAL B 67 -1.50 10.33 15.26
C VAL B 67 -1.19 10.07 13.79
N GLY B 68 -0.09 10.64 13.31
CA GLY B 68 0.29 10.45 11.92
C GLY B 68 0.33 9.00 11.51
N GLY B 69 1.10 8.19 12.23
CA GLY B 69 1.20 6.78 11.93
C GLY B 69 2.27 6.08 12.75
N SER B 70 3.02 5.20 12.10
CA SER B 70 4.08 4.46 12.79
C SER B 70 5.24 5.38 13.13
N ASP B 71 5.59 6.27 12.21
CA ASP B 71 6.68 7.21 12.42
C ASP B 71 6.53 7.94 13.75
N ASP B 72 5.30 8.33 14.06
CA ASP B 72 5.01 9.05 15.29
C ASP B 72 4.72 8.07 16.43
N LEU B 73 3.90 7.07 16.14
CA LEU B 73 3.53 6.06 17.13
C LEU B 73 4.77 5.48 17.81
N TYR B 74 5.80 5.20 17.01
CA TYR B 74 7.04 4.65 17.53
C TYR B 74 7.86 5.72 18.24
N ALA B 75 7.79 6.95 17.74
CA ALA B 75 8.52 8.06 18.33
C ALA B 75 8.23 8.18 19.82
N LEU B 76 6.95 8.14 20.19
CA LEU B 76 6.55 8.23 21.58
C LEU B 76 7.06 7.04 22.38
N GLU B 77 6.92 5.85 21.80
CA GLU B 77 7.38 4.63 22.46
C GLU B 77 8.87 4.68 22.75
N ASP B 78 9.61 5.37 21.89
CA ASP B 78 11.05 5.50 22.03
C ASP B 78 11.40 6.58 23.07
N GLU B 79 10.66 7.68 23.03
CA GLU B 79 10.88 8.78 23.95
C GLU B 79 10.54 8.37 25.38
N GLY B 80 9.57 7.46 25.51
CA GLY B 80 9.16 7.01 26.83
C GLY B 80 7.82 7.58 27.25
N LYS B 81 6.89 7.64 26.31
CA LYS B 81 5.56 8.17 26.59
C LYS B 81 4.47 7.21 26.10
N LEU B 82 4.78 5.92 26.12
CA LEU B 82 3.84 4.90 25.68
C LEU B 82 2.89 4.51 26.82
N ASP B 83 3.44 4.40 28.03
CA ASP B 83 2.66 4.04 29.20
C ASP B 83 1.42 4.93 29.32
N SER B 84 1.57 6.20 28.95
CA SER B 84 0.49 7.16 29.02
C SER B 84 -0.34 7.15 27.74
N LEU B 85 0.28 6.66 26.66
CA LEU B 85 -0.40 6.59 25.36
C LEU B 85 -1.39 5.43 25.32
N LEU B 86 -0.95 4.29 25.82
CA LEU B 86 -1.80 3.09 25.85
C LEU B 86 -2.77 3.14 27.02
N LYS B 87 -2.46 3.98 28.00
CA LYS B 87 -3.30 4.11 29.19
C LYS B 87 -4.37 5.18 28.97
N THR B 88 -4.07 6.14 28.10
CA THR B 88 -5.00 7.22 27.81
C THR B 88 -4.89 7.67 26.36
N GLY B 89 -3.66 7.91 25.91
CA GLY B 89 -3.43 8.34 24.55
C GLY B 89 -3.13 9.83 24.44
N LYS B 90 -1.89 10.16 24.10
CA LYS B 90 -1.49 11.56 23.98
C LYS B 90 -0.51 11.73 22.82
N LEU B 91 -0.37 12.96 22.34
CA LEU B 91 0.54 13.26 21.24
C LEU B 91 1.84 13.86 21.75
N ILE B 92 1.82 14.38 22.98
CA ILE B 92 2.97 15.13 23.49
C ILE B 92 4.20 14.23 23.56
N GLY A 1 0.35 -20.97 -34.68
CA GLY A 1 0.09 -20.95 -36.11
C GLY A 1 -0.07 -19.55 -36.66
N PRO A 2 -1.19 -18.89 -36.32
CA PRO A 2 -1.48 -17.53 -36.78
C PRO A 2 -0.57 -16.50 -36.12
N GLY A 3 -0.57 -15.29 -36.68
CA GLY A 3 0.26 -14.23 -36.13
C GLY A 3 -0.05 -13.92 -34.68
N SER A 4 0.97 -13.95 -33.84
CA SER A 4 0.80 -13.70 -32.41
C SER A 4 0.96 -12.21 -32.11
N MET A 5 0.88 -11.85 -30.83
CA MET A 5 1.02 -10.47 -30.41
C MET A 5 1.55 -10.39 -28.99
N VAL A 6 1.84 -9.17 -28.53
CA VAL A 6 2.36 -8.96 -27.18
C VAL A 6 1.23 -8.57 -26.22
N ASP A 7 1.51 -8.68 -24.93
CA ASP A 7 0.53 -8.33 -23.91
C ASP A 7 1.20 -7.78 -22.66
N VAL A 8 0.52 -6.87 -21.97
CA VAL A 8 1.07 -6.27 -20.76
C VAL A 8 0.50 -6.93 -19.52
N ILE A 9 1.30 -7.00 -18.47
CA ILE A 9 0.89 -7.61 -17.21
C ILE A 9 1.25 -6.73 -16.01
N ILE A 10 0.46 -6.84 -14.94
CA ILE A 10 0.71 -6.06 -13.74
C ILE A 10 0.65 -6.94 -12.50
N TYR A 11 1.60 -6.75 -11.60
CA TYR A 11 1.66 -7.52 -10.36
C TYR A 11 0.96 -6.78 -9.22
N THR A 12 -0.23 -7.25 -8.87
CA THR A 12 -1.00 -6.63 -7.79
C THR A 12 -2.28 -7.42 -7.53
N ARG A 13 -2.79 -7.31 -6.30
CA ARG A 13 -4.00 -8.01 -5.91
C ARG A 13 -5.18 -7.57 -6.78
N PRO A 14 -6.23 -8.41 -6.81
CA PRO A 14 -7.44 -8.13 -7.59
C PRO A 14 -8.25 -6.97 -7.03
N GLY A 15 -7.91 -6.57 -5.80
CA GLY A 15 -8.62 -5.47 -5.16
C GLY A 15 -8.22 -5.29 -3.70
N CYS A 16 -7.45 -4.25 -3.46
CA CYS A 16 -6.95 -3.93 -2.14
C CYS A 16 -5.87 -2.87 -2.04
N PRO A 17 -4.78 -3.06 -2.78
CA PRO A 17 -3.73 -2.04 -2.85
C PRO A 17 -4.17 -0.82 -3.66
N TYR A 18 -3.27 0.13 -3.92
CA TYR A 18 -3.61 1.33 -4.69
C TYR A 18 -2.98 1.31 -6.09
N CYS A 19 -3.37 0.34 -6.91
CA CYS A 19 -2.84 0.18 -8.25
C CYS A 19 -3.67 0.97 -9.26
N ALA A 20 -4.17 2.12 -8.83
CA ALA A 20 -4.98 2.97 -9.69
C ALA A 20 -4.11 3.75 -10.67
N ARG A 21 -2.87 4.01 -10.27
CA ARG A 21 -1.93 4.75 -11.10
C ARG A 21 -1.61 3.98 -12.39
N ALA A 22 -0.99 2.81 -12.22
CA ALA A 22 -0.64 1.98 -13.36
C ALA A 22 -1.84 1.74 -14.27
N LYS A 23 -3.00 1.53 -13.66
CA LYS A 23 -4.22 1.29 -14.41
C LYS A 23 -4.71 2.57 -15.10
N ALA A 24 -4.41 3.70 -14.48
CA ALA A 24 -4.80 5.00 -15.03
C ALA A 24 -4.36 5.15 -16.47
N LEU A 25 -3.06 5.00 -16.71
CA LEU A 25 -2.50 5.11 -18.04
C LEU A 25 -3.16 4.12 -19.00
N LEU A 26 -3.17 2.84 -18.62
CA LEU A 26 -3.78 1.80 -19.44
C LEU A 26 -5.24 2.11 -19.72
N ALA A 27 -5.85 2.89 -18.83
CA ALA A 27 -7.26 3.26 -18.98
C ALA A 27 -7.42 4.40 -19.98
N ARG A 28 -6.35 5.17 -20.16
CA ARG A 28 -6.37 6.30 -21.09
C ARG A 28 -6.28 5.82 -22.53
N LYS A 29 -5.53 4.73 -22.74
CA LYS A 29 -5.36 4.17 -24.08
C LYS A 29 -6.04 2.81 -24.19
N GLY A 30 -6.86 2.48 -23.20
CA GLY A 30 -7.57 1.21 -23.20
C GLY A 30 -6.63 0.04 -23.41
N ALA A 31 -5.37 0.20 -23.00
CA ALA A 31 -4.38 -0.86 -23.15
C ALA A 31 -4.87 -2.16 -22.51
N GLU A 32 -4.18 -3.26 -22.82
CA GLU A 32 -4.55 -4.56 -22.28
C GLU A 32 -3.61 -4.96 -21.15
N PHE A 33 -4.17 -5.13 -19.96
CA PHE A 33 -3.38 -5.52 -18.79
C PHE A 33 -4.02 -6.70 -18.07
N ASN A 34 -3.22 -7.41 -17.28
CA ASN A 34 -3.70 -8.56 -16.53
C ASN A 34 -3.19 -8.53 -15.09
N GLU A 35 -4.12 -8.60 -14.14
CA GLU A 35 -3.76 -8.59 -12.73
C GLU A 35 -3.23 -9.94 -12.28
N ILE A 36 -2.42 -9.94 -11.23
CA ILE A 36 -1.84 -11.17 -10.70
C ILE A 36 -2.01 -11.25 -9.19
N ASP A 37 -2.69 -12.31 -8.73
CA ASP A 37 -2.91 -12.50 -7.30
C ASP A 37 -1.66 -13.04 -6.62
N ALA A 38 -0.95 -12.16 -5.91
CA ALA A 38 0.26 -12.55 -5.21
C ALA A 38 -0.05 -13.27 -3.91
N SER A 39 0.99 -13.68 -3.19
CA SER A 39 0.82 -14.39 -1.92
C SER A 39 0.11 -15.72 -2.13
N ALA A 40 0.28 -16.29 -3.33
CA ALA A 40 -0.34 -17.56 -3.67
C ALA A 40 0.72 -18.59 -4.07
N THR A 41 1.78 -18.12 -4.71
CA THR A 41 2.85 -19.00 -5.15
C THR A 41 4.22 -18.41 -4.80
N PRO A 42 5.19 -19.30 -4.52
CA PRO A 42 6.55 -18.89 -4.16
C PRO A 42 7.31 -18.30 -5.36
N GLU A 43 6.78 -18.53 -6.55
CA GLU A 43 7.41 -18.02 -7.77
C GLU A 43 7.06 -16.55 -7.98
N LEU A 44 5.91 -16.13 -7.44
CA LEU A 44 5.46 -14.75 -7.58
C LEU A 44 6.00 -13.89 -6.43
N ARG A 45 5.76 -14.36 -5.20
CA ARG A 45 6.21 -13.63 -4.01
C ARG A 45 7.71 -13.40 -4.06
N ALA A 46 8.42 -14.30 -4.72
CA ALA A 46 9.88 -14.20 -4.85
C ALA A 46 10.27 -13.20 -5.93
N GLU A 47 9.35 -12.94 -6.85
CA GLU A 47 9.59 -12.01 -7.95
C GLU A 47 9.61 -10.57 -7.44
N MET A 48 8.77 -10.28 -6.44
CA MET A 48 8.69 -8.95 -5.87
C MET A 48 9.75 -8.76 -4.80
N GLN A 49 10.26 -9.86 -4.27
CA GLN A 49 11.30 -9.81 -3.24
C GLN A 49 12.56 -9.15 -3.77
N GLU A 50 12.75 -9.19 -5.08
CA GLU A 50 13.92 -8.60 -5.71
C GLU A 50 13.73 -7.10 -5.93
N ARG A 51 12.55 -6.73 -6.40
CA ARG A 51 12.23 -5.33 -6.64
C ARG A 51 11.63 -4.67 -5.41
N SER A 52 11.68 -5.39 -4.28
CA SER A 52 11.14 -4.88 -3.04
C SER A 52 11.82 -3.57 -2.64
N GLY A 53 11.00 -2.56 -2.33
CA GLY A 53 11.54 -1.26 -1.95
C GLY A 53 10.53 -0.42 -1.19
N ARG A 54 9.94 0.55 -1.89
CA ARG A 54 8.95 1.44 -1.28
C ARG A 54 7.58 0.78 -1.28
N ASN A 55 7.34 -0.02 -2.29
CA ASN A 55 6.08 -0.75 -2.51
C ASN A 55 4.91 0.24 -2.65
N THR A 56 5.17 1.38 -3.27
CA THR A 56 4.17 2.42 -3.51
C THR A 56 3.27 2.05 -4.69
N PHE A 57 3.88 1.58 -5.76
CA PHE A 57 3.13 1.19 -6.96
C PHE A 57 3.48 -0.23 -7.39
N PRO A 58 2.56 -0.86 -8.13
CA PRO A 58 2.75 -2.23 -8.62
C PRO A 58 3.82 -2.32 -9.69
N GLN A 59 4.06 -3.53 -10.19
CA GLN A 59 5.06 -3.76 -11.21
C GLN A 59 4.42 -3.96 -12.57
N ILE A 60 5.16 -3.60 -13.63
CA ILE A 60 4.65 -3.75 -14.99
C ILE A 60 5.49 -4.73 -15.79
N PHE A 61 4.84 -5.48 -16.66
CA PHE A 61 5.54 -6.48 -17.50
C PHE A 61 5.11 -6.35 -18.95
N ILE A 62 6.00 -5.80 -19.77
CA ILE A 62 5.72 -5.63 -21.19
C ILE A 62 6.66 -6.48 -22.05
N GLY A 63 6.07 -7.29 -22.93
CA GLY A 63 6.86 -8.14 -23.78
C GLY A 63 7.86 -9.00 -23.01
N SER A 64 7.42 -9.51 -21.87
CA SER A 64 8.28 -10.33 -21.02
C SER A 64 9.48 -9.53 -20.51
N VAL A 65 9.31 -8.21 -20.43
CA VAL A 65 10.37 -7.34 -19.97
C VAL A 65 10.08 -6.83 -18.55
N HIS A 66 11.14 -6.60 -17.79
CA HIS A 66 10.99 -6.10 -16.42
C HIS A 66 10.87 -4.58 -16.40
N VAL A 67 9.85 -4.08 -15.71
CA VAL A 67 9.63 -2.65 -15.61
C VAL A 67 9.46 -2.21 -14.17
N GLY A 68 10.15 -1.15 -13.78
CA GLY A 68 10.06 -0.65 -12.42
C GLY A 68 8.63 -0.46 -11.96
N GLY A 69 7.75 -0.17 -12.90
CA GLY A 69 6.34 0.02 -12.57
C GLY A 69 5.78 1.30 -13.15
N SER A 70 4.70 1.80 -12.55
CA SER A 70 4.07 3.03 -13.00
C SER A 70 5.09 4.16 -13.13
N ASP A 71 6.06 4.17 -12.21
CA ASP A 71 7.09 5.20 -12.22
C ASP A 71 7.75 5.29 -13.60
N ASP A 72 8.18 4.15 -14.13
CA ASP A 72 8.82 4.11 -15.43
C ASP A 72 7.78 4.15 -16.55
N LEU A 73 6.73 3.36 -16.40
CA LEU A 73 5.66 3.31 -17.40
C LEU A 73 5.17 4.70 -17.74
N TYR A 74 5.00 5.54 -16.72
CA TYR A 74 4.53 6.91 -16.91
C TYR A 74 5.56 7.73 -17.69
N ALA A 75 6.83 7.55 -17.35
CA ALA A 75 7.90 8.27 -18.01
C ALA A 75 7.87 8.05 -19.52
N LEU A 76 7.58 6.82 -19.93
CA LEU A 76 7.52 6.48 -21.34
C LEU A 76 6.43 7.27 -22.05
N GLU A 77 5.29 7.45 -21.37
CA GLU A 77 4.18 8.20 -21.93
C GLU A 77 4.59 9.63 -22.27
N ASP A 78 5.51 10.17 -21.48
CA ASP A 78 5.99 11.54 -21.69
C ASP A 78 6.97 11.59 -22.86
N GLU A 79 8.02 10.78 -22.79
CA GLU A 79 9.02 10.73 -23.84
C GLU A 79 8.40 10.33 -25.17
N GLY A 80 7.33 9.53 -25.11
CA GLY A 80 6.65 9.09 -26.31
C GLY A 80 7.12 7.72 -26.77
N LYS A 81 7.18 6.77 -25.84
CA LYS A 81 7.62 5.42 -26.16
C LYS A 81 6.60 4.39 -25.68
N LEU A 82 5.34 4.82 -25.57
CA LEU A 82 4.28 3.93 -25.12
C LEU A 82 3.79 3.04 -26.25
N ASP A 83 3.77 3.58 -27.47
CA ASP A 83 3.35 2.83 -28.64
C ASP A 83 4.17 1.56 -28.80
N SER A 84 5.49 1.72 -28.79
CA SER A 84 6.40 0.58 -28.95
C SER A 84 6.32 -0.34 -27.74
N LEU A 85 5.93 0.22 -26.60
CA LEU A 85 5.81 -0.56 -25.37
C LEU A 85 4.64 -1.52 -25.45
N LEU A 86 3.47 -1.02 -25.82
CA LEU A 86 2.28 -1.84 -25.93
C LEU A 86 2.28 -2.63 -27.24
N LYS A 87 3.23 -2.30 -28.12
CA LYS A 87 3.34 -2.98 -29.41
C LYS A 87 4.41 -4.06 -29.35
N THR A 88 5.37 -3.91 -28.44
CA THR A 88 6.44 -4.87 -28.29
C THR A 88 6.90 -4.97 -26.83
N GLY A 89 7.10 -3.81 -26.21
CA GLY A 89 7.53 -3.79 -24.82
C GLY A 89 9.03 -3.95 -24.68
N LYS A 90 9.72 -2.86 -24.39
CA LYS A 90 11.17 -2.89 -24.22
C LYS A 90 11.58 -2.29 -22.88
N LEU A 91 12.86 -2.40 -22.56
CA LEU A 91 13.38 -1.86 -21.30
C LEU A 91 14.07 -0.52 -21.53
N ILE A 92 14.55 -0.28 -22.75
CA ILE A 92 15.46 0.82 -23.02
C ILE A 92 14.81 2.16 -22.75
N GLY B 1 -22.11 2.72 33.06
CA GLY B 1 -22.24 2.51 34.49
C GLY B 1 -20.91 2.29 35.16
N PRO B 2 -20.30 1.12 34.93
CA PRO B 2 -19.00 0.77 35.52
C PRO B 2 -17.86 1.60 34.94
N GLY B 3 -16.71 1.55 35.59
CA GLY B 3 -15.55 2.29 35.13
C GLY B 3 -15.14 1.92 33.72
N SER B 4 -15.03 2.91 32.86
CA SER B 4 -14.65 2.67 31.46
C SER B 4 -13.14 2.74 31.29
N MET B 5 -12.68 2.58 30.06
CA MET B 5 -11.25 2.62 29.76
C MET B 5 -11.01 3.10 28.33
N VAL B 6 -9.73 3.29 27.99
CA VAL B 6 -9.37 3.74 26.65
C VAL B 6 -8.97 2.57 25.77
N ASP B 7 -8.94 2.80 24.45
CA ASP B 7 -8.57 1.77 23.50
C ASP B 7 -7.86 2.37 22.29
N VAL B 8 -6.94 1.61 21.72
CA VAL B 8 -6.19 2.07 20.55
C VAL B 8 -6.78 1.50 19.26
N ILE B 9 -6.69 2.27 18.18
CA ILE B 9 -7.22 1.83 16.90
C ILE B 9 -6.21 2.11 15.77
N ILE B 10 -6.28 1.29 14.72
CA ILE B 10 -5.38 1.44 13.59
C ILE B 10 -6.14 1.40 12.27
N TYR B 11 -5.80 2.31 11.37
CA TYR B 11 -6.46 2.37 10.06
C TYR B 11 -5.66 1.58 9.02
N THR B 12 -6.17 0.40 8.66
CA THR B 12 -5.51 -0.45 7.68
C THR B 12 -6.33 -1.68 7.37
N ARG B 13 -6.16 -2.23 6.17
CA ARG B 13 -6.90 -3.42 5.76
C ARG B 13 -6.61 -4.60 6.71
N PRO B 14 -7.50 -5.59 6.68
CA PRO B 14 -7.37 -6.79 7.54
C PRO B 14 -6.21 -7.68 7.09
N GLY B 15 -5.68 -7.42 5.91
CA GLY B 15 -4.57 -8.20 5.39
C GLY B 15 -4.25 -7.87 3.96
N CYS B 16 -3.07 -7.23 3.89
CA CYS B 16 -2.04 -7.12 2.82
C CYS B 16 -1.37 -5.73 2.47
N PRO B 17 -1.74 -4.60 3.13
CA PRO B 17 -0.65 -3.61 3.26
C PRO B 17 0.46 -4.10 4.21
N TYR B 18 1.40 -3.22 4.50
CA TYR B 18 2.52 -3.55 5.39
C TYR B 18 2.38 -2.87 6.76
N CYS B 19 1.36 -3.24 7.51
CA CYS B 19 1.11 -2.66 8.83
C CYS B 19 1.75 -3.49 9.92
N ALA B 20 2.91 -4.07 9.61
CA ALA B 20 3.63 -4.90 10.58
C ALA B 20 4.37 -4.04 11.59
N ARG B 21 4.73 -2.83 11.18
CA ARG B 21 5.45 -1.91 12.06
C ARG B 21 4.58 -1.50 13.24
N ALA B 22 3.48 -0.83 12.96
CA ALA B 22 2.56 -0.37 14.00
C ALA B 22 2.17 -1.53 14.92
N LYS B 23 1.95 -2.70 14.33
CA LYS B 23 1.57 -3.88 15.10
C LYS B 23 2.75 -4.41 15.91
N ALA B 24 3.96 -4.19 15.40
CA ALA B 24 5.17 -4.65 16.07
C ALA B 24 5.20 -4.16 17.51
N LEU B 25 5.11 -2.84 17.69
CA LEU B 25 5.13 -2.25 19.01
C LEU B 25 4.03 -2.82 19.89
N LEU B 26 2.80 -2.76 19.40
CA LEU B 26 1.65 -3.28 20.13
C LEU B 26 1.84 -4.74 20.48
N ALA B 27 2.65 -5.44 19.69
CA ALA B 27 2.92 -6.84 19.92
C ALA B 27 3.96 -7.03 21.03
N ARG B 28 4.78 -6.00 21.25
CA ARG B 28 5.81 -6.06 22.27
C ARG B 28 5.20 -5.89 23.66
N LYS B 29 4.15 -5.08 23.74
CA LYS B 29 3.49 -4.82 25.02
C LYS B 29 2.08 -5.42 25.02
N GLY B 30 1.80 -6.26 24.03
CA GLY B 30 0.49 -6.88 23.94
C GLY B 30 -0.64 -5.87 24.01
N ALA B 31 -0.37 -4.65 23.57
CA ALA B 31 -1.38 -3.59 23.59
C ALA B 31 -2.63 -4.02 22.85
N GLU B 32 -3.71 -3.27 23.05
CA GLU B 32 -4.98 -3.57 22.40
C GLU B 32 -5.22 -2.65 21.20
N PHE B 33 -5.32 -3.25 20.01
CA PHE B 33 -5.54 -2.48 18.80
C PHE B 33 -6.69 -3.07 17.99
N ASN B 34 -7.28 -2.26 17.10
CA ASN B 34 -8.38 -2.70 16.27
C ASN B 34 -8.19 -2.25 14.83
N GLU B 35 -8.23 -3.21 13.90
CA GLU B 35 -8.07 -2.89 12.49
C GLU B 35 -9.34 -2.31 11.90
N ILE B 36 -9.19 -1.54 10.82
CA ILE B 36 -10.33 -0.91 10.17
C ILE B 36 -10.29 -1.14 8.66
N ASP B 37 -11.33 -1.75 8.13
CA ASP B 37 -11.41 -2.02 6.69
C ASP B 37 -11.80 -0.76 5.93
N ALA B 38 -10.83 -0.14 5.28
CA ALA B 38 -11.08 1.07 4.51
C ALA B 38 -11.69 0.74 3.15
N SER B 39 -11.97 1.78 2.37
CA SER B 39 -12.57 1.61 1.05
C SER B 39 -13.96 0.99 1.16
N ALA B 40 -14.62 1.23 2.30
CA ALA B 40 -15.95 0.71 2.53
C ALA B 40 -16.94 1.83 2.80
N THR B 41 -16.48 2.89 3.45
CA THR B 41 -17.33 4.02 3.78
C THR B 41 -16.62 5.34 3.44
N PRO B 42 -17.42 6.34 3.04
CA PRO B 42 -16.90 7.68 2.70
C PRO B 42 -16.37 8.43 3.90
N GLU B 43 -16.75 7.97 5.09
CA GLU B 43 -16.31 8.61 6.33
C GLU B 43 -14.89 8.19 6.69
N LEU B 44 -14.49 7.01 6.22
CA LEU B 44 -13.16 6.48 6.50
C LEU B 44 -12.17 6.91 5.42
N ARG B 45 -12.53 6.66 4.16
CA ARG B 45 -11.68 7.02 3.04
C ARG B 45 -11.36 8.51 3.06
N ALA B 46 -12.27 9.30 3.62
CA ALA B 46 -12.09 10.74 3.70
C ALA B 46 -11.17 11.11 4.86
N GLU B 47 -11.06 10.21 5.83
CA GLU B 47 -10.22 10.45 6.99
C GLU B 47 -8.74 10.36 6.62
N MET B 48 -8.42 9.47 5.69
CA MET B 48 -7.04 9.29 5.24
C MET B 48 -6.68 10.30 4.16
N GLN B 49 -7.70 10.87 3.53
CA GLN B 49 -7.50 11.84 2.46
C GLN B 49 -6.81 13.10 3.00
N GLU B 50 -6.96 13.32 4.31
CA GLU B 50 -6.36 14.49 4.96
C GLU B 50 -4.91 14.21 5.31
N ARG B 51 -4.64 13.03 5.85
CA ARG B 51 -3.30 12.65 6.24
C ARG B 51 -2.57 11.96 5.09
N SER B 52 -3.17 12.01 3.90
CA SER B 52 -2.59 11.39 2.72
C SER B 52 -1.19 11.98 2.43
N GLY B 53 -0.22 11.10 2.25
CA GLY B 53 1.14 11.55 1.96
C GLY B 53 1.97 10.46 1.33
N ARG B 54 2.84 9.84 2.12
CA ARG B 54 3.71 8.78 1.63
C ARG B 54 2.98 7.45 1.61
N ASN B 55 2.05 7.27 2.53
CA ASN B 55 1.25 6.03 2.72
C ASN B 55 2.13 4.83 3.06
N THR B 56 3.25 5.09 3.73
CA THR B 56 4.19 4.04 4.09
C THR B 56 3.68 3.20 5.25
N PHE B 57 3.14 3.88 6.27
CA PHE B 57 2.60 3.20 7.44
C PHE B 57 1.17 3.64 7.72
N PRO B 58 0.42 2.79 8.44
CA PRO B 58 -0.97 3.07 8.79
C PRO B 58 -1.10 4.20 9.81
N GLN B 59 -2.33 4.51 10.19
CA GLN B 59 -2.59 5.57 11.15
C GLN B 59 -2.95 4.99 12.52
N ILE B 60 -2.65 5.73 13.57
CA ILE B 60 -2.95 5.29 14.93
C ILE B 60 -3.95 6.22 15.61
N PHE B 61 -4.82 5.65 16.43
CA PHE B 61 -5.83 6.43 17.14
C PHE B 61 -5.86 6.05 18.61
N ILE B 62 -5.34 6.94 19.45
CA ILE B 62 -5.31 6.69 20.90
C ILE B 62 -6.18 7.70 21.63
N GLY B 63 -7.10 7.20 22.45
CA GLY B 63 -7.98 8.08 23.21
C GLY B 63 -8.70 9.09 22.32
N SER B 64 -9.12 8.65 21.15
CA SER B 64 -9.82 9.52 20.21
C SER B 64 -8.90 10.65 19.74
N VAL B 65 -7.60 10.40 19.79
CA VAL B 65 -6.62 11.40 19.36
C VAL B 65 -6.00 11.01 18.02
N HIS B 66 -5.64 12.03 17.24
CA HIS B 66 -5.03 11.80 15.94
C HIS B 66 -3.52 11.60 16.06
N VAL B 67 -3.03 10.53 15.46
CA VAL B 67 -1.60 10.22 15.50
C VAL B 67 -1.05 9.97 14.10
N GLY B 68 0.09 10.59 13.79
CA GLY B 68 0.71 10.42 12.49
C GLY B 68 0.84 8.96 12.10
N GLY B 69 0.99 8.09 13.09
CA GLY B 69 1.12 6.67 12.83
C GLY B 69 2.32 6.06 13.53
N SER B 70 2.79 4.94 13.01
CA SER B 70 3.94 4.24 13.60
C SER B 70 5.10 5.20 13.80
N ASP B 71 5.27 6.14 12.86
CA ASP B 71 6.34 7.11 12.93
C ASP B 71 6.36 7.81 14.29
N ASP B 72 5.20 8.32 14.69
CA ASP B 72 5.08 9.01 15.97
C ASP B 72 4.95 8.02 17.12
N LEU B 73 4.12 7.00 16.93
CA LEU B 73 3.91 5.98 17.95
C LEU B 73 5.23 5.42 18.43
N TYR B 74 6.15 5.17 17.50
CA TYR B 74 7.46 4.62 17.84
C TYR B 74 8.27 5.63 18.65
N ALA B 75 8.20 6.90 18.26
CA ALA B 75 8.93 7.95 18.95
C ALA B 75 8.56 7.99 20.44
N LEU B 76 7.28 7.78 20.73
CA LEU B 76 6.81 7.79 22.10
C LEU B 76 7.48 6.68 22.93
N GLU B 77 7.65 5.51 22.29
CA GLU B 77 8.27 4.37 22.96
C GLU B 77 9.69 4.72 23.41
N ASP B 78 10.36 5.57 22.65
CA ASP B 78 11.72 5.99 22.97
C ASP B 78 11.72 6.99 24.12
N GLU B 79 10.99 8.09 23.93
CA GLU B 79 10.91 9.13 24.95
C GLU B 79 10.35 8.58 26.26
N GLY B 80 9.51 7.56 26.14
CA GLY B 80 8.91 6.96 27.32
C GLY B 80 7.54 7.53 27.65
N LYS B 81 6.68 7.60 26.63
CA LYS B 81 5.33 8.12 26.80
C LYS B 81 4.29 7.15 26.27
N LEU B 82 4.65 5.87 26.23
CA LEU B 82 3.74 4.83 25.74
C LEU B 82 2.72 4.46 26.79
N ASP B 83 3.16 4.45 28.05
CA ASP B 83 2.27 4.10 29.17
C ASP B 83 1.05 5.01 29.19
N SER B 84 1.28 6.32 29.14
CA SER B 84 0.21 7.29 29.17
C SER B 84 -0.61 7.22 27.88
N LEU B 85 0.02 6.76 26.81
CA LEU B 85 -0.64 6.64 25.51
C LEU B 85 -1.69 5.54 25.54
N LEU B 86 -1.29 4.35 25.99
CA LEU B 86 -2.19 3.21 26.07
C LEU B 86 -3.09 3.31 27.30
N LYS B 87 -2.79 4.27 28.17
CA LYS B 87 -3.57 4.47 29.39
C LYS B 87 -4.58 5.60 29.20
N THR B 88 -4.28 6.51 28.28
CA THR B 88 -5.17 7.64 28.01
C THR B 88 -5.10 8.04 26.54
N GLY B 89 -3.88 8.15 26.01
CA GLY B 89 -3.70 8.53 24.63
C GLY B 89 -3.77 10.03 24.42
N LYS B 90 -2.61 10.65 24.21
CA LYS B 90 -2.54 12.08 24.00
C LYS B 90 -1.79 12.41 22.71
N LEU B 91 -1.79 13.68 22.33
CA LEU B 91 -1.11 14.12 21.12
C LEU B 91 0.24 14.74 21.45
N ILE B 92 0.47 15.19 22.68
CA ILE B 92 1.77 15.79 23.01
C ILE B 92 2.85 14.71 23.17
N GLY A 1 -6.23 -17.96 -29.85
CA GLY A 1 -6.53 -17.34 -31.12
C GLY A 1 -5.50 -17.67 -32.19
N PRO A 2 -5.80 -17.30 -33.44
CA PRO A 2 -4.91 -17.56 -34.57
C PRO A 2 -3.64 -16.71 -34.53
N GLY A 3 -3.80 -15.44 -34.12
CA GLY A 3 -2.66 -14.55 -34.03
C GLY A 3 -1.87 -14.75 -32.75
N SER A 4 -0.68 -14.15 -32.69
CA SER A 4 0.18 -14.27 -31.52
C SER A 4 0.92 -12.95 -31.27
N MET A 5 1.08 -12.62 -29.98
CA MET A 5 1.77 -11.40 -29.60
C MET A 5 1.90 -11.31 -28.08
N VAL A 6 2.78 -10.41 -27.62
CA VAL A 6 3.01 -10.23 -26.20
C VAL A 6 1.83 -9.52 -25.54
N ASP A 7 1.96 -9.23 -24.25
CA ASP A 7 0.89 -8.55 -23.50
C ASP A 7 1.45 -7.96 -22.21
N VAL A 8 0.90 -6.82 -21.81
CA VAL A 8 1.32 -6.15 -20.59
C VAL A 8 0.70 -6.79 -19.36
N ILE A 9 1.48 -6.92 -18.30
CA ILE A 9 1.00 -7.52 -17.06
C ILE A 9 1.40 -6.67 -15.85
N ILE A 10 0.48 -6.52 -14.91
CA ILE A 10 0.73 -5.74 -13.70
C ILE A 10 0.72 -6.62 -12.47
N TYR A 11 1.59 -6.31 -11.51
CA TYR A 11 1.67 -7.07 -10.27
C TYR A 11 0.79 -6.46 -9.19
N THR A 12 -0.40 -7.03 -8.99
CA THR A 12 -1.33 -6.53 -7.99
C THR A 12 -2.51 -7.48 -7.82
N ARG A 13 -3.02 -7.56 -6.60
CA ARG A 13 -4.16 -8.43 -6.30
C ARG A 13 -5.33 -8.12 -7.22
N PRO A 14 -6.25 -9.09 -7.36
CA PRO A 14 -7.43 -8.94 -8.22
C PRO A 14 -8.44 -7.95 -7.65
N GLY A 15 -8.21 -6.67 -7.93
CA GLY A 15 -9.10 -5.63 -7.44
C GLY A 15 -9.17 -5.60 -5.92
N CYS A 16 -8.57 -4.58 -5.31
CA CYS A 16 -8.56 -4.32 -3.84
C CYS A 16 -7.46 -3.36 -3.35
N PRO A 17 -6.18 -3.54 -3.79
CA PRO A 17 -5.17 -2.54 -3.45
C PRO A 17 -5.35 -1.25 -4.24
N TYR A 18 -4.37 -0.37 -4.07
CA TYR A 18 -4.31 0.92 -4.74
C TYR A 18 -4.17 0.74 -6.25
N CYS A 19 -2.95 0.45 -6.74
CA CYS A 19 -2.63 0.24 -8.15
C CYS A 19 -3.50 1.11 -9.04
N ALA A 20 -3.61 2.39 -8.70
CA ALA A 20 -4.42 3.33 -9.48
C ALA A 20 -3.59 3.99 -10.56
N ARG A 21 -2.36 4.38 -10.22
CA ARG A 21 -1.46 5.03 -11.16
C ARG A 21 -1.26 4.17 -12.41
N ALA A 22 -1.04 2.87 -12.19
CA ALA A 22 -0.83 1.93 -13.28
C ALA A 22 -2.07 1.82 -14.15
N LYS A 23 -3.15 1.34 -13.56
CA LYS A 23 -4.42 1.18 -14.28
C LYS A 23 -4.82 2.48 -14.96
N ALA A 24 -4.44 3.60 -14.35
CA ALA A 24 -4.77 4.91 -14.90
C ALA A 24 -4.32 5.02 -16.35
N LEU A 25 -3.02 4.96 -16.56
CA LEU A 25 -2.46 5.05 -17.91
C LEU A 25 -3.13 4.07 -18.85
N LEU A 26 -3.16 2.80 -18.46
CA LEU A 26 -3.78 1.76 -19.26
C LEU A 26 -5.23 2.10 -19.58
N ALA A 27 -5.84 2.91 -18.71
CA ALA A 27 -7.23 3.32 -18.90
C ALA A 27 -7.32 4.56 -19.78
N ARG A 28 -6.23 5.31 -19.85
CA ARG A 28 -6.19 6.52 -20.66
C ARG A 28 -6.06 6.18 -22.14
N LYS A 29 -5.38 5.08 -22.43
CA LYS A 29 -5.19 4.64 -23.81
C LYS A 29 -5.85 3.30 -24.06
N GLY A 30 -6.71 2.89 -23.13
CA GLY A 30 -7.41 1.61 -23.27
C GLY A 30 -6.46 0.47 -23.53
N ALA A 31 -5.23 0.59 -23.05
CA ALA A 31 -4.22 -0.45 -23.23
C ALA A 31 -4.63 -1.73 -22.51
N GLU A 32 -3.89 -2.81 -22.79
CA GLU A 32 -4.18 -4.10 -22.17
C GLU A 32 -3.33 -4.29 -20.91
N PHE A 33 -3.86 -5.08 -19.98
CA PHE A 33 -3.16 -5.34 -18.72
C PHE A 33 -3.80 -6.52 -17.98
N ASN A 34 -3.00 -7.20 -17.16
CA ASN A 34 -3.49 -8.34 -16.40
C ASN A 34 -2.98 -8.29 -14.97
N GLU A 35 -3.90 -8.32 -14.01
CA GLU A 35 -3.54 -8.28 -12.59
C GLU A 35 -3.03 -9.64 -12.12
N ILE A 36 -2.06 -9.62 -11.23
CA ILE A 36 -1.49 -10.86 -10.69
C ILE A 36 -1.72 -10.96 -9.19
N ASP A 37 -2.44 -11.99 -8.77
CA ASP A 37 -2.72 -12.20 -7.35
C ASP A 37 -1.46 -12.59 -6.59
N ALA A 38 -0.95 -11.68 -5.79
CA ALA A 38 0.25 -11.93 -5.01
C ALA A 38 -0.09 -12.47 -3.62
N SER A 39 0.94 -12.75 -2.83
CA SER A 39 0.74 -13.28 -1.49
C SER A 39 -0.03 -14.60 -1.52
N ALA A 40 0.08 -15.30 -2.64
CA ALA A 40 -0.61 -16.58 -2.81
C ALA A 40 0.38 -17.70 -3.13
N THR A 41 1.42 -17.37 -3.89
CA THR A 41 2.44 -18.34 -4.27
C THR A 41 3.84 -17.83 -3.93
N PRO A 42 4.73 -18.76 -3.59
CA PRO A 42 6.12 -18.45 -3.23
C PRO A 42 6.93 -17.96 -4.44
N GLU A 43 6.39 -18.21 -5.64
CA GLU A 43 7.07 -17.80 -6.86
C GLU A 43 6.96 -16.29 -7.07
N LEU A 44 5.73 -15.80 -7.13
CA LEU A 44 5.49 -14.37 -7.32
C LEU A 44 6.18 -13.55 -6.24
N ARG A 45 5.83 -13.83 -4.99
CA ARG A 45 6.43 -13.12 -3.85
C ARG A 45 7.95 -13.13 -3.94
N ALA A 46 8.49 -14.20 -4.49
CA ALA A 46 9.94 -14.35 -4.63
C ALA A 46 10.49 -13.38 -5.68
N GLU A 47 9.73 -13.21 -6.76
CA GLU A 47 10.14 -12.32 -7.84
C GLU A 47 10.35 -10.90 -7.32
N MET A 48 9.37 -10.37 -6.59
CA MET A 48 9.45 -9.04 -6.03
C MET A 48 10.47 -8.98 -4.90
N GLN A 49 10.64 -10.10 -4.21
CA GLN A 49 11.59 -10.18 -3.09
C GLN A 49 13.02 -10.06 -3.59
N GLU A 50 13.25 -10.47 -4.84
CA GLU A 50 14.58 -10.41 -5.43
C GLU A 50 15.16 -9.00 -5.33
N ARG A 51 14.40 -8.03 -5.81
CA ARG A 51 14.83 -6.64 -5.79
C ARG A 51 14.40 -5.96 -4.49
N SER A 52 13.25 -6.37 -3.98
CA SER A 52 12.71 -5.80 -2.74
C SER A 52 12.55 -4.29 -2.87
N GLY A 53 12.10 -3.84 -4.04
CA GLY A 53 11.91 -2.42 -4.27
C GLY A 53 10.86 -1.82 -3.36
N ARG A 54 10.52 -0.56 -3.59
CA ARG A 54 9.53 0.13 -2.78
C ARG A 54 8.23 -0.66 -2.73
N ASN A 55 7.32 -0.30 -1.83
CA ASN A 55 6.03 -0.97 -1.64
C ASN A 55 4.86 0.02 -1.75
N THR A 56 4.92 0.97 -2.67
CA THR A 56 3.89 1.99 -2.79
C THR A 56 3.06 1.79 -4.06
N PHE A 57 3.67 1.15 -5.06
CA PHE A 57 2.99 0.90 -6.32
C PHE A 57 3.34 -0.50 -6.85
N PRO A 58 2.47 -1.03 -7.71
CA PRO A 58 2.65 -2.36 -8.31
C PRO A 58 3.80 -2.38 -9.31
N GLN A 59 4.00 -3.54 -9.94
CA GLN A 59 5.07 -3.68 -10.93
C GLN A 59 4.49 -3.90 -12.33
N ILE A 60 5.12 -3.29 -13.32
CA ILE A 60 4.67 -3.41 -14.70
C ILE A 60 5.56 -4.38 -15.48
N PHE A 61 4.96 -5.04 -16.47
CA PHE A 61 5.69 -6.00 -17.30
C PHE A 61 5.29 -5.88 -18.76
N ILE A 62 6.27 -5.97 -19.65
CA ILE A 62 6.01 -5.88 -21.09
C ILE A 62 6.87 -6.85 -21.87
N GLY A 63 6.24 -7.89 -22.41
CA GLY A 63 6.97 -8.88 -23.18
C GLY A 63 8.12 -9.49 -22.40
N SER A 64 9.33 -9.33 -22.92
CA SER A 64 10.52 -9.86 -22.27
C SER A 64 11.32 -8.76 -21.60
N VAL A 65 10.63 -7.69 -21.20
CA VAL A 65 11.28 -6.56 -20.55
C VAL A 65 10.72 -6.34 -19.14
N HIS A 66 11.57 -5.91 -18.23
CA HIS A 66 11.16 -5.66 -16.85
C HIS A 66 10.93 -4.17 -16.61
N VAL A 67 9.95 -3.85 -15.78
CA VAL A 67 9.64 -2.46 -15.46
C VAL A 67 9.37 -2.28 -13.97
N GLY A 68 10.04 -1.31 -13.36
CA GLY A 68 9.85 -1.05 -11.95
C GLY A 68 8.39 -0.89 -11.57
N GLY A 69 7.87 0.33 -11.73
CA GLY A 69 6.48 0.59 -11.40
C GLY A 69 5.89 1.72 -12.22
N SER A 70 4.79 2.28 -11.74
CA SER A 70 4.13 3.39 -12.43
C SER A 70 5.12 4.50 -12.75
N ASP A 71 6.11 4.67 -11.89
CA ASP A 71 7.12 5.70 -12.08
C ASP A 71 7.75 5.60 -13.46
N ASP A 72 8.20 4.40 -13.81
CA ASP A 72 8.82 4.17 -15.12
C ASP A 72 7.76 4.09 -16.21
N LEU A 73 6.68 3.37 -15.93
CA LEU A 73 5.60 3.22 -16.91
C LEU A 73 5.12 4.58 -17.41
N TYR A 74 5.02 5.54 -16.50
CA TYR A 74 4.57 6.89 -16.85
C TYR A 74 5.68 7.65 -17.57
N ALA A 75 6.90 7.51 -17.09
CA ALA A 75 8.04 8.19 -17.68
C ALA A 75 8.10 7.92 -19.18
N LEU A 76 7.86 6.68 -19.58
CA LEU A 76 7.89 6.30 -20.98
C LEU A 76 6.79 7.01 -21.77
N GLU A 77 5.62 7.15 -21.14
CA GLU A 77 4.49 7.81 -21.78
C GLU A 77 4.83 9.26 -22.14
N ASP A 78 5.69 9.86 -21.33
CA ASP A 78 6.11 11.25 -21.54
C ASP A 78 7.13 11.33 -22.68
N GLU A 79 8.19 10.54 -22.57
CA GLU A 79 9.25 10.54 -23.57
C GLU A 79 8.70 10.05 -24.92
N GLY A 80 7.64 9.25 -24.86
CA GLY A 80 7.05 8.72 -26.08
C GLY A 80 7.53 7.32 -26.40
N LYS A 81 7.46 6.43 -25.42
CA LYS A 81 7.89 5.05 -25.60
C LYS A 81 6.81 4.08 -25.13
N LEU A 82 5.57 4.54 -25.12
CA LEU A 82 4.45 3.70 -24.68
C LEU A 82 3.85 2.94 -25.85
N ASP A 83 3.81 3.58 -27.01
CA ASP A 83 3.27 2.96 -28.22
C ASP A 83 3.99 1.65 -28.52
N SER A 84 5.30 1.74 -28.76
CA SER A 84 6.10 0.55 -29.06
C SER A 84 6.18 -0.37 -27.86
N LEU A 85 5.84 0.15 -26.69
CA LEU A 85 5.88 -0.63 -25.46
C LEU A 85 4.68 -1.56 -25.36
N LEU A 86 3.49 -1.01 -25.63
CA LEU A 86 2.26 -1.79 -25.58
C LEU A 86 2.11 -2.66 -26.82
N LYS A 87 2.87 -2.32 -27.86
CA LYS A 87 2.82 -3.06 -29.11
C LYS A 87 3.68 -4.32 -29.03
N THR A 88 4.83 -4.20 -28.38
CA THR A 88 5.75 -5.33 -28.23
C THR A 88 6.39 -5.33 -26.84
N GLY A 89 6.79 -4.15 -26.37
CA GLY A 89 7.41 -4.03 -25.07
C GLY A 89 8.92 -3.98 -25.15
N LYS A 90 9.47 -2.77 -25.03
CA LYS A 90 10.91 -2.58 -25.09
C LYS A 90 11.42 -1.75 -23.91
N LEU A 91 12.72 -1.58 -23.82
CA LEU A 91 13.32 -0.80 -22.74
C LEU A 91 13.76 0.57 -23.23
N ILE A 92 14.13 0.69 -24.51
CA ILE A 92 14.72 1.92 -25.06
C ILE A 92 13.73 3.09 -25.07
N GLY B 1 -19.03 -4.33 28.78
CA GLY B 1 -18.54 -4.61 30.11
C GLY B 1 -18.91 -3.53 31.11
N PRO B 2 -18.67 -3.81 32.40
CA PRO B 2 -18.97 -2.88 33.48
C PRO B 2 -18.05 -1.67 33.47
N GLY B 3 -16.78 -1.89 33.17
CA GLY B 3 -15.82 -0.81 33.14
C GLY B 3 -15.85 -0.05 31.83
N SER B 4 -15.18 1.11 31.79
CA SER B 4 -15.15 1.93 30.60
C SER B 4 -13.79 2.59 30.43
N MET B 5 -13.34 2.69 29.18
CA MET B 5 -12.05 3.31 28.88
C MET B 5 -11.82 3.39 27.38
N VAL B 6 -10.83 4.20 26.98
CA VAL B 6 -10.52 4.37 25.57
C VAL B 6 -9.82 3.13 25.01
N ASP B 7 -9.42 3.20 23.74
CA ASP B 7 -8.74 2.09 23.09
C ASP B 7 -8.00 2.57 21.85
N VAL B 8 -6.87 1.94 21.55
CA VAL B 8 -6.07 2.30 20.39
C VAL B 8 -6.63 1.66 19.12
N ILE B 9 -6.62 2.41 18.03
CA ILE B 9 -7.14 1.93 16.76
C ILE B 9 -6.17 2.25 15.62
N ILE B 10 -5.99 1.28 14.72
CA ILE B 10 -5.09 1.45 13.59
C ILE B 10 -5.87 1.44 12.27
N TYR B 11 -5.43 2.27 11.32
CA TYR B 11 -6.07 2.34 10.02
C TYR B 11 -5.41 1.41 9.02
N THR B 12 -6.03 0.25 8.81
CA THR B 12 -5.50 -0.74 7.88
C THR B 12 -6.49 -1.88 7.66
N ARG B 13 -6.50 -2.43 6.45
CA ARG B 13 -7.40 -3.52 6.11
C ARG B 13 -7.24 -4.68 7.10
N PRO B 14 -8.27 -5.54 7.18
CA PRO B 14 -8.26 -6.70 8.07
C PRO B 14 -7.27 -7.77 7.62
N GLY B 15 -6.00 -7.61 8.01
CA GLY B 15 -4.98 -8.57 7.64
C GLY B 15 -4.82 -8.69 6.14
N CYS B 16 -3.66 -8.21 5.67
CA CYS B 16 -3.01 -8.34 4.32
C CYS B 16 -2.18 -7.17 3.74
N PRO B 17 -2.43 -5.89 4.10
CA PRO B 17 -1.35 -4.94 3.82
C PRO B 17 -0.14 -5.15 4.73
N TYR B 18 0.84 -4.25 4.62
CA TYR B 18 2.04 -4.34 5.45
C TYR B 18 1.71 -4.04 6.90
N CYS B 19 1.46 -2.78 7.30
CA CYS B 19 1.15 -2.39 8.67
C CYS B 19 1.89 -3.29 9.66
N ALA B 20 3.19 -3.46 9.44
CA ALA B 20 4.01 -4.30 10.31
C ALA B 20 4.63 -3.47 11.44
N ARG B 21 5.10 -2.27 11.09
CA ARG B 21 5.71 -1.39 12.07
C ARG B 21 4.76 -1.09 13.22
N ALA B 22 3.50 -0.80 12.89
CA ALA B 22 2.49 -0.51 13.89
C ALA B 22 2.23 -1.73 14.78
N LYS B 23 1.74 -2.80 14.18
CA LYS B 23 1.45 -4.03 14.91
C LYS B 23 2.66 -4.48 15.71
N ALA B 24 3.85 -4.18 15.20
CA ALA B 24 5.09 -4.56 15.87
C ALA B 24 5.11 -4.06 17.31
N LEU B 25 5.09 -2.75 17.49
CA LEU B 25 5.10 -2.15 18.82
C LEU B 25 3.99 -2.74 19.69
N LEU B 26 2.77 -2.72 19.18
CA LEU B 26 1.63 -3.26 19.91
C LEU B 26 1.86 -4.71 20.30
N ALA B 27 2.71 -5.40 19.53
CA ALA B 27 3.02 -6.79 19.78
C ALA B 27 4.18 -6.92 20.77
N ARG B 28 4.98 -5.87 20.88
CA ARG B 28 6.12 -5.87 21.79
C ARG B 28 5.66 -5.66 23.23
N LYS B 29 4.57 -4.93 23.41
CA LYS B 29 4.03 -4.66 24.73
C LYS B 29 2.63 -5.25 24.87
N GLY B 30 2.25 -6.12 23.95
CA GLY B 30 0.95 -6.74 23.98
C GLY B 30 -0.17 -5.73 24.12
N ALA B 31 0.06 -4.52 23.62
CA ALA B 31 -0.93 -3.46 23.69
C ALA B 31 -2.17 -3.81 22.87
N GLU B 32 -3.22 -3.01 23.03
CA GLU B 32 -4.47 -3.25 22.29
C GLU B 32 -4.50 -2.44 21.00
N PHE B 33 -5.24 -2.95 20.01
CA PHE B 33 -5.35 -2.28 18.73
C PHE B 33 -6.49 -2.89 17.90
N ASN B 34 -7.05 -2.08 17.01
CA ASN B 34 -8.15 -2.54 16.16
C ASN B 34 -7.95 -2.07 14.72
N GLU B 35 -7.95 -3.03 13.80
CA GLU B 35 -7.76 -2.71 12.37
C GLU B 35 -9.05 -2.16 11.77
N ILE B 36 -8.90 -1.22 10.85
CA ILE B 36 -10.05 -0.59 10.19
C ILE B 36 -10.03 -0.87 8.70
N ASP B 37 -11.06 -1.55 8.21
CA ASP B 37 -11.17 -1.87 6.79
C ASP B 37 -11.42 -0.61 5.97
N ALA B 38 -10.41 -0.18 5.23
CA ALA B 38 -10.52 1.01 4.40
C ALA B 38 -10.95 0.65 2.98
N SER B 39 -11.12 1.67 2.13
CA SER B 39 -11.54 1.46 0.76
C SER B 39 -12.89 0.75 0.70
N ALA B 40 -13.69 0.93 1.75
CA ALA B 40 -15.01 0.33 1.81
C ALA B 40 -16.09 1.38 2.01
N THR B 41 -15.77 2.42 2.77
CA THR B 41 -16.71 3.50 3.03
C THR B 41 -16.10 4.86 2.69
N PRO B 42 -16.96 5.79 2.25
CA PRO B 42 -16.53 7.14 1.89
C PRO B 42 -16.12 7.97 3.10
N GLU B 43 -16.49 7.49 4.29
CA GLU B 43 -16.16 8.19 5.53
C GLU B 43 -14.68 8.01 5.87
N LEU B 44 -14.26 6.75 6.00
CA LEU B 44 -12.86 6.44 6.34
C LEU B 44 -11.91 7.05 5.31
N ARG B 45 -12.11 6.69 4.04
CA ARG B 45 -11.27 7.20 2.97
C ARG B 45 -11.20 8.72 3.00
N ALA B 46 -12.30 9.34 3.45
CA ALA B 46 -12.36 10.80 3.54
C ALA B 46 -11.46 11.33 4.64
N GLU B 47 -11.43 10.60 5.77
CA GLU B 47 -10.61 11.00 6.90
C GLU B 47 -9.14 11.12 6.50
N MET B 48 -8.62 10.08 5.85
CA MET B 48 -7.24 10.08 5.41
C MET B 48 -7.02 11.05 4.26
N GLN B 49 -8.06 11.26 3.47
CA GLN B 49 -8.00 12.17 2.33
C GLN B 49 -7.84 13.62 2.79
N GLU B 50 -8.35 13.90 3.99
CA GLU B 50 -8.27 15.25 4.55
C GLU B 50 -6.83 15.76 4.55
N ARG B 51 -5.95 14.96 5.15
CA ARG B 51 -4.53 15.31 5.23
C ARG B 51 -3.77 14.81 4.01
N SER B 52 -4.19 13.65 3.49
CA SER B 52 -3.55 13.06 2.33
C SER B 52 -2.07 12.83 2.60
N GLY B 53 -1.75 12.39 3.81
CA GLY B 53 -0.37 12.13 4.18
C GLY B 53 0.25 11.02 3.35
N ARG B 54 1.47 10.62 3.70
CA ARG B 54 2.17 9.58 2.98
C ARG B 54 1.33 8.31 2.90
N ASN B 55 1.73 7.38 2.05
CA ASN B 55 1.02 6.12 1.83
C ASN B 55 1.95 4.92 2.02
N THR B 56 2.77 4.92 3.07
CA THR B 56 3.71 3.85 3.31
C THR B 56 3.35 3.07 4.58
N PHE B 57 2.68 3.75 5.50
CA PHE B 57 2.27 3.12 6.76
C PHE B 57 0.86 3.56 7.15
N PRO B 58 0.20 2.74 7.99
CA PRO B 58 -1.16 3.01 8.45
C PRO B 58 -1.21 4.19 9.42
N GLN B 59 -2.40 4.47 9.95
CA GLN B 59 -2.57 5.58 10.89
C GLN B 59 -2.95 5.06 12.27
N ILE B 60 -2.39 5.70 13.30
CA ILE B 60 -2.65 5.31 14.68
C ILE B 60 -3.64 6.26 15.34
N PHE B 61 -4.41 5.74 16.29
CA PHE B 61 -5.39 6.54 17.00
C PHE B 61 -5.43 6.17 18.48
N ILE B 62 -5.54 7.19 19.33
CA ILE B 62 -5.58 6.97 20.77
C ILE B 62 -6.58 7.91 21.44
N GLY B 63 -7.69 7.36 21.91
CA GLY B 63 -8.71 8.15 22.57
C GLY B 63 -9.18 9.31 21.71
N SER B 64 -8.99 10.53 22.21
CA SER B 64 -9.41 11.72 21.48
C SER B 64 -8.20 12.44 20.88
N VAL B 65 -7.14 11.68 20.60
CA VAL B 65 -5.93 12.25 20.03
C VAL B 65 -5.61 11.63 18.68
N HIS B 66 -5.06 12.43 17.77
CA HIS B 66 -4.72 11.97 16.44
C HIS B 66 -3.22 11.65 16.34
N VAL B 67 -2.89 10.63 15.56
CA VAL B 67 -1.50 10.23 15.38
C VAL B 67 -1.21 9.89 13.91
N GLY B 68 -0.15 10.50 13.38
CA GLY B 68 0.22 10.25 12.00
C GLY B 68 0.33 8.78 11.68
N GLY B 69 1.50 8.20 11.95
CA GLY B 69 1.72 6.79 11.69
C GLY B 69 2.74 6.17 12.62
N SER B 70 3.28 5.02 12.22
CA SER B 70 4.28 4.33 13.03
C SER B 70 5.42 5.27 13.43
N ASP B 71 5.72 6.22 12.55
CA ASP B 71 6.77 7.19 12.80
C ASP B 71 6.59 7.86 14.16
N ASP B 72 5.39 8.39 14.39
CA ASP B 72 5.09 9.06 15.65
C ASP B 72 4.86 8.04 16.76
N LEU B 73 4.11 6.99 16.45
CA LEU B 73 3.80 5.95 17.43
C LEU B 73 5.08 5.42 18.06
N TYR B 74 6.12 5.23 17.24
CA TYR B 74 7.40 4.74 17.73
C TYR B 74 8.16 5.81 18.48
N ALA B 75 8.12 7.03 17.95
CA ALA B 75 8.81 8.16 18.58
C ALA B 75 8.43 8.29 20.04
N LEU B 76 7.14 8.11 20.33
CA LEU B 76 6.64 8.21 21.70
C LEU B 76 7.22 7.11 22.57
N GLU B 77 7.34 5.91 22.00
CA GLU B 77 7.88 4.76 22.73
C GLU B 77 9.31 5.04 23.19
N ASP B 78 10.04 5.84 22.42
CA ASP B 78 11.41 6.19 22.75
C ASP B 78 11.46 7.24 23.85
N GLU B 79 10.74 8.34 23.64
CA GLU B 79 10.70 9.42 24.61
C GLU B 79 10.07 8.95 25.92
N GLY B 80 9.22 7.94 25.84
CA GLY B 80 8.56 7.41 27.02
C GLY B 80 7.17 7.97 27.20
N LYS B 81 6.37 7.92 26.14
CA LYS B 81 4.99 8.43 26.19
C LYS B 81 4.01 7.39 25.66
N LEU B 82 4.40 6.12 25.72
CA LEU B 82 3.55 5.03 25.25
C LEU B 82 2.65 4.52 26.36
N ASP B 83 3.20 4.49 27.58
CA ASP B 83 2.44 4.01 28.73
C ASP B 83 1.15 4.81 28.90
N SER B 84 1.29 6.11 29.10
CA SER B 84 0.12 6.99 29.28
C SER B 84 -0.68 7.08 28.00
N LEU B 85 -0.08 6.67 26.89
CA LEU B 85 -0.75 6.71 25.60
C LEU B 85 -1.74 5.55 25.45
N LEU B 86 -1.28 4.36 25.79
CA LEU B 86 -2.12 3.16 25.72
C LEU B 86 -3.10 3.10 26.88
N LYS B 87 -2.80 3.87 27.93
CA LYS B 87 -3.66 3.91 29.11
C LYS B 87 -4.85 4.83 28.89
N THR B 88 -4.61 5.95 28.22
CA THR B 88 -5.67 6.92 27.94
C THR B 88 -5.52 7.52 26.55
N GLY B 89 -4.28 7.83 26.17
CA GLY B 89 -4.02 8.41 24.87
C GLY B 89 -3.89 9.92 24.91
N LYS B 90 -2.65 10.40 24.88
CA LYS B 90 -2.39 11.83 24.92
C LYS B 90 -1.43 12.24 23.80
N LEU B 91 -1.18 13.54 23.70
CA LEU B 91 -0.28 14.06 22.67
C LEU B 91 1.07 14.44 23.27
N ILE B 92 1.10 14.81 24.53
CA ILE B 92 2.32 15.36 25.14
C ILE B 92 3.43 14.31 25.20
N GLY A 1 -6.42 -20.95 -33.12
CA GLY A 1 -6.23 -19.58 -33.58
C GLY A 1 -5.04 -19.43 -34.51
N PRO A 2 -4.97 -18.29 -35.20
CA PRO A 2 -3.87 -18.00 -36.14
C PRO A 2 -2.54 -17.78 -35.43
N GLY A 3 -2.57 -16.94 -34.39
CA GLY A 3 -1.36 -16.65 -33.65
C GLY A 3 -1.61 -15.78 -32.43
N SER A 4 -0.69 -14.86 -32.16
CA SER A 4 -0.82 -13.96 -31.03
C SER A 4 0.35 -12.99 -30.95
N MET A 5 0.31 -12.10 -29.98
CA MET A 5 1.38 -11.12 -29.80
C MET A 5 1.69 -10.92 -28.32
N VAL A 6 2.52 -9.91 -28.02
CA VAL A 6 2.89 -9.61 -26.65
C VAL A 6 1.71 -9.10 -25.84
N ASP A 7 1.95 -8.74 -24.59
CA ASP A 7 0.90 -8.23 -23.72
C ASP A 7 1.48 -7.73 -22.40
N VAL A 8 0.88 -6.68 -21.85
CA VAL A 8 1.33 -6.11 -20.59
C VAL A 8 0.75 -6.85 -19.40
N ILE A 9 1.52 -6.95 -18.32
CA ILE A 9 1.08 -7.64 -17.12
C ILE A 9 1.53 -6.88 -15.87
N ILE A 10 0.68 -6.92 -14.84
CA ILE A 10 0.98 -6.25 -13.58
C ILE A 10 0.85 -7.20 -12.41
N TYR A 11 1.91 -7.28 -11.59
CA TYR A 11 1.91 -8.17 -10.43
C TYR A 11 1.38 -7.43 -9.20
N THR A 12 0.13 -7.70 -8.85
CA THR A 12 -0.49 -7.07 -7.69
C THR A 12 -1.89 -7.63 -7.45
N ARG A 13 -2.48 -7.27 -6.32
CA ARG A 13 -3.81 -7.74 -5.96
C ARG A 13 -4.87 -7.09 -6.86
N PRO A 14 -5.82 -7.90 -7.34
CA PRO A 14 -6.89 -7.44 -8.23
C PRO A 14 -7.90 -6.56 -7.48
N GLY A 15 -7.51 -5.30 -7.25
CA GLY A 15 -8.39 -4.38 -6.55
C GLY A 15 -8.17 -4.40 -5.05
N CYS A 16 -7.41 -3.44 -4.55
CA CYS A 16 -7.13 -3.18 -3.12
C CYS A 16 -5.89 -2.30 -2.83
N PRO A 17 -4.73 -2.61 -3.43
CA PRO A 17 -3.60 -1.69 -3.27
C PRO A 17 -3.82 -0.36 -3.99
N TYR A 18 -2.83 0.51 -4.07
CA TYR A 18 -2.99 1.81 -4.74
C TYR A 18 -2.56 1.72 -6.20
N CYS A 19 -2.92 0.63 -6.87
CA CYS A 19 -2.59 0.42 -8.27
C CYS A 19 -3.61 1.10 -9.18
N ALA A 20 -3.98 2.33 -8.82
CA ALA A 20 -4.95 3.09 -9.61
C ALA A 20 -4.25 3.91 -10.69
N ARG A 21 -3.03 4.35 -10.39
CA ARG A 21 -2.25 5.15 -11.34
C ARG A 21 -1.90 4.34 -12.58
N ALA A 22 -1.43 3.11 -12.36
CA ALA A 22 -1.05 2.23 -13.47
C ALA A 22 -2.25 1.90 -14.33
N LYS A 23 -3.34 1.48 -13.69
CA LYS A 23 -4.57 1.13 -14.42
C LYS A 23 -5.16 2.35 -15.12
N ALA A 24 -5.18 3.48 -14.40
CA ALA A 24 -5.71 4.72 -14.96
C ALA A 24 -5.08 5.03 -16.32
N LEU A 25 -3.76 4.98 -16.37
CA LEU A 25 -3.03 5.26 -17.60
C LEU A 25 -3.47 4.32 -18.72
N LEU A 26 -3.54 3.03 -18.41
CA LEU A 26 -3.95 2.02 -19.37
C LEU A 26 -5.31 2.36 -19.97
N ALA A 27 -6.14 3.03 -19.18
CA ALA A 27 -7.48 3.42 -19.63
C ALA A 27 -7.40 4.55 -20.65
N ARG A 28 -6.33 5.31 -20.61
CA ARG A 28 -6.13 6.42 -21.54
C ARG A 28 -5.80 5.91 -22.94
N LYS A 29 -4.76 5.09 -23.03
CA LYS A 29 -4.36 4.52 -24.32
C LYS A 29 -5.11 3.23 -24.61
N GLY A 30 -6.09 2.92 -23.78
CA GLY A 30 -6.87 1.71 -23.97
C GLY A 30 -6.00 0.47 -24.11
N ALA A 31 -4.87 0.47 -23.41
CA ALA A 31 -3.95 -0.67 -23.46
C ALA A 31 -4.47 -1.84 -22.65
N GLU A 32 -3.82 -3.00 -22.80
CA GLU A 32 -4.22 -4.20 -22.07
C GLU A 32 -3.37 -4.39 -20.83
N PHE A 33 -3.88 -5.18 -19.88
CA PHE A 33 -3.17 -5.45 -18.65
C PHE A 33 -3.79 -6.63 -17.90
N ASN A 34 -2.96 -7.38 -17.19
CA ASN A 34 -3.42 -8.53 -16.44
C ASN A 34 -2.83 -8.55 -15.02
N GLU A 35 -3.71 -8.64 -14.03
CA GLU A 35 -3.28 -8.67 -12.64
C GLU A 35 -2.80 -10.06 -12.23
N ILE A 36 -1.99 -10.11 -11.18
CA ILE A 36 -1.46 -11.38 -10.69
C ILE A 36 -1.71 -11.54 -9.20
N ASP A 37 -2.38 -12.63 -8.82
CA ASP A 37 -2.68 -12.90 -7.42
C ASP A 37 -1.43 -13.34 -6.68
N ALA A 38 -0.87 -12.44 -5.88
CA ALA A 38 0.33 -12.74 -5.11
C ALA A 38 -0.02 -13.27 -3.72
N SER A 39 1.00 -13.58 -2.93
CA SER A 39 0.80 -14.10 -1.58
C SER A 39 0.08 -15.44 -1.62
N ALA A 40 0.16 -16.12 -2.76
CA ALA A 40 -0.47 -17.42 -2.92
C ALA A 40 0.55 -18.49 -3.30
N THR A 41 1.58 -18.08 -4.05
CA THR A 41 2.63 -19.00 -4.48
C THR A 41 4.01 -18.47 -4.10
N PRO A 42 4.94 -19.40 -3.82
CA PRO A 42 6.31 -19.05 -3.44
C PRO A 42 7.10 -18.47 -4.61
N GLU A 43 6.54 -18.59 -5.81
CA GLU A 43 7.20 -18.07 -7.01
C GLU A 43 6.99 -16.57 -7.14
N LEU A 44 5.74 -16.13 -7.00
CA LEU A 44 5.41 -14.72 -7.11
C LEU A 44 6.08 -13.92 -5.99
N ARG A 45 5.81 -14.30 -4.75
CA ARG A 45 6.39 -13.63 -3.59
C ARG A 45 7.91 -13.56 -3.71
N ALA A 46 8.49 -14.53 -4.41
CA ALA A 46 9.94 -14.57 -4.60
C ALA A 46 10.39 -13.57 -5.66
N GLU A 47 9.66 -13.52 -6.76
CA GLU A 47 9.99 -12.61 -7.85
C GLU A 47 9.70 -11.16 -7.45
N MET A 48 8.47 -10.91 -7.01
CA MET A 48 8.08 -9.57 -6.59
C MET A 48 9.00 -9.04 -5.49
N GLN A 49 9.62 -9.96 -4.76
CA GLN A 49 10.52 -9.59 -3.68
C GLN A 49 11.84 -9.05 -4.22
N GLU A 50 12.15 -9.39 -5.48
CA GLU A 50 13.37 -8.93 -6.12
C GLU A 50 13.33 -7.43 -6.36
N ARG A 51 12.19 -6.94 -6.82
CA ARG A 51 12.01 -5.51 -7.10
C ARG A 51 11.07 -4.88 -6.10
N SER A 52 10.73 -5.62 -5.04
CA SER A 52 9.83 -5.13 -4.01
C SER A 52 10.29 -3.76 -3.50
N GLY A 53 11.34 -3.77 -2.69
CA GLY A 53 11.87 -2.53 -2.14
C GLY A 53 10.79 -1.72 -1.43
N ARG A 54 10.30 -0.68 -2.10
CA ARG A 54 9.28 0.18 -1.52
C ARG A 54 7.89 -0.23 -2.01
N ASN A 55 6.97 -0.57 -1.13
CA ASN A 55 5.64 -1.02 -1.55
C ASN A 55 4.72 0.20 -1.66
N THR A 56 4.95 0.97 -2.71
CA THR A 56 4.16 2.15 -3.02
C THR A 56 3.38 1.97 -4.30
N PHE A 57 3.85 1.09 -5.17
CA PHE A 57 3.19 0.82 -6.44
C PHE A 57 3.48 -0.60 -6.91
N PRO A 58 2.60 -1.11 -7.79
CA PRO A 58 2.73 -2.48 -8.34
C PRO A 58 3.91 -2.60 -9.29
N GLN A 59 4.09 -3.79 -9.85
CA GLN A 59 5.18 -4.04 -10.79
C GLN A 59 4.65 -4.22 -12.21
N ILE A 60 5.17 -3.43 -13.14
CA ILE A 60 4.76 -3.51 -14.53
C ILE A 60 5.61 -4.51 -15.31
N PHE A 61 5.03 -5.10 -16.34
CA PHE A 61 5.73 -6.08 -17.16
C PHE A 61 5.26 -6.01 -18.62
N ILE A 62 6.23 -5.84 -19.52
CA ILE A 62 5.91 -5.75 -20.94
C ILE A 62 6.87 -6.62 -21.77
N GLY A 63 6.31 -7.54 -22.54
CA GLY A 63 7.11 -8.40 -23.37
C GLY A 63 8.21 -9.11 -22.58
N SER A 64 9.46 -8.82 -22.93
CA SER A 64 10.60 -9.43 -22.25
C SER A 64 11.36 -8.40 -21.42
N VAL A 65 10.65 -7.35 -21.01
CA VAL A 65 11.25 -6.29 -20.21
C VAL A 65 10.76 -6.35 -18.76
N HIS A 66 11.67 -6.06 -17.83
CA HIS A 66 11.33 -6.08 -16.42
C HIS A 66 11.34 -4.67 -15.84
N VAL A 67 10.15 -4.11 -15.63
CA VAL A 67 10.02 -2.76 -15.07
C VAL A 67 8.97 -2.72 -13.97
N GLY A 68 9.41 -2.98 -12.74
CA GLY A 68 8.50 -2.97 -11.61
C GLY A 68 8.43 -1.61 -10.94
N GLY A 69 7.74 -0.67 -11.58
CA GLY A 69 7.62 0.67 -11.02
C GLY A 69 6.59 1.50 -11.75
N SER A 70 5.48 1.79 -11.07
CA SER A 70 4.41 2.58 -11.66
C SER A 70 4.96 3.89 -12.24
N ASP A 71 6.00 4.41 -11.61
CA ASP A 71 6.61 5.66 -12.06
C ASP A 71 7.33 5.46 -13.39
N ASP A 72 7.93 4.29 -13.55
CA ASP A 72 8.65 3.97 -14.78
C ASP A 72 7.69 3.87 -15.97
N LEU A 73 6.48 3.41 -15.70
CA LEU A 73 5.47 3.26 -16.74
C LEU A 73 5.03 4.63 -17.27
N TYR A 74 5.07 5.63 -16.41
CA TYR A 74 4.67 6.99 -16.78
C TYR A 74 5.80 7.69 -17.54
N ALA A 75 7.03 7.30 -17.24
CA ALA A 75 8.20 7.90 -17.90
C ALA A 75 8.18 7.62 -19.39
N LEU A 76 7.99 6.36 -19.76
CA LEU A 76 7.96 5.96 -21.17
C LEU A 76 6.81 6.66 -21.89
N GLU A 77 5.65 6.72 -21.25
CA GLU A 77 4.48 7.35 -21.84
C GLU A 77 4.73 8.85 -22.07
N ASP A 78 5.56 9.44 -21.21
CA ASP A 78 5.88 10.86 -21.32
C ASP A 78 6.94 11.09 -22.39
N GLU A 79 7.89 10.16 -22.49
CA GLU A 79 8.96 10.26 -23.46
C GLU A 79 8.46 9.92 -24.87
N GLY A 80 7.46 9.05 -24.94
CA GLY A 80 6.91 8.65 -26.22
C GLY A 80 7.30 7.23 -26.60
N LYS A 81 7.25 6.33 -25.63
CA LYS A 81 7.60 4.93 -25.88
C LYS A 81 6.51 4.01 -25.36
N LEU A 82 5.28 4.49 -25.35
CA LEU A 82 4.14 3.70 -24.88
C LEU A 82 3.63 2.77 -25.98
N ASP A 83 3.65 3.26 -27.22
CA ASP A 83 3.19 2.47 -28.35
C ASP A 83 3.98 1.17 -28.47
N SER A 84 5.26 1.29 -28.76
CA SER A 84 6.13 0.11 -28.90
C SER A 84 6.13 -0.72 -27.62
N LEU A 85 5.77 -0.08 -26.52
CA LEU A 85 5.73 -0.77 -25.22
C LEU A 85 4.52 -1.71 -25.14
N LEU A 86 3.37 -1.20 -25.56
CA LEU A 86 2.14 -1.99 -25.54
C LEU A 86 2.01 -2.82 -26.80
N LYS A 87 2.87 -2.56 -27.78
CA LYS A 87 2.86 -3.29 -29.04
C LYS A 87 3.87 -4.43 -29.02
N THR A 88 4.98 -4.22 -28.30
CA THR A 88 6.02 -5.23 -28.20
C THR A 88 6.53 -5.36 -26.78
N GLY A 89 6.82 -4.22 -26.16
CA GLY A 89 7.31 -4.22 -24.80
C GLY A 89 8.81 -4.01 -24.72
N LYS A 90 9.25 -2.78 -24.96
CA LYS A 90 10.67 -2.45 -24.92
C LYS A 90 10.93 -1.29 -23.97
N LEU A 91 12.12 -1.28 -23.38
CA LEU A 91 12.49 -0.22 -22.44
C LEU A 91 13.20 0.92 -23.15
N ILE A 92 13.79 0.66 -24.32
CA ILE A 92 14.77 1.57 -24.91
C ILE A 92 14.08 2.74 -25.58
N GLY B 1 -22.30 -4.04 31.88
CA GLY B 1 -20.97 -3.92 32.45
C GLY B 1 -20.82 -2.71 33.34
N PRO B 2 -19.74 -2.68 34.13
CA PRO B 2 -19.47 -1.56 35.05
C PRO B 2 -19.09 -0.28 34.32
N GLY B 3 -18.18 -0.40 33.36
CA GLY B 3 -17.75 0.77 32.60
C GLY B 3 -16.80 0.40 31.47
N SER B 4 -15.80 1.26 31.25
CA SER B 4 -14.83 1.03 30.20
C SER B 4 -13.78 2.14 30.18
N MET B 5 -12.81 2.01 29.27
CA MET B 5 -11.75 3.01 29.16
C MET B 5 -11.41 3.26 27.69
N VAL B 6 -10.33 4.01 27.45
CA VAL B 6 -9.90 4.31 26.09
C VAL B 6 -9.39 3.06 25.38
N ASP B 7 -8.91 3.24 24.15
CA ASP B 7 -8.39 2.12 23.37
C ASP B 7 -7.75 2.63 22.08
N VAL B 8 -6.71 1.93 21.63
CA VAL B 8 -5.99 2.30 20.42
C VAL B 8 -6.67 1.72 19.19
N ILE B 9 -6.64 2.46 18.09
CA ILE B 9 -7.24 2.01 16.84
C ILE B 9 -6.36 2.36 15.64
N ILE B 10 -6.36 1.48 14.64
CA ILE B 10 -5.57 1.70 13.44
C ILE B 10 -6.43 1.58 12.18
N TYR B 11 -6.38 2.60 11.34
CA TYR B 11 -7.15 2.62 10.11
C TYR B 11 -6.36 2.00 8.96
N THR B 12 -6.67 0.75 8.63
CA THR B 12 -6.00 0.04 7.56
C THR B 12 -6.61 -1.33 7.31
N ARG B 13 -6.20 -1.97 6.23
CA ARG B 13 -6.73 -3.30 5.88
C ARG B 13 -6.22 -4.35 6.87
N PRO B 14 -7.13 -5.22 7.32
CA PRO B 14 -6.81 -6.30 8.26
C PRO B 14 -5.93 -7.38 7.63
N GLY B 15 -4.64 -7.08 7.50
CA GLY B 15 -3.72 -8.04 6.92
C GLY B 15 -3.60 -7.89 5.41
N CYS B 16 -2.53 -7.21 4.98
CA CYS B 16 -2.04 -7.03 3.58
C CYS B 16 -1.14 -5.80 3.29
N PRO B 17 -1.47 -4.62 3.84
CA PRO B 17 -0.46 -3.55 3.71
C PRO B 17 0.79 -3.83 4.55
N TYR B 18 1.69 -2.87 4.69
CA TYR B 18 2.93 -3.08 5.44
C TYR B 18 2.74 -2.60 6.89
N CYS B 19 1.58 -2.88 7.47
CA CYS B 19 1.26 -2.49 8.84
C CYS B 19 1.80 -3.50 9.84
N ALA B 20 3.04 -3.96 9.60
CA ALA B 20 3.67 -4.94 10.49
C ALA B 20 4.44 -4.25 11.61
N ARG B 21 4.98 -3.07 11.31
CA ARG B 21 5.75 -2.31 12.30
C ARG B 21 4.85 -1.85 13.45
N ALA B 22 3.68 -1.32 13.11
CA ALA B 22 2.74 -0.85 14.12
C ALA B 22 2.26 -2.00 15.00
N LYS B 23 1.82 -3.09 14.36
CA LYS B 23 1.34 -4.26 15.09
C LYS B 23 2.46 -4.89 15.91
N ALA B 24 3.64 -5.01 15.31
CA ALA B 24 4.78 -5.60 15.98
C ALA B 24 5.02 -4.94 17.34
N LEU B 25 5.07 -3.61 17.34
CA LEU B 25 5.28 -2.85 18.57
C LEU B 25 4.22 -3.20 19.61
N LEU B 26 2.96 -3.19 19.19
CA LEU B 26 1.85 -3.50 20.09
C LEU B 26 2.05 -4.86 20.75
N ALA B 27 2.73 -5.76 20.04
CA ALA B 27 2.99 -7.09 20.57
C ALA B 27 4.03 -7.05 21.70
N ARG B 28 4.87 -6.02 21.68
CA ARG B 28 5.91 -5.86 22.70
C ARG B 28 5.30 -5.46 24.03
N LYS B 29 4.54 -4.37 24.02
CA LYS B 29 3.91 -3.87 25.23
C LYS B 29 2.54 -4.53 25.44
N GLY B 30 2.24 -5.52 24.61
CA GLY B 30 0.97 -6.22 24.73
C GLY B 30 -0.22 -5.26 24.74
N ALA B 31 -0.10 -4.17 23.99
CA ALA B 31 -1.17 -3.18 23.93
C ALA B 31 -2.31 -3.67 23.03
N GLU B 32 -3.42 -2.94 23.05
CA GLU B 32 -4.58 -3.30 22.24
C GLU B 32 -4.62 -2.49 20.96
N PHE B 33 -5.35 -2.99 19.97
CA PHE B 33 -5.47 -2.30 18.69
C PHE B 33 -6.63 -2.88 17.87
N ASN B 34 -7.25 -2.03 17.06
CA ASN B 34 -8.37 -2.46 16.23
C ASN B 34 -8.22 -1.93 14.80
N GLU B 35 -8.29 -2.83 13.83
CA GLU B 35 -8.16 -2.45 12.44
C GLU B 35 -9.49 -1.90 11.89
N ILE B 36 -9.40 -1.12 10.81
CA ILE B 36 -10.59 -0.54 10.20
C ILE B 36 -10.64 -0.84 8.70
N ASP B 37 -11.73 -1.45 8.27
CA ASP B 37 -11.90 -1.79 6.85
C ASP B 37 -12.21 -0.55 6.03
N ALA B 38 -11.21 -0.07 5.30
CA ALA B 38 -11.37 1.11 4.46
C ALA B 38 -11.79 0.73 3.05
N SER B 39 -11.97 1.74 2.20
CA SER B 39 -12.38 1.51 0.82
C SER B 39 -13.77 0.89 0.76
N ALA B 40 -14.53 1.06 1.85
CA ALA B 40 -15.88 0.51 1.92
C ALA B 40 -16.90 1.61 2.16
N THR B 41 -16.50 2.63 2.91
CA THR B 41 -17.39 3.76 3.21
C THR B 41 -16.74 5.08 2.84
N PRO B 42 -17.58 6.05 2.46
CA PRO B 42 -17.11 7.39 2.05
C PRO B 42 -16.59 8.19 3.25
N GLU B 43 -16.83 7.68 4.45
CA GLU B 43 -16.38 8.36 5.66
C GLU B 43 -14.91 8.07 5.93
N LEU B 44 -14.55 6.78 5.87
CA LEU B 44 -13.17 6.37 6.11
C LEU B 44 -12.23 6.95 5.05
N ARG B 45 -12.54 6.66 3.79
CA ARG B 45 -11.73 7.15 2.67
C ARG B 45 -11.58 8.67 2.74
N ALA B 46 -12.55 9.33 3.34
CA ALA B 46 -12.53 10.78 3.48
C ALA B 46 -11.59 11.21 4.60
N GLU B 47 -11.69 10.52 5.74
CA GLU B 47 -10.85 10.84 6.89
C GLU B 47 -9.39 10.45 6.62
N MET B 48 -9.18 9.19 6.24
CA MET B 48 -7.84 8.70 5.96
C MET B 48 -7.16 9.54 4.88
N GLN B 49 -7.98 10.19 4.05
CA GLN B 49 -7.46 11.03 2.98
C GLN B 49 -6.87 12.33 3.52
N GLU B 50 -7.31 12.70 4.72
CA GLU B 50 -6.84 13.92 5.35
C GLU B 50 -5.36 13.80 5.73
N ARG B 51 -4.98 12.65 6.27
CA ARG B 51 -3.60 12.41 6.68
C ARG B 51 -2.94 11.38 5.76
N SER B 52 -3.61 11.06 4.67
CA SER B 52 -3.10 10.08 3.71
C SER B 52 -1.67 10.44 3.29
N GLY B 53 -1.54 11.46 2.46
CA GLY B 53 -0.22 11.88 2.01
C GLY B 53 0.57 10.74 1.40
N ARG B 54 1.51 10.20 2.17
CA ARG B 54 2.35 9.10 1.71
C ARG B 54 1.81 7.77 2.21
N ASN B 55 1.59 6.86 1.28
CA ASN B 55 1.02 5.53 1.57
C ASN B 55 2.08 4.53 2.00
N THR B 56 2.77 4.80 3.11
CA THR B 56 3.87 3.95 3.53
C THR B 56 3.53 3.22 4.82
N PHE B 57 2.61 3.79 5.60
CA PHE B 57 2.20 3.19 6.86
C PHE B 57 0.76 3.58 7.20
N PRO B 58 0.12 2.78 8.06
CA PRO B 58 -1.27 3.01 8.49
C PRO B 58 -1.40 4.23 9.38
N GLN B 59 -2.62 4.50 9.84
CA GLN B 59 -2.88 5.64 10.71
C GLN B 59 -3.21 5.18 12.12
N ILE B 60 -2.47 5.69 13.10
CA ILE B 60 -2.69 5.33 14.49
C ILE B 60 -3.70 6.27 15.15
N PHE B 61 -4.41 5.76 16.14
CA PHE B 61 -5.41 6.56 16.85
C PHE B 61 -5.48 6.15 18.32
N ILE B 62 -5.33 7.12 19.21
CA ILE B 62 -5.39 6.86 20.65
C ILE B 62 -6.25 7.90 21.36
N GLY B 63 -7.27 7.42 22.06
CA GLY B 63 -8.15 8.32 22.79
C GLY B 63 -8.71 9.42 21.91
N SER B 64 -8.38 10.66 22.24
CA SER B 64 -8.86 11.81 21.48
C SER B 64 -7.71 12.47 20.71
N VAL B 65 -6.68 11.69 20.41
CA VAL B 65 -5.52 12.19 19.70
C VAL B 65 -5.48 11.65 18.26
N HIS B 66 -5.06 12.50 17.33
CA HIS B 66 -4.98 12.12 15.93
C HIS B 66 -3.52 12.01 15.47
N VAL B 67 -3.04 10.79 15.35
CA VAL B 67 -1.66 10.55 14.93
C VAL B 67 -1.59 9.47 13.86
N GLY B 68 -1.72 9.87 12.60
CA GLY B 68 -1.67 8.92 11.51
C GLY B 68 -0.27 8.74 10.96
N GLY B 69 0.57 8.02 11.69
CA GLY B 69 1.93 7.80 11.26
C GLY B 69 2.65 6.75 12.10
N SER B 70 2.91 5.60 11.48
CA SER B 70 3.58 4.50 12.18
C SER B 70 4.86 4.99 12.84
N ASP B 71 5.52 5.97 12.22
CA ASP B 71 6.75 6.53 12.75
C ASP B 71 6.49 7.31 14.04
N ASP B 72 5.34 7.99 14.09
CA ASP B 72 4.97 8.77 15.26
C ASP B 72 4.71 7.86 16.46
N LEU B 73 4.21 6.67 16.20
CA LEU B 73 3.91 5.71 17.26
C LEU B 73 5.19 5.21 17.91
N TYR B 74 6.26 5.16 17.14
CA TYR B 74 7.55 4.70 17.64
C TYR B 74 8.26 5.81 18.42
N ALA B 75 7.98 7.05 18.05
CA ALA B 75 8.58 8.20 18.71
C ALA B 75 8.19 8.25 20.18
N LEU B 76 6.89 8.17 20.45
CA LEU B 76 6.38 8.21 21.81
C LEU B 76 6.94 7.05 22.64
N GLU B 77 6.98 5.86 22.04
CA GLU B 77 7.48 4.68 22.71
C GLU B 77 8.96 4.85 23.06
N ASP B 78 9.68 5.59 22.23
CA ASP B 78 11.10 5.84 22.46
C ASP B 78 11.31 6.94 23.50
N GLU B 79 10.43 7.93 23.49
CA GLU B 79 10.52 9.04 24.44
C GLU B 79 10.03 8.61 25.81
N GLY B 80 9.09 7.67 25.85
CA GLY B 80 8.56 7.19 27.10
C GLY B 80 7.15 7.68 27.35
N LYS B 81 6.32 7.65 26.31
CA LYS B 81 4.93 8.10 26.42
C LYS B 81 3.99 7.04 25.86
N LEU B 82 4.38 5.78 25.95
CA LEU B 82 3.57 4.68 25.44
C LEU B 82 2.52 4.27 26.48
N ASP B 83 2.91 4.30 27.74
CA ASP B 83 2.00 3.94 28.82
C ASP B 83 0.74 4.80 28.80
N SER B 84 0.92 6.09 29.06
CA SER B 84 -0.20 7.02 29.07
C SER B 84 -0.92 7.03 27.73
N LEU B 85 -0.22 6.60 26.69
CA LEU B 85 -0.80 6.55 25.34
C LEU B 85 -1.80 5.40 25.22
N LEU B 86 -1.41 4.22 25.72
CA LEU B 86 -2.27 3.05 25.67
C LEU B 86 -3.21 3.02 26.86
N LYS B 87 -2.97 3.90 27.82
CA LYS B 87 -3.81 3.98 29.02
C LYS B 87 -4.87 5.06 28.87
N THR B 88 -4.54 6.12 28.14
CA THR B 88 -5.47 7.23 27.93
C THR B 88 -5.44 7.69 26.47
N GLY B 89 -4.23 7.87 25.94
CA GLY B 89 -4.10 8.32 24.57
C GLY B 89 -3.79 9.80 24.46
N LYS B 90 -2.55 10.16 24.80
CA LYS B 90 -2.13 11.56 24.74
C LYS B 90 -0.88 11.72 23.87
N LEU B 91 -0.74 12.87 23.24
CA LEU B 91 0.41 13.15 22.40
C LEU B 91 1.52 13.81 23.18
N ILE B 92 1.18 14.44 24.30
CA ILE B 92 2.07 15.32 25.05
C ILE B 92 2.84 14.50 26.07
N GLY A 1 -5.49 -20.92 -28.23
CA GLY A 1 -4.93 -20.07 -29.26
C GLY A 1 -4.89 -18.60 -28.84
N PRO A 2 -3.96 -18.27 -27.93
CA PRO A 2 -3.80 -16.90 -27.43
C PRO A 2 -3.24 -15.96 -28.49
N GLY A 3 -2.17 -16.39 -29.15
CA GLY A 3 -1.56 -15.57 -30.18
C GLY A 3 -0.04 -15.54 -30.07
N SER A 4 0.60 -14.79 -30.95
CA SER A 4 2.05 -14.67 -30.95
C SER A 4 2.50 -13.29 -30.50
N MET A 5 1.57 -12.34 -30.54
CA MET A 5 1.87 -10.97 -30.12
C MET A 5 2.20 -10.92 -28.63
N VAL A 6 2.71 -9.77 -28.19
CA VAL A 6 3.07 -9.59 -26.79
C VAL A 6 1.85 -9.18 -25.96
N ASP A 7 1.97 -9.31 -24.64
CA ASP A 7 0.89 -8.95 -23.74
C ASP A 7 1.42 -8.24 -22.49
N VAL A 8 0.62 -7.32 -21.96
CA VAL A 8 1.01 -6.57 -20.78
C VAL A 8 0.46 -7.22 -19.51
N ILE A 9 1.32 -7.36 -18.50
CA ILE A 9 0.91 -7.96 -17.24
C ILE A 9 1.40 -7.14 -16.06
N ILE A 10 0.65 -7.16 -14.96
CA ILE A 10 1.02 -6.42 -13.76
C ILE A 10 0.89 -7.29 -12.52
N TYR A 11 1.83 -7.14 -11.60
CA TYR A 11 1.83 -7.91 -10.36
C TYR A 11 1.04 -7.19 -9.27
N THR A 12 -0.17 -7.68 -9.01
CA THR A 12 -1.02 -7.07 -7.98
C THR A 12 -2.36 -7.81 -7.90
N ARG A 13 -2.94 -7.83 -6.70
CA ARG A 13 -4.21 -8.49 -6.48
C ARG A 13 -5.30 -7.88 -7.35
N PRO A 14 -6.39 -8.63 -7.56
CA PRO A 14 -7.52 -8.18 -8.37
C PRO A 14 -8.30 -7.04 -7.71
N GLY A 15 -7.77 -5.84 -7.80
CA GLY A 15 -8.43 -4.68 -7.21
C GLY A 15 -8.40 -4.72 -5.70
N CYS A 16 -7.64 -3.82 -5.08
CA CYS A 16 -7.52 -3.61 -3.61
C CYS A 16 -6.28 -2.81 -3.19
N PRO A 17 -5.06 -3.15 -3.67
CA PRO A 17 -3.91 -2.30 -3.35
C PRO A 17 -3.97 -0.96 -4.06
N TYR A 18 -2.89 -0.19 -4.00
CA TYR A 18 -2.82 1.13 -4.63
C TYR A 18 -2.23 0.99 -6.04
N CYS A 19 -2.74 0.05 -6.81
CA CYS A 19 -2.27 -0.17 -8.17
C CYS A 19 -3.20 0.49 -9.18
N ALA A 20 -3.76 1.63 -8.80
CA ALA A 20 -4.67 2.37 -9.67
C ALA A 20 -3.90 3.28 -10.62
N ARG A 21 -2.81 3.84 -10.13
CA ARG A 21 -1.98 4.72 -10.94
C ARG A 21 -1.63 4.09 -12.28
N ALA A 22 -1.16 2.84 -12.22
CA ALA A 22 -0.78 2.11 -13.43
C ALA A 22 -1.98 1.88 -14.33
N LYS A 23 -3.07 1.38 -13.73
CA LYS A 23 -4.30 1.11 -14.48
C LYS A 23 -4.83 2.39 -15.13
N ALA A 24 -4.55 3.52 -14.51
CA ALA A 24 -5.01 4.81 -15.02
C ALA A 24 -4.51 5.03 -16.45
N LEU A 25 -3.21 4.83 -16.65
CA LEU A 25 -2.60 5.01 -17.96
C LEU A 25 -3.02 3.89 -18.91
N LEU A 26 -2.89 2.66 -18.46
CA LEU A 26 -3.26 1.49 -19.26
C LEU A 26 -4.69 1.62 -19.77
N ALA A 27 -5.57 2.12 -18.91
CA ALA A 27 -6.97 2.29 -19.27
C ALA A 27 -7.16 3.51 -20.18
N ARG A 28 -6.25 4.47 -20.06
CA ARG A 28 -6.31 5.69 -20.85
C ARG A 28 -6.03 5.40 -22.32
N LYS A 29 -5.12 4.47 -22.58
CA LYS A 29 -4.76 4.09 -23.93
C LYS A 29 -5.57 2.87 -24.39
N GLY A 30 -6.56 2.50 -23.61
CA GLY A 30 -7.40 1.36 -23.96
C GLY A 30 -6.60 0.08 -24.08
N ALA A 31 -5.41 0.07 -23.50
CA ALA A 31 -4.55 -1.10 -23.55
C ALA A 31 -5.06 -2.22 -22.64
N GLU A 32 -4.48 -3.40 -22.78
CA GLU A 32 -4.88 -4.54 -21.97
C GLU A 32 -3.88 -4.82 -20.86
N PHE A 33 -4.30 -5.53 -19.83
CA PHE A 33 -3.43 -5.87 -18.71
C PHE A 33 -3.99 -7.05 -17.92
N ASN A 34 -3.15 -7.64 -17.09
CA ASN A 34 -3.55 -8.79 -16.28
C ASN A 34 -3.01 -8.66 -14.85
N GLU A 35 -3.89 -8.86 -13.88
CA GLU A 35 -3.50 -8.77 -12.48
C GLU A 35 -3.15 -10.15 -11.91
N ILE A 36 -2.07 -10.22 -11.15
CA ILE A 36 -1.63 -11.48 -10.56
C ILE A 36 -1.95 -11.52 -9.08
N ASP A 37 -2.53 -12.64 -8.64
CA ASP A 37 -2.89 -12.82 -7.24
C ASP A 37 -1.65 -13.01 -6.37
N ALA A 38 -1.12 -11.91 -5.85
CA ALA A 38 0.08 -11.97 -5.01
C ALA A 38 -0.30 -12.22 -3.55
N SER A 39 0.71 -12.29 -2.69
CA SER A 39 0.48 -12.53 -1.27
C SER A 39 -0.15 -13.90 -1.05
N ALA A 40 -0.09 -14.76 -2.06
CA ALA A 40 -0.65 -16.09 -1.97
C ALA A 40 0.42 -17.16 -2.12
N THR A 41 1.64 -16.73 -2.43
CA THR A 41 2.76 -17.65 -2.62
C THR A 41 4.07 -16.89 -2.77
N PRO A 42 5.18 -17.54 -2.38
CA PRO A 42 6.52 -16.95 -2.46
C PRO A 42 6.99 -16.79 -3.91
N GLU A 43 6.23 -17.35 -4.85
CA GLU A 43 6.57 -17.27 -6.26
C GLU A 43 6.48 -15.83 -6.75
N LEU A 44 5.35 -15.18 -6.48
CA LEU A 44 5.14 -13.80 -6.90
C LEU A 44 5.76 -12.82 -5.90
N ARG A 45 5.61 -13.13 -4.63
CA ARG A 45 6.15 -12.28 -3.57
C ARG A 45 7.66 -12.10 -3.73
N ALA A 46 8.31 -13.10 -4.33
CA ALA A 46 9.74 -13.06 -4.54
C ALA A 46 10.08 -12.42 -5.90
N GLU A 47 9.05 -12.21 -6.71
CA GLU A 47 9.23 -11.61 -8.03
C GLU A 47 9.40 -10.10 -7.91
N MET A 48 8.70 -9.51 -6.97
CA MET A 48 8.76 -8.06 -6.77
C MET A 48 9.86 -7.71 -5.76
N GLN A 49 10.19 -8.66 -4.89
CA GLN A 49 11.21 -8.46 -3.88
C GLN A 49 12.60 -8.32 -4.51
N GLU A 50 12.72 -8.81 -5.74
CA GLU A 50 13.99 -8.74 -6.46
C GLU A 50 14.40 -7.29 -6.71
N ARG A 51 13.47 -6.50 -7.22
CA ARG A 51 13.73 -5.09 -7.51
C ARG A 51 12.97 -4.19 -6.54
N SER A 52 11.65 -4.29 -6.55
CA SER A 52 10.80 -3.48 -5.68
C SER A 52 11.25 -3.61 -4.24
N GLY A 53 11.07 -4.79 -3.66
CA GLY A 53 11.46 -5.01 -2.28
C GLY A 53 10.47 -4.43 -1.30
N ARG A 54 10.26 -3.12 -1.39
CA ARG A 54 9.33 -2.44 -0.49
C ARG A 54 7.88 -2.76 -0.86
N ASN A 55 7.72 -3.13 -2.13
CA ASN A 55 6.44 -3.49 -2.74
C ASN A 55 5.48 -2.30 -2.70
N THR A 56 6.05 -1.11 -2.68
CA THR A 56 5.31 0.14 -2.69
C THR A 56 4.42 0.23 -3.93
N PHE A 57 4.86 -0.39 -5.01
CA PHE A 57 4.10 -0.38 -6.26
C PHE A 57 4.18 -1.72 -6.96
N PRO A 58 3.19 -2.01 -7.84
CA PRO A 58 3.13 -3.26 -8.58
C PRO A 58 4.22 -3.36 -9.64
N GLN A 59 4.47 -4.58 -10.10
CA GLN A 59 5.49 -4.82 -11.12
C GLN A 59 4.88 -4.83 -12.52
N ILE A 60 5.31 -3.90 -13.35
CA ILE A 60 4.81 -3.81 -14.71
C ILE A 60 5.65 -4.64 -15.67
N PHE A 61 4.99 -5.50 -16.45
CA PHE A 61 5.68 -6.35 -17.41
C PHE A 61 5.05 -6.23 -18.79
N ILE A 62 5.89 -6.29 -19.82
CA ILE A 62 5.41 -6.19 -21.19
C ILE A 62 6.24 -7.06 -22.13
N GLY A 63 5.61 -8.11 -22.65
CA GLY A 63 6.32 -9.02 -23.56
C GLY A 63 7.62 -9.52 -22.97
N SER A 64 8.73 -8.96 -23.44
CA SER A 64 10.04 -9.37 -22.96
C SER A 64 10.76 -8.22 -22.27
N VAL A 65 10.00 -7.37 -21.59
CA VAL A 65 10.55 -6.22 -20.89
C VAL A 65 10.36 -6.35 -19.38
N HIS A 66 11.33 -5.86 -18.62
CA HIS A 66 11.28 -5.92 -17.16
C HIS A 66 11.34 -4.52 -16.56
N VAL A 67 10.19 -3.99 -16.15
CA VAL A 67 10.12 -2.67 -15.56
C VAL A 67 9.14 -2.65 -14.39
N GLY A 68 9.64 -2.92 -13.20
CA GLY A 68 8.78 -2.92 -12.02
C GLY A 68 8.74 -1.57 -11.34
N GLY A 69 7.95 -0.66 -11.88
CA GLY A 69 7.83 0.66 -11.30
C GLY A 69 6.73 1.48 -11.95
N SER A 70 5.66 1.73 -11.19
CA SER A 70 4.53 2.50 -11.69
C SER A 70 4.98 3.84 -12.22
N ASP A 71 6.06 4.38 -11.65
CA ASP A 71 6.60 5.66 -12.07
C ASP A 71 7.37 5.53 -13.39
N ASP A 72 7.92 4.34 -13.62
CA ASP A 72 8.68 4.08 -14.83
C ASP A 72 7.76 4.05 -16.05
N LEU A 73 6.56 3.49 -15.87
CA LEU A 73 5.59 3.38 -16.95
C LEU A 73 5.10 4.76 -17.37
N TYR A 74 4.98 5.66 -16.40
CA TYR A 74 4.52 7.02 -16.67
C TYR A 74 5.61 7.84 -17.35
N ALA A 75 6.86 7.52 -17.05
CA ALA A 75 8.00 8.22 -17.64
C ALA A 75 8.09 7.97 -19.14
N LEU A 76 7.93 6.71 -19.53
CA LEU A 76 8.00 6.33 -20.94
C LEU A 76 7.00 7.15 -21.77
N GLU A 77 5.77 7.24 -21.27
CA GLU A 77 4.73 8.00 -21.96
C GLU A 77 5.20 9.42 -22.27
N ASP A 78 5.99 9.99 -21.36
CA ASP A 78 6.49 11.34 -21.54
C ASP A 78 7.57 11.38 -22.63
N GLU A 79 8.48 10.42 -22.58
CA GLU A 79 9.56 10.34 -23.57
C GLU A 79 9.01 10.06 -24.96
N GLY A 80 7.88 9.35 -25.02
CA GLY A 80 7.27 9.03 -26.28
C GLY A 80 7.58 7.61 -26.73
N LYS A 81 7.65 6.69 -25.78
CA LYS A 81 7.95 5.29 -26.09
C LYS A 81 6.84 4.38 -25.57
N LEU A 82 5.62 4.90 -25.53
CA LEU A 82 4.47 4.13 -25.07
C LEU A 82 3.87 3.31 -26.21
N ASP A 83 3.86 3.89 -27.40
CA ASP A 83 3.31 3.21 -28.57
C ASP A 83 4.04 1.90 -28.84
N SER A 84 5.33 2.02 -29.14
CA SER A 84 6.15 0.85 -29.43
C SER A 84 6.18 -0.10 -28.23
N LEU A 85 5.86 0.43 -27.06
CA LEU A 85 5.84 -0.37 -25.83
C LEU A 85 4.61 -1.27 -25.79
N LEU A 86 3.44 -0.67 -25.98
CA LEU A 86 2.18 -1.42 -25.97
C LEU A 86 2.02 -2.24 -27.24
N LYS A 87 2.80 -1.90 -28.26
CA LYS A 87 2.74 -2.59 -29.53
C LYS A 87 3.72 -3.77 -29.56
N THR A 88 4.91 -3.56 -28.98
CA THR A 88 5.92 -4.60 -28.94
C THR A 88 6.49 -4.75 -27.53
N GLY A 89 6.83 -3.62 -26.91
CA GLY A 89 7.38 -3.65 -25.57
C GLY A 89 8.89 -3.53 -25.56
N LYS A 90 9.38 -2.34 -25.20
CA LYS A 90 10.82 -2.09 -25.15
C LYS A 90 11.15 -1.07 -24.06
N LEU A 91 12.32 -1.24 -23.45
CA LEU A 91 12.76 -0.35 -22.40
C LEU A 91 13.60 0.79 -22.96
N ILE A 92 14.23 0.57 -24.10
CA ILE A 92 15.24 1.49 -24.64
C ILE A 92 14.63 2.82 -25.05
N GLY B 1 -21.61 -3.54 27.07
CA GLY B 1 -20.81 -2.99 28.15
C GLY B 1 -19.32 -3.04 27.86
N PRO B 2 -18.87 -2.16 26.94
CA PRO B 2 -17.46 -2.09 26.54
C PRO B 2 -16.57 -1.55 27.66
N GLY B 3 -16.99 -0.43 28.25
CA GLY B 3 -16.22 0.16 29.33
C GLY B 3 -16.10 1.68 29.18
N SER B 4 -15.37 2.30 30.10
CA SER B 4 -15.19 3.74 30.07
C SER B 4 -13.75 4.10 29.71
N MET B 5 -12.86 3.13 29.85
CA MET B 5 -11.45 3.34 29.53
C MET B 5 -11.26 3.61 28.05
N VAL B 6 -10.06 4.05 27.68
CA VAL B 6 -9.75 4.36 26.28
C VAL B 6 -9.35 3.10 25.53
N ASP B 7 -9.36 3.18 24.20
CA ASP B 7 -9.00 2.04 23.36
C ASP B 7 -8.17 2.50 22.16
N VAL B 8 -7.26 1.64 21.72
CA VAL B 8 -6.39 1.95 20.59
C VAL B 8 -6.97 1.39 19.29
N ILE B 9 -6.99 2.22 18.26
CA ILE B 9 -7.51 1.81 16.96
C ILE B 9 -6.58 2.22 15.82
N ILE B 10 -6.56 1.43 14.76
CA ILE B 10 -5.71 1.71 13.61
C ILE B 10 -6.49 1.60 12.31
N TYR B 11 -6.20 2.51 11.38
CA TYR B 11 -6.89 2.50 10.09
C TYR B 11 -6.12 1.64 9.08
N THR B 12 -6.65 0.45 8.81
CA THR B 12 -6.03 -0.47 7.86
C THR B 12 -6.82 -1.77 7.75
N ARG B 13 -6.80 -2.38 6.57
CA ARG B 13 -7.50 -3.62 6.34
C ARG B 13 -7.02 -4.72 7.29
N PRO B 14 -7.84 -5.76 7.46
CA PRO B 14 -7.52 -6.89 8.34
C PRO B 14 -6.39 -7.75 7.80
N GLY B 15 -5.16 -7.27 7.97
CA GLY B 15 -4.00 -8.01 7.48
C GLY B 15 -3.92 -8.03 5.98
N CYS B 16 -2.89 -7.36 5.45
CA CYS B 16 -2.42 -7.33 4.04
C CYS B 16 -1.61 -6.09 3.62
N PRO B 17 -2.02 -4.85 3.97
CA PRO B 17 -1.08 -3.76 3.70
C PRO B 17 0.19 -3.86 4.52
N TYR B 18 1.03 -2.84 4.50
CA TYR B 18 2.30 -2.86 5.23
C TYR B 18 2.13 -2.23 6.61
N CYS B 19 1.05 -2.60 7.29
CA CYS B 19 0.76 -2.07 8.62
C CYS B 19 1.29 -3.00 9.70
N ALA B 20 2.43 -3.64 9.42
CA ALA B 20 3.03 -4.56 10.38
C ALA B 20 3.91 -3.81 11.37
N ARG B 21 4.56 -2.75 10.91
CA ARG B 21 5.44 -1.96 11.76
C ARG B 21 4.72 -1.52 13.03
N ALA B 22 3.52 -0.99 12.86
CA ALA B 22 2.71 -0.54 14.00
C ALA B 22 2.34 -1.70 14.91
N LYS B 23 1.84 -2.78 14.31
CA LYS B 23 1.44 -3.96 15.07
C LYS B 23 2.63 -4.54 15.83
N ALA B 24 3.83 -4.35 15.29
CA ALA B 24 5.04 -4.85 15.92
C ALA B 24 5.18 -4.31 17.34
N LEU B 25 5.04 -3.00 17.49
CA LEU B 25 5.14 -2.36 18.80
C LEU B 25 3.94 -2.69 19.67
N LEU B 26 2.74 -2.51 19.11
CA LEU B 26 1.52 -2.79 19.83
C LEU B 26 1.51 -4.21 20.38
N ALA B 27 2.03 -5.15 19.60
CA ALA B 27 2.10 -6.54 20.01
C ALA B 27 3.24 -6.76 21.00
N ARG B 28 4.25 -5.90 20.95
CA ARG B 28 5.40 -6.01 21.83
C ARG B 28 5.01 -5.67 23.27
N LYS B 29 4.11 -4.70 23.42
CA LYS B 29 3.65 -4.27 24.73
C LYS B 29 2.37 -5.00 25.11
N GLY B 30 2.00 -6.01 24.34
CA GLY B 30 0.80 -6.76 24.61
C GLY B 30 -0.45 -5.90 24.63
N ALA B 31 -0.35 -4.72 24.00
CA ALA B 31 -1.47 -3.79 23.94
C ALA B 31 -2.54 -4.28 22.96
N GLU B 32 -3.70 -3.64 22.99
CA GLU B 32 -4.80 -4.01 22.10
C GLU B 32 -4.93 -3.02 20.96
N PHE B 33 -5.59 -3.45 19.88
CA PHE B 33 -5.79 -2.60 18.71
C PHE B 33 -6.93 -3.11 17.86
N ASN B 34 -7.41 -2.26 16.95
CA ASN B 34 -8.51 -2.63 16.06
C ASN B 34 -8.25 -2.14 14.64
N GLU B 35 -8.41 -3.04 13.67
CA GLU B 35 -8.19 -2.70 12.27
C GLU B 35 -9.51 -2.30 11.60
N ILE B 36 -9.46 -1.24 10.80
CA ILE B 36 -10.64 -0.75 10.10
C ILE B 36 -10.60 -1.13 8.63
N ASP B 37 -11.70 -1.65 8.12
CA ASP B 37 -11.79 -2.06 6.72
C ASP B 37 -11.86 -0.83 5.80
N ALA B 38 -10.69 -0.37 5.36
CA ALA B 38 -10.61 0.79 4.48
C ALA B 38 -10.77 0.38 3.02
N SER B 39 -10.73 1.37 2.12
CA SER B 39 -10.87 1.12 0.70
C SER B 39 -12.24 0.54 0.38
N ALA B 40 -13.17 0.68 1.33
CA ALA B 40 -14.52 0.19 1.15
C ALA B 40 -15.54 1.32 1.20
N THR B 41 -15.07 2.52 1.49
CA THR B 41 -15.93 3.69 1.58
C THR B 41 -15.12 4.97 1.75
N PRO B 42 -15.68 6.09 1.29
CA PRO B 42 -15.02 7.40 1.38
C PRO B 42 -14.95 7.91 2.81
N GLU B 43 -15.61 7.22 3.72
CA GLU B 43 -15.62 7.60 5.13
C GLU B 43 -14.23 7.45 5.74
N LEU B 44 -13.62 6.28 5.55
CA LEU B 44 -12.30 6.01 6.08
C LEU B 44 -11.22 6.54 5.15
N ARG B 45 -11.43 6.37 3.85
CA ARG B 45 -10.47 6.83 2.85
C ARG B 45 -10.23 8.33 2.99
N ALA B 46 -11.23 9.04 3.48
CA ALA B 46 -11.12 10.49 3.66
C ALA B 46 -10.58 10.83 5.04
N GLU B 47 -10.49 9.81 5.91
CA GLU B 47 -9.98 10.01 7.26
C GLU B 47 -8.45 10.10 7.27
N MET B 48 -7.82 9.33 6.38
CA MET B 48 -6.37 9.32 6.29
C MET B 48 -5.89 10.36 5.28
N GLN B 49 -6.76 10.70 4.34
CA GLN B 49 -6.41 11.68 3.31
C GLN B 49 -6.25 13.07 3.92
N GLU B 50 -6.82 13.26 5.11
CA GLU B 50 -6.74 14.55 5.79
C GLU B 50 -5.30 14.89 6.13
N ARG B 51 -4.59 13.94 6.73
CA ARG B 51 -3.20 14.14 7.12
C ARG B 51 -2.27 13.30 6.25
N SER B 52 -2.45 11.98 6.30
CA SER B 52 -1.62 11.07 5.52
C SER B 52 -1.60 11.48 4.06
N GLY B 53 -2.75 11.34 3.39
CA GLY B 53 -2.85 11.70 1.99
C GLY B 53 -2.24 10.65 1.08
N ARG B 54 -0.96 10.37 1.28
CA ARG B 54 -0.27 9.37 0.46
C ARG B 54 -0.69 7.96 0.85
N ASN B 55 -1.23 7.83 2.06
CA ASN B 55 -1.67 6.55 2.64
C ASN B 55 -0.50 5.57 2.71
N THR B 56 0.70 6.11 2.85
CA THR B 56 1.91 5.30 2.98
C THR B 56 1.86 4.45 4.24
N PHE B 57 1.18 4.94 5.27
CA PHE B 57 1.06 4.24 6.53
C PHE B 57 -0.34 4.41 7.11
N PRO B 58 -0.74 3.47 7.99
CA PRO B 58 -2.05 3.49 8.64
C PRO B 58 -2.18 4.62 9.65
N GLN B 59 -3.40 4.95 10.01
CA GLN B 59 -3.66 6.02 10.97
C GLN B 59 -3.82 5.45 12.39
N ILE B 60 -2.92 5.85 13.27
CA ILE B 60 -2.96 5.39 14.66
C ILE B 60 -3.82 6.31 15.52
N PHE B 61 -4.77 5.72 16.25
CA PHE B 61 -5.66 6.49 17.12
C PHE B 61 -5.68 5.89 18.53
N ILE B 62 -5.77 6.76 19.52
CA ILE B 62 -5.80 6.34 20.92
C ILE B 62 -6.70 7.23 21.75
N GLY B 63 -7.82 6.69 22.21
CA GLY B 63 -8.75 7.46 23.02
C GLY B 63 -9.14 8.77 22.36
N SER B 64 -8.56 9.86 22.83
CA SER B 64 -8.85 11.19 22.29
C SER B 64 -7.60 11.81 21.69
N VAL B 65 -6.76 10.98 21.08
CA VAL B 65 -5.53 11.45 20.46
C VAL B 65 -5.55 11.22 18.96
N HIS B 66 -4.95 12.14 18.21
CA HIS B 66 -4.90 12.03 16.75
C HIS B 66 -3.46 12.01 16.26
N VAL B 67 -2.98 10.82 15.93
CA VAL B 67 -1.61 10.66 15.44
C VAL B 67 -1.54 9.64 14.31
N GLY B 68 -1.71 10.12 13.08
CA GLY B 68 -1.67 9.24 11.93
C GLY B 68 -0.27 9.09 11.36
N GLY B 69 0.56 8.26 12.00
CA GLY B 69 1.91 8.07 11.53
C GLY B 69 2.62 6.94 12.26
N SER B 70 2.86 5.84 11.55
CA SER B 70 3.52 4.69 12.15
C SER B 70 4.86 5.08 12.77
N ASP B 71 5.48 6.11 12.21
CA ASP B 71 6.76 6.59 12.72
C ASP B 71 6.57 7.40 13.99
N ASP B 72 5.40 8.04 14.12
CA ASP B 72 5.09 8.84 15.29
C ASP B 72 4.91 7.96 16.53
N LEU B 73 4.30 6.80 16.33
CA LEU B 73 4.06 5.87 17.43
C LEU B 73 5.37 5.31 17.97
N TYR B 74 6.34 5.12 17.08
CA TYR B 74 7.64 4.60 17.47
C TYR B 74 8.47 5.67 18.18
N ALA B 75 8.24 6.92 17.82
CA ALA B 75 8.95 8.03 18.42
C ALA B 75 8.59 8.18 19.90
N LEU B 76 7.30 8.10 20.20
CA LEU B 76 6.83 8.24 21.58
C LEU B 76 7.52 7.23 22.48
N GLU B 77 7.59 5.98 22.03
CA GLU B 77 8.22 4.92 22.80
C GLU B 77 9.64 5.32 23.21
N ASP B 78 10.32 6.05 22.33
CA ASP B 78 11.68 6.49 22.60
C ASP B 78 11.69 7.59 23.66
N GLU B 79 10.79 8.56 23.52
CA GLU B 79 10.70 9.67 24.46
C GLU B 79 10.28 9.18 25.84
N GLY B 80 9.52 8.09 25.87
CA GLY B 80 9.06 7.53 27.12
C GLY B 80 7.64 7.94 27.46
N LYS B 81 6.79 8.03 26.43
CA LYS B 81 5.39 8.41 26.62
C LYS B 81 4.46 7.34 26.06
N LEU B 82 4.91 6.10 26.10
CA LEU B 82 4.12 4.98 25.61
C LEU B 82 3.19 4.45 26.69
N ASP B 83 3.67 4.44 27.93
CA ASP B 83 2.88 3.97 29.06
C ASP B 83 1.60 4.78 29.20
N SER B 84 1.76 6.07 29.48
CA SER B 84 0.61 6.97 29.65
C SER B 84 -0.24 7.01 28.38
N LEU B 85 0.36 6.61 27.27
CA LEU B 85 -0.34 6.60 25.98
C LEU B 85 -1.31 5.42 25.90
N LEU B 86 -0.78 4.22 26.17
CA LEU B 86 -1.59 3.02 26.13
C LEU B 86 -2.52 2.93 27.34
N LYS B 87 -2.22 3.73 28.36
CA LYS B 87 -3.02 3.74 29.58
C LYS B 87 -4.13 4.78 29.47
N THR B 88 -3.81 5.94 28.90
CA THR B 88 -4.78 7.00 28.74
C THR B 88 -4.80 7.54 27.30
N GLY B 89 -3.61 7.80 26.77
CA GLY B 89 -3.51 8.30 25.42
C GLY B 89 -3.29 9.80 25.37
N LYS B 90 -2.06 10.21 25.10
CA LYS B 90 -1.73 11.63 25.03
C LYS B 90 -0.62 11.88 24.01
N LEU B 91 -0.67 13.04 23.36
CA LEU B 91 0.34 13.40 22.36
C LEU B 91 1.47 14.19 22.98
N ILE B 92 1.22 14.84 24.12
CA ILE B 92 2.23 15.68 24.75
C ILE B 92 3.19 14.77 25.47
N GLY A 1 -9.31 -14.81 -34.91
CA GLY A 1 -8.88 -13.77 -33.99
C GLY A 1 -7.38 -13.72 -33.83
N PRO A 2 -6.68 -13.27 -34.88
CA PRO A 2 -5.21 -13.16 -34.87
C PRO A 2 -4.72 -12.06 -33.94
N GLY A 3 -3.55 -12.29 -33.34
CA GLY A 3 -2.98 -11.31 -32.43
C GLY A 3 -1.47 -11.26 -32.51
N SER A 4 -0.95 -10.37 -33.36
CA SER A 4 0.49 -10.23 -33.52
C SER A 4 1.09 -9.36 -32.42
N MET A 5 0.23 -8.58 -31.75
CA MET A 5 0.67 -7.71 -30.68
C MET A 5 1.09 -8.52 -29.46
N VAL A 6 1.74 -7.86 -28.51
CA VAL A 6 2.20 -8.51 -27.29
C VAL A 6 1.17 -8.38 -26.17
N ASP A 7 1.34 -9.18 -25.12
CA ASP A 7 0.44 -9.15 -23.98
C ASP A 7 1.10 -8.50 -22.77
N VAL A 8 0.41 -7.55 -22.15
CA VAL A 8 0.92 -6.86 -20.98
C VAL A 8 0.38 -7.47 -19.69
N ILE A 9 1.21 -7.47 -18.65
CA ILE A 9 0.82 -8.02 -17.36
C ILE A 9 1.31 -7.14 -16.20
N ILE A 10 0.62 -7.20 -15.08
CA ILE A 10 0.99 -6.42 -13.91
C ILE A 10 0.76 -7.21 -12.62
N TYR A 11 1.69 -7.07 -11.67
CA TYR A 11 1.59 -7.77 -10.40
C TYR A 11 0.82 -6.94 -9.39
N THR A 12 -0.39 -7.39 -9.06
CA THR A 12 -1.22 -6.69 -8.09
C THR A 12 -2.21 -7.65 -7.42
N ARG A 13 -2.58 -7.33 -6.19
CA ARG A 13 -3.53 -8.16 -5.44
C ARG A 13 -4.97 -7.81 -5.79
N PRO A 14 -5.88 -8.77 -5.62
CA PRO A 14 -7.30 -8.59 -5.91
C PRO A 14 -7.98 -7.64 -4.94
N GLY A 15 -7.77 -6.34 -5.13
CA GLY A 15 -8.37 -5.36 -4.25
C GLY A 15 -7.64 -5.24 -2.93
N CYS A 16 -6.74 -4.34 -2.67
CA CYS A 16 -5.78 -4.62 -1.61
C CYS A 16 -4.86 -3.33 -1.70
N PRO A 17 -4.04 -3.12 -2.77
CA PRO A 17 -3.00 -2.14 -3.07
C PRO A 17 -3.56 -0.86 -3.69
N TYR A 18 -2.68 0.05 -4.09
CA TYR A 18 -3.04 1.31 -4.77
C TYR A 18 -2.58 1.34 -6.23
N CYS A 19 -3.02 0.39 -7.04
CA CYS A 19 -2.62 0.36 -8.45
C CYS A 19 -3.63 1.09 -9.31
N ALA A 20 -4.04 2.27 -8.86
CA ALA A 20 -5.00 3.08 -9.60
C ALA A 20 -4.31 3.91 -10.67
N ARG A 21 -3.19 4.53 -10.31
CA ARG A 21 -2.44 5.35 -11.25
C ARG A 21 -1.94 4.52 -12.43
N ALA A 22 -1.47 3.31 -12.14
CA ALA A 22 -0.97 2.42 -13.18
C ALA A 22 -2.00 2.21 -14.27
N LYS A 23 -3.14 1.64 -13.89
CA LYS A 23 -4.22 1.38 -14.84
C LYS A 23 -4.78 2.68 -15.41
N ALA A 24 -4.57 3.78 -14.67
CA ALA A 24 -5.05 5.08 -15.09
C ALA A 24 -4.59 5.40 -16.52
N LEU A 25 -3.34 5.05 -16.82
CA LEU A 25 -2.78 5.30 -18.15
C LEU A 25 -3.07 4.13 -19.08
N LEU A 26 -2.83 2.92 -18.60
CA LEU A 26 -3.07 1.71 -19.38
C LEU A 26 -4.47 1.71 -19.97
N ALA A 27 -5.44 2.10 -19.16
CA ALA A 27 -6.84 2.15 -19.60
C ALA A 27 -7.06 3.30 -20.59
N ARG A 28 -6.41 4.42 -20.32
CA ARG A 28 -6.54 5.60 -21.19
C ARG A 28 -5.94 5.33 -22.56
N LYS A 29 -5.01 4.38 -22.62
CA LYS A 29 -4.35 4.02 -23.87
C LYS A 29 -5.07 2.86 -24.56
N GLY A 30 -5.99 2.24 -23.83
CA GLY A 30 -6.73 1.12 -24.38
C GLY A 30 -5.94 -0.17 -24.34
N ALA A 31 -4.77 -0.13 -23.71
CA ALA A 31 -3.92 -1.32 -23.61
C ALA A 31 -4.57 -2.40 -22.76
N GLU A 32 -4.20 -3.65 -23.01
CA GLU A 32 -4.75 -4.78 -22.27
C GLU A 32 -3.79 -5.24 -21.18
N PHE A 33 -4.23 -5.16 -19.93
CA PHE A 33 -3.42 -5.56 -18.79
C PHE A 33 -4.08 -6.71 -18.03
N ASN A 34 -3.33 -7.30 -17.10
CA ASN A 34 -3.84 -8.41 -16.29
C ASN A 34 -3.20 -8.42 -14.92
N GLU A 35 -4.02 -8.39 -13.88
CA GLU A 35 -3.53 -8.40 -12.51
C GLU A 35 -3.10 -9.80 -12.09
N ILE A 36 -2.26 -9.88 -11.06
CA ILE A 36 -1.78 -11.16 -10.57
C ILE A 36 -1.80 -11.21 -9.05
N ASP A 37 -2.77 -11.93 -8.49
CA ASP A 37 -2.90 -12.06 -7.04
C ASP A 37 -1.58 -12.51 -6.42
N ALA A 38 -0.87 -11.57 -5.81
CA ALA A 38 0.40 -11.87 -5.17
C ALA A 38 0.21 -12.29 -3.71
N SER A 39 1.31 -12.62 -3.04
CA SER A 39 1.25 -13.05 -1.65
C SER A 39 0.39 -14.30 -1.49
N ALA A 40 0.30 -15.08 -2.56
CA ALA A 40 -0.49 -16.30 -2.54
C ALA A 40 0.38 -17.53 -2.81
N THR A 41 1.40 -17.34 -3.66
CA THR A 41 2.31 -18.43 -4.01
C THR A 41 3.75 -17.97 -4.00
N PRO A 42 4.67 -18.88 -3.64
CA PRO A 42 6.10 -18.57 -3.59
C PRO A 42 6.71 -18.37 -4.98
N GLU A 43 5.99 -18.83 -6.00
CA GLU A 43 6.46 -18.70 -7.37
C GLU A 43 6.37 -17.25 -7.84
N LEU A 44 5.33 -16.55 -7.41
CA LEU A 44 5.15 -15.15 -7.78
C LEU A 44 5.81 -14.23 -6.78
N ARG A 45 5.54 -14.44 -5.50
CA ARG A 45 6.12 -13.63 -4.44
C ARG A 45 7.64 -13.56 -4.58
N ALA A 46 8.22 -14.63 -5.11
CA ALA A 46 9.67 -14.70 -5.30
C ALA A 46 10.14 -13.68 -6.33
N GLU A 47 9.37 -13.53 -7.40
CA GLU A 47 9.72 -12.59 -8.47
C GLU A 47 9.47 -11.16 -8.01
N MET A 48 8.33 -10.94 -7.35
CA MET A 48 7.98 -9.61 -6.87
C MET A 48 8.87 -9.20 -5.69
N GLN A 49 9.39 -10.19 -4.98
CA GLN A 49 10.26 -9.93 -3.83
C GLN A 49 11.52 -9.20 -4.26
N GLU A 50 11.92 -9.40 -5.51
CA GLU A 50 13.11 -8.75 -6.05
C GLU A 50 12.89 -7.24 -6.21
N ARG A 51 11.71 -6.87 -6.67
CA ARG A 51 11.37 -5.47 -6.87
C ARG A 51 10.87 -4.84 -5.58
N SER A 52 10.31 -5.67 -4.69
CA SER A 52 9.79 -5.19 -3.42
C SER A 52 10.84 -4.37 -2.67
N GLY A 53 10.38 -3.30 -2.03
CA GLY A 53 11.29 -2.45 -1.28
C GLY A 53 10.75 -1.04 -1.10
N ARG A 54 9.81 -0.66 -1.96
CA ARG A 54 9.22 0.67 -1.89
C ARG A 54 7.73 0.58 -1.57
N ASN A 55 7.10 -0.40 -2.19
CA ASN A 55 5.68 -0.70 -1.99
C ASN A 55 4.82 0.52 -2.33
N THR A 56 5.18 1.17 -3.43
CA THR A 56 4.50 2.37 -3.91
C THR A 56 3.63 2.06 -5.12
N PHE A 57 4.27 1.57 -6.18
CA PHE A 57 3.56 1.24 -7.41
C PHE A 57 3.72 -0.24 -7.74
N PRO A 58 2.78 -0.78 -8.53
CA PRO A 58 2.79 -2.18 -8.95
C PRO A 58 3.93 -2.49 -9.92
N GLN A 59 4.12 -3.77 -10.22
CA GLN A 59 5.16 -4.19 -11.14
C GLN A 59 4.60 -4.41 -12.55
N ILE A 60 5.07 -3.62 -13.49
CA ILE A 60 4.61 -3.72 -14.88
C ILE A 60 5.48 -4.69 -15.67
N PHE A 61 4.85 -5.43 -16.58
CA PHE A 61 5.57 -6.40 -17.40
C PHE A 61 5.10 -6.32 -18.85
N ILE A 62 6.05 -6.42 -19.78
CA ILE A 62 5.74 -6.36 -21.20
C ILE A 62 6.68 -7.27 -22.01
N GLY A 63 6.11 -8.27 -22.66
CA GLY A 63 6.91 -9.18 -23.45
C GLY A 63 8.08 -9.76 -22.68
N SER A 64 9.29 -9.49 -23.15
CA SER A 64 10.49 -9.98 -22.51
C SER A 64 11.27 -8.84 -21.84
N VAL A 65 10.55 -7.78 -21.50
CA VAL A 65 11.17 -6.62 -20.85
C VAL A 65 10.59 -6.39 -19.47
N HIS A 66 11.43 -5.94 -18.54
CA HIS A 66 11.01 -5.68 -17.18
C HIS A 66 10.74 -4.20 -16.96
N VAL A 67 9.76 -3.88 -16.12
CA VAL A 67 9.40 -2.50 -15.83
C VAL A 67 9.17 -2.29 -14.34
N GLY A 68 9.84 -1.30 -13.77
CA GLY A 68 9.69 -1.00 -12.36
C GLY A 68 8.24 -0.87 -11.94
N GLY A 69 7.50 -0.01 -12.65
CA GLY A 69 6.11 0.20 -12.34
C GLY A 69 5.55 1.47 -12.94
N SER A 70 4.53 2.02 -12.32
CA SER A 70 3.90 3.26 -12.81
C SER A 70 4.95 4.34 -13.02
N ASP A 71 5.95 4.37 -12.16
CA ASP A 71 7.02 5.37 -12.25
C ASP A 71 7.66 5.35 -13.64
N ASP A 72 8.01 4.15 -14.10
CA ASP A 72 8.62 3.99 -15.42
C ASP A 72 7.57 4.07 -16.52
N LEU A 73 6.45 3.39 -16.30
CA LEU A 73 5.37 3.38 -17.28
C LEU A 73 4.93 4.80 -17.63
N TYR A 74 4.98 5.69 -16.65
CA TYR A 74 4.60 7.08 -16.85
C TYR A 74 5.69 7.85 -17.60
N ALA A 75 6.94 7.60 -17.23
CA ALA A 75 8.07 8.26 -17.86
C ALA A 75 8.04 8.08 -19.38
N LEU A 76 7.69 6.88 -19.81
CA LEU A 76 7.62 6.58 -21.24
C LEU A 76 6.52 7.39 -21.91
N GLU A 77 5.40 7.54 -21.23
CA GLU A 77 4.28 8.30 -21.76
C GLU A 77 4.70 9.73 -22.10
N ASP A 78 5.68 10.25 -21.35
CA ASP A 78 6.17 11.60 -21.57
C ASP A 78 7.14 11.64 -22.75
N GLU A 79 8.16 10.80 -22.70
CA GLU A 79 9.16 10.74 -23.77
C GLU A 79 8.51 10.36 -25.10
N GLY A 80 7.39 9.65 -25.02
CA GLY A 80 6.69 9.23 -26.22
C GLY A 80 7.09 7.83 -26.67
N LYS A 81 7.36 6.97 -25.70
CA LYS A 81 7.76 5.59 -25.99
C LYS A 81 6.69 4.61 -25.53
N LEU A 82 5.45 5.07 -25.46
CA LEU A 82 4.34 4.23 -25.02
C LEU A 82 3.88 3.31 -26.14
N ASP A 83 3.92 3.83 -27.37
CA ASP A 83 3.50 3.05 -28.53
C ASP A 83 4.29 1.75 -28.63
N SER A 84 5.62 1.86 -28.64
CA SER A 84 6.48 0.71 -28.74
C SER A 84 6.29 -0.22 -27.53
N LEU A 85 6.00 0.38 -26.38
CA LEU A 85 5.79 -0.38 -25.16
C LEU A 85 4.60 -1.31 -25.29
N LEU A 86 3.44 -0.74 -25.62
CA LEU A 86 2.22 -1.52 -25.79
C LEU A 86 2.27 -2.35 -27.06
N LYS A 87 3.12 -1.94 -28.00
CA LYS A 87 3.26 -2.64 -29.27
C LYS A 87 4.09 -3.90 -29.10
N THR A 88 5.15 -3.81 -28.29
CA THR A 88 6.02 -4.94 -28.05
C THR A 88 6.59 -4.90 -26.62
N GLY A 89 6.98 -3.71 -26.18
CA GLY A 89 7.53 -3.57 -24.85
C GLY A 89 8.94 -3.04 -24.86
N LYS A 90 9.13 -1.81 -24.38
CA LYS A 90 10.45 -1.18 -24.32
C LYS A 90 10.66 -0.46 -23.00
N LEU A 91 11.80 -0.73 -22.37
CA LEU A 91 12.12 -0.09 -21.09
C LEU A 91 12.66 1.31 -21.30
N ILE A 92 13.37 1.63 -22.39
CA ILE A 92 14.11 2.90 -22.49
C ILE A 92 14.37 3.21 -23.96
N GLY B 1 -16.57 -7.24 34.21
CA GLY B 1 -15.43 -6.91 33.38
C GLY B 1 -15.27 -5.42 33.17
N PRO B 2 -14.87 -4.71 34.24
CA PRO B 2 -14.68 -3.25 34.19
C PRO B 2 -13.47 -2.86 33.34
N GLY B 3 -13.57 -1.70 32.69
CA GLY B 3 -12.48 -1.23 31.85
C GLY B 3 -12.34 0.28 31.89
N SER B 4 -11.50 0.78 32.80
CA SER B 4 -11.28 2.21 32.93
C SER B 4 -10.28 2.71 31.89
N MET B 5 -9.51 1.78 31.33
CA MET B 5 -8.52 2.13 30.32
C MET B 5 -9.19 2.55 29.01
N VAL B 6 -8.41 3.13 28.11
CA VAL B 6 -8.93 3.58 26.82
C VAL B 6 -8.76 2.51 25.75
N ASP B 7 -9.45 2.69 24.63
CA ASP B 7 -9.36 1.74 23.53
C ASP B 7 -8.57 2.32 22.36
N VAL B 8 -7.63 1.54 21.85
CA VAL B 8 -6.80 1.98 20.73
C VAL B 8 -7.33 1.43 19.41
N ILE B 9 -7.18 2.21 18.35
CA ILE B 9 -7.63 1.79 17.02
C ILE B 9 -6.64 2.20 15.94
N ILE B 10 -6.63 1.47 14.84
CA ILE B 10 -5.74 1.75 13.73
C ILE B 10 -6.42 1.53 12.39
N TYR B 11 -6.14 2.40 11.43
CA TYR B 11 -6.73 2.29 10.10
C TYR B 11 -5.87 1.45 9.19
N THR B 12 -6.35 0.26 8.85
CA THR B 12 -5.63 -0.67 7.99
C THR B 12 -6.57 -1.62 7.27
N ARG B 13 -6.18 -2.07 6.08
CA ARG B 13 -7.00 -2.97 5.29
C ARG B 13 -6.76 -4.41 5.72
N PRO B 14 -7.77 -5.27 5.49
CA PRO B 14 -7.70 -6.69 5.85
C PRO B 14 -6.72 -7.47 4.98
N GLY B 15 -5.43 -7.32 5.28
CA GLY B 15 -4.41 -8.01 4.51
C GLY B 15 -4.13 -7.34 3.18
N CYS B 16 -3.02 -6.61 3.12
CA CYS B 16 -2.40 -5.93 1.95
C CYS B 16 -1.39 -4.85 2.26
N PRO B 17 -1.79 -3.88 3.10
CA PRO B 17 -0.77 -2.89 3.46
C PRO B 17 0.40 -3.51 4.21
N TYR B 18 1.29 -2.67 4.71
CA TYR B 18 2.48 -3.09 5.46
C TYR B 18 2.42 -2.56 6.90
N CYS B 19 1.38 -2.91 7.64
CA CYS B 19 1.25 -2.46 9.02
C CYS B 19 1.85 -3.48 9.98
N ALA B 20 3.04 -3.97 9.66
CA ALA B 20 3.72 -4.95 10.49
C ALA B 20 4.49 -4.27 11.62
N ARG B 21 5.20 -3.20 11.28
CA ARG B 21 5.99 -2.47 12.27
C ARG B 21 5.09 -1.88 13.34
N ALA B 22 3.94 -1.34 12.93
CA ALA B 22 3.00 -0.75 13.86
C ALA B 22 2.63 -1.74 14.97
N LYS B 23 2.03 -2.85 14.57
CA LYS B 23 1.61 -3.88 15.53
C LYS B 23 2.82 -4.49 16.23
N ALA B 24 3.99 -4.38 15.59
CA ALA B 24 5.22 -4.92 16.15
C ALA B 24 5.43 -4.43 17.58
N LEU B 25 5.14 -3.14 17.81
CA LEU B 25 5.30 -2.56 19.13
C LEU B 25 4.04 -2.74 19.97
N LEU B 26 2.89 -2.44 19.36
CA LEU B 26 1.61 -2.57 20.04
C LEU B 26 1.46 -3.95 20.67
N ALA B 27 1.86 -4.99 19.94
CA ALA B 27 1.79 -6.36 20.43
C ALA B 27 2.83 -6.61 21.51
N ARG B 28 4.02 -6.04 21.34
CA ARG B 28 5.09 -6.21 22.30
C ARG B 28 4.74 -5.54 23.63
N LYS B 29 3.85 -4.55 23.57
CA LYS B 29 3.43 -3.82 24.77
C LYS B 29 2.17 -4.45 25.37
N GLY B 30 1.56 -5.36 24.61
CA GLY B 30 0.35 -6.01 25.08
C GLY B 30 -0.88 -5.15 24.91
N ALA B 31 -0.72 -4.01 24.24
CA ALA B 31 -1.82 -3.09 24.01
C ALA B 31 -2.87 -3.71 23.09
N GLU B 32 -4.11 -3.25 23.21
CA GLU B 32 -5.19 -3.77 22.39
C GLU B 32 -5.50 -2.82 21.23
N PHE B 33 -5.34 -3.32 20.01
CA PHE B 33 -5.60 -2.52 18.82
C PHE B 33 -6.71 -3.14 17.97
N ASN B 34 -7.16 -2.39 16.97
CA ASN B 34 -8.22 -2.86 16.08
C ASN B 34 -8.07 -2.27 14.69
N GLU B 35 -8.01 -3.13 13.68
CA GLU B 35 -7.86 -2.69 12.30
C GLU B 35 -9.19 -2.20 11.75
N ILE B 36 -9.13 -1.40 10.69
CA ILE B 36 -10.32 -0.86 10.06
C ILE B 36 -10.24 -0.93 8.55
N ASP B 37 -10.97 -1.87 7.96
CA ASP B 37 -10.97 -2.05 6.51
C ASP B 37 -11.29 -0.73 5.81
N ALA B 38 -10.25 -0.10 5.26
CA ALA B 38 -10.42 1.16 4.56
C ALA B 38 -10.72 0.94 3.08
N SER B 39 -10.92 2.03 2.35
CA SER B 39 -11.22 1.94 0.93
C SER B 39 -12.51 1.16 0.68
N ALA B 40 -13.39 1.15 1.68
CA ALA B 40 -14.65 0.43 1.57
C ALA B 40 -15.84 1.39 1.70
N THR B 41 -15.67 2.42 2.53
CA THR B 41 -16.72 3.40 2.75
C THR B 41 -16.16 4.82 2.74
N PRO B 42 -16.98 5.77 2.27
CA PRO B 42 -16.58 7.19 2.20
C PRO B 42 -16.47 7.82 3.57
N GLU B 43 -17.06 7.17 4.58
CA GLU B 43 -17.03 7.68 5.94
C GLU B 43 -15.63 7.54 6.54
N LEU B 44 -14.96 6.44 6.21
CA LEU B 44 -13.62 6.18 6.71
C LEU B 44 -12.57 6.76 5.78
N ARG B 45 -12.68 6.44 4.49
CA ARG B 45 -11.74 6.93 3.49
C ARG B 45 -11.60 8.45 3.58
N ALA B 46 -12.66 9.12 4.00
CA ALA B 46 -12.66 10.57 4.13
C ALA B 46 -11.71 11.02 5.23
N GLU B 47 -11.71 10.29 6.35
CA GLU B 47 -10.84 10.63 7.48
C GLU B 47 -9.39 10.27 7.16
N MET B 48 -9.19 9.10 6.56
CA MET B 48 -7.84 8.65 6.21
C MET B 48 -7.28 9.47 5.05
N GLN B 49 -8.17 10.02 4.23
CA GLN B 49 -7.76 10.82 3.09
C GLN B 49 -6.98 12.06 3.54
N GLU B 50 -7.26 12.51 4.76
CA GLU B 50 -6.60 13.69 5.31
C GLU B 50 -5.13 13.38 5.61
N ARG B 51 -4.87 12.20 6.14
CA ARG B 51 -3.51 11.79 6.48
C ARG B 51 -2.81 11.19 5.26
N SER B 52 -3.59 10.65 4.33
CA SER B 52 -3.04 10.05 3.13
C SER B 52 -2.09 11.02 2.42
N GLY B 53 -0.99 10.48 1.89
CA GLY B 53 -0.03 11.32 1.20
C GLY B 53 1.35 10.69 1.16
N ARG B 54 1.61 9.76 2.07
CA ARG B 54 2.89 9.08 2.14
C ARG B 54 2.75 7.58 1.86
N ASN B 55 1.66 7.03 2.40
CA ASN B 55 1.29 5.62 2.26
C ASN B 55 2.44 4.72 2.71
N THR B 56 3.00 5.08 3.85
CA THR B 56 4.11 4.36 4.46
C THR B 56 3.64 3.56 5.67
N PHE B 57 3.10 4.25 6.66
CA PHE B 57 2.61 3.61 7.88
C PHE B 57 1.12 3.87 8.07
N PRO B 58 0.46 3.00 8.83
CA PRO B 58 -0.97 3.11 9.11
C PRO B 58 -1.29 4.30 10.02
N GLN B 59 -2.58 4.57 10.20
CA GLN B 59 -3.02 5.67 11.05
C GLN B 59 -3.39 5.18 12.44
N ILE B 60 -2.65 5.63 13.44
CA ILE B 60 -2.91 5.24 14.82
C ILE B 60 -3.89 6.20 15.49
N PHE B 61 -4.74 5.65 16.36
CA PHE B 61 -5.74 6.44 17.07
C PHE B 61 -5.81 6.03 18.54
N ILE B 62 -5.94 7.01 19.41
CA ILE B 62 -6.04 6.75 20.84
C ILE B 62 -6.93 7.78 21.53
N GLY B 63 -8.03 7.29 22.11
CA GLY B 63 -8.96 8.17 22.80
C GLY B 63 -9.39 9.35 21.93
N SER B 64 -9.08 10.55 22.39
CA SER B 64 -9.44 11.77 21.66
C SER B 64 -8.20 12.44 21.08
N VAL B 65 -7.16 11.65 20.86
CA VAL B 65 -5.91 12.17 20.30
C VAL B 65 -5.59 11.53 18.96
N HIS B 66 -5.02 12.31 18.05
CA HIS B 66 -4.66 11.82 16.72
C HIS B 66 -3.18 11.45 16.67
N VAL B 67 -2.86 10.43 15.89
CA VAL B 67 -1.48 9.98 15.73
C VAL B 67 -1.15 9.68 14.28
N GLY B 68 -0.07 10.27 13.78
CA GLY B 68 0.33 10.04 12.40
C GLY B 68 0.41 8.58 12.05
N GLY B 69 1.16 7.82 12.85
CA GLY B 69 1.30 6.39 12.60
C GLY B 69 2.48 5.80 13.33
N SER B 70 3.02 4.71 12.79
CA SER B 70 4.16 4.04 13.41
C SER B 70 5.29 5.02 13.69
N ASP B 71 5.47 5.99 12.80
CA ASP B 71 6.51 7.00 12.95
C ASP B 71 6.40 7.68 14.31
N ASP B 72 5.20 8.13 14.66
CA ASP B 72 4.96 8.80 15.93
C ASP B 72 4.87 7.79 17.07
N LEU B 73 4.15 6.69 16.83
CA LEU B 73 3.98 5.66 17.83
C LEU B 73 5.33 5.15 18.33
N TYR B 74 6.31 5.12 17.42
CA TYR B 74 7.65 4.66 17.77
C TYR B 74 8.41 5.72 18.55
N ALA B 75 8.29 6.97 18.11
CA ALA B 75 8.95 8.08 18.76
C ALA B 75 8.65 8.12 20.26
N LEU B 76 7.38 7.87 20.59
CA LEU B 76 6.95 7.87 21.99
C LEU B 76 7.64 6.75 22.77
N GLU B 77 7.78 5.60 22.13
CA GLU B 77 8.42 4.45 22.77
C GLU B 77 9.84 4.80 23.22
N ASP B 78 10.47 5.71 22.50
CA ASP B 78 11.83 6.14 22.82
C ASP B 78 11.82 7.14 23.97
N GLU B 79 11.05 8.21 23.81
CA GLU B 79 10.97 9.25 24.84
C GLU B 79 10.43 8.67 26.14
N GLY B 80 9.66 7.60 26.04
CA GLY B 80 9.09 6.97 27.22
C GLY B 80 7.69 7.46 27.52
N LYS B 81 6.93 7.76 26.48
CA LYS B 81 5.56 8.24 26.64
C LYS B 81 4.56 7.22 26.10
N LEU B 82 4.95 5.95 26.12
CA LEU B 82 4.09 4.88 25.65
C LEU B 82 3.04 4.51 26.70
N ASP B 83 3.45 4.56 27.97
CA ASP B 83 2.55 4.24 29.06
C ASP B 83 1.29 5.11 29.02
N SER B 84 1.49 6.42 29.00
CA SER B 84 0.38 7.36 28.96
C SER B 84 -0.44 7.18 27.69
N LEU B 85 0.23 6.81 26.60
CA LEU B 85 -0.43 6.61 25.33
C LEU B 85 -1.43 5.47 25.41
N LEU B 86 -0.96 4.30 25.83
CA LEU B 86 -1.84 3.13 25.96
C LEU B 86 -2.77 3.27 27.15
N LYS B 87 -2.39 4.13 28.09
CA LYS B 87 -3.19 4.36 29.29
C LYS B 87 -4.38 5.26 28.98
N THR B 88 -4.14 6.28 28.15
CA THR B 88 -5.19 7.22 27.77
C THR B 88 -5.00 7.72 26.35
N GLY B 89 -3.75 8.02 26.00
CA GLY B 89 -3.45 8.51 24.67
C GLY B 89 -2.84 9.89 24.68
N LYS B 90 -1.57 9.98 24.31
CA LYS B 90 -0.85 11.26 24.28
C LYS B 90 -0.01 11.38 23.02
N LEU B 91 -0.15 12.50 22.32
CA LEU B 91 0.61 12.74 21.09
C LEU B 91 2.03 13.21 21.42
N ILE B 92 2.29 13.93 22.51
CA ILE B 92 3.60 14.55 22.72
C ILE B 92 3.76 14.86 24.20
N GLY A 1 -2.03 -12.89 -40.14
CA GLY A 1 -1.87 -11.49 -39.77
C GLY A 1 -0.53 -10.93 -40.19
N PRO A 2 -0.38 -9.60 -40.08
CA PRO A 2 0.86 -8.91 -40.45
C PRO A 2 2.01 -9.22 -39.50
N GLY A 3 1.66 -9.45 -38.23
CA GLY A 3 2.68 -9.76 -37.24
C GLY A 3 2.09 -10.21 -35.92
N SER A 4 2.93 -10.33 -34.91
CA SER A 4 2.49 -10.76 -33.58
C SER A 4 2.33 -9.56 -32.65
N MET A 5 2.00 -9.84 -31.39
CA MET A 5 1.82 -8.79 -30.39
C MET A 5 2.08 -9.32 -28.99
N VAL A 6 2.30 -8.41 -28.04
CA VAL A 6 2.56 -8.79 -26.66
C VAL A 6 1.38 -8.44 -25.77
N ASP A 7 1.55 -8.63 -24.46
CA ASP A 7 0.51 -8.34 -23.50
C ASP A 7 1.08 -7.75 -22.22
N VAL A 8 0.54 -6.62 -21.79
CA VAL A 8 0.99 -5.96 -20.57
C VAL A 8 0.40 -6.61 -19.33
N ILE A 9 1.14 -6.56 -18.23
CA ILE A 9 0.70 -7.14 -16.97
C ILE A 9 1.05 -6.24 -15.79
N ILE A 10 0.26 -6.34 -14.72
CA ILE A 10 0.48 -5.54 -13.53
C ILE A 10 0.43 -6.40 -12.27
N TYR A 11 1.37 -6.17 -11.36
CA TYR A 11 1.44 -6.92 -10.12
C TYR A 11 0.67 -6.21 -9.01
N THR A 12 -0.55 -6.66 -8.76
CA THR A 12 -1.39 -6.06 -7.72
C THR A 12 -2.56 -6.98 -7.36
N ARG A 13 -3.03 -6.86 -6.13
CA ARG A 13 -4.14 -7.68 -5.66
C ARG A 13 -5.43 -7.34 -6.42
N PRO A 14 -6.40 -8.26 -6.39
CA PRO A 14 -7.69 -8.08 -7.06
C PRO A 14 -8.54 -7.01 -6.38
N GLY A 15 -8.36 -5.76 -6.79
CA GLY A 15 -9.13 -4.67 -6.21
C GLY A 15 -8.93 -4.55 -4.71
N CYS A 16 -8.09 -3.68 -4.40
CA CYS A 16 -7.82 -3.59 -3.06
C CYS A 16 -6.89 -2.44 -3.39
N PRO A 17 -5.51 -2.54 -3.27
CA PRO A 17 -4.41 -1.58 -3.19
C PRO A 17 -4.67 -0.33 -4.02
N TYR A 18 -3.66 0.54 -4.05
CA TYR A 18 -3.73 1.77 -4.85
C TYR A 18 -3.81 1.45 -6.33
N CYS A 19 -2.70 1.10 -7.00
CA CYS A 19 -2.64 0.79 -8.42
C CYS A 19 -3.63 1.66 -9.21
N ALA A 20 -3.63 2.96 -8.93
CA ALA A 20 -4.52 3.88 -9.60
C ALA A 20 -3.88 4.45 -10.86
N ARG A 21 -2.60 4.81 -10.75
CA ARG A 21 -1.86 5.37 -11.88
C ARG A 21 -1.74 4.35 -13.01
N ALA A 22 -1.35 3.13 -12.65
CA ALA A 22 -1.19 2.06 -13.64
C ALA A 22 -2.48 1.83 -14.40
N LYS A 23 -3.57 1.60 -13.67
CA LYS A 23 -4.86 1.36 -14.29
C LYS A 23 -5.34 2.59 -15.06
N ALA A 24 -5.21 3.75 -14.44
CA ALA A 24 -5.62 5.00 -15.07
C ALA A 24 -5.01 5.15 -16.46
N LEU A 25 -3.67 5.17 -16.51
CA LEU A 25 -2.96 5.30 -17.78
C LEU A 25 -3.46 4.27 -18.79
N LEU A 26 -3.44 3.00 -18.40
CA LEU A 26 -3.89 1.93 -19.27
C LEU A 26 -5.34 2.15 -19.71
N ALA A 27 -6.07 2.93 -18.92
CA ALA A 27 -7.47 3.22 -19.22
C ALA A 27 -7.59 4.45 -20.12
N ARG A 28 -6.54 5.26 -20.14
CA ARG A 28 -6.54 6.48 -20.96
C ARG A 28 -6.26 6.14 -22.42
N LYS A 29 -5.41 5.14 -22.63
CA LYS A 29 -5.06 4.73 -23.99
C LYS A 29 -5.69 3.38 -24.32
N GLY A 30 -6.69 2.99 -23.53
CA GLY A 30 -7.36 1.72 -23.77
C GLY A 30 -6.39 0.56 -23.89
N ALA A 31 -5.24 0.69 -23.24
CA ALA A 31 -4.22 -0.36 -23.28
C ALA A 31 -4.66 -1.58 -22.47
N GLU A 32 -4.09 -2.73 -22.81
CA GLU A 32 -4.42 -3.97 -22.11
C GLU A 32 -3.62 -4.10 -20.82
N PHE A 33 -4.13 -4.91 -19.89
CA PHE A 33 -3.46 -5.12 -18.61
C PHE A 33 -4.12 -6.26 -17.83
N ASN A 34 -3.34 -6.91 -16.97
CA ASN A 34 -3.84 -8.01 -16.17
C ASN A 34 -3.24 -7.99 -14.77
N GLU A 35 -4.10 -8.02 -13.76
CA GLU A 35 -3.66 -8.00 -12.38
C GLU A 35 -3.14 -9.37 -11.95
N ILE A 36 -2.26 -9.39 -10.95
CA ILE A 36 -1.69 -10.64 -10.45
C ILE A 36 -1.82 -10.72 -8.93
N ASP A 37 -2.43 -11.80 -8.45
CA ASP A 37 -2.61 -12.01 -7.02
C ASP A 37 -1.35 -12.61 -6.40
N ALA A 38 -0.53 -11.75 -5.80
CA ALA A 38 0.71 -12.20 -5.16
C ALA A 38 0.43 -12.91 -3.84
N SER A 39 1.48 -13.37 -3.19
CA SER A 39 1.35 -14.07 -1.91
C SER A 39 0.52 -15.34 -2.08
N ALA A 40 0.52 -15.89 -3.29
CA ALA A 40 -0.22 -17.11 -3.57
C ALA A 40 0.71 -18.22 -4.06
N THR A 41 1.73 -17.85 -4.82
CA THR A 41 2.69 -18.81 -5.34
C THR A 41 4.12 -18.40 -5.01
N PRO A 42 4.99 -19.40 -4.80
CA PRO A 42 6.40 -19.18 -4.48
C PRO A 42 7.18 -18.61 -5.66
N GLU A 43 6.59 -18.69 -6.85
CA GLU A 43 7.23 -18.18 -8.06
C GLU A 43 7.14 -16.67 -8.12
N LEU A 44 5.95 -16.14 -7.90
CA LEU A 44 5.73 -14.69 -7.93
C LEU A 44 6.51 -14.00 -6.81
N ARG A 45 6.24 -14.40 -5.57
CA ARG A 45 6.92 -13.82 -4.42
C ARG A 45 8.43 -13.89 -4.58
N ALA A 46 8.90 -14.89 -5.33
CA ALA A 46 10.32 -15.07 -5.56
C ALA A 46 10.86 -13.99 -6.49
N GLU A 47 10.06 -13.60 -7.46
CA GLU A 47 10.46 -12.58 -8.43
C GLU A 47 10.49 -11.20 -7.77
N MET A 48 9.40 -10.86 -7.07
CA MET A 48 9.30 -9.58 -6.40
C MET A 48 10.36 -9.45 -5.31
N GLN A 49 10.87 -10.59 -4.85
CA GLN A 49 11.88 -10.60 -3.80
C GLN A 49 13.15 -9.91 -4.26
N GLU A 50 13.68 -10.35 -5.40
CA GLU A 50 14.90 -9.77 -5.95
C GLU A 50 14.70 -8.30 -6.31
N ARG A 51 13.50 -7.97 -6.79
CA ARG A 51 13.17 -6.60 -7.17
C ARG A 51 12.59 -5.84 -5.98
N SER A 52 12.66 -6.44 -4.80
CA SER A 52 12.14 -5.82 -3.59
C SER A 52 12.68 -4.40 -3.43
N GLY A 53 12.02 -3.62 -2.57
CA GLY A 53 12.45 -2.25 -2.35
C GLY A 53 11.42 -1.23 -2.78
N ARG A 54 10.91 -0.46 -1.83
CA ARG A 54 9.91 0.55 -2.13
C ARG A 54 8.62 -0.09 -2.68
N ASN A 55 7.62 -0.22 -1.83
CA ASN A 55 6.33 -0.85 -2.17
C ASN A 55 5.21 0.18 -2.33
N THR A 56 5.45 1.23 -3.10
CA THR A 56 4.47 2.31 -3.25
C THR A 56 3.60 2.08 -4.47
N PHE A 57 4.14 1.38 -5.46
CA PHE A 57 3.39 1.09 -6.69
C PHE A 57 3.63 -0.34 -7.15
N PRO A 58 2.70 -0.87 -7.95
CA PRO A 58 2.78 -2.24 -8.48
C PRO A 58 3.89 -2.39 -9.51
N GLN A 59 4.04 -3.60 -10.03
CA GLN A 59 5.07 -3.88 -11.02
C GLN A 59 4.45 -4.05 -12.41
N ILE A 60 4.94 -3.27 -13.37
CA ILE A 60 4.43 -3.33 -14.73
C ILE A 60 5.32 -4.22 -15.60
N PHE A 61 4.74 -5.32 -16.08
CA PHE A 61 5.47 -6.26 -16.92
C PHE A 61 5.15 -6.03 -18.40
N ILE A 62 6.17 -5.66 -19.17
CA ILE A 62 5.98 -5.41 -20.60
C ILE A 62 6.75 -6.44 -21.43
N GLY A 63 6.05 -7.48 -21.86
CA GLY A 63 6.67 -8.52 -22.66
C GLY A 63 7.70 -9.32 -21.88
N SER A 64 8.96 -8.95 -22.03
CA SER A 64 10.04 -9.65 -21.33
C SER A 64 10.94 -8.67 -20.60
N VAL A 65 10.34 -7.64 -20.02
CA VAL A 65 11.08 -6.63 -19.28
C VAL A 65 10.36 -6.23 -18.00
N HIS A 66 11.13 -5.97 -16.95
CA HIS A 66 10.56 -5.58 -15.66
C HIS A 66 10.52 -4.06 -15.52
N VAL A 67 9.49 -3.56 -14.85
CA VAL A 67 9.34 -2.12 -14.65
C VAL A 67 8.95 -1.81 -13.21
N GLY A 68 9.56 -0.77 -12.65
CA GLY A 68 9.27 -0.38 -11.28
C GLY A 68 7.78 -0.25 -11.03
N GLY A 69 7.08 0.45 -11.92
CA GLY A 69 5.66 0.64 -11.77
C GLY A 69 5.15 1.87 -12.48
N SER A 70 4.02 2.41 -12.03
CA SER A 70 3.43 3.60 -12.64
C SER A 70 4.46 4.72 -12.74
N ASP A 71 5.41 4.73 -11.81
CA ASP A 71 6.45 5.76 -11.80
C ASP A 71 7.16 5.82 -13.15
N ASP A 72 7.66 4.67 -13.60
CA ASP A 72 8.37 4.61 -14.87
C ASP A 72 7.38 4.50 -16.03
N LEU A 73 6.34 3.70 -15.85
CA LEU A 73 5.33 3.51 -16.88
C LEU A 73 4.80 4.86 -17.37
N TYR A 74 4.80 5.85 -16.48
CA TYR A 74 4.32 7.19 -16.81
C TYR A 74 5.38 7.97 -17.57
N ALA A 75 6.65 7.80 -17.17
CA ALA A 75 7.76 8.48 -17.80
C ALA A 75 7.80 8.19 -19.30
N LEU A 76 7.87 6.91 -19.64
CA LEU A 76 7.91 6.49 -21.04
C LEU A 76 6.73 7.03 -21.82
N GLU A 77 5.55 6.99 -21.21
CA GLU A 77 4.35 7.49 -21.84
C GLU A 77 4.48 8.97 -22.19
N ASP A 78 5.27 9.69 -21.40
CA ASP A 78 5.49 11.11 -21.63
C ASP A 78 6.52 11.34 -22.72
N GLU A 79 7.58 10.54 -22.69
CA GLU A 79 8.65 10.65 -23.69
C GLU A 79 8.17 10.18 -25.06
N GLY A 80 7.22 9.24 -25.05
CA GLY A 80 6.70 8.72 -26.30
C GLY A 80 7.18 7.32 -26.60
N LYS A 81 7.38 6.52 -25.54
CA LYS A 81 7.84 5.15 -25.69
C LYS A 81 6.79 4.16 -25.19
N LEU A 82 5.53 4.54 -25.31
CA LEU A 82 4.43 3.70 -24.86
C LEU A 82 4.00 2.74 -25.97
N ASP A 83 4.00 3.24 -27.21
CA ASP A 83 3.61 2.44 -28.35
C ASP A 83 4.41 1.15 -28.40
N SER A 84 5.73 1.28 -28.50
CA SER A 84 6.61 0.11 -28.57
C SER A 84 6.58 -0.67 -27.25
N LEU A 85 6.27 0.03 -26.17
CA LEU A 85 6.21 -0.59 -24.85
C LEU A 85 5.03 -1.55 -24.76
N LEU A 86 3.89 -1.13 -25.29
CA LEU A 86 2.69 -1.96 -25.27
C LEU A 86 2.61 -2.85 -26.51
N LYS A 87 3.43 -2.52 -27.52
CA LYS A 87 3.46 -3.30 -28.75
C LYS A 87 4.49 -4.42 -28.67
N THR A 88 5.50 -4.23 -27.82
CA THR A 88 6.55 -5.23 -27.65
C THR A 88 7.04 -5.25 -26.20
N GLY A 89 7.42 -4.09 -25.69
CA GLY A 89 7.92 -4.01 -24.33
C GLY A 89 9.40 -4.29 -24.23
N LYS A 90 10.17 -3.77 -25.18
CA LYS A 90 11.62 -3.97 -25.19
C LYS A 90 12.33 -2.81 -24.52
N LEU A 91 13.35 -3.13 -23.72
CA LEU A 91 14.12 -2.10 -23.02
C LEU A 91 15.13 -1.45 -23.96
N ILE A 92 15.48 -2.11 -25.06
CA ILE A 92 16.45 -1.55 -26.02
C ILE A 92 15.90 -0.25 -26.59
N GLY B 1 -14.58 0.15 39.43
CA GLY B 1 -13.16 0.22 39.16
C GLY B 1 -12.55 1.53 39.59
N PRO B 2 -11.21 1.60 39.58
CA PRO B 2 -10.47 2.81 39.96
C PRO B 2 -10.63 3.93 38.95
N GLY B 3 -10.78 3.56 37.68
CA GLY B 3 -10.94 4.55 36.63
C GLY B 3 -11.32 3.93 35.30
N SER B 4 -11.29 4.73 34.25
CA SER B 4 -11.63 4.26 32.92
C SER B 4 -10.38 3.99 32.08
N MET B 5 -10.57 3.63 30.82
CA MET B 5 -9.45 3.35 29.93
C MET B 5 -9.86 3.58 28.47
N VAL B 6 -8.86 3.71 27.61
CA VAL B 6 -9.10 3.94 26.18
C VAL B 6 -8.77 2.70 25.37
N ASP B 7 -8.83 2.84 24.04
CA ASP B 7 -8.53 1.73 23.15
C ASP B 7 -7.80 2.21 21.90
N VAL B 8 -6.68 1.58 21.59
CA VAL B 8 -5.88 1.96 20.42
C VAL B 8 -6.47 1.35 19.15
N ILE B 9 -6.27 2.05 18.03
CA ILE B 9 -6.78 1.58 16.75
C ILE B 9 -5.76 1.83 15.64
N ILE B 10 -5.83 1.01 14.59
CA ILE B 10 -4.91 1.14 13.46
C ILE B 10 -5.66 1.08 12.13
N TYR B 11 -5.30 1.98 11.21
CA TYR B 11 -5.95 2.02 9.91
C TYR B 11 -5.20 1.17 8.89
N THR B 12 -5.70 -0.03 8.64
CA THR B 12 -5.07 -0.94 7.70
C THR B 12 -6.02 -2.06 7.30
N ARG B 13 -5.84 -2.60 6.10
CA ARG B 13 -6.68 -3.68 5.61
C ARG B 13 -6.48 -4.95 6.43
N PRO B 14 -7.46 -5.86 6.36
CA PRO B 14 -7.41 -7.13 7.09
C PRO B 14 -6.36 -8.07 6.54
N GLY B 15 -5.13 -7.96 7.04
CA GLY B 15 -4.05 -8.81 6.59
C GLY B 15 -3.79 -8.66 5.10
N CYS B 16 -2.86 -7.84 4.78
CA CYS B 16 -2.75 -7.54 3.42
C CYS B 16 -1.48 -6.68 3.19
N PRO B 17 -1.47 -5.45 3.72
CA PRO B 17 -0.43 -4.41 3.67
C PRO B 17 0.73 -4.70 4.61
N TYR B 18 1.65 -3.76 4.71
CA TYR B 18 2.80 -3.91 5.59
C TYR B 18 2.37 -3.87 7.05
N CYS B 19 2.02 -2.70 7.64
CA CYS B 19 1.61 -2.57 9.03
C CYS B 19 2.34 -3.57 9.92
N ALA B 20 3.65 -3.66 9.74
CA ALA B 20 4.47 -4.58 10.53
C ALA B 20 4.97 -3.93 11.81
N ARG B 21 5.41 -2.67 11.68
CA ARG B 21 5.92 -1.93 12.82
C ARG B 21 4.82 -1.70 13.87
N ALA B 22 3.66 -1.25 13.39
CA ALA B 22 2.53 -0.98 14.27
C ALA B 22 2.15 -2.23 15.07
N LYS B 23 1.92 -3.32 14.36
CA LYS B 23 1.54 -4.58 15.00
C LYS B 23 2.67 -5.09 15.88
N ALA B 24 3.90 -5.06 15.36
CA ALA B 24 5.06 -5.52 16.10
C ALA B 24 5.13 -4.86 17.48
N LEU B 25 5.22 -3.53 17.49
CA LEU B 25 5.30 -2.78 18.74
C LEU B 25 4.16 -3.17 19.67
N LEU B 26 2.93 -3.10 19.18
CA LEU B 26 1.76 -3.44 19.97
C LEU B 26 1.85 -4.88 20.47
N ALA B 27 2.64 -5.69 19.78
CA ALA B 27 2.82 -7.09 20.16
C ALA B 27 3.96 -7.25 21.16
N ARG B 28 4.84 -6.25 21.21
CA ARG B 28 5.98 -6.29 22.13
C ARG B 28 5.54 -5.92 23.55
N LYS B 29 4.58 -5.01 23.65
CA LYS B 29 4.08 -4.57 24.95
C LYS B 29 2.67 -5.12 25.19
N GLY B 30 2.29 -6.11 24.41
CA GLY B 30 0.96 -6.71 24.55
C GLY B 30 -0.14 -5.67 24.53
N ALA B 31 0.11 -4.55 23.87
CA ALA B 31 -0.86 -3.47 23.79
C ALA B 31 -2.04 -3.87 22.89
N GLU B 32 -3.18 -3.22 23.09
CA GLU B 32 -4.37 -3.50 22.31
C GLU B 32 -4.35 -2.75 20.99
N PHE B 33 -5.10 -3.25 20.01
CA PHE B 33 -5.17 -2.62 18.70
C PHE B 33 -6.27 -3.23 17.85
N ASN B 34 -6.80 -2.46 16.91
CA ASN B 34 -7.86 -2.93 16.04
C ASN B 34 -7.69 -2.39 14.62
N GLU B 35 -7.69 -3.28 13.64
CA GLU B 35 -7.53 -2.89 12.25
C GLU B 35 -8.83 -2.31 11.69
N ILE B 36 -8.70 -1.49 10.66
CA ILE B 36 -9.86 -0.86 10.03
C ILE B 36 -9.84 -1.04 8.52
N ASP B 37 -10.91 -1.61 7.97
CA ASP B 37 -11.01 -1.83 6.54
C ASP B 37 -11.46 -0.56 5.82
N ALA B 38 -10.52 0.18 5.27
CA ALA B 38 -10.83 1.41 4.56
C ALA B 38 -11.44 1.12 3.19
N SER B 39 -11.78 2.17 2.46
CA SER B 39 -12.38 2.03 1.14
C SER B 39 -13.71 1.29 1.22
N ALA B 40 -14.36 1.38 2.37
CA ALA B 40 -15.64 0.72 2.58
C ALA B 40 -16.73 1.72 2.94
N THR B 41 -16.35 2.76 3.69
CA THR B 41 -17.30 3.79 4.09
C THR B 41 -16.78 5.18 3.75
N PRO B 42 -17.70 6.09 3.42
CA PRO B 42 -17.35 7.48 3.07
C PRO B 42 -16.84 8.27 4.27
N GLU B 43 -17.06 7.73 5.47
CA GLU B 43 -16.62 8.39 6.70
C GLU B 43 -15.11 8.23 6.89
N LEU B 44 -14.64 6.99 6.75
CA LEU B 44 -13.23 6.69 6.92
C LEU B 44 -12.39 7.37 5.83
N ARG B 45 -12.70 7.08 4.58
CA ARG B 45 -11.99 7.68 3.46
C ARG B 45 -11.98 9.19 3.55
N ALA B 46 -13.01 9.75 4.19
CA ALA B 46 -13.12 11.19 4.36
C ALA B 46 -12.08 11.71 5.36
N GLU B 47 -11.83 10.91 6.40
CA GLU B 47 -10.87 11.30 7.42
C GLU B 47 -9.44 11.21 6.89
N MET B 48 -9.12 10.08 6.27
CA MET B 48 -7.78 9.88 5.71
C MET B 48 -7.50 10.88 4.58
N GLN B 49 -8.56 11.44 4.02
CA GLN B 49 -8.43 12.41 2.94
C GLN B 49 -7.70 13.66 3.41
N GLU B 50 -8.19 14.25 4.49
CA GLU B 50 -7.58 15.46 5.04
C GLU B 50 -6.17 15.17 5.53
N ARG B 51 -5.96 13.99 6.07
CA ARG B 51 -4.65 13.59 6.58
C ARG B 51 -3.82 12.91 5.48
N SER B 52 -4.32 12.97 4.26
CA SER B 52 -3.63 12.37 3.12
C SER B 52 -2.17 12.81 3.07
N GLY B 53 -1.37 12.08 2.30
CA GLY B 53 0.04 12.42 2.17
C GLY B 53 0.95 11.34 2.74
N ARG B 54 1.76 10.75 1.87
CA ARG B 54 2.68 9.70 2.30
C ARG B 54 1.92 8.48 2.83
N ASN B 55 1.78 7.45 2.02
CA ASN B 55 1.04 6.23 2.40
C ASN B 55 1.96 5.02 2.69
N THR B 56 2.99 5.25 3.48
CA THR B 56 3.99 4.22 3.75
C THR B 56 3.62 3.40 4.98
N PHE B 57 2.86 4.03 5.89
CA PHE B 57 2.44 3.36 7.11
C PHE B 57 0.98 3.70 7.44
N PRO B 58 0.33 2.84 8.23
CA PRO B 58 -1.06 3.02 8.63
C PRO B 58 -1.23 4.18 9.60
N GLN B 59 -2.47 4.43 10.01
CA GLN B 59 -2.77 5.50 10.95
C GLN B 59 -3.09 4.96 12.33
N ILE B 60 -2.37 5.44 13.33
CA ILE B 60 -2.57 4.99 14.70
C ILE B 60 -3.48 5.95 15.47
N PHE B 61 -4.64 5.47 15.87
CA PHE B 61 -5.60 6.29 16.60
C PHE B 61 -5.51 6.01 18.10
N ILE B 62 -5.15 7.03 18.86
CA ILE B 62 -5.02 6.91 20.31
C ILE B 62 -6.07 7.75 21.03
N GLY B 63 -7.19 7.14 21.38
CA GLY B 63 -8.24 7.85 22.08
C GLY B 63 -8.91 8.89 21.20
N SER B 64 -8.49 10.14 21.33
CA SER B 64 -9.05 11.23 20.54
C SER B 64 -7.95 12.05 19.86
N VAL B 65 -6.92 11.36 19.38
CA VAL B 65 -5.81 12.01 18.71
C VAL B 65 -5.34 11.21 17.50
N HIS B 66 -4.97 11.91 16.44
CA HIS B 66 -4.50 11.27 15.22
C HIS B 66 -2.98 11.14 15.22
N VAL B 67 -2.49 10.05 14.62
CA VAL B 67 -1.05 9.81 14.55
C VAL B 67 -0.64 9.34 13.16
N GLY B 68 0.48 9.86 12.66
CA GLY B 68 0.96 9.49 11.35
C GLY B 68 1.01 7.99 11.15
N GLY B 69 1.60 7.29 12.13
CA GLY B 69 1.70 5.85 12.05
C GLY B 69 2.85 5.30 12.89
N SER B 70 3.34 4.13 12.51
CA SER B 70 4.43 3.49 13.24
C SER B 70 5.60 4.45 13.40
N ASP B 71 5.75 5.36 12.45
CA ASP B 71 6.84 6.34 12.48
C ASP B 71 6.83 7.09 13.81
N ASP B 72 5.70 7.69 14.14
CA ASP B 72 5.56 8.45 15.38
C ASP B 72 5.30 7.52 16.56
N LEU B 73 4.45 6.52 16.35
CA LEU B 73 4.11 5.56 17.40
C LEU B 73 5.38 4.97 18.01
N TYR B 74 6.44 4.88 17.22
CA TYR B 74 7.71 4.34 17.68
C TYR B 74 8.49 5.38 18.46
N ALA B 75 8.43 6.63 18.00
CA ALA B 75 9.14 7.72 18.65
C ALA B 75 8.72 7.85 20.11
N LEU B 76 7.42 8.00 20.34
CA LEU B 76 6.90 8.14 21.69
C LEU B 76 7.30 6.96 22.56
N GLU B 77 7.24 5.75 21.99
CA GLU B 77 7.61 4.54 22.71
C GLU B 77 9.05 4.61 23.18
N ASP B 78 9.89 5.31 22.42
CA ASP B 78 11.29 5.45 22.76
C ASP B 78 11.49 6.52 23.83
N GLU B 79 10.76 7.62 23.70
CA GLU B 79 10.86 8.73 24.66
C GLU B 79 10.25 8.33 26.00
N GLY B 80 9.25 7.44 25.95
CA GLY B 80 8.59 7.00 27.17
C GLY B 80 7.21 7.59 27.33
N LYS B 81 6.52 7.78 26.21
CA LYS B 81 5.17 8.33 26.22
C LYS B 81 4.16 7.32 25.67
N LEU B 82 4.46 6.03 25.86
CA LEU B 82 3.58 4.97 25.39
C LEU B 82 2.52 4.65 26.43
N ASP B 83 2.91 4.67 27.70
CA ASP B 83 1.99 4.37 28.79
C ASP B 83 0.75 5.26 28.70
N SER B 84 0.95 6.58 28.76
CA SER B 84 -0.15 7.52 28.69
C SER B 84 -0.82 7.48 27.33
N LEU B 85 -0.05 7.09 26.31
CA LEU B 85 -0.56 7.01 24.95
C LEU B 85 -1.59 5.88 24.82
N LEU B 86 -1.29 4.74 25.43
CA LEU B 86 -2.18 3.60 25.38
C LEU B 86 -3.18 3.63 26.55
N LYS B 87 -2.89 4.46 27.54
CA LYS B 87 -3.75 4.59 28.71
C LYS B 87 -4.81 5.68 28.48
N THR B 88 -4.48 6.64 27.62
CA THR B 88 -5.40 7.74 27.33
C THR B 88 -5.27 8.17 25.87
N GLY B 89 -4.04 8.48 25.44
CA GLY B 89 -3.81 8.90 24.09
C GLY B 89 -4.00 10.39 23.90
N LYS B 90 -3.51 11.17 24.86
CA LYS B 90 -3.63 12.62 24.80
C LYS B 90 -2.36 13.24 24.21
N LEU B 91 -2.55 14.23 23.35
CA LEU B 91 -1.43 14.92 22.71
C LEU B 91 -0.79 15.92 23.66
N ILE B 92 -1.50 16.31 24.71
CA ILE B 92 -0.94 17.17 25.76
C ILE B 92 0.20 16.38 26.42
N GLY A 1 -1.71 -20.95 -37.63
CA GLY A 1 -2.68 -20.00 -38.14
C GLY A 1 -2.49 -18.62 -37.56
N PRO A 2 -2.82 -18.45 -36.28
CA PRO A 2 -2.70 -17.17 -35.57
C PRO A 2 -1.24 -16.78 -35.34
N GLY A 3 -1.02 -15.51 -35.01
CA GLY A 3 0.33 -15.03 -34.77
C GLY A 3 0.64 -14.89 -33.29
N SER A 4 1.89 -14.54 -32.98
CA SER A 4 2.30 -14.38 -31.60
C SER A 4 2.70 -12.94 -31.32
N MET A 5 2.65 -12.55 -30.04
CA MET A 5 3.00 -11.19 -29.63
C MET A 5 3.19 -11.11 -28.13
N VAL A 6 3.68 -9.97 -27.66
CA VAL A 6 3.92 -9.75 -26.23
C VAL A 6 2.64 -9.38 -25.52
N ASP A 7 2.74 -9.11 -24.22
CA ASP A 7 1.59 -8.73 -23.42
C ASP A 7 2.03 -8.06 -22.12
N VAL A 8 1.26 -7.07 -21.68
CA VAL A 8 1.57 -6.35 -20.45
C VAL A 8 0.98 -7.05 -19.24
N ILE A 9 1.78 -7.18 -18.18
CA ILE A 9 1.34 -7.84 -16.97
C ILE A 9 1.76 -7.04 -15.73
N ILE A 10 0.94 -7.11 -14.68
CA ILE A 10 1.22 -6.40 -13.44
C ILE A 10 1.02 -7.30 -12.23
N TYR A 11 1.98 -7.26 -11.32
CA TYR A 11 1.91 -8.08 -10.11
C TYR A 11 1.36 -7.27 -8.93
N THR A 12 0.08 -7.47 -8.64
CA THR A 12 -0.57 -6.77 -7.55
C THR A 12 -2.01 -7.24 -7.37
N ARG A 13 -2.65 -6.76 -6.31
CA ARG A 13 -4.03 -7.14 -6.01
C ARG A 13 -4.96 -6.70 -7.15
N PRO A 14 -6.14 -7.34 -7.21
CA PRO A 14 -7.14 -7.04 -8.24
C PRO A 14 -7.78 -5.68 -8.05
N GLY A 15 -7.59 -5.10 -6.87
CA GLY A 15 -8.16 -3.79 -6.58
C GLY A 15 -8.23 -3.51 -5.09
N CYS A 16 -7.48 -2.50 -4.63
CA CYS A 16 -7.41 -2.01 -3.21
C CYS A 16 -6.15 -1.19 -2.92
N PRO A 17 -4.94 -1.70 -3.24
CA PRO A 17 -3.74 -0.88 -3.03
C PRO A 17 -3.68 0.31 -3.99
N TYR A 18 -2.57 1.03 -4.01
CA TYR A 18 -2.38 2.21 -4.88
C TYR A 18 -1.92 1.82 -6.29
N CYS A 19 -2.46 0.74 -6.84
CA CYS A 19 -2.03 0.24 -8.14
C CYS A 19 -2.92 0.81 -9.25
N ALA A 20 -4.03 1.43 -8.86
CA ALA A 20 -4.94 2.02 -9.82
C ALA A 20 -4.23 2.97 -10.77
N ARG A 21 -3.13 3.56 -10.28
CA ARG A 21 -2.36 4.49 -11.09
C ARG A 21 -1.97 3.87 -12.43
N ALA A 22 -1.25 2.75 -12.37
CA ALA A 22 -0.82 2.06 -13.58
C ALA A 22 -2.01 1.73 -14.47
N LYS A 23 -3.13 1.36 -13.85
CA LYS A 23 -4.34 1.01 -14.59
C LYS A 23 -4.93 2.24 -15.28
N ALA A 24 -4.79 3.39 -14.63
CA ALA A 24 -5.31 4.65 -15.19
C ALA A 24 -4.80 4.86 -16.61
N LEU A 25 -3.49 5.01 -16.75
CA LEU A 25 -2.89 5.22 -18.07
C LEU A 25 -3.26 4.09 -19.02
N LEU A 26 -3.17 2.86 -18.55
CA LEU A 26 -3.49 1.70 -19.37
C LEU A 26 -4.91 1.80 -19.91
N ALA A 27 -5.76 2.54 -19.21
CA ALA A 27 -7.14 2.72 -19.63
C ALA A 27 -7.29 3.93 -20.54
N ARG A 28 -6.31 4.83 -20.48
CA ARG A 28 -6.34 6.04 -21.31
C ARG A 28 -5.99 5.71 -22.75
N LYS A 29 -5.26 4.61 -22.95
CA LYS A 29 -4.85 4.19 -24.28
C LYS A 29 -5.45 2.84 -24.63
N GLY A 30 -6.48 2.44 -23.89
CA GLY A 30 -7.13 1.17 -24.13
C GLY A 30 -6.16 0.01 -24.18
N ALA A 31 -5.04 0.16 -23.47
CA ALA A 31 -4.02 -0.88 -23.43
C ALA A 31 -4.50 -2.10 -22.65
N GLU A 32 -3.74 -3.19 -22.72
CA GLU A 32 -4.09 -4.41 -22.03
C GLU A 32 -3.22 -4.62 -20.80
N PHE A 33 -3.69 -5.44 -19.86
CA PHE A 33 -2.96 -5.71 -18.64
C PHE A 33 -3.57 -6.89 -17.88
N ASN A 34 -2.78 -7.50 -17.00
CA ASN A 34 -3.26 -8.64 -16.22
C ASN A 34 -2.70 -8.58 -14.80
N GLU A 35 -3.59 -8.53 -13.82
CA GLU A 35 -3.19 -8.48 -12.42
C GLU A 35 -2.88 -9.88 -11.89
N ILE A 36 -2.05 -9.94 -10.85
CA ILE A 36 -1.68 -11.22 -10.25
C ILE A 36 -1.79 -11.16 -8.73
N ASP A 37 -2.69 -11.96 -8.18
CA ASP A 37 -2.89 -12.00 -6.74
C ASP A 37 -1.69 -12.64 -6.05
N ALA A 38 -0.92 -11.83 -5.31
CA ALA A 38 0.25 -12.32 -4.60
C ALA A 38 -0.13 -12.85 -3.22
N SER A 39 0.87 -13.32 -2.48
CA SER A 39 0.65 -13.85 -1.15
C SER A 39 -0.26 -15.09 -1.20
N ALA A 40 -0.21 -15.79 -2.34
CA ALA A 40 -1.01 -16.99 -2.52
C ALA A 40 -0.14 -18.19 -2.82
N THR A 41 0.96 -17.96 -3.54
CA THR A 41 1.88 -19.02 -3.91
C THR A 41 3.33 -18.61 -3.66
N PRO A 42 4.17 -19.59 -3.30
CA PRO A 42 5.58 -19.35 -3.02
C PRO A 42 6.37 -19.00 -4.29
N GLU A 43 5.77 -19.27 -5.45
CA GLU A 43 6.42 -18.99 -6.72
C GLU A 43 6.30 -17.50 -7.06
N LEU A 44 5.12 -16.94 -6.84
CA LEU A 44 4.89 -15.53 -7.13
C LEU A 44 5.68 -14.63 -6.18
N ARG A 45 5.48 -14.83 -4.88
CA ARG A 45 6.18 -14.05 -3.87
C ARG A 45 7.69 -14.07 -4.12
N ALA A 46 8.19 -15.19 -4.63
CA ALA A 46 9.61 -15.34 -4.90
C ALA A 46 10.07 -14.33 -5.95
N GLU A 47 9.29 -14.18 -7.01
CA GLU A 47 9.63 -13.25 -8.08
C GLU A 47 9.81 -11.84 -7.52
N MET A 48 8.77 -11.31 -6.90
CA MET A 48 8.82 -9.97 -6.32
C MET A 48 9.86 -9.90 -5.21
N GLN A 49 10.12 -11.03 -4.58
CA GLN A 49 11.09 -11.09 -3.49
C GLN A 49 12.50 -10.86 -4.02
N GLU A 50 12.71 -11.18 -5.29
CA GLU A 50 14.03 -11.01 -5.91
C GLU A 50 14.55 -9.59 -5.70
N ARG A 51 13.75 -8.61 -6.09
CA ARG A 51 14.13 -7.21 -5.94
C ARG A 51 14.02 -6.76 -4.48
N SER A 52 12.82 -6.89 -3.93
CA SER A 52 12.58 -6.50 -2.54
C SER A 52 12.86 -5.01 -2.35
N GLY A 53 12.36 -4.19 -3.26
CA GLY A 53 12.57 -2.76 -3.16
C GLY A 53 11.38 -2.03 -2.57
N ARG A 54 11.18 -0.79 -2.98
CA ARG A 54 10.06 0.02 -2.48
C ARG A 54 8.74 -0.72 -2.67
N ASN A 55 7.68 -0.19 -2.08
CA ASN A 55 6.34 -0.79 -2.14
C ASN A 55 5.29 0.25 -2.53
N THR A 56 5.72 1.33 -3.16
CA THR A 56 4.81 2.41 -3.53
C THR A 56 3.91 2.01 -4.69
N PHE A 57 4.53 1.54 -5.77
CA PHE A 57 3.78 1.12 -6.96
C PHE A 57 4.01 -0.36 -7.24
N PRO A 58 3.07 -0.97 -7.99
CA PRO A 58 3.14 -2.39 -8.35
C PRO A 58 4.26 -2.67 -9.35
N GLN A 59 4.45 -3.95 -9.67
CA GLN A 59 5.48 -4.34 -10.62
C GLN A 59 4.90 -4.49 -12.02
N ILE A 60 5.31 -3.60 -12.91
CA ILE A 60 4.84 -3.62 -14.30
C ILE A 60 5.77 -4.43 -15.19
N PHE A 61 5.19 -5.12 -16.16
CA PHE A 61 5.97 -5.95 -17.07
C PHE A 61 5.39 -5.89 -18.49
N ILE A 62 6.28 -5.82 -19.48
CA ILE A 62 5.86 -5.76 -20.87
C ILE A 62 6.81 -6.53 -21.77
N GLY A 63 6.43 -7.76 -22.10
CA GLY A 63 7.27 -8.58 -22.97
C GLY A 63 8.69 -8.69 -22.46
N SER A 64 8.88 -9.43 -21.37
CA SER A 64 10.20 -9.59 -20.79
C SER A 64 10.88 -8.25 -20.56
N VAL A 65 10.20 -7.38 -19.82
CA VAL A 65 10.72 -6.05 -19.53
C VAL A 65 10.43 -5.65 -18.09
N HIS A 66 11.45 -5.69 -17.24
CA HIS A 66 11.30 -5.33 -15.84
C HIS A 66 11.07 -3.83 -15.68
N VAL A 67 9.86 -3.46 -15.29
CA VAL A 67 9.52 -2.06 -15.10
C VAL A 67 9.24 -1.74 -13.64
N GLY A 68 9.91 -0.72 -13.13
CA GLY A 68 9.73 -0.33 -11.74
C GLY A 68 8.27 -0.23 -11.35
N GLY A 69 7.48 0.43 -12.20
CA GLY A 69 6.07 0.58 -11.92
C GLY A 69 5.47 1.81 -12.60
N SER A 70 4.43 2.37 -11.99
CA SER A 70 3.77 3.55 -12.54
C SER A 70 4.79 4.64 -12.84
N ASP A 71 5.80 4.76 -11.98
CA ASP A 71 6.84 5.76 -12.16
C ASP A 71 7.43 5.71 -13.56
N ASP A 72 7.80 4.52 -14.00
CA ASP A 72 8.37 4.33 -15.33
C ASP A 72 7.28 4.27 -16.38
N LEU A 73 6.21 3.53 -16.09
CA LEU A 73 5.10 3.39 -17.02
C LEU A 73 4.59 4.74 -17.48
N TYR A 74 4.50 5.68 -16.54
CA TYR A 74 4.04 7.03 -16.85
C TYR A 74 5.11 7.83 -17.59
N ALA A 75 6.35 7.67 -17.14
CA ALA A 75 7.47 8.38 -17.75
C ALA A 75 7.51 8.13 -19.26
N LEU A 76 7.48 6.87 -19.66
CA LEU A 76 7.52 6.50 -21.07
C LEU A 76 6.39 7.18 -21.83
N GLU A 77 5.21 7.21 -21.23
CA GLU A 77 4.05 7.84 -21.85
C GLU A 77 4.29 9.33 -22.09
N ASP A 78 4.90 9.98 -21.11
CA ASP A 78 5.20 11.40 -21.22
C ASP A 78 6.13 11.68 -22.39
N GLU A 79 7.25 10.98 -22.43
CA GLU A 79 8.24 11.15 -23.49
C GLU A 79 7.64 10.76 -24.84
N GLY A 80 6.70 9.82 -24.82
CA GLY A 80 6.07 9.37 -26.04
C GLY A 80 6.62 8.04 -26.52
N LYS A 81 6.69 7.07 -25.63
CA LYS A 81 7.20 5.75 -25.96
C LYS A 81 6.24 4.66 -25.49
N LEU A 82 4.94 4.99 -25.46
CA LEU A 82 3.93 4.04 -25.03
C LEU A 82 3.42 3.21 -26.21
N ASP A 83 3.30 3.87 -27.37
CA ASP A 83 2.81 3.20 -28.57
C ASP A 83 3.67 1.96 -28.88
N SER A 84 4.95 2.18 -29.11
CA SER A 84 5.88 1.09 -29.42
C SER A 84 6.03 0.16 -28.23
N LEU A 85 5.74 0.67 -27.04
CA LEU A 85 5.84 -0.11 -25.82
C LEU A 85 4.77 -1.19 -25.78
N LEU A 86 3.52 -0.79 -25.98
CA LEU A 86 2.40 -1.72 -25.96
C LEU A 86 2.36 -2.56 -27.24
N LYS A 87 3.19 -2.17 -28.21
CA LYS A 87 3.25 -2.89 -29.48
C LYS A 87 4.21 -4.08 -29.39
N THR A 88 5.33 -3.87 -28.70
CA THR A 88 6.32 -4.92 -28.55
C THR A 88 6.92 -4.90 -27.15
N GLY A 89 7.20 -3.70 -26.64
CA GLY A 89 7.77 -3.57 -25.32
C GLY A 89 9.28 -3.39 -25.35
N LYS A 90 9.73 -2.18 -25.02
CA LYS A 90 11.16 -1.88 -25.00
C LYS A 90 11.50 -0.92 -23.88
N LEU A 91 12.62 -1.17 -23.22
CA LEU A 91 13.07 -0.31 -22.11
C LEU A 91 14.00 0.79 -22.62
N ILE A 92 14.59 0.62 -23.79
CA ILE A 92 15.54 1.61 -24.30
C ILE A 92 14.74 2.81 -24.82
N GLY B 1 -22.40 0.84 36.20
CA GLY B 1 -21.55 -0.17 36.83
C GLY B 1 -20.11 -0.08 36.37
N PRO B 2 -19.86 -0.48 35.10
CA PRO B 2 -18.52 -0.45 34.51
C PRO B 2 -18.02 0.97 34.27
N GLY B 3 -16.72 1.10 34.04
CA GLY B 3 -16.14 2.41 33.79
C GLY B 3 -15.86 2.65 32.32
N SER B 4 -15.42 3.86 32.00
CA SER B 4 -15.11 4.21 30.62
C SER B 4 -13.62 4.51 30.44
N MET B 5 -13.14 4.38 29.21
CA MET B 5 -11.73 4.63 28.92
C MET B 5 -11.51 4.77 27.41
N VAL B 6 -10.31 5.16 27.03
CA VAL B 6 -9.96 5.33 25.62
C VAL B 6 -9.60 4.00 24.98
N ASP B 7 -9.22 4.04 23.71
CA ASP B 7 -8.84 2.83 22.98
C ASP B 7 -8.05 3.17 21.72
N VAL B 8 -7.07 2.33 21.41
CA VAL B 8 -6.23 2.55 20.23
C VAL B 8 -6.87 1.95 18.99
N ILE B 9 -6.86 2.72 17.90
CA ILE B 9 -7.44 2.27 16.63
C ILE B 9 -6.51 2.58 15.47
N ILE B 10 -6.55 1.72 14.45
CA ILE B 10 -5.72 1.92 13.27
C ILE B 10 -6.53 1.72 11.99
N TYR B 11 -6.36 2.63 11.04
CA TYR B 11 -7.07 2.57 9.77
C TYR B 11 -6.21 1.93 8.69
N THR B 12 -6.46 0.64 8.43
CA THR B 12 -5.70 -0.09 7.43
C THR B 12 -6.25 -1.50 7.25
N ARG B 13 -5.72 -2.23 6.26
CA ARG B 13 -6.16 -3.58 6.00
C ARG B 13 -5.88 -4.49 7.19
N PRO B 14 -6.59 -5.63 7.25
CA PRO B 14 -6.45 -6.60 8.34
C PRO B 14 -5.11 -7.33 8.28
N GLY B 15 -4.42 -7.22 7.15
CA GLY B 15 -3.14 -7.88 6.99
C GLY B 15 -2.73 -8.01 5.54
N CYS B 16 -1.63 -7.35 5.15
CA CYS B 16 -0.91 -7.41 3.84
C CYS B 16 -0.10 -6.15 3.46
N PRO B 17 -0.58 -4.92 3.74
CA PRO B 17 0.34 -3.78 3.56
C PRO B 17 1.43 -3.75 4.60
N TYR B 18 2.21 -2.68 4.63
CA TYR B 18 3.31 -2.52 5.60
C TYR B 18 2.79 -1.89 6.90
N CYS B 19 1.71 -2.45 7.42
CA CYS B 19 1.13 -1.94 8.67
C CYS B 19 1.54 -2.80 9.85
N ALA B 20 2.13 -3.96 9.55
CA ALA B 20 2.57 -4.88 10.60
C ALA B 20 3.49 -4.18 11.60
N ARG B 21 4.18 -3.14 11.13
CA ARG B 21 5.09 -2.38 11.98
C ARG B 21 4.38 -1.91 13.24
N ALA B 22 3.32 -1.13 13.07
CA ALA B 22 2.56 -0.61 14.19
C ALA B 22 2.08 -1.74 15.10
N LYS B 23 1.70 -2.86 14.49
CA LYS B 23 1.22 -4.01 15.24
C LYS B 23 2.35 -4.64 16.06
N ALA B 24 3.55 -4.61 15.50
CA ALA B 24 4.71 -5.17 16.19
C ALA B 24 4.84 -4.62 17.60
N LEU B 25 5.06 -3.32 17.72
CA LEU B 25 5.20 -2.68 19.01
C LEU B 25 3.97 -2.93 19.89
N LEU B 26 2.80 -2.79 19.30
CA LEU B 26 1.55 -3.02 20.02
C LEU B 26 1.52 -4.41 20.62
N ALA B 27 2.26 -5.32 20.03
CA ALA B 27 2.32 -6.70 20.51
C ALA B 27 3.44 -6.88 21.52
N ARG B 28 4.40 -5.97 21.51
CA ARG B 28 5.52 -6.03 22.43
C ARG B 28 5.10 -5.59 23.83
N LYS B 29 4.04 -4.80 23.90
CA LYS B 29 3.53 -4.32 25.18
C LYS B 29 2.12 -4.82 25.44
N GLY B 30 1.72 -5.86 24.70
CA GLY B 30 0.40 -6.42 24.86
C GLY B 30 -0.69 -5.36 24.77
N ALA B 31 -0.42 -4.30 24.04
CA ALA B 31 -1.39 -3.22 23.87
C ALA B 31 -2.57 -3.66 23.01
N GLU B 32 -3.60 -2.83 22.96
CA GLU B 32 -4.79 -3.14 22.17
C GLU B 32 -4.83 -2.31 20.89
N PHE B 33 -5.61 -2.77 19.92
CA PHE B 33 -5.73 -2.07 18.64
C PHE B 33 -6.87 -2.65 17.82
N ASN B 34 -7.36 -1.87 16.86
CA ASN B 34 -8.45 -2.30 16.00
C ASN B 34 -8.24 -1.82 14.57
N GLU B 35 -8.17 -2.75 13.63
CA GLU B 35 -7.98 -2.40 12.22
C GLU B 35 -9.30 -2.04 11.56
N ILE B 36 -9.23 -1.25 10.50
CA ILE B 36 -10.42 -0.83 9.78
C ILE B 36 -10.25 -1.00 8.27
N ASP B 37 -11.06 -1.87 7.69
CA ASP B 37 -10.99 -2.13 6.25
C ASP B 37 -11.49 -0.93 5.46
N ALA B 38 -10.58 -0.25 4.79
CA ALA B 38 -10.93 0.93 3.98
C ALA B 38 -11.37 0.52 2.58
N SER B 39 -11.71 1.52 1.77
CA SER B 39 -12.15 1.27 0.40
C SER B 39 -13.43 0.45 0.39
N ALA B 40 -14.22 0.57 1.44
CA ALA B 40 -15.48 -0.15 1.56
C ALA B 40 -16.65 0.81 1.73
N THR B 41 -16.41 1.93 2.43
CA THR B 41 -17.44 2.92 2.66
C THR B 41 -16.92 4.32 2.40
N PRO B 42 -17.81 5.21 1.93
CA PRO B 42 -17.46 6.60 1.62
C PRO B 42 -17.17 7.41 2.88
N GLU B 43 -17.57 6.88 4.03
CA GLU B 43 -17.36 7.56 5.30
C GLU B 43 -15.92 7.37 5.78
N LEU B 44 -15.41 6.15 5.64
CA LEU B 44 -14.04 5.84 6.06
C LEU B 44 -13.03 6.55 5.17
N ARG B 45 -13.13 6.31 3.86
CA ARG B 45 -12.22 6.92 2.90
C ARG B 45 -12.17 8.43 3.08
N ALA B 46 -13.30 9.01 3.47
CA ALA B 46 -13.38 10.45 3.69
C ALA B 46 -12.43 10.90 4.80
N GLU B 47 -12.43 10.15 5.90
CA GLU B 47 -11.56 10.47 7.04
C GLU B 47 -10.10 10.56 6.59
N MET B 48 -9.58 9.46 6.05
CA MET B 48 -8.21 9.41 5.60
C MET B 48 -7.97 10.39 4.46
N GLN B 49 -9.03 10.70 3.71
CA GLN B 49 -8.95 11.62 2.60
C GLN B 49 -8.67 13.04 3.08
N GLU B 50 -9.09 13.33 4.32
CA GLU B 50 -8.88 14.64 4.91
C GLU B 50 -7.43 15.07 4.79
N ARG B 51 -6.53 14.24 5.30
CA ARG B 51 -5.10 14.54 5.26
C ARG B 51 -4.55 14.33 3.85
N SER B 52 -4.70 13.12 3.33
CA SER B 52 -4.21 12.81 1.99
C SER B 52 -2.70 13.00 1.91
N GLY B 53 -1.99 12.47 2.91
CA GLY B 53 -0.54 12.60 2.93
C GLY B 53 0.16 11.34 2.44
N ARG B 54 1.35 11.08 2.97
CA ARG B 54 2.12 9.91 2.58
C ARG B 54 1.29 8.64 2.75
N ASN B 55 1.78 7.53 2.23
CA ASN B 55 1.10 6.23 2.35
C ASN B 55 2.06 5.14 2.81
N THR B 56 3.10 5.53 3.53
CA THR B 56 4.09 4.57 4.02
C THR B 56 3.55 3.75 5.17
N PHE B 57 3.02 4.43 6.19
CA PHE B 57 2.46 3.76 7.35
C PHE B 57 0.97 4.10 7.51
N PRO B 58 0.25 3.22 8.23
CA PRO B 58 -1.19 3.39 8.46
C PRO B 58 -1.48 4.56 9.39
N GLN B 59 -2.76 4.84 9.61
CA GLN B 59 -3.18 5.93 10.47
C GLN B 59 -3.47 5.43 11.89
N ILE B 60 -2.63 5.82 12.83
CA ILE B 60 -2.80 5.39 14.22
C ILE B 60 -3.63 6.41 15.00
N PHE B 61 -4.44 5.92 15.93
CA PHE B 61 -5.29 6.78 16.75
C PHE B 61 -5.37 6.26 18.18
N ILE B 62 -5.33 7.18 19.13
CA ILE B 62 -5.42 6.81 20.54
C ILE B 62 -6.20 7.85 21.34
N GLY B 63 -7.47 7.55 21.59
CA GLY B 63 -8.32 8.46 22.34
C GLY B 63 -8.29 9.88 21.78
N SER B 64 -8.92 10.06 20.63
CA SER B 64 -8.96 11.37 19.98
C SER B 64 -7.55 11.95 19.84
N VAL B 65 -6.67 11.19 19.20
CA VAL B 65 -5.29 11.63 19.01
C VAL B 65 -4.79 11.26 17.61
N HIS B 66 -4.70 12.24 16.73
CA HIS B 66 -4.24 12.01 15.37
C HIS B 66 -2.75 11.69 15.35
N VAL B 67 -2.42 10.44 15.05
CA VAL B 67 -1.03 10.00 14.99
C VAL B 67 -0.61 9.65 13.57
N GLY B 68 0.50 10.24 13.12
CA GLY B 68 0.98 9.98 11.78
C GLY B 68 1.03 8.50 11.45
N GLY B 69 1.56 7.71 12.39
CA GLY B 69 1.65 6.28 12.17
C GLY B 69 2.77 5.64 12.97
N SER B 70 3.32 4.55 12.45
CA SER B 70 4.41 3.84 13.12
C SER B 70 5.54 4.80 13.48
N ASP B 71 5.78 5.77 12.60
CA ASP B 71 6.84 6.75 12.82
C ASP B 71 6.69 7.40 14.20
N ASP B 72 5.50 7.86 14.51
CA ASP B 72 5.24 8.50 15.80
C ASP B 72 5.03 7.45 16.89
N LEU B 73 4.24 6.43 16.56
CA LEU B 73 3.94 5.36 17.51
C LEU B 73 5.23 4.79 18.11
N TYR B 74 6.25 4.62 17.27
CA TYR B 74 7.52 4.08 17.71
C TYR B 74 8.32 5.14 18.47
N ALA B 75 8.29 6.37 17.97
CA ALA B 75 9.00 7.47 18.60
C ALA B 75 8.64 7.59 20.07
N LEU B 76 7.34 7.64 20.35
CA LEU B 76 6.86 7.76 21.73
C LEU B 76 7.40 6.63 22.59
N GLU B 77 7.42 5.42 22.03
CA GLU B 77 7.91 4.25 22.76
C GLU B 77 9.39 4.41 23.11
N ASP B 78 10.17 4.95 22.17
CA ASP B 78 11.58 5.16 22.39
C ASP B 78 11.82 6.13 23.55
N GLU B 79 11.18 7.29 23.47
CA GLU B 79 11.33 8.30 24.52
C GLU B 79 10.79 7.79 25.85
N GLY B 80 9.80 6.91 25.79
CA GLY B 80 9.21 6.35 26.99
C GLY B 80 7.88 6.99 27.33
N LYS B 81 7.00 7.09 26.36
CA LYS B 81 5.68 7.69 26.56
C LYS B 81 4.58 6.77 26.03
N LEU B 82 4.83 5.47 26.06
CA LEU B 82 3.86 4.49 25.59
C LEU B 82 2.92 4.07 26.72
N ASP B 83 3.46 3.96 27.93
CA ASP B 83 2.66 3.58 29.09
C ASP B 83 1.46 4.51 29.26
N SER B 84 1.74 5.79 29.47
CA SER B 84 0.68 6.78 29.65
C SER B 84 -0.14 6.94 28.38
N LEU B 85 0.45 6.57 27.24
CA LEU B 85 -0.22 6.67 25.96
C LEU B 85 -1.36 5.66 25.85
N LEU B 86 -1.04 4.40 26.15
CA LEU B 86 -2.04 3.33 26.09
C LEU B 86 -2.97 3.39 27.29
N LYS B 87 -2.64 4.24 28.25
CA LYS B 87 -3.44 4.40 29.46
C LYS B 87 -4.55 5.41 29.23
N THR B 88 -4.23 6.50 28.52
CA THR B 88 -5.20 7.55 28.25
C THR B 88 -5.02 8.09 26.83
N GLY B 89 -3.77 8.27 26.42
CA GLY B 89 -3.49 8.78 25.09
C GLY B 89 -3.23 10.27 25.09
N LYS B 90 -1.96 10.64 24.84
CA LYS B 90 -1.57 12.04 24.81
C LYS B 90 -0.50 12.28 23.75
N LEU B 91 -0.62 13.39 23.03
CA LEU B 91 0.34 13.74 21.99
C LEU B 91 1.45 14.61 22.55
N ILE B 92 1.23 15.24 23.69
CA ILE B 92 2.26 16.07 24.31
C ILE B 92 3.26 15.13 24.97
N GLY A 1 -3.91 -16.00 -40.41
CA GLY A 1 -2.81 -16.06 -39.47
C GLY A 1 -1.90 -14.85 -39.56
N PRO A 2 -2.41 -13.69 -39.13
CA PRO A 2 -1.66 -12.43 -39.17
C PRO A 2 -0.52 -12.42 -38.15
N GLY A 3 -0.82 -12.81 -36.92
CA GLY A 3 0.18 -12.83 -35.87
C GLY A 3 -0.38 -12.41 -34.52
N SER A 4 0.41 -12.62 -33.47
CA SER A 4 -0.01 -12.26 -32.13
C SER A 4 0.94 -11.25 -31.51
N MET A 5 0.39 -10.16 -31.01
CA MET A 5 1.19 -9.09 -30.39
C MET A 5 1.57 -9.47 -28.96
N VAL A 6 2.16 -8.53 -28.24
CA VAL A 6 2.57 -8.77 -26.86
C VAL A 6 1.49 -8.34 -25.88
N ASP A 7 1.60 -8.81 -24.64
CA ASP A 7 0.63 -8.47 -23.61
C ASP A 7 1.32 -7.85 -22.39
N VAL A 8 0.70 -6.82 -21.84
CA VAL A 8 1.25 -6.13 -20.68
C VAL A 8 0.96 -6.90 -19.39
N ILE A 9 1.93 -6.94 -18.49
CA ILE A 9 1.78 -7.64 -17.23
C ILE A 9 2.20 -6.77 -16.05
N ILE A 10 1.52 -6.93 -14.93
CA ILE A 10 1.83 -6.15 -13.73
C ILE A 10 1.64 -6.98 -12.47
N TYR A 11 2.61 -6.92 -11.56
CA TYR A 11 2.54 -7.66 -10.32
C TYR A 11 1.86 -6.84 -9.23
N THR A 12 0.60 -7.14 -8.97
CA THR A 12 -0.17 -6.43 -7.95
C THR A 12 -1.56 -7.03 -7.79
N ARG A 13 -2.19 -6.76 -6.65
CA ARG A 13 -3.53 -7.27 -6.37
C ARG A 13 -4.56 -6.61 -7.28
N PRO A 14 -5.72 -7.26 -7.44
CA PRO A 14 -6.82 -6.76 -8.27
C PRO A 14 -7.47 -5.52 -7.67
N GLY A 15 -7.10 -5.20 -6.44
CA GLY A 15 -7.67 -4.03 -5.77
C GLY A 15 -7.30 -3.97 -4.30
N CYS A 16 -6.40 -3.07 -3.91
CA CYS A 16 -5.92 -2.82 -2.52
C CYS A 16 -4.64 -1.96 -2.44
N PRO A 17 -3.59 -2.34 -3.19
CA PRO A 17 -2.39 -1.49 -3.20
C PRO A 17 -2.61 -0.20 -3.98
N TYR A 18 -1.53 0.54 -4.22
CA TYR A 18 -1.56 1.80 -4.94
C TYR A 18 -1.29 1.60 -6.43
N CYS A 19 -1.82 0.52 -6.99
CA CYS A 19 -1.59 0.20 -8.40
C CYS A 19 -2.71 0.75 -9.27
N ALA A 20 -3.30 1.86 -8.84
CA ALA A 20 -4.39 2.49 -9.57
C ALA A 20 -3.86 3.39 -10.68
N ARG A 21 -2.62 3.85 -10.52
CA ARG A 21 -1.99 4.71 -11.51
C ARG A 21 -1.71 3.96 -12.80
N ALA A 22 -0.89 2.91 -12.70
CA ALA A 22 -0.54 2.10 -13.87
C ALA A 22 -1.79 1.65 -14.61
N LYS A 23 -2.82 1.27 -13.85
CA LYS A 23 -4.07 0.81 -14.44
C LYS A 23 -4.86 1.97 -15.01
N ALA A 24 -4.77 3.13 -14.35
CA ALA A 24 -5.47 4.32 -14.81
C ALA A 24 -5.02 4.75 -16.20
N LEU A 25 -3.71 4.67 -16.42
CA LEU A 25 -3.14 5.05 -17.71
C LEU A 25 -3.51 4.03 -18.79
N LEU A 26 -3.26 2.75 -18.50
CA LEU A 26 -3.57 1.68 -19.44
C LEU A 26 -5.03 1.77 -19.90
N ALA A 27 -5.90 2.23 -19.01
CA ALA A 27 -7.32 2.36 -19.32
C ALA A 27 -7.55 3.47 -20.35
N ARG A 28 -6.71 4.49 -20.32
CA ARG A 28 -6.82 5.60 -21.25
C ARG A 28 -6.31 5.22 -22.63
N LYS A 29 -5.23 4.45 -22.66
CA LYS A 29 -4.64 4.00 -23.92
C LYS A 29 -5.24 2.67 -24.36
N GLY A 30 -6.31 2.26 -23.69
CA GLY A 30 -6.97 1.01 -24.03
C GLY A 30 -5.99 -0.15 -24.09
N ALA A 31 -4.92 -0.05 -23.31
CA ALA A 31 -3.91 -1.10 -23.27
C ALA A 31 -4.41 -2.31 -22.46
N GLU A 32 -3.95 -3.49 -22.83
CA GLU A 32 -4.34 -4.71 -22.14
C GLU A 32 -3.27 -5.15 -21.14
N PHE A 33 -3.63 -5.19 -19.87
CA PHE A 33 -2.71 -5.59 -18.82
C PHE A 33 -3.20 -6.85 -18.10
N ASN A 34 -2.40 -7.33 -17.15
CA ASN A 34 -2.75 -8.52 -16.39
C ASN A 34 -2.25 -8.41 -14.95
N GLU A 35 -3.18 -8.33 -14.01
CA GLU A 35 -2.84 -8.23 -12.59
C GLU A 35 -2.46 -9.60 -12.03
N ILE A 36 -1.45 -9.62 -11.17
CA ILE A 36 -0.99 -10.87 -10.55
C ILE A 36 -1.18 -10.83 -9.04
N ASP A 37 -1.98 -11.76 -8.53
CA ASP A 37 -2.24 -11.83 -7.09
C ASP A 37 -1.09 -12.53 -6.37
N ALA A 38 -0.25 -11.74 -5.71
CA ALA A 38 0.89 -12.29 -4.98
C ALA A 38 0.47 -12.74 -3.58
N SER A 39 1.43 -13.25 -2.81
CA SER A 39 1.17 -13.72 -1.46
C SER A 39 0.09 -14.81 -1.46
N ALA A 40 -0.06 -15.48 -2.61
CA ALA A 40 -1.04 -16.54 -2.73
C ALA A 40 -0.43 -17.78 -3.37
N THR A 41 0.90 -17.82 -3.44
CA THR A 41 1.61 -18.95 -4.01
C THR A 41 3.12 -18.75 -3.93
N PRO A 42 3.85 -19.87 -3.77
CA PRO A 42 5.31 -19.85 -3.67
C PRO A 42 5.98 -19.48 -4.99
N GLU A 43 5.22 -19.57 -6.08
CA GLU A 43 5.74 -19.25 -7.39
C GLU A 43 5.90 -17.74 -7.58
N LEU A 44 4.90 -16.99 -7.14
CA LEU A 44 4.93 -15.54 -7.24
C LEU A 44 5.54 -14.91 -5.99
N ARG A 45 5.09 -15.38 -4.83
CA ARG A 45 5.60 -14.87 -3.57
C ARG A 45 7.13 -14.92 -3.53
N ALA A 46 7.70 -15.93 -4.17
CA ALA A 46 9.15 -16.10 -4.22
C ALA A 46 9.81 -14.93 -4.97
N GLU A 47 9.18 -14.51 -6.04
CA GLU A 47 9.71 -13.41 -6.85
C GLU A 47 9.61 -12.09 -6.09
N MET A 48 8.42 -11.79 -5.57
CA MET A 48 8.19 -10.56 -4.83
C MET A 48 9.03 -10.54 -3.56
N GLN A 49 9.25 -11.71 -2.97
CA GLN A 49 10.03 -11.83 -1.75
C GLN A 49 11.48 -11.40 -1.99
N GLU A 50 11.93 -11.53 -3.23
CA GLU A 50 13.30 -11.16 -3.59
C GLU A 50 13.62 -9.75 -3.12
N ARG A 51 12.68 -8.83 -3.34
CA ARG A 51 12.86 -7.44 -2.94
C ARG A 51 12.18 -7.15 -1.61
N SER A 52 10.87 -7.36 -1.56
CA SER A 52 10.10 -7.14 -0.35
C SER A 52 10.37 -5.74 0.22
N GLY A 53 10.60 -4.79 -0.69
CA GLY A 53 10.87 -3.42 -0.26
C GLY A 53 9.64 -2.72 0.28
N ARG A 54 9.68 -1.40 0.33
CA ARG A 54 8.56 -0.61 0.82
C ARG A 54 7.31 -0.88 0.00
N ASN A 55 6.16 -0.28 0.29
CA ASN A 55 4.96 -0.55 -0.52
C ASN A 55 4.80 0.51 -1.59
N THR A 56 5.89 0.70 -2.31
CA THR A 56 5.91 1.61 -3.46
C THR A 56 5.11 1.05 -4.62
N PHE A 57 5.19 1.72 -5.76
CA PHE A 57 4.47 1.30 -6.96
C PHE A 57 4.74 -0.18 -7.26
N PRO A 58 3.82 -0.82 -7.98
CA PRO A 58 3.94 -2.23 -8.36
C PRO A 58 5.05 -2.47 -9.37
N GLN A 59 5.11 -3.69 -9.91
CA GLN A 59 6.12 -4.04 -10.89
C GLN A 59 5.51 -4.17 -12.29
N ILE A 60 5.89 -3.26 -13.18
CA ILE A 60 5.38 -3.27 -14.54
C ILE A 60 6.26 -4.12 -15.46
N PHE A 61 5.63 -4.85 -16.37
CA PHE A 61 6.36 -5.70 -17.30
C PHE A 61 5.71 -5.69 -18.68
N ILE A 62 6.51 -5.48 -19.72
CA ILE A 62 6.00 -5.45 -21.08
C ILE A 62 6.82 -6.37 -21.99
N GLY A 63 6.24 -7.52 -22.32
CA GLY A 63 6.92 -8.47 -23.18
C GLY A 63 8.16 -9.08 -22.53
N SER A 64 9.30 -8.41 -22.70
CA SER A 64 10.55 -8.89 -22.13
C SER A 64 11.37 -7.72 -21.57
N VAL A 65 10.68 -6.64 -21.22
CA VAL A 65 11.34 -5.46 -20.68
C VAL A 65 11.07 -5.31 -19.18
N HIS A 66 12.02 -4.73 -18.46
CA HIS A 66 11.88 -4.53 -17.03
C HIS A 66 11.53 -3.08 -16.72
N VAL A 67 10.42 -2.89 -15.99
CA VAL A 67 9.98 -1.54 -15.63
C VAL A 67 9.81 -1.42 -14.12
N GLY A 68 10.51 -0.45 -13.53
CA GLY A 68 10.42 -0.24 -12.10
C GLY A 68 8.98 -0.15 -11.61
N GLY A 69 8.13 0.49 -12.41
CA GLY A 69 6.74 0.64 -12.04
C GLY A 69 6.09 1.83 -12.71
N SER A 70 5.16 2.46 -12.00
CA SER A 70 4.45 3.63 -12.53
C SER A 70 5.43 4.74 -12.90
N ASP A 71 6.62 4.70 -12.29
CA ASP A 71 7.64 5.71 -12.55
C ASP A 71 7.90 5.83 -14.05
N ASP A 72 8.29 4.74 -14.68
CA ASP A 72 8.57 4.73 -16.11
C ASP A 72 7.29 4.56 -16.91
N LEU A 73 6.36 3.78 -16.38
CA LEU A 73 5.08 3.53 -17.04
C LEU A 73 4.42 4.84 -17.43
N TYR A 74 4.39 5.79 -16.51
CA TYR A 74 3.79 7.09 -16.76
C TYR A 74 4.69 7.96 -17.61
N ALA A 75 6.00 7.73 -17.50
CA ALA A 75 6.98 8.50 -18.27
C ALA A 75 6.90 8.17 -19.75
N LEU A 76 6.74 6.89 -20.06
CA LEU A 76 6.64 6.44 -21.44
C LEU A 76 5.45 7.09 -22.14
N GLU A 77 4.34 7.22 -21.43
CA GLU A 77 3.14 7.83 -21.99
C GLU A 77 3.41 9.26 -22.43
N ASP A 78 4.25 9.96 -21.68
CA ASP A 78 4.59 11.34 -22.00
C ASP A 78 5.38 11.42 -23.30
N GLU A 79 6.50 10.70 -23.33
CA GLU A 79 7.36 10.69 -24.52
C GLU A 79 6.65 10.03 -25.70
N GLY A 80 5.63 9.23 -25.40
CA GLY A 80 4.88 8.56 -26.44
C GLY A 80 5.44 7.19 -26.78
N LYS A 81 6.19 6.63 -25.84
CA LYS A 81 6.79 5.31 -26.04
C LYS A 81 5.76 4.20 -25.85
N LEU A 82 4.62 4.55 -25.27
CA LEU A 82 3.55 3.59 -25.03
C LEU A 82 3.22 2.83 -26.31
N ASP A 83 3.28 3.52 -27.44
CA ASP A 83 2.99 2.91 -28.73
C ASP A 83 3.88 1.69 -28.96
N SER A 84 5.18 1.93 -29.08
CA SER A 84 6.13 0.85 -29.31
C SER A 84 6.17 -0.12 -28.13
N LEU A 85 5.65 0.33 -26.99
CA LEU A 85 5.61 -0.49 -25.79
C LEU A 85 4.53 -1.56 -25.89
N LEU A 86 3.31 -1.14 -26.21
CA LEU A 86 2.19 -2.06 -26.35
C LEU A 86 2.30 -2.85 -27.64
N LYS A 87 3.22 -2.45 -28.51
CA LYS A 87 3.42 -3.12 -29.79
C LYS A 87 4.42 -4.27 -29.64
N THR A 88 5.47 -4.05 -28.87
CA THR A 88 6.49 -5.06 -28.65
C THR A 88 6.95 -5.08 -27.19
N GLY A 89 7.11 -3.88 -26.61
CA GLY A 89 7.53 -3.79 -25.23
C GLY A 89 9.05 -3.82 -25.09
N LYS A 90 9.70 -2.78 -25.61
CA LYS A 90 11.16 -2.69 -25.54
C LYS A 90 11.59 -1.38 -24.88
N LEU A 91 12.72 -1.41 -24.20
CA LEU A 91 13.25 -0.23 -23.52
C LEU A 91 13.70 0.82 -24.53
N ILE A 92 14.04 0.43 -25.75
CA ILE A 92 14.54 1.40 -26.72
C ILE A 92 13.43 2.38 -27.08
N GLY B 1 -17.84 -1.47 39.49
CA GLY B 1 -17.76 -0.40 38.51
C GLY B 1 -16.51 0.43 38.68
N PRO B 2 -15.34 -0.17 38.37
CA PRO B 2 -14.04 0.51 38.48
C PRO B 2 -13.87 1.60 37.43
N GLY B 3 -14.18 1.26 36.18
CA GLY B 3 -14.05 2.22 35.10
C GLY B 3 -13.56 1.59 33.81
N SER B 4 -13.63 2.34 32.72
CA SER B 4 -13.18 1.85 31.42
C SER B 4 -12.07 2.71 30.86
N MET B 5 -10.96 2.07 30.48
CA MET B 5 -9.82 2.78 29.92
C MET B 5 -10.05 3.13 28.46
N VAL B 6 -9.00 3.61 27.80
CA VAL B 6 -9.10 3.99 26.39
C VAL B 6 -8.66 2.84 25.49
N ASP B 7 -9.02 2.93 24.21
CA ASP B 7 -8.66 1.89 23.25
C ASP B 7 -7.90 2.49 22.07
N VAL B 8 -6.86 1.80 21.63
CA VAL B 8 -6.04 2.25 20.51
C VAL B 8 -6.72 1.95 19.17
N ILE B 9 -6.62 2.89 18.24
CA ILE B 9 -7.23 2.72 16.92
C ILE B 9 -6.23 3.04 15.82
N ILE B 10 -6.33 2.33 14.70
CA ILE B 10 -5.45 2.54 13.57
C ILE B 10 -6.17 2.34 12.25
N TYR B 11 -5.98 3.27 11.32
CA TYR B 11 -6.62 3.20 10.02
C TYR B 11 -5.75 2.43 9.03
N THR B 12 -6.11 1.16 8.79
CA THR B 12 -5.37 0.33 7.87
C THR B 12 -6.04 -1.04 7.70
N ARG B 13 -5.72 -1.72 6.62
CA ARG B 13 -6.30 -3.04 6.35
C ARG B 13 -5.78 -4.07 7.34
N PRO B 14 -6.53 -5.19 7.48
CA PRO B 14 -6.16 -6.27 8.40
C PRO B 14 -4.91 -7.03 7.93
N GLY B 15 -4.47 -6.73 6.71
CA GLY B 15 -3.30 -7.40 6.17
C GLY B 15 -3.09 -7.10 4.70
N CYS B 16 -2.12 -6.26 4.35
CA CYS B 16 -1.71 -5.88 2.98
C CYS B 16 -0.76 -4.68 2.96
N PRO B 17 -1.13 -3.55 3.60
CA PRO B 17 -0.21 -2.41 3.64
C PRO B 17 0.99 -2.65 4.54
N TYR B 18 1.78 -1.63 4.83
CA TYR B 18 2.97 -1.83 5.65
C TYR B 18 2.66 -1.36 7.07
N CYS B 19 1.51 -1.79 7.57
CA CYS B 19 1.10 -1.48 8.93
C CYS B 19 1.50 -2.61 9.89
N ALA B 20 2.59 -3.28 9.57
CA ALA B 20 3.09 -4.38 10.40
C ALA B 20 3.92 -3.84 11.56
N ARG B 21 4.48 -2.65 11.39
CA ARG B 21 5.29 -2.04 12.43
C ARG B 21 4.44 -1.65 13.65
N ALA B 22 3.47 -0.78 13.43
CA ALA B 22 2.60 -0.34 14.50
C ALA B 22 1.99 -1.52 15.25
N LYS B 23 1.61 -2.55 14.50
CA LYS B 23 1.03 -3.76 15.09
C LYS B 23 2.09 -4.59 15.79
N ALA B 24 3.30 -4.59 15.22
CA ALA B 24 4.40 -5.35 15.80
C ALA B 24 4.74 -4.86 17.21
N LEU B 25 4.73 -3.54 17.39
CA LEU B 25 5.03 -2.95 18.69
C LEU B 25 3.90 -3.22 19.68
N LEU B 26 2.68 -2.91 19.27
CA LEU B 26 1.51 -3.11 20.13
C LEU B 26 1.46 -4.54 20.64
N ALA B 27 1.94 -5.47 19.83
CA ALA B 27 1.95 -6.88 20.21
C ALA B 27 2.95 -7.14 21.33
N ARG B 28 4.02 -6.36 21.36
CA ARG B 28 5.05 -6.51 22.39
C ARG B 28 4.57 -5.92 23.71
N LYS B 29 3.88 -4.79 23.64
CA LYS B 29 3.38 -4.12 24.82
C LYS B 29 1.97 -4.62 25.17
N GLY B 30 1.55 -5.69 24.52
CA GLY B 30 0.24 -6.25 24.77
C GLY B 30 -0.86 -5.21 24.68
N ALA B 31 -0.63 -4.17 23.88
CA ALA B 31 -1.61 -3.11 23.72
C ALA B 31 -2.76 -3.56 22.82
N GLU B 32 -3.95 -3.01 23.07
CA GLU B 32 -5.13 -3.35 22.29
C GLU B 32 -5.40 -2.29 21.22
N PHE B 33 -5.37 -2.72 19.96
CA PHE B 33 -5.60 -1.81 18.85
C PHE B 33 -6.83 -2.25 18.04
N ASN B 34 -7.17 -1.47 17.03
CA ASN B 34 -8.32 -1.77 16.18
C ASN B 34 -8.07 -1.33 14.74
N GLU B 35 -7.97 -2.31 13.84
CA GLU B 35 -7.72 -2.03 12.43
C GLU B 35 -9.02 -1.59 11.73
N ILE B 36 -8.89 -0.62 10.84
CA ILE B 36 -10.05 -0.11 10.10
C ILE B 36 -9.90 -0.37 8.60
N ASP B 37 -10.83 -1.12 8.04
CA ASP B 37 -10.81 -1.45 6.62
C ASP B 37 -11.37 -0.29 5.80
N ALA B 38 -10.46 0.47 5.17
CA ALA B 38 -10.87 1.61 4.35
C ALA B 38 -11.23 1.16 2.94
N SER B 39 -11.61 2.13 2.11
CA SER B 39 -11.99 1.83 0.72
C SER B 39 -13.14 0.83 0.68
N ALA B 40 -13.91 0.77 1.76
CA ALA B 40 -15.05 -0.13 1.83
C ALA B 40 -16.29 0.58 2.34
N THR B 41 -16.25 1.91 2.35
CA THR B 41 -17.37 2.71 2.80
C THR B 41 -17.07 4.20 2.68
N PRO B 42 -18.12 4.99 2.40
CA PRO B 42 -17.99 6.44 2.25
C PRO B 42 -17.69 7.15 3.56
N GLU B 43 -17.93 6.43 4.67
CA GLU B 43 -17.69 6.98 6.00
C GLU B 43 -16.19 7.06 6.28
N LEU B 44 -15.47 6.00 5.97
CA LEU B 44 -14.04 5.94 6.18
C LEU B 44 -13.27 6.47 4.98
N ARG B 45 -13.66 6.00 3.80
CA ARG B 45 -13.01 6.43 2.55
C ARG B 45 -12.96 7.94 2.46
N ALA B 46 -13.99 8.61 3.01
CA ALA B 46 -14.06 10.05 2.98
C ALA B 46 -12.93 10.68 3.79
N GLU B 47 -12.63 10.07 4.94
CA GLU B 47 -11.56 10.56 5.81
C GLU B 47 -10.19 10.35 5.17
N MET B 48 -9.94 9.12 4.73
CA MET B 48 -8.67 8.79 4.10
C MET B 48 -8.48 9.57 2.80
N GLN B 49 -9.59 9.84 2.11
CA GLN B 49 -9.55 10.57 0.86
C GLN B 49 -9.05 11.99 1.07
N GLU B 50 -9.25 12.51 2.29
CA GLU B 50 -8.82 13.86 2.63
C GLU B 50 -7.36 14.08 2.27
N ARG B 51 -6.52 13.10 2.60
CA ARG B 51 -5.09 13.18 2.31
C ARG B 51 -4.76 12.42 1.04
N SER B 52 -5.04 11.13 1.02
CA SER B 52 -4.76 10.29 -0.13
C SER B 52 -3.31 10.45 -0.59
N GLY B 53 -2.42 10.65 0.39
CA GLY B 53 -1.01 10.83 0.07
C GLY B 53 -0.35 9.53 -0.35
N ARG B 54 0.97 9.49 -0.30
CA ARG B 54 1.72 8.30 -0.68
C ARG B 54 1.30 7.10 0.16
N ASN B 55 1.95 5.99 -0.13
CA ASN B 55 1.82 4.70 0.54
C ASN B 55 2.55 4.60 1.89
N THR B 56 2.59 5.69 2.65
CA THR B 56 3.40 5.71 3.86
C THR B 56 2.69 4.98 5.00
N PHE B 57 3.27 5.07 6.20
CA PHE B 57 2.69 4.42 7.38
C PHE B 57 1.22 4.80 7.53
N PRO B 58 0.47 3.95 8.24
CA PRO B 58 -0.96 4.18 8.48
C PRO B 58 -1.22 5.34 9.44
N GLN B 59 -2.46 5.49 9.87
CA GLN B 59 -2.83 6.58 10.77
C GLN B 59 -3.12 6.02 12.17
N ILE B 60 -2.26 6.38 13.12
CA ILE B 60 -2.42 5.93 14.50
C ILE B 60 -3.28 6.90 15.30
N PHE B 61 -4.12 6.36 16.18
CA PHE B 61 -5.00 7.18 17.00
C PHE B 61 -5.15 6.57 18.40
N ILE B 62 -4.98 7.42 19.41
CA ILE B 62 -5.09 6.96 20.80
C ILE B 62 -6.03 7.87 21.59
N GLY B 63 -7.24 7.38 21.84
CA GLY B 63 -8.21 8.15 22.59
C GLY B 63 -8.67 9.39 21.85
N SER B 64 -7.95 10.50 22.03
CA SER B 64 -8.30 11.75 21.38
C SER B 64 -7.05 12.47 20.90
N VAL B 65 -5.98 11.70 20.67
CA VAL B 65 -4.72 12.27 20.20
C VAL B 65 -4.47 11.92 18.74
N HIS B 66 -3.77 12.81 18.04
CA HIS B 66 -3.45 12.59 16.63
C HIS B 66 -2.01 12.15 16.46
N VAL B 67 -1.82 11.00 15.80
CA VAL B 67 -0.49 10.46 15.56
C VAL B 67 -0.25 10.22 14.08
N GLY B 68 0.81 10.83 13.54
CA GLY B 68 1.13 10.66 12.15
C GLY B 68 1.17 9.21 11.72
N GLY B 69 1.68 8.35 12.60
CA GLY B 69 1.77 6.94 12.29
C GLY B 69 2.86 6.24 13.09
N SER B 70 3.49 5.25 12.47
CA SER B 70 4.56 4.50 13.13
C SER B 70 5.68 5.42 13.55
N ASP B 71 5.78 6.58 12.90
CA ASP B 71 6.82 7.55 13.21
C ASP B 71 6.84 7.86 14.70
N ASP B 72 5.73 8.35 15.22
CA ASP B 72 5.61 8.69 16.63
C ASP B 72 5.29 7.45 17.47
N LEU B 73 4.49 6.55 16.90
CA LEU B 73 4.11 5.32 17.59
C LEU B 73 5.34 4.59 18.12
N TYR B 74 6.36 4.47 17.27
CA TYR B 74 7.60 3.79 17.65
C TYR B 74 8.45 4.68 18.54
N ALA B 75 8.31 5.99 18.37
CA ALA B 75 9.07 6.95 19.16
C ALA B 75 8.62 6.96 20.61
N LEU B 76 7.31 6.88 20.82
CA LEU B 76 6.74 6.88 22.16
C LEU B 76 7.25 5.68 22.96
N GLU B 77 7.37 4.53 22.29
CA GLU B 77 7.84 3.31 22.94
C GLU B 77 9.25 3.52 23.51
N ASP B 78 10.07 4.27 22.78
CA ASP B 78 11.44 4.55 23.21
C ASP B 78 11.45 5.39 24.47
N GLU B 79 10.80 6.55 24.42
CA GLU B 79 10.75 7.45 25.57
C GLU B 79 9.95 6.83 26.71
N GLY B 80 9.12 5.86 26.38
CA GLY B 80 8.32 5.19 27.39
C GLY B 80 6.96 5.85 27.58
N LYS B 81 6.52 6.60 26.57
CA LYS B 81 5.24 7.29 26.63
C LYS B 81 4.10 6.32 26.39
N LEU B 82 4.42 5.14 25.88
CA LEU B 82 3.41 4.12 25.60
C LEU B 82 2.52 3.88 26.82
N ASP B 83 3.12 3.96 28.01
CA ASP B 83 2.38 3.75 29.24
C ASP B 83 1.21 4.72 29.34
N SER B 84 1.52 6.01 29.43
CA SER B 84 0.50 7.05 29.53
C SER B 84 -0.37 7.08 28.27
N LEU B 85 0.15 6.49 27.19
CA LEU B 85 -0.57 6.46 25.92
C LEU B 85 -1.72 5.45 25.98
N LEU B 86 -1.41 4.23 26.38
CA LEU B 86 -2.41 3.17 26.47
C LEU B 86 -3.30 3.37 27.70
N LYS B 87 -2.90 4.31 28.56
CA LYS B 87 -3.67 4.60 29.76
C LYS B 87 -4.74 5.66 29.49
N THR B 88 -4.38 6.67 28.69
CA THR B 88 -5.30 7.74 28.35
C THR B 88 -5.17 8.13 26.88
N GLY B 89 -3.93 8.19 26.40
CA GLY B 89 -3.68 8.56 25.02
C GLY B 89 -3.60 10.06 24.82
N LYS B 90 -2.58 10.67 25.40
CA LYS B 90 -2.38 12.12 25.29
C LYS B 90 -1.00 12.44 24.73
N LEU B 91 -0.90 13.54 24.00
CA LEU B 91 0.36 13.96 23.42
C LEU B 91 1.36 14.39 24.50
N ILE B 92 0.89 14.75 25.69
CA ILE B 92 1.80 15.15 26.77
C ILE B 92 2.69 13.98 27.18
#